data_8JJ0
#
_entry.id   8JJ0
#
_cell.length_a   1.00
_cell.length_b   1.00
_cell.length_c   1.00
_cell.angle_alpha   90.00
_cell.angle_beta   90.00
_cell.angle_gamma   90.00
#
_symmetry.space_group_name_H-M   'P 1'
#
loop_
_entity.id
_entity.type
_entity.pdbx_description
1 polymer 'Glutamate receptor ionotropic, NMDA 2A'
2 polymer 'Glutamate receptor ionotropic, NMDA 1'
3 polymer 'Fab5F6 Heavy Chain'
4 polymer 'Fab5F6 Light Chain'
5 branched 2-acetamido-2-deoxy-beta-D-glucopyranose-(1-4)-2-acetamido-2-deoxy-beta-D-glucopyranose
6 non-polymer 2-acetamido-2-deoxy-beta-D-glucopyranose
#
loop_
_entity_poly.entity_id
_entity_poly.type
_entity_poly.pdbx_seq_one_letter_code
_entity_poly.pdbx_strand_id
1 'polypeptide(L)'
;MGRVGYWTLLVLPALLVWRGPAPSAAAEKGPPALNIAVMLGHSHDVTERELRTLWGPEQAAGLPLDVNVVALLMNRTDPK
SLITHVCDLMSGARIHGLVFGDDTDQEAVAQMLDFISSHTFVPILGIHGGASMIMADKDPTSTFFQFGASIQQQATVMLK
IMQDYDWHVFSLVTTIFPGYREFISFVKTTVDNSFVGWDMQNVITLDTSFEDAKTQVQLKKIHSSVILLYCSKDEAVLIL
SEARSLGLTGYDFFWIVPSLVSGNTELIPKEFPSGLISVSYDDWDYSLEARVRDGIGILTTAASSMLEKFSYIPEAKASC
YGQMERPEVPMHTLHPFMVNVTWDGKDLSFTEEGYQVHPRLVVIVLNKDREWEKVGKWENHTLSLRHAVWPRYKSFSDCE
PDDNHLSIVTLEEAPFVIVEDIDPLTETCVRNTVPCRKFVKINNSTNEGMNVKKCCKGFCIDILKKLSRTVKFTYDLYLV
TNGKHGKKVNNVWNGMIGEVVYQRAVMAVGSLTINEERSEVVDFSVPFVETGISVMVSRSNGTVSPSAFLEPFSASVWVM
MFVMLLIVSAIAVFVFEYFSPVGYNRNLAKGKAPHGPSFTIGKAIWLLWGLVFNNSVPVQNPKGTTSKIMVSVWAFFAVI
FLASYTANLAAFMIQEEFVDQVTGLSDKKFQRPHDYSPPFRFGTVPNGSTERNIRNNYPYMHQYMTKFNQKGVEDALVSL
KTGKLDAFIYDAAVLNYKAGRDEGCKLVTIGSGYIFATTGYGIALQKGSPWKRQIDLALLQFVGDGEMEELETLWLTGIC
HNEKNEVMSSQLDIDNMAGVFYMLAAAMALSLITFIWEHLF
;
A,C
2 'polypeptide(L)'
;MSTMRLLTLALLFSCSVARAACDPKIVNIGAVLSTRKHEQMFREAVNQANKRHGSWKIQLNATSVTHKPNAIQMALSVCE
DLISSQVYAILVSHPPTPNDHFTPTPVSYTAGFYRIPVLGLTTRMSIYSDKSIHLSFLRTVPPYSHQSSVWFEMMRVYSW
NHIILLVSDDHEGRAAQKRLETLLEERESKAEKVLQFDPGTKNVTALLMEAKELEARVIILSASEDDAATVYRAAAMLNM
TGSGYVWLVGEREISGNALRYAPDGILGLQLINGKNESAHISDAVGVVAQAVHELLEKENITDPPRGCVGNTNIWKTGPL
FKRVLMSSKYADGVTGRVEFNEDGDRKFANYSIMNLQNRKLVQVGIYNGTHVIPNDRKIIWPGGETEKPRGYQMSTRLKI
VTIHQEPFVYVKPTLSDGTCKEEFTVNGDPVKKVICTGPNDTSPGSPRHTVPQCCYGFCIDLLIKLARTMNFTYEVHLVA
DGKFGTQERVNNSNKKEWNGMMGELLSGQADMIVAPLTINNERAQYIEFSKPFKYQGLTILVKKEIPRSTLDSFMQPFQS
TLWLLVGLSVHVVAVMLYLLDRFSPFGRFKVNSEEEEEDALTLSSAMWFSWGVLLNSGIGEGAPRSFSARILGMVWAGFA
MIIVASYTANLAAFLVLDRPEERITGINDPRLRNPSDKFIYATVKQSSVDIYFRRQVELSTMYRHMEKHNYESAAEAIQA
VRDNKLHAFIWDSAVLEFEASQKCDLVTTGELFFRSGFGIGMRKDSPWKQNVSLSILKSHENGFMEDLDKTWVRYQECDS
RSNAPATLTFENMAGVFMLVAGGIVAGIFLIFIEIAYKRHKDARRKQ
;
B,D
3 'polypeptide(L)'
;MDWTWSILFLVAAPTGAHSEVQLVESGGGLVKPGGSLRLSCAASGFTLSDYYMSWIRQAPGKGLEWISYISVSGTKIYYA
DSVKGRFTISRDNAKNSLFLEMNSLTAEDTAVYYCARDSGSTMYDGYNWFDPWGQGTLVTVSPASTKGPSVFPLAPSSKS
TSGGTAALGCLVKDYFPEPVTVSWNSGALTSGVHTFPAVLQSSGLYSLSSVVTVPSSSLGTQTYICNVNHKPSNTKVDKR
VEPKSCDKTHTCPPCP
;
E
4 'polypeptide(L)'
;MDMRVPAQLLGLLLLWLRGARCDIQMTQSPSTLSASVGDRVTITCRASQSISRWLAWYQQKPGKAPKLLISLASDLQTGV
PSRFSGSGSGTEFTLTISSLQPDDFATYYCQQFDSYPLTFGPGTTVDIRRTVAAPSVFIFPPSDEQLKSGTASVVCLLNN
FYPREAKVQWKVDNALQSGNSQESVTEQDSKDSTYSLSSTLTLSKADYEKHKVYACEVTHQGLSSPVTKSFNRGEC
;
F
#
# COMPACT_ATOMS: atom_id res chain seq x y z
N LEU A 34 -24.20 40.36 -33.74
CA LEU A 34 -25.54 40.91 -33.84
C LEU A 34 -26.44 39.99 -34.67
N ASN A 35 -26.14 39.89 -35.96
CA ASN A 35 -26.89 39.01 -36.86
C ASN A 35 -26.29 37.60 -36.81
N ILE A 36 -26.58 36.92 -35.69
CA ILE A 36 -26.00 35.62 -35.40
C ILE A 36 -26.58 34.57 -36.36
N ALA A 37 -25.95 33.41 -36.42
CA ALA A 37 -26.38 32.32 -37.29
C ALA A 37 -26.40 31.02 -36.49
N VAL A 38 -27.12 30.04 -37.04
CA VAL A 38 -27.25 28.73 -36.40
C VAL A 38 -27.34 27.67 -37.49
N MET A 39 -26.79 26.49 -37.21
CA MET A 39 -26.83 25.37 -38.12
C MET A 39 -27.23 24.11 -37.36
N LEU A 40 -27.77 23.14 -38.10
CA LEU A 40 -28.17 21.87 -37.51
C LEU A 40 -28.19 20.82 -38.61
N GLY A 41 -28.10 19.56 -38.19
CA GLY A 41 -28.05 18.45 -39.13
C GLY A 41 -29.40 17.83 -39.42
N HIS A 42 -30.22 17.64 -38.39
CA HIS A 42 -31.52 17.01 -38.55
C HIS A 42 -32.46 17.59 -37.48
N SER A 43 -33.58 16.92 -37.26
CA SER A 43 -34.58 17.32 -36.27
C SER A 43 -35.13 18.71 -36.57
N HIS A 44 -34.78 19.69 -35.75
CA HIS A 44 -35.28 21.05 -35.92
C HIS A 44 -34.66 21.67 -37.16
N ASP A 45 -35.45 21.74 -38.25
CA ASP A 45 -34.91 22.23 -39.52
C ASP A 45 -34.93 23.75 -39.57
N VAL A 46 -36.12 24.35 -39.56
CA VAL A 46 -36.26 25.80 -39.72
C VAL A 46 -37.11 26.39 -38.61
N THR A 47 -38.33 25.86 -38.46
CA THR A 47 -39.33 26.52 -37.62
C THR A 47 -38.91 26.55 -36.15
N GLU A 48 -38.45 25.42 -35.62
CA GLU A 48 -38.07 25.38 -34.21
C GLU A 48 -36.87 26.28 -33.93
N ARG A 49 -35.87 26.26 -34.82
CA ARG A 49 -34.71 27.12 -34.64
C ARG A 49 -35.10 28.59 -34.69
N GLU A 50 -35.97 28.97 -35.63
CA GLU A 50 -36.43 30.35 -35.71
C GLU A 50 -37.19 30.75 -34.45
N LEU A 51 -38.06 29.86 -33.95
CA LEU A 51 -38.82 30.18 -32.74
C LEU A 51 -37.89 30.36 -31.55
N ARG A 52 -36.89 29.50 -31.40
CA ARG A 52 -35.97 29.63 -30.27
C ARG A 52 -35.12 30.89 -30.39
N THR A 53 -34.65 31.20 -31.60
CA THR A 53 -33.87 32.42 -31.79
C THR A 53 -34.71 33.67 -31.62
N LEU A 54 -36.02 33.59 -31.83
CA LEU A 54 -36.89 34.71 -31.52
C LEU A 54 -37.12 34.83 -30.02
N TRP A 55 -37.30 33.71 -29.33
CA TRP A 55 -37.61 33.74 -27.90
C TRP A 55 -36.40 34.07 -27.04
N GLY A 56 -35.19 33.79 -27.53
CA GLY A 56 -34.00 34.01 -26.75
C GLY A 56 -33.76 35.45 -26.34
N PRO A 57 -33.43 36.31 -27.31
CA PRO A 57 -33.14 37.71 -26.98
C PRO A 57 -34.28 38.45 -26.32
N GLU A 58 -35.54 38.13 -26.67
CA GLU A 58 -36.67 38.87 -26.09
C GLU A 58 -36.85 38.60 -24.61
N GLN A 59 -36.23 37.54 -24.07
CA GLN A 59 -36.33 37.24 -22.66
C GLN A 59 -35.49 38.18 -21.79
N ALA A 60 -34.63 38.99 -22.40
CA ALA A 60 -33.78 39.91 -21.67
C ALA A 60 -33.80 41.28 -22.34
N ALA A 61 -33.49 42.31 -21.57
CA ALA A 61 -33.49 43.68 -22.07
C ALA A 61 -32.12 44.05 -22.64
N GLY A 62 -31.68 43.24 -23.61
CA GLY A 62 -30.42 43.47 -24.29
C GLY A 62 -30.38 44.76 -25.06
N LEU A 63 -29.32 45.54 -24.88
CA LEU A 63 -29.17 46.80 -25.61
C LEU A 63 -29.12 46.60 -27.12
N PRO A 64 -28.31 45.70 -27.68
CA PRO A 64 -28.35 45.47 -29.12
C PRO A 64 -29.66 44.84 -29.55
N LEU A 65 -30.05 45.13 -30.79
CA LEU A 65 -31.30 44.63 -31.35
C LEU A 65 -30.98 43.52 -32.36
N ASP A 66 -31.41 42.30 -32.04
CA ASP A 66 -31.22 41.17 -32.94
C ASP A 66 -32.20 41.28 -34.11
N VAL A 67 -31.74 41.83 -35.23
CA VAL A 67 -32.62 42.11 -36.35
C VAL A 67 -33.12 40.82 -37.00
N ASN A 68 -32.21 39.88 -37.25
CA ASN A 68 -32.59 38.65 -37.92
C ASN A 68 -31.54 37.58 -37.67
N VAL A 69 -31.93 36.33 -37.91
CA VAL A 69 -31.03 35.18 -37.83
C VAL A 69 -31.24 34.33 -39.08
N VAL A 70 -30.26 33.47 -39.34
CA VAL A 70 -30.28 32.57 -40.49
C VAL A 70 -29.96 31.17 -40.02
N ALA A 71 -30.75 30.20 -40.47
CA ALA A 71 -30.57 28.79 -40.10
C ALA A 71 -30.22 28.00 -41.35
N LEU A 72 -29.19 27.15 -41.24
CA LEU A 72 -28.72 26.33 -42.34
C LEU A 72 -28.89 24.86 -41.99
N LEU A 73 -29.45 24.09 -42.92
CA LEU A 73 -29.66 22.66 -42.75
C LEU A 73 -28.88 21.92 -43.81
N MET A 74 -28.07 20.95 -43.38
CA MET A 74 -27.27 20.15 -44.31
C MET A 74 -27.09 18.75 -43.73
N ASN A 75 -26.86 17.79 -44.62
CA ASN A 75 -26.62 16.41 -44.21
C ASN A 75 -25.12 16.11 -44.12
N ARG A 76 -24.40 16.30 -45.22
CA ARG A 76 -22.97 16.04 -45.24
C ARG A 76 -22.21 17.17 -44.55
N THR A 77 -20.97 16.87 -44.16
CA THR A 77 -20.10 17.81 -43.44
C THR A 77 -18.72 17.82 -44.09
N ASP A 78 -18.69 17.95 -45.41
CA ASP A 78 -17.42 18.00 -46.12
C ASP A 78 -16.62 19.23 -45.68
N PRO A 79 -15.30 19.12 -45.51
CA PRO A 79 -14.51 20.29 -45.09
C PRO A 79 -14.58 21.46 -46.05
N LYS A 80 -14.53 21.18 -47.36
CA LYS A 80 -14.65 22.26 -48.33
C LYS A 80 -16.05 22.87 -48.32
N SER A 81 -17.08 22.02 -48.21
CA SER A 81 -18.44 22.52 -48.08
C SER A 81 -18.61 23.34 -46.82
N LEU A 82 -18.02 22.88 -45.71
CA LEU A 82 -18.07 23.64 -44.47
C LEU A 82 -17.41 25.00 -44.64
N ILE A 83 -16.24 25.04 -45.28
CA ILE A 83 -15.53 26.30 -45.48
C ILE A 83 -16.35 27.24 -46.36
N THR A 84 -16.93 26.72 -47.44
CA THR A 84 -17.73 27.56 -48.32
C THR A 84 -18.95 28.11 -47.61
N HIS A 85 -19.63 27.27 -46.82
CA HIS A 85 -20.81 27.74 -46.09
C HIS A 85 -20.43 28.79 -45.06
N VAL A 86 -19.32 28.59 -44.35
CA VAL A 86 -18.90 29.56 -43.35
C VAL A 86 -18.51 30.88 -44.01
N CYS A 87 -17.85 30.83 -45.16
CA CYS A 87 -17.48 32.07 -45.84
C CYS A 87 -18.72 32.78 -46.39
N ASP A 88 -19.71 32.02 -46.87
CA ASP A 88 -20.95 32.62 -47.32
C ASP A 88 -21.67 33.30 -46.16
N LEU A 89 -21.70 32.66 -44.99
CA LEU A 89 -22.27 33.29 -43.81
C LEU A 89 -21.44 34.50 -43.38
N MET A 90 -20.13 34.47 -43.65
CA MET A 90 -19.28 35.62 -43.36
C MET A 90 -19.62 36.81 -44.25
N SER A 91 -19.94 36.55 -45.51
CA SER A 91 -20.25 37.62 -46.45
C SER A 91 -21.57 38.29 -46.09
N GLY A 92 -22.65 37.52 -46.04
CA GLY A 92 -23.96 38.09 -45.72
C GLY A 92 -24.14 38.23 -44.22
N ALA A 93 -24.74 39.36 -43.82
CA ALA A 93 -25.01 39.71 -42.43
C ALA A 93 -23.73 39.86 -41.59
N ARG A 94 -22.57 39.85 -42.22
CA ARG A 94 -21.29 40.07 -41.56
C ARG A 94 -21.03 39.04 -40.45
N ILE A 95 -21.51 37.82 -40.66
CA ILE A 95 -21.28 36.69 -39.74
C ILE A 95 -21.73 37.04 -38.33
N HIS A 96 -20.84 37.65 -37.55
CA HIS A 96 -21.11 38.01 -36.15
C HIS A 96 -21.51 36.77 -35.33
N GLY A 97 -20.74 35.70 -35.50
CA GLY A 97 -20.99 34.49 -34.73
C GLY A 97 -21.88 33.51 -35.46
N LEU A 98 -21.72 32.24 -35.10
CA LEU A 98 -22.51 31.17 -35.70
C LEU A 98 -22.55 29.98 -34.76
N VAL A 99 -23.53 29.10 -34.99
CA VAL A 99 -23.70 27.88 -34.21
C VAL A 99 -23.71 26.70 -35.18
N PHE A 100 -22.89 25.70 -34.88
CA PHE A 100 -22.71 24.55 -35.75
C PHE A 100 -23.43 23.34 -35.15
N GLY A 101 -24.31 22.73 -35.92
CA GLY A 101 -25.13 21.63 -35.44
C GLY A 101 -24.89 20.31 -36.15
N ASP A 102 -23.62 19.96 -36.38
CA ASP A 102 -23.30 18.73 -37.10
C ASP A 102 -23.85 17.52 -36.37
N ASP A 103 -24.13 16.46 -37.13
CA ASP A 103 -24.64 15.22 -36.58
C ASP A 103 -23.66 14.06 -36.67
N THR A 104 -22.72 14.11 -37.60
CA THR A 104 -21.74 13.04 -37.74
C THR A 104 -20.77 13.05 -36.56
N ASP A 105 -20.29 11.86 -36.20
CA ASP A 105 -19.36 11.70 -35.09
C ASP A 105 -17.93 11.68 -35.65
N GLN A 106 -17.46 12.87 -36.00
CA GLN A 106 -16.10 13.06 -36.52
C GLN A 106 -15.35 14.02 -35.61
N GLU A 107 -14.17 13.60 -35.15
CA GLU A 107 -13.39 14.43 -34.24
C GLU A 107 -12.74 15.60 -34.97
N ALA A 108 -12.47 15.46 -36.26
CA ALA A 108 -11.79 16.52 -37.01
C ALA A 108 -12.70 17.70 -37.33
N VAL A 109 -14.01 17.56 -37.16
CA VAL A 109 -14.92 18.68 -37.41
C VAL A 109 -14.63 19.82 -36.44
N ALA A 110 -14.41 19.49 -35.16
CA ALA A 110 -14.07 20.52 -34.18
C ALA A 110 -12.75 21.19 -34.52
N GLN A 111 -11.76 20.41 -34.97
CA GLN A 111 -10.47 20.99 -35.36
C GLN A 111 -10.63 21.94 -36.54
N MET A 112 -11.40 21.54 -37.55
CA MET A 112 -11.63 22.41 -38.70
C MET A 112 -12.36 23.69 -38.29
N LEU A 113 -13.36 23.55 -37.40
CA LEU A 113 -14.09 24.72 -36.93
C LEU A 113 -13.19 25.67 -36.15
N ASP A 114 -12.31 25.11 -35.31
CA ASP A 114 -11.35 25.94 -34.57
C ASP A 114 -10.40 26.66 -35.52
N PHE A 115 -9.92 25.95 -36.55
CA PHE A 115 -9.05 26.59 -37.54
C PHE A 115 -9.76 27.73 -38.25
N ILE A 116 -11.02 27.50 -38.64
CA ILE A 116 -11.77 28.53 -39.34
C ILE A 116 -11.97 29.75 -38.44
N SER A 117 -12.34 29.51 -37.18
CA SER A 117 -12.54 30.60 -36.24
C SER A 117 -11.25 31.37 -36.01
N SER A 118 -10.11 30.67 -35.93
CA SER A 118 -8.83 31.34 -35.75
C SER A 118 -8.47 32.18 -36.96
N HIS A 119 -8.73 31.68 -38.17
CA HIS A 119 -8.28 32.34 -39.38
C HIS A 119 -9.31 33.30 -39.97
N THR A 120 -10.49 33.44 -39.35
CA THR A 120 -11.45 34.44 -39.79
C THR A 120 -12.04 35.26 -38.66
N PHE A 121 -11.68 34.97 -37.41
CA PHE A 121 -12.08 35.76 -36.24
C PHE A 121 -13.61 35.82 -36.10
N VAL A 122 -14.21 34.66 -35.87
CA VAL A 122 -15.64 34.58 -35.61
C VAL A 122 -15.86 33.79 -34.33
N PRO A 123 -16.74 34.24 -33.44
CA PRO A 123 -17.03 33.46 -32.22
C PRO A 123 -17.93 32.28 -32.55
N ILE A 124 -17.46 31.07 -32.24
CA ILE A 124 -18.18 29.84 -32.52
C ILE A 124 -18.28 29.02 -31.24
N LEU A 125 -19.47 28.50 -30.97
CA LEU A 125 -19.72 27.64 -29.82
C LEU A 125 -19.98 26.21 -30.31
N GLY A 126 -19.23 25.26 -29.75
CA GLY A 126 -19.40 23.87 -30.15
C GLY A 126 -20.64 23.25 -29.52
N ILE A 127 -21.33 22.44 -30.32
CA ILE A 127 -22.56 21.78 -29.89
C ILE A 127 -22.41 20.29 -30.14
N HIS A 128 -23.47 19.53 -29.89
CA HIS A 128 -23.44 18.09 -30.11
C HIS A 128 -23.12 17.75 -31.56
N GLY A 129 -22.33 16.71 -31.75
CA GLY A 129 -21.95 16.28 -33.09
C GLY A 129 -20.45 16.17 -33.27
N GLY A 130 -19.92 16.88 -34.26
CA GLY A 130 -18.48 16.88 -34.49
C GLY A 130 -17.70 17.62 -33.42
N ALA A 131 -18.35 18.53 -32.71
CA ALA A 131 -17.71 19.27 -31.62
C ALA A 131 -18.10 18.76 -30.25
N SER A 132 -18.68 17.55 -30.17
CA SER A 132 -19.11 17.00 -28.90
C SER A 132 -17.91 16.78 -27.97
N MET A 133 -16.82 16.26 -28.52
CA MET A 133 -15.61 16.01 -27.74
C MET A 133 -14.62 17.15 -27.93
N ILE A 134 -14.02 17.60 -26.83
CA ILE A 134 -13.04 18.68 -26.84
C ILE A 134 -11.69 18.09 -26.44
N MET A 135 -10.75 18.10 -27.39
CA MET A 135 -9.40 17.63 -27.12
C MET A 135 -8.30 18.51 -27.70
N ALA A 136 -8.63 19.43 -28.60
CA ALA A 136 -7.61 20.29 -29.21
C ALA A 136 -7.34 21.51 -28.34
N ASP A 137 -6.11 22.00 -28.41
CA ASP A 137 -5.68 23.18 -27.68
C ASP A 137 -5.78 24.39 -28.60
N LYS A 138 -6.69 25.30 -28.28
CA LYS A 138 -6.93 26.47 -29.12
C LYS A 138 -5.72 27.40 -29.10
N ASP A 139 -5.36 27.90 -30.27
CA ASP A 139 -4.32 28.92 -30.37
C ASP A 139 -4.85 30.25 -29.83
N PRO A 140 -3.95 31.13 -29.37
CA PRO A 140 -4.40 32.41 -28.82
C PRO A 140 -5.20 33.25 -29.81
N THR A 141 -4.88 33.18 -31.10
CA THR A 141 -5.61 33.95 -32.09
C THR A 141 -7.02 33.43 -32.34
N SER A 142 -7.36 32.25 -31.82
CA SER A 142 -8.67 31.66 -32.04
C SER A 142 -9.68 32.15 -31.02
N THR A 143 -10.94 32.24 -31.46
CA THR A 143 -12.06 32.60 -30.60
C THR A 143 -13.11 31.50 -30.61
N PHE A 144 -12.66 30.25 -30.59
CA PHE A 144 -13.53 29.09 -30.71
C PHE A 144 -13.72 28.43 -29.34
N PHE A 145 -14.96 28.06 -29.05
CA PHE A 145 -15.31 27.43 -27.79
C PHE A 145 -16.25 26.26 -28.05
N GLN A 146 -16.34 25.36 -27.06
CA GLN A 146 -17.19 24.19 -27.16
C GLN A 146 -17.98 24.01 -25.88
N PHE A 147 -19.10 23.31 -26.01
CA PHE A 147 -19.92 22.91 -24.87
C PHE A 147 -19.53 21.56 -24.31
N GLY A 148 -18.49 20.93 -24.85
CA GLY A 148 -18.03 19.66 -24.35
C GLY A 148 -17.31 19.79 -23.02
N ALA A 149 -17.00 18.64 -22.45
CA ALA A 149 -16.33 18.55 -21.15
C ALA A 149 -14.87 18.16 -21.37
N SER A 150 -13.96 18.93 -20.76
CA SER A 150 -12.54 18.66 -20.90
C SER A 150 -12.12 17.52 -19.97
N ILE A 151 -10.89 17.04 -20.20
CA ILE A 151 -10.37 15.94 -19.40
C ILE A 151 -10.15 16.38 -17.95
N GLN A 152 -9.69 17.61 -17.75
CA GLN A 152 -9.35 18.07 -16.40
C GLN A 152 -10.57 18.05 -15.49
N GLN A 153 -11.70 18.56 -15.97
CA GLN A 153 -12.92 18.55 -15.17
C GLN A 153 -13.57 17.17 -15.13
N GLN A 154 -13.41 16.38 -16.20
CA GLN A 154 -13.98 15.04 -16.21
C GLN A 154 -13.37 14.16 -15.13
N ALA A 155 -12.07 14.30 -14.90
CA ALA A 155 -11.43 13.56 -13.82
C ALA A 155 -11.99 13.97 -12.46
N THR A 156 -12.24 15.27 -12.27
CA THR A 156 -12.83 15.73 -11.02
C THR A 156 -14.24 15.16 -10.83
N VAL A 157 -15.03 15.13 -11.92
CA VAL A 157 -16.37 14.55 -11.82
C VAL A 157 -16.29 13.07 -11.49
N MET A 158 -15.36 12.35 -12.12
CA MET A 158 -15.19 10.93 -11.83
C MET A 158 -14.81 10.70 -10.36
N LEU A 159 -13.90 11.53 -9.84
CA LEU A 159 -13.51 11.40 -8.44
C LEU A 159 -14.68 11.73 -7.51
N LYS A 160 -15.48 12.75 -7.85
CA LYS A 160 -16.64 13.08 -7.02
C LYS A 160 -17.66 11.95 -7.03
N ILE A 161 -17.84 11.30 -8.18
CA ILE A 161 -18.72 10.12 -8.23
C ILE A 161 -18.14 9.00 -7.38
N MET A 162 -16.82 8.79 -7.46
CA MET A 162 -16.18 7.76 -6.65
C MET A 162 -16.31 8.05 -5.16
N GLN A 163 -16.45 9.33 -4.79
CA GLN A 163 -16.68 9.67 -3.39
C GLN A 163 -17.93 8.99 -2.85
N ASP A 164 -19.01 8.99 -3.64
CA ASP A 164 -20.21 8.25 -3.28
C ASP A 164 -19.99 6.76 -3.54
N TYR A 165 -21.05 5.98 -3.34
CA TYR A 165 -21.05 4.53 -3.55
C TYR A 165 -20.07 3.80 -2.63
N ASP A 166 -19.50 4.50 -1.64
CA ASP A 166 -18.54 3.93 -0.70
C ASP A 166 -17.34 3.32 -1.43
N TRP A 167 -16.63 4.18 -2.16
CA TRP A 167 -15.44 3.79 -2.91
C TRP A 167 -14.27 4.68 -2.49
N HIS A 168 -13.18 4.06 -2.06
CA HIS A 168 -12.00 4.81 -1.64
C HIS A 168 -10.72 4.35 -2.33
N VAL A 169 -10.58 3.05 -2.59
CA VAL A 169 -9.40 2.52 -3.25
C VAL A 169 -9.68 2.43 -4.74
N PHE A 170 -8.69 2.80 -5.56
CA PHE A 170 -8.86 2.83 -7.00
C PHE A 170 -7.51 2.62 -7.68
N SER A 171 -7.58 2.24 -8.96
CA SER A 171 -6.38 2.04 -9.77
C SER A 171 -6.77 2.24 -11.22
N LEU A 172 -5.94 2.98 -11.97
CA LEU A 172 -6.25 3.33 -13.34
C LEU A 172 -5.20 2.78 -14.30
N VAL A 173 -5.65 2.37 -15.48
CA VAL A 173 -4.80 1.87 -16.54
C VAL A 173 -5.10 2.66 -17.81
N THR A 174 -4.05 3.09 -18.50
CA THR A 174 -4.19 3.96 -19.67
C THR A 174 -3.21 3.50 -20.74
N THR A 175 -3.04 4.34 -21.76
CA THR A 175 -2.12 4.09 -22.87
C THR A 175 -1.05 5.19 -22.89
N ILE A 176 -0.21 5.16 -23.93
CA ILE A 176 0.95 6.04 -24.04
C ILE A 176 0.62 7.32 -24.81
N PHE A 177 -0.64 7.55 -25.13
CA PHE A 177 -0.99 8.75 -25.88
C PHE A 177 -0.66 10.00 -25.07
N PRO A 178 -0.15 11.05 -25.72
CA PRO A 178 0.20 12.27 -24.97
C PRO A 178 -0.97 12.88 -24.22
N GLY A 179 -2.17 12.82 -24.79
CA GLY A 179 -3.33 13.34 -24.09
C GLY A 179 -3.64 12.56 -22.83
N TYR A 180 -3.42 11.24 -22.87
CA TYR A 180 -3.66 10.41 -21.69
C TYR A 180 -2.64 10.70 -20.59
N ARG A 181 -1.40 11.05 -20.97
CA ARG A 181 -0.39 11.37 -19.98
C ARG A 181 -0.76 12.61 -19.18
N GLU A 182 -1.39 13.59 -19.82
CA GLU A 182 -1.87 14.76 -19.09
C GLU A 182 -2.93 14.37 -18.06
N PHE A 183 -3.83 13.45 -18.43
CA PHE A 183 -4.82 12.95 -17.48
C PHE A 183 -4.14 12.24 -16.31
N ILE A 184 -3.11 11.43 -16.59
CA ILE A 184 -2.39 10.74 -15.53
C ILE A 184 -1.71 11.73 -14.60
N SER A 185 -1.09 12.77 -15.18
CA SER A 185 -0.45 13.79 -14.37
C SER A 185 -1.45 14.52 -13.49
N PHE A 186 -2.62 14.85 -14.05
CA PHE A 186 -3.65 15.51 -13.26
C PHE A 186 -4.14 14.62 -12.12
N VAL A 187 -4.31 13.32 -12.39
CA VAL A 187 -4.73 12.40 -11.34
C VAL A 187 -3.68 12.32 -10.25
N LYS A 188 -2.40 12.25 -10.64
CA LYS A 188 -1.33 12.20 -9.66
C LYS A 188 -1.28 13.46 -8.81
N THR A 189 -1.46 14.63 -9.43
CA THR A 189 -1.47 15.88 -8.69
C THR A 189 -2.65 15.93 -7.72
N THR A 190 -3.82 15.46 -8.17
CA THR A 190 -4.99 15.44 -7.29
C THR A 190 -4.76 14.50 -6.11
N VAL A 191 -4.11 13.36 -6.35
CA VAL A 191 -3.76 12.44 -5.27
C VAL A 191 -2.82 13.13 -4.29
N ASP A 192 -1.80 13.83 -4.81
CA ASP A 192 -0.92 14.61 -3.95
C ASP A 192 -1.66 15.76 -3.26
N ASN A 193 -2.82 16.16 -3.79
CA ASN A 193 -3.65 17.20 -3.18
C ASN A 193 -4.68 16.50 -2.31
N SER A 194 -4.25 16.09 -1.12
CA SER A 194 -5.07 15.31 -0.20
C SER A 194 -5.43 16.08 1.07
N PHE A 195 -5.40 17.41 1.02
CA PHE A 195 -5.75 18.20 2.20
C PHE A 195 -7.22 18.04 2.55
N VAL A 196 -8.08 17.86 1.56
CA VAL A 196 -9.50 17.54 1.77
C VAL A 196 -9.86 16.36 0.88
N GLY A 197 -10.98 15.73 1.20
CA GLY A 197 -11.45 14.59 0.44
C GLY A 197 -11.00 13.27 1.03
N TRP A 198 -11.40 12.20 0.34
CA TRP A 198 -11.11 10.86 0.81
C TRP A 198 -9.61 10.60 0.85
N ASP A 199 -9.20 9.73 1.77
CA ASP A 199 -7.80 9.37 1.90
C ASP A 199 -7.31 8.69 0.63
N MET A 200 -6.15 9.13 0.14
CA MET A 200 -5.61 8.59 -1.10
C MET A 200 -4.99 7.22 -0.86
N GLN A 201 -5.33 6.26 -1.73
CA GLN A 201 -4.82 4.91 -1.64
C GLN A 201 -3.67 4.73 -2.64
N ASN A 202 -3.17 3.51 -2.74
CA ASN A 202 -2.06 3.24 -3.65
C ASN A 202 -2.51 3.35 -5.10
N VAL A 203 -1.73 4.07 -5.90
CA VAL A 203 -2.00 4.25 -7.32
C VAL A 203 -0.77 3.81 -8.10
N ILE A 204 -0.94 2.80 -8.96
CA ILE A 204 0.14 2.28 -9.79
C ILE A 204 -0.33 2.33 -11.24
N THR A 205 0.46 2.97 -12.09
CA THR A 205 0.09 3.21 -13.48
C THR A 205 1.13 2.62 -14.42
N LEU A 206 0.67 1.81 -15.37
CA LEU A 206 1.51 1.31 -16.45
C LEU A 206 0.74 1.44 -17.76
N ASP A 207 1.41 1.91 -18.80
CA ASP A 207 0.76 2.19 -20.08
C ASP A 207 1.70 1.81 -21.21
N THR A 208 1.42 0.67 -21.85
CA THR A 208 2.16 0.21 -23.02
C THR A 208 1.26 -0.75 -23.79
N SER A 209 1.85 -1.49 -24.73
CA SER A 209 1.09 -2.41 -25.56
C SER A 209 0.47 -3.52 -24.70
N PHE A 210 -0.48 -4.23 -25.30
CA PHE A 210 -1.27 -5.24 -24.60
C PHE A 210 -0.63 -6.62 -24.64
N GLU A 211 0.59 -6.73 -25.16
CA GLU A 211 1.28 -8.01 -25.27
C GLU A 211 2.54 -7.98 -24.40
N ASP A 212 3.37 -9.02 -24.55
CA ASP A 212 4.61 -9.16 -23.80
C ASP A 212 4.35 -9.23 -22.29
N ALA A 213 3.23 -9.84 -21.92
CA ALA A 213 2.87 -10.10 -20.53
C ALA A 213 2.81 -8.81 -19.72
N LYS A 214 1.92 -7.92 -20.14
CA LYS A 214 1.69 -6.65 -19.44
C LYS A 214 0.29 -6.54 -18.87
N THR A 215 -0.75 -6.69 -19.72
CA THR A 215 -2.11 -6.46 -19.26
C THR A 215 -2.51 -7.45 -18.18
N GLN A 216 -2.16 -8.73 -18.36
CA GLN A 216 -2.56 -9.75 -17.40
C GLN A 216 -1.95 -9.49 -16.02
N VAL A 217 -0.64 -9.25 -15.97
CA VAL A 217 0.00 -9.03 -14.68
C VAL A 217 -0.45 -7.71 -14.07
N GLN A 218 -0.65 -6.69 -14.90
CA GLN A 218 -1.10 -5.39 -14.38
C GLN A 218 -2.49 -5.50 -13.77
N LEU A 219 -3.39 -6.25 -14.41
CA LEU A 219 -4.72 -6.45 -13.84
C LEU A 219 -4.67 -7.33 -12.60
N LYS A 220 -3.78 -8.33 -12.58
CA LYS A 220 -3.66 -9.18 -11.40
C LYS A 220 -3.16 -8.40 -10.19
N LYS A 221 -2.19 -7.52 -10.40
CA LYS A 221 -1.67 -6.71 -9.30
C LYS A 221 -2.57 -5.51 -9.03
N ILE A 222 -2.51 -5.02 -7.79
CA ILE A 222 -3.28 -3.89 -7.28
C ILE A 222 -4.70 -3.88 -7.85
N HIS A 223 -5.49 -4.90 -7.50
CA HIS A 223 -6.89 -5.01 -7.92
C HIS A 223 -7.74 -5.18 -6.67
N SER A 224 -8.19 -4.07 -6.10
CA SER A 224 -9.01 -4.10 -4.90
C SER A 224 -10.43 -3.62 -5.17
N SER A 225 -10.60 -2.41 -5.70
CA SER A 225 -11.92 -1.89 -6.02
C SER A 225 -11.78 -0.75 -7.01
N VAL A 226 -12.79 -0.61 -7.86
CA VAL A 226 -12.90 0.50 -8.80
C VAL A 226 -11.65 0.61 -9.66
N ILE A 227 -11.50 -0.30 -10.61
CA ILE A 227 -10.39 -0.25 -11.56
C ILE A 227 -10.82 0.63 -12.73
N LEU A 228 -10.01 1.64 -13.02
CA LEU A 228 -10.35 2.64 -14.04
C LEU A 228 -9.74 2.28 -15.38
N LEU A 229 -10.53 2.43 -16.44
CA LEU A 229 -10.09 2.20 -17.80
C LEU A 229 -10.14 3.53 -18.55
N TYR A 230 -9.07 3.84 -19.27
CA TYR A 230 -8.93 5.16 -19.90
C TYR A 230 -8.11 5.00 -21.18
N CYS A 231 -8.81 4.86 -22.31
CA CYS A 231 -8.17 4.71 -23.61
C CYS A 231 -9.23 4.90 -24.69
N SER A 232 -8.84 4.64 -25.94
CA SER A 232 -9.70 4.86 -27.09
C SER A 232 -10.66 3.69 -27.26
N LYS A 233 -11.42 3.68 -28.36
CA LYS A 233 -12.45 2.67 -28.57
C LYS A 233 -11.85 1.27 -28.71
N ASP A 234 -10.89 1.12 -29.62
CA ASP A 234 -10.32 -0.20 -29.89
C ASP A 234 -9.53 -0.71 -28.69
N GLU A 235 -8.75 0.17 -28.05
CA GLU A 235 -7.98 -0.24 -26.88
C GLU A 235 -8.92 -0.61 -25.73
N ALA A 236 -10.01 0.13 -25.56
CA ALA A 236 -11.00 -0.21 -24.54
C ALA A 236 -11.62 -1.57 -24.82
N VAL A 237 -11.97 -1.84 -26.08
CA VAL A 237 -12.56 -3.13 -26.43
C VAL A 237 -11.58 -4.25 -26.13
N LEU A 238 -10.31 -4.07 -26.50
CA LEU A 238 -9.31 -5.10 -26.24
C LEU A 238 -9.10 -5.32 -24.74
N ILE A 239 -9.04 -4.24 -23.97
CA ILE A 239 -8.82 -4.36 -22.53
C ILE A 239 -10.00 -5.06 -21.86
N LEU A 240 -11.22 -4.70 -22.25
CA LEU A 240 -12.39 -5.35 -21.65
C LEU A 240 -12.50 -6.81 -22.08
N SER A 241 -12.11 -7.13 -23.32
CA SER A 241 -12.07 -8.53 -23.75
C SER A 241 -11.05 -9.31 -22.92
N GLU A 242 -9.89 -8.73 -22.67
CA GLU A 242 -8.88 -9.39 -21.84
C GLU A 242 -9.40 -9.57 -20.41
N ALA A 243 -10.10 -8.56 -19.88
CA ALA A 243 -10.66 -8.69 -18.53
C ALA A 243 -11.71 -9.79 -18.47
N ARG A 244 -12.55 -9.89 -19.50
CA ARG A 244 -13.52 -10.97 -19.57
C ARG A 244 -12.82 -12.33 -19.63
N SER A 245 -11.74 -12.43 -20.42
CA SER A 245 -10.98 -13.67 -20.50
C SER A 245 -10.23 -13.95 -19.20
N LEU A 246 -10.03 -12.96 -18.35
CA LEU A 246 -9.36 -13.14 -17.08
C LEU A 246 -10.37 -13.12 -15.93
N GLY A 247 -9.87 -13.22 -14.71
CA GLY A 247 -10.71 -13.24 -13.53
C GLY A 247 -10.95 -11.86 -12.93
N LEU A 248 -11.36 -10.91 -13.77
CA LEU A 248 -11.65 -9.55 -13.31
C LEU A 248 -13.07 -9.12 -13.68
N THR A 249 -13.98 -10.07 -13.85
CA THR A 249 -15.34 -9.77 -14.25
C THR A 249 -16.32 -10.57 -13.39
N GLY A 250 -17.56 -10.08 -13.35
CA GLY A 250 -18.61 -10.69 -12.55
C GLY A 250 -19.20 -9.71 -11.56
N TYR A 251 -19.51 -10.19 -10.35
CA TYR A 251 -19.97 -9.32 -9.28
C TYR A 251 -18.82 -8.64 -8.53
N ASP A 252 -17.66 -8.57 -9.17
CA ASP A 252 -16.47 -7.95 -8.58
C ASP A 252 -16.56 -6.43 -8.74
N PHE A 253 -15.44 -5.75 -8.49
CA PHE A 253 -15.39 -4.30 -8.53
C PHE A 253 -15.82 -3.76 -9.89
N PHE A 254 -16.36 -2.55 -9.89
CA PHE A 254 -16.86 -1.92 -11.09
C PHE A 254 -15.72 -1.38 -11.95
N TRP A 255 -16.07 -0.88 -13.12
CA TRP A 255 -15.14 -0.25 -14.04
C TRP A 255 -15.71 1.10 -14.46
N ILE A 256 -14.84 2.10 -14.53
CA ILE A 256 -15.22 3.45 -14.91
C ILE A 256 -14.43 3.85 -16.15
N VAL A 257 -15.13 4.36 -17.15
CA VAL A 257 -14.50 4.76 -18.41
C VAL A 257 -14.86 6.22 -18.70
N PRO A 258 -14.02 6.96 -19.43
CA PRO A 258 -14.32 8.37 -19.72
C PRO A 258 -15.39 8.54 -20.77
N SER A 259 -15.64 9.79 -21.16
CA SER A 259 -16.67 10.07 -22.16
C SER A 259 -16.29 9.56 -23.54
N LEU A 260 -15.00 9.59 -23.88
CA LEU A 260 -14.57 9.17 -25.21
C LEU A 260 -14.81 7.69 -25.45
N VAL A 261 -14.79 6.88 -24.40
CA VAL A 261 -15.10 5.45 -24.55
C VAL A 261 -16.54 5.26 -24.99
N SER A 262 -17.47 5.98 -24.35
CA SER A 262 -18.88 5.93 -24.73
C SER A 262 -19.21 7.08 -25.68
N GLY A 263 -18.58 7.03 -26.85
CA GLY A 263 -18.78 8.08 -27.83
C GLY A 263 -20.21 8.11 -28.36
N ASN A 264 -20.76 6.96 -28.68
CA ASN A 264 -22.13 6.83 -29.17
C ASN A 264 -22.94 6.02 -28.18
N THR A 265 -24.11 6.55 -27.80
CA THR A 265 -24.98 5.85 -26.87
C THR A 265 -25.63 4.63 -27.48
N GLU A 266 -25.77 4.58 -28.81
CA GLU A 266 -26.37 3.46 -29.50
C GLU A 266 -25.35 2.43 -29.96
N LEU A 267 -24.07 2.62 -29.67
CA LEU A 267 -23.01 1.70 -30.04
C LEU A 267 -22.59 0.93 -28.79
N ILE A 268 -23.01 -0.32 -28.69
CA ILE A 268 -22.68 -1.16 -27.54
C ILE A 268 -21.97 -2.41 -28.03
N PRO A 269 -20.64 -2.43 -28.03
CA PRO A 269 -19.92 -3.66 -28.40
C PRO A 269 -20.22 -4.78 -27.42
N LYS A 270 -20.18 -6.01 -27.94
CA LYS A 270 -20.47 -7.19 -27.13
C LYS A 270 -19.43 -7.43 -26.05
N GLU A 271 -18.23 -6.85 -26.20
CA GLU A 271 -17.17 -7.04 -25.20
C GLU A 271 -17.34 -6.14 -23.99
N PHE A 272 -18.24 -5.17 -24.03
CA PHE A 272 -18.43 -4.27 -22.90
C PHE A 272 -19.33 -4.94 -21.86
N PRO A 273 -18.85 -5.12 -20.63
CA PRO A 273 -19.72 -5.68 -19.59
C PRO A 273 -20.74 -4.66 -19.10
N SER A 274 -21.81 -5.18 -18.50
CA SER A 274 -22.87 -4.32 -17.99
C SER A 274 -22.42 -3.43 -16.85
N GLY A 275 -21.30 -3.76 -16.20
CA GLY A 275 -20.80 -2.99 -15.07
C GLY A 275 -20.00 -1.77 -15.40
N LEU A 276 -19.83 -1.45 -16.68
CA LEU A 276 -19.08 -0.26 -17.07
C LEU A 276 -19.80 1.00 -16.61
N ILE A 277 -19.03 1.98 -16.15
CA ILE A 277 -19.56 3.27 -15.73
C ILE A 277 -18.91 4.35 -16.59
N SER A 278 -19.75 5.19 -17.20
CA SER A 278 -19.27 6.27 -18.05
C SER A 278 -19.93 7.57 -17.62
N VAL A 279 -19.21 8.67 -17.80
CA VAL A 279 -19.71 10.00 -17.46
C VAL A 279 -19.61 10.87 -18.71
N SER A 280 -20.77 11.30 -19.22
CA SER A 280 -20.83 12.09 -20.44
C SER A 280 -22.20 12.73 -20.61
N TYR A 281 -22.24 14.02 -20.95
CA TYR A 281 -23.51 14.69 -21.16
C TYR A 281 -24.20 14.12 -22.39
N ASP A 282 -25.53 14.03 -22.32
CA ASP A 282 -26.32 13.47 -23.41
C ASP A 282 -27.69 14.15 -23.42
N ASP A 283 -28.64 13.56 -24.12
CA ASP A 283 -29.96 14.15 -24.31
C ASP A 283 -31.00 13.58 -23.35
N TRP A 284 -30.59 12.79 -22.35
CA TRP A 284 -31.53 12.29 -21.36
C TRP A 284 -31.94 13.37 -20.37
N ASP A 285 -31.15 14.44 -20.24
CA ASP A 285 -31.48 15.55 -19.35
C ASP A 285 -31.67 16.87 -20.10
N TYR A 286 -31.24 16.96 -21.35
CA TYR A 286 -31.39 18.18 -22.15
C TYR A 286 -31.76 17.77 -23.58
N SER A 287 -31.65 18.71 -24.50
CA SER A 287 -31.99 18.45 -25.89
C SER A 287 -31.18 19.41 -26.77
N LEU A 288 -31.13 19.09 -28.06
CA LEU A 288 -30.42 19.94 -29.01
C LEU A 288 -31.04 21.34 -29.05
N GLU A 289 -32.37 21.41 -28.94
CA GLU A 289 -33.05 22.70 -28.93
C GLU A 289 -32.62 23.53 -27.72
N ALA A 290 -32.57 22.90 -26.54
CA ALA A 290 -32.12 23.63 -25.35
C ALA A 290 -30.67 24.04 -25.47
N ARG A 291 -29.82 23.18 -26.04
CA ARG A 291 -28.41 23.50 -26.19
C ARG A 291 -28.21 24.69 -27.13
N VAL A 292 -28.91 24.70 -28.26
CA VAL A 292 -28.77 25.83 -29.18
C VAL A 292 -29.39 27.08 -28.58
N ARG A 293 -30.44 26.93 -27.76
CA ARG A 293 -31.03 28.09 -27.10
C ARG A 293 -30.06 28.74 -26.13
N ASP A 294 -29.40 27.93 -25.29
CA ASP A 294 -28.44 28.51 -24.37
C ASP A 294 -27.22 29.04 -25.11
N GLY A 295 -26.83 28.40 -26.21
CA GLY A 295 -25.72 28.92 -27.00
C GLY A 295 -26.02 30.28 -27.59
N ILE A 296 -27.21 30.44 -28.19
CA ILE A 296 -27.57 31.72 -28.77
C ILE A 296 -27.76 32.77 -27.68
N GLY A 297 -28.26 32.37 -26.50
CA GLY A 297 -28.34 33.32 -25.40
C GLY A 297 -26.98 33.79 -24.94
N ILE A 298 -26.02 32.87 -24.82
CA ILE A 298 -24.66 33.26 -24.45
C ILE A 298 -24.05 34.16 -25.50
N LEU A 299 -24.27 33.86 -26.79
CA LEU A 299 -23.75 34.70 -27.86
C LEU A 299 -24.35 36.11 -27.80
N THR A 300 -25.66 36.20 -27.58
CA THR A 300 -26.29 37.52 -27.48
C THR A 300 -25.78 38.30 -26.28
N THR A 301 -25.60 37.64 -25.14
CA THR A 301 -25.07 38.33 -23.96
C THR A 301 -23.65 38.80 -24.20
N ALA A 302 -22.81 37.98 -24.85
CA ALA A 302 -21.45 38.38 -25.16
C ALA A 302 -21.43 39.56 -26.13
N ALA A 303 -22.30 39.53 -27.13
CA ALA A 303 -22.37 40.65 -28.07
C ALA A 303 -22.81 41.92 -27.37
N SER A 304 -23.80 41.82 -26.47
CA SER A 304 -24.23 42.99 -25.71
C SER A 304 -23.11 43.54 -24.84
N SER A 305 -22.37 42.65 -24.17
CA SER A 305 -21.26 43.09 -23.33
C SER A 305 -20.18 43.77 -24.16
N MET A 306 -19.85 43.21 -25.33
CA MET A 306 -18.87 43.83 -26.20
C MET A 306 -19.34 45.19 -26.68
N LEU A 307 -20.62 45.30 -27.04
CA LEU A 307 -21.16 46.58 -27.52
C LEU A 307 -21.11 47.63 -26.43
N GLU A 308 -21.49 47.28 -25.20
CA GLU A 308 -21.55 48.27 -24.14
C GLU A 308 -20.16 48.62 -23.60
N LYS A 309 -19.23 47.68 -23.57
CA LYS A 309 -17.95 47.90 -22.91
C LYS A 309 -17.10 48.98 -23.58
N PHE A 310 -16.60 48.73 -24.79
CA PHE A 310 -15.61 49.65 -25.34
C PHE A 310 -16.22 50.71 -26.26
N SER A 311 -16.71 50.29 -27.43
CA SER A 311 -17.36 51.26 -28.32
C SER A 311 -18.68 50.76 -28.90
N TYR A 312 -18.72 49.50 -29.31
CA TYR A 312 -19.84 48.97 -30.09
C TYR A 312 -19.67 47.49 -30.40
N ILE A 313 -20.63 46.91 -31.11
CA ILE A 313 -20.53 45.53 -31.55
C ILE A 313 -19.43 45.40 -32.60
N PRO A 314 -18.49 44.48 -32.45
CA PRO A 314 -17.42 44.36 -33.44
C PRO A 314 -17.94 43.90 -34.79
N GLU A 315 -17.24 44.32 -35.85
CA GLU A 315 -17.58 43.96 -37.21
C GLU A 315 -16.80 42.70 -37.62
N ALA A 316 -16.85 42.37 -38.91
CA ALA A 316 -16.17 41.18 -39.43
C ALA A 316 -15.59 41.50 -40.80
N LYS A 317 -14.65 40.65 -41.22
CA LYS A 317 -14.00 40.83 -42.51
C LYS A 317 -15.01 40.65 -43.64
N ALA A 318 -14.88 41.49 -44.67
CA ALA A 318 -15.83 41.44 -45.79
C ALA A 318 -15.72 40.14 -46.56
N SER A 319 -14.50 39.67 -46.82
CA SER A 319 -14.28 38.48 -47.63
C SER A 319 -13.25 37.59 -46.96
N CYS A 320 -13.33 36.29 -47.26
CA CYS A 320 -12.42 35.30 -46.71
C CYS A 320 -11.28 34.95 -47.67
N TYR A 321 -11.18 35.63 -48.80
CA TYR A 321 -10.16 35.35 -49.80
C TYR A 321 -9.45 36.65 -50.17
N GLY A 322 -8.24 36.50 -50.70
CA GLY A 322 -7.45 37.65 -51.11
C GLY A 322 -7.03 38.54 -49.96
N GLN A 323 -6.53 37.95 -48.87
CA GLN A 323 -6.07 38.71 -47.70
C GLN A 323 -4.55 38.83 -47.77
N MET A 324 -4.08 39.82 -48.54
CA MET A 324 -2.66 40.08 -48.64
C MET A 324 -2.08 40.53 -47.30
N GLU A 325 -2.82 41.36 -46.57
CA GLU A 325 -2.34 41.88 -45.31
C GLU A 325 -2.26 40.77 -44.26
N ARG A 326 -1.43 41.01 -43.23
CA ARG A 326 -1.25 40.04 -42.18
C ARG A 326 -2.53 39.88 -41.36
N PRO A 327 -2.75 38.70 -40.76
CA PRO A 327 -3.97 38.51 -39.97
C PRO A 327 -3.93 39.25 -38.64
N GLU A 328 -3.97 40.59 -38.71
CA GLU A 328 -3.97 41.41 -37.50
C GLU A 328 -5.36 41.38 -36.86
N VAL A 329 -5.44 41.94 -35.66
CA VAL A 329 -6.69 41.97 -34.90
C VAL A 329 -7.01 43.41 -34.52
N PRO A 330 -7.53 44.22 -35.44
CA PRO A 330 -7.93 45.59 -35.08
C PRO A 330 -9.02 45.63 -34.03
N MET A 331 -9.93 44.65 -34.03
CA MET A 331 -11.00 44.58 -33.04
C MET A 331 -10.47 43.93 -31.76
N HIS A 332 -11.39 43.60 -30.85
CA HIS A 332 -11.05 42.95 -29.59
C HIS A 332 -11.75 41.61 -29.49
N THR A 333 -11.05 40.63 -28.93
CA THR A 333 -11.59 39.29 -28.82
C THR A 333 -12.73 39.24 -27.79
N LEU A 334 -13.53 38.19 -27.87
CA LEU A 334 -14.67 38.00 -26.99
C LEU A 334 -14.32 37.19 -25.73
N HIS A 335 -13.05 36.83 -25.56
CA HIS A 335 -12.66 36.08 -24.36
C HIS A 335 -12.96 36.83 -23.07
N PRO A 336 -12.61 38.11 -22.90
CA PRO A 336 -13.01 38.81 -21.68
C PRO A 336 -14.51 38.95 -21.51
N PHE A 337 -15.28 38.86 -22.60
CA PHE A 337 -16.73 38.98 -22.54
C PHE A 337 -17.43 37.63 -22.40
N MET A 338 -16.67 36.53 -22.36
CA MET A 338 -17.24 35.20 -22.22
C MET A 338 -16.69 34.42 -21.04
N VAL A 339 -15.61 34.90 -20.41
CA VAL A 339 -15.05 34.18 -19.27
C VAL A 339 -16.04 34.12 -18.11
N ASN A 340 -16.71 35.24 -17.84
CA ASN A 340 -17.72 35.31 -16.77
C ASN A 340 -18.94 36.04 -17.33
N VAL A 341 -19.91 35.27 -17.83
CA VAL A 341 -21.14 35.81 -18.38
C VAL A 341 -22.31 35.12 -17.70
N THR A 342 -23.28 35.90 -17.23
CA THR A 342 -24.46 35.39 -16.55
C THR A 342 -25.69 35.67 -17.40
N TRP A 343 -26.52 34.65 -17.60
CA TRP A 343 -27.72 34.77 -18.43
C TRP A 343 -28.81 33.90 -17.81
N ASP A 344 -29.76 34.53 -17.14
CA ASP A 344 -30.96 33.89 -16.58
C ASP A 344 -30.63 32.82 -15.54
N GLY A 345 -29.43 32.89 -14.94
CA GLY A 345 -29.06 31.94 -13.90
C GLY A 345 -28.56 30.62 -14.43
N LYS A 346 -29.06 30.21 -15.60
CA LYS A 346 -28.65 28.97 -16.25
C LYS A 346 -27.46 29.15 -17.17
N ASP A 347 -26.62 30.16 -16.90
CA ASP A 347 -25.46 30.43 -17.72
C ASP A 347 -24.41 29.32 -17.58
N LEU A 348 -23.53 29.24 -18.57
CA LEU A 348 -22.41 28.29 -18.57
C LEU A 348 -21.14 29.09 -18.82
N SER A 349 -20.49 29.50 -17.73
CA SER A 349 -19.25 30.27 -17.85
C SER A 349 -18.14 29.40 -18.42
N PHE A 350 -17.16 30.06 -19.05
CA PHE A 350 -16.04 29.40 -19.69
C PHE A 350 -14.74 29.81 -19.03
N THR A 351 -13.80 28.87 -18.95
CA THR A 351 -12.49 29.13 -18.36
C THR A 351 -11.60 29.85 -19.38
N GLU A 352 -10.37 30.17 -18.95
CA GLU A 352 -9.43 30.83 -19.85
C GLU A 352 -9.02 29.92 -21.00
N GLU A 353 -8.90 28.61 -20.74
CA GLU A 353 -8.54 27.66 -21.79
C GLU A 353 -9.68 27.42 -22.78
N GLY A 354 -10.88 27.92 -22.49
CA GLY A 354 -12.03 27.70 -23.33
C GLY A 354 -13.00 26.66 -22.81
N TYR A 355 -12.61 25.88 -21.81
CA TYR A 355 -13.50 24.88 -21.24
C TYR A 355 -14.58 25.56 -20.40
N GLN A 356 -15.80 25.02 -20.48
CA GLN A 356 -16.91 25.58 -19.71
C GLN A 356 -16.78 25.22 -18.24
N VAL A 357 -17.08 26.20 -17.38
CA VAL A 357 -16.90 25.99 -15.93
C VAL A 357 -17.91 24.99 -15.39
N HIS A 358 -19.14 25.01 -15.91
CA HIS A 358 -20.22 24.18 -15.41
C HIS A 358 -20.80 23.33 -16.55
N PRO A 359 -20.11 22.26 -16.95
CA PRO A 359 -20.69 21.33 -17.92
C PRO A 359 -21.77 20.48 -17.27
N ARG A 360 -22.69 20.00 -18.12
CA ARG A 360 -23.68 19.03 -17.64
C ARG A 360 -22.99 17.75 -17.19
N LEU A 361 -22.36 17.04 -18.12
CA LEU A 361 -21.49 15.90 -17.85
C LEU A 361 -22.15 14.91 -16.88
N VAL A 362 -23.27 14.33 -17.33
CA VAL A 362 -23.98 13.36 -16.51
C VAL A 362 -23.28 12.00 -16.61
N VAL A 363 -23.57 11.15 -15.63
CA VAL A 363 -22.94 9.83 -15.51
C VAL A 363 -23.95 8.78 -15.96
N ILE A 364 -23.50 7.85 -16.80
CA ILE A 364 -24.34 6.79 -17.35
C ILE A 364 -23.71 5.45 -17.02
N VAL A 365 -24.52 4.52 -16.52
CA VAL A 365 -24.08 3.17 -16.19
C VAL A 365 -24.85 2.20 -17.08
N LEU A 366 -24.12 1.29 -17.72
CA LEU A 366 -24.74 0.36 -18.65
C LEU A 366 -25.76 -0.53 -17.93
N ASN A 367 -26.90 -0.71 -18.56
CA ASN A 367 -27.98 -1.51 -17.99
C ASN A 367 -27.66 -3.01 -18.15
N LYS A 368 -28.44 -3.83 -17.42
CA LYS A 368 -28.27 -5.28 -17.52
C LYS A 368 -28.57 -5.80 -18.92
N ASP A 369 -29.37 -5.08 -19.70
CA ASP A 369 -29.66 -5.44 -21.08
C ASP A 369 -28.85 -4.62 -22.07
N ARG A 370 -27.72 -4.06 -21.63
CA ARG A 370 -26.81 -3.29 -22.47
C ARG A 370 -27.48 -2.04 -23.04
N GLU A 371 -27.92 -1.18 -22.12
CA GLU A 371 -28.39 0.16 -22.47
C GLU A 371 -27.78 1.16 -21.50
N TRP A 372 -27.65 2.40 -21.95
CA TRP A 372 -27.11 3.48 -21.14
C TRP A 372 -28.23 4.25 -20.47
N GLU A 373 -28.19 4.35 -19.14
CA GLU A 373 -29.20 5.04 -18.36
C GLU A 373 -28.55 6.16 -17.55
N LYS A 374 -29.23 7.30 -17.49
CA LYS A 374 -28.73 8.45 -16.76
C LYS A 374 -28.80 8.20 -15.26
N VAL A 375 -27.66 8.35 -14.58
CA VAL A 375 -27.60 8.20 -13.13
C VAL A 375 -26.68 9.28 -12.56
N GLY A 376 -27.26 10.32 -11.98
CA GLY A 376 -26.50 11.41 -11.41
C GLY A 376 -26.40 12.58 -12.37
N LYS A 377 -26.30 13.78 -11.81
CA LYS A 377 -26.21 15.01 -12.60
C LYS A 377 -25.22 15.94 -11.93
N TRP A 378 -24.11 16.22 -12.61
CA TRP A 378 -23.08 17.12 -12.09
C TRP A 378 -23.30 18.52 -12.67
N GLU A 379 -24.37 19.16 -12.21
CA GLU A 379 -24.71 20.49 -12.68
C GLU A 379 -24.99 21.44 -11.52
N ASN A 380 -25.46 20.89 -10.40
CA ASN A 380 -25.87 21.70 -9.25
C ASN A 380 -24.64 22.15 -8.48
N HIS A 381 -24.15 23.34 -8.80
CA HIS A 381 -23.01 23.96 -8.10
C HIS A 381 -21.79 23.05 -8.09
N THR A 382 -21.52 22.41 -9.24
CA THR A 382 -20.37 21.52 -9.41
C THR A 382 -20.35 20.41 -8.36
N LEU A 383 -21.54 19.87 -8.07
CA LEU A 383 -21.68 18.79 -7.11
C LEU A 383 -22.39 17.61 -7.76
N SER A 384 -21.94 16.41 -7.43
CA SER A 384 -22.53 15.20 -7.99
C SER A 384 -23.86 14.89 -7.31
N LEU A 385 -24.64 14.04 -7.97
CA LEU A 385 -25.92 13.57 -7.46
C LEU A 385 -25.84 12.07 -7.19
N ARG A 386 -26.97 11.49 -6.78
CA ARG A 386 -27.02 10.08 -6.45
C ARG A 386 -28.06 9.37 -7.29
N HIS A 387 -29.09 10.11 -7.73
CA HIS A 387 -30.18 9.61 -8.57
C HIS A 387 -30.98 8.49 -7.91
N ALA A 388 -30.80 8.29 -6.61
CA ALA A 388 -31.49 7.23 -5.85
C ALA A 388 -31.25 5.86 -6.46
N VAL A 389 -30.05 5.62 -6.98
CA VAL A 389 -29.68 4.34 -7.57
C VAL A 389 -28.44 3.87 -6.84
N TRP A 390 -28.61 2.90 -5.93
CA TRP A 390 -27.48 2.34 -5.21
C TRP A 390 -26.66 1.45 -6.13
N PRO A 391 -25.36 1.28 -5.83
CA PRO A 391 -24.51 0.50 -6.75
C PRO A 391 -24.84 -0.98 -6.77
N ARG A 392 -25.98 -1.33 -7.35
CA ARG A 392 -26.35 -2.73 -7.53
C ARG A 392 -25.37 -3.39 -8.49
N TYR A 393 -24.88 -4.57 -8.12
CA TYR A 393 -23.89 -5.28 -8.93
C TYR A 393 -24.59 -6.00 -10.08
N LYS A 394 -24.64 -5.35 -11.23
CA LYS A 394 -25.31 -5.93 -12.40
C LYS A 394 -24.55 -7.15 -12.89
N SER A 395 -25.28 -8.21 -13.19
CA SER A 395 -24.67 -9.43 -13.72
C SER A 395 -24.22 -9.20 -15.16
N PHE A 396 -23.11 -9.86 -15.52
CA PHE A 396 -22.55 -9.76 -16.85
C PHE A 396 -23.20 -10.81 -17.76
N SER A 397 -22.61 -11.01 -18.94
CA SER A 397 -23.13 -12.01 -19.87
C SER A 397 -23.08 -13.40 -19.25
N ASP A 398 -21.98 -13.73 -18.58
CA ASP A 398 -21.83 -15.01 -17.89
C ASP A 398 -22.15 -14.79 -16.41
N CYS A 399 -23.35 -15.21 -16.01
CA CYS A 399 -23.80 -14.99 -14.65
C CYS A 399 -23.00 -15.83 -13.65
N GLU A 400 -22.80 -15.26 -12.47
CA GLU A 400 -22.10 -15.91 -11.38
C GLU A 400 -22.92 -15.79 -10.10
N PRO A 401 -22.77 -16.73 -9.17
CA PRO A 401 -23.52 -16.63 -7.91
C PRO A 401 -23.10 -15.39 -7.13
N ASP A 402 -24.10 -14.71 -6.55
CA ASP A 402 -23.87 -13.48 -5.79
C ASP A 402 -23.69 -13.79 -4.30
N ASP A 403 -22.71 -14.65 -4.02
CA ASP A 403 -22.33 -14.99 -2.65
C ASP A 403 -21.11 -14.20 -2.20
N ASN A 404 -21.12 -12.89 -2.41
CA ASN A 404 -19.97 -12.07 -2.07
C ASN A 404 -20.35 -10.90 -1.17
N HIS A 405 -21.54 -10.35 -1.36
CA HIS A 405 -21.94 -9.13 -0.68
C HIS A 405 -22.92 -9.36 0.48
N LEU A 406 -23.95 -10.18 0.27
CA LEU A 406 -24.93 -10.50 1.30
C LEU A 406 -25.61 -9.23 1.84
N SER A 407 -26.19 -9.32 3.03
CA SER A 407 -26.85 -8.18 3.65
C SER A 407 -26.88 -8.40 5.16
N ILE A 408 -26.32 -7.46 5.92
CA ILE A 408 -26.19 -7.59 7.37
C ILE A 408 -26.97 -6.45 8.00
N VAL A 409 -28.23 -6.71 8.33
CA VAL A 409 -29.06 -5.69 8.97
C VAL A 409 -28.59 -5.47 10.40
N THR A 410 -28.54 -4.22 10.82
CA THR A 410 -28.07 -3.86 12.14
C THR A 410 -28.97 -2.78 12.73
N LEU A 411 -29.04 -2.74 14.06
CA LEU A 411 -29.84 -1.77 14.79
C LEU A 411 -28.95 -1.00 15.75
N GLU A 412 -29.18 0.31 15.84
CA GLU A 412 -28.40 1.19 16.71
C GLU A 412 -29.05 1.22 18.08
N GLU A 413 -28.57 0.37 18.99
CA GLU A 413 -29.11 0.35 20.35
C GLU A 413 -28.49 1.46 21.19
N ALA A 414 -27.17 1.37 21.44
CA ALA A 414 -26.37 2.38 22.12
C ALA A 414 -24.91 1.96 22.24
N PRO A 415 -24.57 0.84 22.94
CA PRO A 415 -23.16 0.57 23.22
C PRO A 415 -22.43 -0.14 22.10
N PHE A 416 -23.15 -0.92 21.28
CA PHE A 416 -22.53 -1.70 20.22
C PHE A 416 -22.62 -1.03 18.85
N VAL A 417 -23.64 -0.20 18.63
CA VAL A 417 -23.79 0.54 17.38
C VAL A 417 -24.05 2.00 17.73
N ILE A 418 -23.30 2.91 17.12
CA ILE A 418 -23.45 4.34 17.31
C ILE A 418 -23.63 4.99 15.95
N VAL A 419 -24.75 5.68 15.77
CA VAL A 419 -25.04 6.34 14.50
C VAL A 419 -24.30 7.66 14.44
N GLU A 420 -23.50 7.84 13.38
CA GLU A 420 -22.72 9.06 13.19
C GLU A 420 -22.81 9.49 11.73
N ASP A 421 -22.66 10.78 11.50
CA ASP A 421 -22.67 11.35 10.16
C ASP A 421 -21.25 11.74 9.76
N ILE A 422 -20.99 11.69 8.45
CA ILE A 422 -19.66 12.03 7.95
C ILE A 422 -19.42 13.53 8.13
N ASP A 423 -18.28 13.87 8.73
CA ASP A 423 -17.94 15.26 8.97
C ASP A 423 -17.37 15.88 7.71
N PRO A 424 -17.94 16.98 7.20
CA PRO A 424 -17.38 17.61 6.01
C PRO A 424 -16.08 18.34 6.29
N LEU A 425 -15.02 17.58 6.61
CA LEU A 425 -13.74 18.16 6.96
C LEU A 425 -12.66 17.11 6.70
N THR A 426 -11.59 17.52 6.00
CA THR A 426 -10.52 16.62 5.59
C THR A 426 -11.05 15.40 4.85
N GLU A 427 -11.22 14.29 5.57
CA GLU A 427 -11.64 13.05 4.92
C GLU A 427 -13.01 13.20 4.26
N THR A 428 -13.95 13.86 4.94
CA THR A 428 -15.31 14.08 4.45
C THR A 428 -16.03 12.77 4.10
N CYS A 429 -15.56 11.65 4.64
CA CYS A 429 -16.14 10.35 4.38
C CYS A 429 -15.75 9.42 5.52
N VAL A 430 -15.98 8.12 5.33
CA VAL A 430 -15.61 7.14 6.35
C VAL A 430 -14.10 6.96 6.35
N ARG A 431 -13.49 7.03 7.53
CA ARG A 431 -12.06 6.87 7.70
C ARG A 431 -11.69 5.57 8.40
N ASN A 432 -12.31 5.29 9.55
CA ASN A 432 -12.15 4.02 10.25
C ASN A 432 -13.45 3.27 10.42
N THR A 433 -14.53 3.98 10.75
CA THR A 433 -15.84 3.35 10.87
C THR A 433 -16.36 2.95 9.50
N VAL A 434 -17.13 1.86 9.47
CA VAL A 434 -17.75 1.36 8.25
C VAL A 434 -18.88 2.32 7.87
N PRO A 435 -19.29 2.37 6.60
CA PRO A 435 -20.44 3.20 6.22
C PRO A 435 -21.72 2.66 6.83
N CYS A 436 -22.77 3.48 6.76
CA CYS A 436 -24.05 3.12 7.34
C CYS A 436 -25.16 3.79 6.54
N ARG A 437 -26.36 3.23 6.66
CA ARG A 437 -27.53 3.73 5.97
C ARG A 437 -28.61 4.12 6.99
N LYS A 438 -29.50 5.02 6.58
CA LYS A 438 -30.55 5.50 7.47
C LYS A 438 -31.74 5.95 6.64
N PHE A 439 -32.89 6.04 7.31
CA PHE A 439 -34.13 6.52 6.71
C PHE A 439 -34.67 7.68 7.54
N VAL A 440 -35.22 8.68 6.86
CA VAL A 440 -35.72 9.87 7.51
C VAL A 440 -37.22 9.77 7.69
N LYS A 441 -37.78 10.62 8.54
CA LYS A 441 -39.21 10.66 8.80
C LYS A 441 -39.65 12.12 8.82
N ILE A 442 -40.42 12.54 7.83
CA ILE A 442 -40.88 13.92 7.73
C ILE A 442 -42.25 14.06 8.37
N ASN A 443 -43.23 13.32 7.87
CA ASN A 443 -44.59 13.36 8.38
C ASN A 443 -45.03 11.95 8.77
N ASN A 444 -45.90 11.88 9.79
CA ASN A 444 -46.40 10.59 10.24
C ASN A 444 -47.24 9.91 9.16
N SER A 445 -48.10 10.68 8.49
CA SER A 445 -48.95 10.12 7.44
C SER A 445 -48.11 9.64 6.26
N THR A 446 -47.11 10.42 5.86
CA THR A 446 -46.23 10.06 4.75
C THR A 446 -44.92 9.52 5.33
N ASN A 447 -44.94 8.22 5.67
CA ASN A 447 -43.77 7.56 6.25
C ASN A 447 -42.83 7.12 5.13
N GLU A 448 -42.20 8.11 4.51
CA GLU A 448 -41.26 7.89 3.42
C GLU A 448 -39.87 8.34 3.86
N GLY A 449 -38.88 7.46 3.68
CA GLY A 449 -37.52 7.75 4.03
C GLY A 449 -36.65 8.01 2.82
N MET A 450 -35.35 7.84 3.00
CA MET A 450 -34.38 8.04 1.94
C MET A 450 -33.21 7.09 2.17
N ASN A 451 -32.11 7.32 1.45
CA ASN A 451 -30.94 6.47 1.55
C ASN A 451 -29.71 7.29 1.94
N VAL A 452 -29.86 8.15 2.96
CA VAL A 452 -28.76 9.00 3.39
C VAL A 452 -27.62 8.14 3.90
N LYS A 453 -26.41 8.44 3.45
CA LYS A 453 -25.24 7.67 3.83
C LYS A 453 -24.68 8.17 5.15
N LYS A 454 -24.52 7.26 6.11
CA LYS A 454 -23.95 7.59 7.41
C LYS A 454 -22.83 6.62 7.77
N CYS A 455 -22.35 6.67 9.00
CA CYS A 455 -21.31 5.77 9.48
C CYS A 455 -21.66 5.28 10.87
N CYS A 456 -21.59 3.97 11.07
CA CYS A 456 -21.86 3.35 12.36
C CYS A 456 -20.58 2.69 12.88
N LYS A 457 -20.25 2.96 14.15
CA LYS A 457 -19.05 2.42 14.76
C LYS A 457 -19.38 1.86 16.13
N GLY A 458 -18.73 0.76 16.49
CA GLY A 458 -18.94 0.15 17.79
C GLY A 458 -18.30 -1.22 17.85
N PHE A 459 -18.57 -1.92 18.96
CA PHE A 459 -18.07 -3.27 19.13
C PHE A 459 -18.64 -4.21 18.06
N CYS A 460 -19.93 -4.08 17.79
CA CYS A 460 -20.55 -4.88 16.74
C CYS A 460 -19.93 -4.58 15.38
N ILE A 461 -19.60 -3.32 15.14
CA ILE A 461 -18.92 -2.94 13.89
C ILE A 461 -17.55 -3.60 13.81
N ASP A 462 -16.82 -3.63 14.93
CA ASP A 462 -15.51 -4.28 14.94
C ASP A 462 -15.65 -5.78 14.68
N ILE A 463 -16.66 -6.41 15.26
CA ILE A 463 -16.90 -7.83 15.01
C ILE A 463 -17.22 -8.07 13.55
N LEU A 464 -18.05 -7.21 12.96
CA LEU A 464 -18.37 -7.34 11.54
C LEU A 464 -17.14 -7.18 10.67
N LYS A 465 -16.27 -6.22 11.01
CA LYS A 465 -15.05 -6.03 10.25
C LYS A 465 -14.13 -7.25 10.35
N LYS A 466 -14.02 -7.82 11.56
CA LYS A 466 -13.22 -9.03 11.72
C LYS A 466 -13.78 -10.19 10.91
N LEU A 467 -15.11 -10.34 10.91
CA LEU A 467 -15.73 -11.39 10.12
C LEU A 467 -15.48 -11.19 8.63
N SER A 468 -15.61 -9.95 8.16
CA SER A 468 -15.36 -9.66 6.75
C SER A 468 -13.91 -9.94 6.37
N ARG A 469 -12.97 -9.57 7.25
CA ARG A 469 -11.56 -9.84 6.98
C ARG A 469 -11.27 -11.33 6.94
N THR A 470 -11.84 -12.11 7.87
CA THR A 470 -11.53 -13.53 7.94
C THR A 470 -12.17 -14.29 6.79
N VAL A 471 -13.45 -14.02 6.51
CA VAL A 471 -14.14 -14.75 5.45
C VAL A 471 -13.81 -14.17 4.07
N LYS A 472 -13.34 -12.92 4.00
CA LYS A 472 -12.92 -12.28 2.75
C LYS A 472 -14.09 -12.16 1.78
N PHE A 473 -15.15 -11.50 2.24
CA PHE A 473 -16.29 -11.19 1.38
C PHE A 473 -16.85 -9.84 1.78
N THR A 474 -17.52 -9.19 0.83
CA THR A 474 -18.09 -7.88 1.05
C THR A 474 -19.31 -7.97 1.97
N TYR A 475 -19.64 -6.85 2.60
CA TYR A 475 -20.77 -6.77 3.52
C TYR A 475 -21.62 -5.55 3.20
N ASP A 476 -22.93 -5.69 3.41
CA ASP A 476 -23.89 -4.61 3.23
C ASP A 476 -24.77 -4.53 4.46
N LEU A 477 -25.04 -3.32 4.92
CA LEU A 477 -25.80 -3.10 6.16
C LEU A 477 -27.02 -2.24 5.88
N TYR A 478 -28.15 -2.65 6.45
CA TYR A 478 -29.42 -1.93 6.33
C TYR A 478 -29.92 -1.58 7.73
N LEU A 479 -30.30 -0.32 7.92
CA LEU A 479 -30.81 0.11 9.21
C LEU A 479 -32.21 -0.44 9.43
N VAL A 480 -32.48 -0.88 10.65
CA VAL A 480 -33.80 -1.40 11.03
C VAL A 480 -34.63 -0.22 11.52
N THR A 481 -35.52 0.27 10.66
CA THR A 481 -36.37 1.39 11.00
C THR A 481 -37.75 0.97 11.49
N ASN A 482 -38.17 -0.27 11.21
CA ASN A 482 -39.47 -0.74 11.67
C ASN A 482 -39.52 -0.81 13.19
N GLY A 483 -38.47 -1.28 13.82
CA GLY A 483 -38.43 -1.39 15.26
C GLY A 483 -37.02 -1.55 15.78
N LYS A 484 -36.92 -2.12 16.97
CA LYS A 484 -35.63 -2.36 17.62
C LYS A 484 -35.29 -3.85 17.66
N HIS A 485 -36.17 -4.66 18.23
CA HIS A 485 -35.96 -6.10 18.31
C HIS A 485 -37.02 -6.89 17.56
N GLY A 486 -38.29 -6.56 17.76
CA GLY A 486 -39.38 -7.23 17.06
C GLY A 486 -40.01 -8.33 17.92
N LYS A 487 -41.27 -8.63 17.60
CA LYS A 487 -42.02 -9.66 18.31
C LYS A 487 -43.07 -10.23 17.36
N LYS A 488 -43.56 -11.42 17.73
CA LYS A 488 -44.56 -12.14 16.93
C LYS A 488 -45.94 -11.62 17.33
N VAL A 489 -46.52 -10.77 16.49
CA VAL A 489 -47.87 -10.26 16.70
C VAL A 489 -48.72 -10.72 15.53
N ASN A 490 -49.78 -11.48 15.84
CA ASN A 490 -50.66 -12.06 14.83
C ASN A 490 -49.87 -12.87 13.80
N ASN A 491 -48.90 -13.63 14.30
CA ASN A 491 -48.02 -14.46 13.47
C ASN A 491 -47.26 -13.62 12.44
N VAL A 492 -46.95 -12.38 12.79
CA VAL A 492 -46.21 -11.47 11.92
C VAL A 492 -45.02 -10.93 12.70
N TRP A 493 -43.83 -11.03 12.11
CA TRP A 493 -42.60 -10.56 12.75
C TRP A 493 -42.21 -9.20 12.20
N ASN A 494 -41.75 -8.33 13.09
CA ASN A 494 -41.31 -6.99 12.74
C ASN A 494 -39.88 -6.78 13.27
N GLY A 495 -39.38 -5.56 13.10
CA GLY A 495 -38.05 -5.25 13.56
C GLY A 495 -36.97 -5.98 12.77
N MET A 496 -35.82 -6.18 13.42
CA MET A 496 -34.73 -6.90 12.78
C MET A 496 -35.10 -8.34 12.48
N ILE A 497 -35.80 -8.99 13.42
CA ILE A 497 -36.23 -10.37 13.20
C ILE A 497 -37.17 -10.45 12.02
N GLY A 498 -38.13 -9.52 11.94
CA GLY A 498 -39.03 -9.49 10.81
C GLY A 498 -38.31 -9.23 9.49
N GLU A 499 -37.31 -8.35 9.52
CA GLU A 499 -36.52 -8.10 8.32
C GLU A 499 -35.79 -9.35 7.86
N VAL A 500 -35.20 -10.08 8.80
CA VAL A 500 -34.44 -11.29 8.45
C VAL A 500 -35.38 -12.38 7.95
N VAL A 501 -36.54 -12.54 8.59
CA VAL A 501 -37.41 -13.68 8.31
C VAL A 501 -37.94 -13.61 6.88
N TYR A 502 -38.44 -12.45 6.47
CA TYR A 502 -39.12 -12.35 5.18
C TYR A 502 -38.14 -12.09 4.03
N GLN A 503 -37.08 -12.89 3.96
CA GLN A 503 -36.18 -12.96 2.82
C GLN A 503 -35.49 -11.64 2.51
N ARG A 504 -35.72 -10.62 3.35
CA ARG A 504 -35.13 -9.31 3.08
C ARG A 504 -33.64 -9.30 3.41
N ALA A 505 -33.25 -10.01 4.46
CA ALA A 505 -31.86 -10.07 4.89
C ALA A 505 -31.44 -11.52 5.10
N VAL A 506 -30.16 -11.80 4.87
CA VAL A 506 -29.62 -13.14 5.04
C VAL A 506 -28.79 -13.28 6.31
N MET A 507 -28.51 -12.18 7.00
CA MET A 507 -27.69 -12.22 8.22
C MET A 507 -27.94 -10.94 9.01
N ALA A 508 -27.85 -11.07 10.34
CA ALA A 508 -28.03 -9.93 11.23
C ALA A 508 -26.94 -9.94 12.28
N VAL A 509 -26.29 -8.79 12.48
CA VAL A 509 -25.19 -8.65 13.42
C VAL A 509 -25.54 -7.75 14.59
N GLY A 510 -26.74 -7.17 14.61
CA GLY A 510 -27.12 -6.30 15.69
C GLY A 510 -27.28 -7.05 17.00
N SER A 511 -27.25 -6.28 18.09
CA SER A 511 -27.34 -6.86 19.43
C SER A 511 -28.71 -7.48 19.65
N LEU A 512 -28.75 -8.79 19.84
CA LEU A 512 -29.99 -9.51 20.08
C LEU A 512 -29.70 -10.75 20.91
N THR A 513 -30.64 -11.10 21.79
CA THR A 513 -30.50 -12.28 22.62
C THR A 513 -30.97 -13.52 21.86
N ILE A 514 -30.99 -14.65 22.55
CA ILE A 514 -31.44 -15.92 21.98
C ILE A 514 -32.64 -16.39 22.79
N ASN A 515 -33.75 -16.66 22.11
CA ASN A 515 -34.99 -17.07 22.76
C ASN A 515 -35.63 -18.18 21.95
N GLU A 516 -36.75 -18.70 22.45
CA GLU A 516 -37.45 -19.79 21.77
C GLU A 516 -38.00 -19.32 20.42
N GLU A 517 -38.72 -18.19 20.42
CA GLU A 517 -39.28 -17.68 19.18
C GLU A 517 -38.18 -17.26 18.20
N ARG A 518 -37.09 -16.69 18.70
CA ARG A 518 -35.99 -16.31 17.84
C ARG A 518 -35.32 -17.53 17.21
N SER A 519 -35.15 -18.61 17.98
CA SER A 519 -34.45 -19.78 17.48
C SER A 519 -35.28 -20.55 16.46
N GLU A 520 -36.62 -20.47 16.55
CA GLU A 520 -37.46 -21.19 15.61
C GLU A 520 -37.37 -20.60 14.20
N VAL A 521 -37.49 -19.28 14.09
CA VAL A 521 -37.51 -18.65 12.78
C VAL A 521 -36.12 -18.70 12.13
N VAL A 522 -35.07 -18.41 12.89
CA VAL A 522 -33.71 -18.35 12.37
C VAL A 522 -32.77 -19.06 13.34
N ASP A 523 -31.62 -19.45 12.83
CA ASP A 523 -30.60 -20.16 13.59
C ASP A 523 -29.44 -19.21 13.92
N PHE A 524 -28.90 -19.34 15.13
CA PHE A 524 -27.82 -18.50 15.61
C PHE A 524 -26.58 -19.34 15.85
N SER A 525 -25.42 -18.70 15.76
CA SER A 525 -24.14 -19.34 16.03
C SER A 525 -23.81 -19.20 17.52
N VAL A 526 -22.58 -19.52 17.88
CA VAL A 526 -22.17 -19.44 19.29
C VAL A 526 -22.15 -17.97 19.72
N PRO A 527 -22.55 -17.65 20.94
CA PRO A 527 -22.48 -16.27 21.40
C PRO A 527 -21.04 -15.84 21.70
N PHE A 528 -20.82 -14.52 21.62
CA PHE A 528 -19.53 -13.95 21.94
C PHE A 528 -19.56 -12.98 23.12
N VAL A 529 -20.74 -12.49 23.51
CA VAL A 529 -20.88 -11.62 24.68
C VAL A 529 -21.95 -12.22 25.59
N GLU A 530 -21.61 -12.40 26.86
CA GLU A 530 -22.57 -12.94 27.81
C GLU A 530 -23.63 -11.89 28.15
N THR A 531 -24.88 -12.32 28.12
CA THR A 531 -26.01 -11.44 28.40
C THR A 531 -26.97 -12.18 29.34
N GLY A 532 -28.16 -11.60 29.51
CA GLY A 532 -29.16 -12.21 30.38
C GLY A 532 -30.13 -11.20 30.96
N ILE A 533 -30.51 -11.40 32.22
CA ILE A 533 -31.45 -10.54 32.92
C ILE A 533 -30.74 -9.95 34.13
N SER A 534 -30.78 -8.62 34.24
CA SER A 534 -30.14 -7.93 35.35
C SER A 534 -30.85 -6.59 35.57
N VAL A 535 -30.62 -6.02 36.75
CA VAL A 535 -31.19 -4.72 37.13
C VAL A 535 -30.08 -3.86 37.71
N MET A 536 -29.97 -2.62 37.24
CA MET A 536 -28.99 -1.67 37.72
C MET A 536 -29.69 -0.57 38.51
N VAL A 537 -29.28 -0.38 39.75
CA VAL A 537 -29.87 0.63 40.63
C VAL A 537 -28.74 1.39 41.32
N SER A 538 -28.84 2.71 41.32
CA SER A 538 -27.83 3.56 41.95
C SER A 538 -27.89 3.43 43.47
N PRO A 546 -17.87 2.35 61.84
CA PRO A 546 -19.16 1.65 61.81
C PRO A 546 -19.44 0.91 63.11
N SER A 547 -19.03 -0.37 63.18
CA SER A 547 -19.25 -1.19 64.36
C SER A 547 -18.04 -1.11 65.29
N ALA A 548 -17.79 0.09 65.79
CA ALA A 548 -16.67 0.31 66.70
C ALA A 548 -16.94 -0.34 68.05
N PHE A 549 -15.88 -0.85 68.67
CA PHE A 549 -15.95 -1.52 69.97
C PHE A 549 -16.94 -2.67 69.94
N LEU A 550 -16.92 -3.46 68.86
CA LEU A 550 -17.79 -4.60 68.71
C LEU A 550 -16.96 -5.76 68.15
N GLU A 551 -17.59 -6.92 68.03
CA GLU A 551 -16.90 -8.11 67.53
C GLU A 551 -16.33 -7.92 66.12
N PRO A 552 -17.07 -7.36 65.14
CA PRO A 552 -16.45 -7.19 63.82
C PRO A 552 -15.20 -6.32 63.82
N PHE A 553 -15.16 -5.28 64.66
CA PHE A 553 -13.98 -4.43 64.71
C PHE A 553 -12.77 -5.19 65.28
N SER A 554 -12.97 -5.84 66.43
CA SER A 554 -11.91 -6.62 67.05
C SER A 554 -12.53 -7.53 68.10
N ALA A 555 -11.79 -8.57 68.46
CA ALA A 555 -12.23 -9.55 69.46
C ALA A 555 -13.59 -10.14 69.09
N SER A 556 -13.60 -10.85 67.97
CA SER A 556 -14.84 -11.41 67.45
C SER A 556 -15.50 -12.37 68.44
N VAL A 557 -14.70 -13.05 69.26
CA VAL A 557 -15.27 -13.92 70.29
C VAL A 557 -16.03 -13.09 71.32
N TRP A 558 -15.41 -12.01 71.81
CA TRP A 558 -16.01 -10.99 72.65
C TRP A 558 -16.62 -11.53 73.95
N VAL A 559 -16.30 -12.77 74.33
CA VAL A 559 -16.81 -13.35 75.56
C VAL A 559 -15.72 -14.00 76.40
N MET A 560 -14.45 -13.91 75.99
CA MET A 560 -13.36 -14.51 76.75
C MET A 560 -12.43 -13.48 77.38
N MET A 561 -12.25 -12.31 76.75
CA MET A 561 -11.40 -11.28 77.35
C MET A 561 -11.97 -10.79 78.67
N PHE A 562 -13.31 -10.72 78.77
CA PHE A 562 -13.94 -10.28 80.01
C PHE A 562 -13.66 -11.25 81.14
N VAL A 563 -13.83 -12.55 80.90
CA VAL A 563 -13.56 -13.52 81.95
C VAL A 563 -12.06 -13.58 82.25
N MET A 564 -11.22 -13.36 81.25
CA MET A 564 -9.78 -13.33 81.49
C MET A 564 -9.41 -12.17 82.41
N LEU A 565 -9.94 -10.98 82.15
CA LEU A 565 -9.64 -9.85 83.01
C LEU A 565 -10.21 -10.06 84.40
N LEU A 566 -11.39 -10.66 84.50
CA LEU A 566 -11.96 -10.95 85.82
C LEU A 566 -11.08 -11.90 86.62
N ILE A 567 -10.61 -12.98 85.97
CA ILE A 567 -9.82 -13.97 86.71
C ILE A 567 -8.44 -13.40 87.06
N VAL A 568 -7.83 -12.60 86.18
CA VAL A 568 -6.54 -12.04 86.52
C VAL A 568 -6.68 -11.00 87.64
N SER A 569 -7.79 -10.24 87.64
CA SER A 569 -8.03 -9.32 88.74
C SER A 569 -8.23 -10.09 90.05
N ALA A 570 -8.96 -11.19 90.01
CA ALA A 570 -9.18 -12.00 91.20
C ALA A 570 -7.87 -12.56 91.74
N ILE A 571 -7.02 -13.09 90.85
CA ILE A 571 -5.75 -13.65 91.30
C ILE A 571 -4.81 -12.56 91.80
N ALA A 572 -4.87 -11.37 91.20
CA ALA A 572 -4.08 -10.24 91.71
C ALA A 572 -4.53 -9.84 93.11
N VAL A 573 -5.84 -9.80 93.34
CA VAL A 573 -6.34 -9.51 94.68
C VAL A 573 -5.90 -10.59 95.66
N PHE A 574 -5.98 -11.85 95.25
CA PHE A 574 -5.58 -12.95 96.13
C PHE A 574 -4.11 -12.86 96.50
N VAL A 575 -3.24 -12.61 95.52
CA VAL A 575 -1.81 -12.54 95.83
C VAL A 575 -1.48 -11.29 96.64
N PHE A 576 -2.20 -10.18 96.40
CA PHE A 576 -1.99 -9.00 97.21
C PHE A 576 -2.38 -9.25 98.67
N GLU A 577 -3.49 -9.97 98.89
CA GLU A 577 -3.88 -10.33 100.24
C GLU A 577 -2.86 -11.27 100.87
N TYR A 578 -2.35 -12.23 100.08
CA TYR A 578 -1.39 -13.19 100.61
C TYR A 578 -0.05 -12.54 100.94
N PHE A 579 0.29 -11.45 100.25
CA PHE A 579 1.54 -10.75 100.47
C PHE A 579 1.45 -9.71 101.59
N SER A 580 0.49 -9.86 102.51
CA SER A 580 0.38 -8.93 103.63
C SER A 580 1.61 -8.92 104.52
N PRO A 581 2.21 -10.06 104.93
CA PRO A 581 3.41 -9.91 105.75
C PRO A 581 4.64 -9.51 104.93
N PHE A 599 -5.38 -2.05 99.85
CA PHE A 599 -6.80 -2.18 100.15
C PHE A 599 -7.35 -3.51 99.62
N THR A 600 -6.43 -4.40 99.24
CA THR A 600 -6.75 -5.75 98.77
C THR A 600 -7.68 -5.71 97.57
N ILE A 601 -8.99 -5.84 97.81
CA ILE A 601 -9.95 -5.92 96.71
C ILE A 601 -10.01 -4.60 95.95
N GLY A 602 -10.15 -3.49 96.68
CA GLY A 602 -10.31 -2.20 96.02
C GLY A 602 -9.04 -1.72 95.34
N LYS A 603 -7.90 -1.84 96.01
CA LYS A 603 -6.66 -1.26 95.49
C LYS A 603 -6.22 -1.94 94.20
N ALA A 604 -6.25 -3.27 94.18
CA ALA A 604 -5.75 -4.00 93.01
C ALA A 604 -6.61 -3.73 91.78
N ILE A 605 -7.92 -3.85 91.93
CA ILE A 605 -8.82 -3.62 90.79
C ILE A 605 -8.77 -2.17 90.35
N TRP A 606 -8.70 -1.24 91.31
CA TRP A 606 -8.61 0.17 90.98
C TRP A 606 -7.35 0.48 90.18
N LEU A 607 -6.22 -0.08 90.60
CA LEU A 607 -4.97 0.11 89.85
C LEU A 607 -5.05 -0.52 88.47
N LEU A 608 -5.64 -1.72 88.38
CA LEU A 608 -5.75 -2.38 87.08
C LEU A 608 -6.59 -1.57 86.11
N TRP A 609 -7.69 -0.99 86.59
CA TRP A 609 -8.49 -0.16 85.72
C TRP A 609 -7.83 1.19 85.44
N GLY A 610 -7.04 1.71 86.38
CA GLY A 610 -6.35 2.96 86.15
C GLY A 610 -5.27 2.86 85.10
N LEU A 611 -4.52 1.75 85.09
CA LEU A 611 -3.43 1.61 84.13
C LEU A 611 -3.93 1.41 82.70
N VAL A 612 -5.22 1.13 82.51
CA VAL A 612 -5.75 1.00 81.15
C VAL A 612 -5.65 2.32 80.39
N PHE A 613 -6.01 3.41 81.05
CA PHE A 613 -5.96 4.74 80.44
C PHE A 613 -4.73 5.51 80.94
N ASN A 614 -4.48 6.63 80.27
CA ASN A 614 -3.34 7.48 80.63
C ASN A 614 -3.82 8.72 81.40
N THR A 625 7.73 -1.05 96.10
CA THR A 625 8.01 -2.44 96.41
C THR A 625 8.41 -3.23 95.16
N THR A 626 8.73 -4.51 95.34
CA THR A 626 9.11 -5.35 94.21
C THR A 626 7.93 -5.63 93.29
N SER A 627 6.70 -5.53 93.79
CA SER A 627 5.52 -5.78 92.98
C SER A 627 5.29 -4.72 91.91
N LYS A 628 6.02 -3.60 91.96
CA LYS A 628 5.85 -2.57 90.95
C LYS A 628 6.25 -3.06 89.57
N ILE A 629 7.17 -4.02 89.48
CA ILE A 629 7.56 -4.58 88.19
C ILE A 629 6.39 -5.30 87.54
N MET A 630 5.60 -6.03 88.33
CA MET A 630 4.48 -6.79 87.77
C MET A 630 3.39 -5.85 87.27
N VAL A 631 3.04 -4.83 88.04
CA VAL A 631 2.03 -3.89 87.57
C VAL A 631 2.57 -3.09 86.38
N SER A 632 3.88 -2.84 86.34
CA SER A 632 4.48 -2.15 85.20
C SER A 632 4.35 -3.00 83.92
N VAL A 633 4.67 -4.28 84.00
CA VAL A 633 4.56 -5.12 82.81
C VAL A 633 3.10 -5.33 82.43
N TRP A 634 2.19 -5.36 83.41
CA TRP A 634 0.77 -5.43 83.09
C TRP A 634 0.30 -4.18 82.36
N ALA A 635 0.77 -3.00 82.80
CA ALA A 635 0.44 -1.76 82.09
C ALA A 635 1.05 -1.74 80.70
N PHE A 636 2.24 -2.31 80.54
CA PHE A 636 2.84 -2.43 79.21
C PHE A 636 1.98 -3.31 78.31
N PHE A 637 1.49 -4.44 78.84
CA PHE A 637 0.59 -5.28 78.08
C PHE A 637 -0.69 -4.53 77.71
N ALA A 638 -1.23 -3.76 78.65
CA ALA A 638 -2.45 -2.99 78.39
C ALA A 638 -2.23 -1.96 77.29
N VAL A 639 -1.10 -1.25 77.32
CA VAL A 639 -0.86 -0.24 76.30
C VAL A 639 -0.57 -0.89 74.95
N ILE A 640 0.08 -2.06 74.94
CA ILE A 640 0.27 -2.80 73.69
C ILE A 640 -1.07 -3.22 73.11
N PHE A 641 -1.98 -3.70 73.97
CA PHE A 641 -3.31 -4.07 73.52
C PHE A 641 -4.06 -2.86 72.97
N LEU A 642 -3.93 -1.70 73.63
CA LEU A 642 -4.58 -0.49 73.15
C LEU A 642 -4.03 -0.09 71.79
N ALA A 643 -2.71 -0.15 71.61
CA ALA A 643 -2.12 0.18 70.32
C ALA A 643 -2.57 -0.79 69.23
N SER A 644 -2.64 -2.08 69.55
CA SER A 644 -3.12 -3.05 68.58
C SER A 644 -4.58 -2.80 68.21
N TYR A 645 -5.40 -2.43 69.21
CA TYR A 645 -6.80 -2.13 68.94
C TYR A 645 -6.94 -0.91 68.03
N THR A 646 -6.13 0.13 68.29
CA THR A 646 -6.16 1.32 67.44
C THR A 646 -5.71 0.98 66.02
N ALA A 647 -4.67 0.15 65.89
CA ALA A 647 -4.22 -0.26 64.57
C ALA A 647 -5.29 -1.05 63.83
N ASN A 648 -5.98 -1.95 64.53
CA ASN A 648 -7.06 -2.71 63.90
C ASN A 648 -8.20 -1.81 63.47
N LEU A 649 -8.55 -0.82 64.30
CA LEU A 649 -9.60 0.12 63.92
C LEU A 649 -9.19 0.93 62.71
N ALA A 650 -7.93 1.37 62.66
CA ALA A 650 -7.45 2.11 61.49
C ALA A 650 -7.48 1.26 60.24
N ALA A 651 -7.09 -0.01 60.35
CA ALA A 651 -7.15 -0.91 59.20
C ALA A 651 -8.58 -1.13 58.74
N PHE A 652 -9.51 -1.29 59.69
CA PHE A 652 -10.92 -1.45 59.32
C PHE A 652 -11.45 -0.20 58.63
N MET A 653 -11.09 0.98 59.11
CA MET A 653 -11.52 2.21 58.47
C MET A 653 -10.93 2.34 57.07
N ILE A 654 -9.67 1.96 56.90
CA ILE A 654 -9.00 2.04 55.60
C ILE A 654 -9.49 0.91 54.71
N ASP A 660 -26.55 -4.43 48.45
CA ASP A 660 -27.30 -3.43 47.69
C ASP A 660 -28.74 -3.89 47.47
N GLN A 661 -28.91 -5.16 47.09
CA GLN A 661 -30.22 -5.73 46.82
C GLN A 661 -30.09 -7.24 46.98
N VAL A 662 -31.25 -7.91 47.08
CA VAL A 662 -31.28 -9.37 47.21
C VAL A 662 -30.80 -10.08 45.95
N THR A 663 -30.71 -9.38 44.83
CA THR A 663 -30.21 -9.93 43.57
C THR A 663 -31.03 -11.13 43.11
N GLY A 664 -32.31 -10.87 42.83
CA GLY A 664 -33.18 -11.92 42.32
C GLY A 664 -34.50 -11.34 41.87
N LEU A 665 -35.19 -12.11 41.04
CA LEU A 665 -36.53 -11.74 40.56
C LEU A 665 -37.64 -12.32 41.43
N SER A 666 -37.29 -13.12 42.44
CA SER A 666 -38.27 -13.69 43.37
C SER A 666 -38.26 -12.97 44.72
N ASP A 667 -37.66 -11.78 44.77
CA ASP A 667 -37.57 -11.04 46.03
C ASP A 667 -38.96 -10.62 46.50
N LYS A 668 -39.09 -10.48 47.82
CA LYS A 668 -40.37 -10.07 48.40
C LYS A 668 -40.77 -8.68 47.94
N LYS A 669 -39.80 -7.76 47.82
CA LYS A 669 -40.10 -6.42 47.33
C LYS A 669 -40.62 -6.46 45.91
N PHE A 670 -40.00 -7.29 45.05
CA PHE A 670 -40.47 -7.41 43.67
C PHE A 670 -41.75 -8.22 43.59
N GLN A 671 -41.91 -9.21 44.47
CA GLN A 671 -43.11 -10.05 44.43
C GLN A 671 -44.36 -9.23 44.72
N ARG A 672 -44.29 -8.32 45.69
CA ARG A 672 -45.42 -7.48 46.07
C ARG A 672 -44.96 -6.02 46.05
N PRO A 673 -44.81 -5.44 44.86
CA PRO A 673 -44.31 -4.06 44.78
C PRO A 673 -45.28 -3.03 45.34
N HIS A 674 -46.55 -3.10 44.93
CA HIS A 674 -47.52 -2.13 45.42
C HIS A 674 -47.93 -2.40 46.87
N ASP A 675 -47.87 -3.67 47.29
CA ASP A 675 -48.22 -4.00 48.68
C ASP A 675 -47.24 -3.37 49.65
N TYR A 676 -45.95 -3.37 49.32
CA TYR A 676 -44.95 -2.73 50.16
C TYR A 676 -45.17 -1.22 50.21
N SER A 677 -44.77 -0.61 51.32
CA SER A 677 -44.93 0.83 51.47
C SER A 677 -44.20 1.64 50.41
N PRO A 678 -42.94 1.35 50.06
CA PRO A 678 -42.30 2.10 48.96
C PRO A 678 -42.87 1.69 47.62
N PRO A 679 -43.42 2.64 46.86
CA PRO A 679 -43.96 2.30 45.54
C PRO A 679 -42.85 1.91 44.57
N PHE A 680 -43.21 1.07 43.61
CA PHE A 680 -42.29 0.62 42.57
C PHE A 680 -42.92 0.87 41.20
N ARG A 681 -42.06 1.14 40.22
CA ARG A 681 -42.48 1.38 38.85
C ARG A 681 -41.80 0.47 37.85
N PHE A 682 -40.53 0.14 38.06
CA PHE A 682 -39.75 -0.73 37.18
C PHE A 682 -39.64 -0.14 35.77
N GLY A 683 -38.99 -0.87 34.87
CA GLY A 683 -38.81 -0.38 33.51
C GLY A 683 -38.70 -1.49 32.49
N THR A 684 -39.45 -1.39 31.40
CA THR A 684 -39.43 -2.39 30.34
C THR A 684 -39.69 -1.72 29.01
N VAL A 685 -39.26 -2.40 27.94
CA VAL A 685 -39.48 -1.93 26.58
C VAL A 685 -40.72 -2.62 26.04
N PRO A 686 -41.62 -1.91 25.37
CA PRO A 686 -42.81 -2.57 24.80
C PRO A 686 -42.47 -3.62 23.76
N ASN A 687 -41.29 -3.57 23.15
CA ASN A 687 -40.81 -4.61 22.24
C ASN A 687 -39.40 -4.97 22.69
N GLY A 688 -39.29 -5.91 23.63
CA GLY A 688 -38.01 -6.27 24.20
C GLY A 688 -37.84 -7.73 24.53
N SER A 689 -36.63 -8.25 24.33
CA SER A 689 -36.33 -9.63 24.67
C SER A 689 -36.46 -9.86 26.17
N THR A 690 -36.00 -8.89 26.99
CA THR A 690 -36.18 -9.00 28.43
C THR A 690 -37.66 -8.97 28.79
N GLU A 691 -38.45 -8.17 28.08
CA GLU A 691 -39.89 -8.15 28.31
C GLU A 691 -40.51 -9.51 28.02
N ARG A 692 -40.12 -10.14 26.91
CA ARG A 692 -40.62 -11.47 26.61
C ARG A 692 -40.20 -12.48 27.68
N ASN A 693 -38.94 -12.39 28.12
CA ASN A 693 -38.44 -13.31 29.13
C ASN A 693 -39.22 -13.18 30.44
N ILE A 694 -39.48 -11.95 30.88
CA ILE A 694 -40.19 -11.76 32.14
C ILE A 694 -41.68 -12.11 32.00
N ARG A 695 -42.27 -11.87 30.83
CA ARG A 695 -43.68 -12.17 30.66
C ARG A 695 -43.94 -13.66 30.48
N ASN A 696 -42.96 -14.41 29.97
CA ASN A 696 -43.15 -15.85 29.78
C ASN A 696 -43.16 -16.62 31.10
N ASN A 697 -42.75 -16.00 32.20
CA ASN A 697 -42.72 -16.66 33.50
C ASN A 697 -43.42 -15.89 34.61
N TYR A 698 -43.56 -14.57 34.51
CA TYR A 698 -44.14 -13.74 35.55
C TYR A 698 -45.24 -12.87 34.96
N PRO A 699 -46.47 -13.37 34.88
CA PRO A 699 -47.56 -12.58 34.29
C PRO A 699 -47.91 -11.33 35.09
N TYR A 700 -48.09 -11.49 36.40
CA TYR A 700 -48.43 -10.34 37.24
C TYR A 700 -47.30 -9.32 37.25
N MET A 701 -46.05 -9.79 37.32
CA MET A 701 -44.92 -8.87 37.24
C MET A 701 -44.88 -8.17 35.91
N HIS A 702 -45.18 -8.89 34.82
CA HIS A 702 -45.22 -8.27 33.50
C HIS A 702 -46.28 -7.17 33.44
N GLN A 703 -47.47 -7.45 33.98
CA GLN A 703 -48.52 -6.44 33.98
C GLN A 703 -48.13 -5.22 34.81
N TYR A 704 -47.52 -5.45 35.98
CA TYR A 704 -47.10 -4.34 36.83
C TYR A 704 -46.04 -3.49 36.14
N MET A 705 -45.07 -4.15 35.49
CA MET A 705 -44.03 -3.40 34.78
C MET A 705 -44.59 -2.63 33.60
N THR A 706 -45.49 -3.24 32.84
CA THR A 706 -46.12 -2.54 31.71
C THR A 706 -47.02 -1.41 32.17
N LYS A 707 -47.51 -1.45 33.42
CA LYS A 707 -48.28 -0.33 33.95
C LYS A 707 -47.42 0.93 34.07
N PHE A 708 -46.11 0.77 34.25
CA PHE A 708 -45.18 1.89 34.33
C PHE A 708 -43.98 1.65 33.42
N ASN A 709 -44.22 1.07 32.25
CA ASN A 709 -43.13 0.74 31.33
C ASN A 709 -42.56 1.99 30.68
N GLN A 710 -41.30 1.89 30.26
CA GLN A 710 -40.63 2.97 29.54
C GLN A 710 -40.76 2.75 28.03
N LYS A 711 -40.29 3.75 27.27
CA LYS A 711 -40.34 3.70 25.82
C LYS A 711 -39.05 3.15 25.22
N GLY A 712 -37.91 3.78 25.51
CA GLY A 712 -36.64 3.33 24.99
C GLY A 712 -35.60 3.10 26.06
N VAL A 713 -34.39 3.58 25.83
CA VAL A 713 -33.31 3.43 26.80
C VAL A 713 -32.91 4.75 27.46
N GLU A 714 -32.93 5.86 26.72
CA GLU A 714 -32.56 7.15 27.31
C GLU A 714 -33.56 7.58 28.37
N ASP A 715 -34.85 7.39 28.12
CA ASP A 715 -35.86 7.75 29.11
C ASP A 715 -35.70 6.90 30.38
N ALA A 716 -35.44 5.60 30.20
CA ALA A 716 -35.21 4.74 31.36
C ALA A 716 -33.97 5.19 32.13
N LEU A 717 -32.90 5.55 31.41
CA LEU A 717 -31.68 6.00 32.07
C LEU A 717 -31.90 7.28 32.86
N VAL A 718 -32.60 8.25 32.28
CA VAL A 718 -32.83 9.50 33.00
C VAL A 718 -33.80 9.30 34.17
N SER A 719 -34.77 8.39 34.01
CA SER A 719 -35.64 8.07 35.14
C SER A 719 -34.87 7.40 36.28
N LEU A 720 -33.93 6.51 35.95
CA LEU A 720 -33.10 5.89 36.96
C LEU A 720 -32.21 6.93 37.65
N LYS A 721 -31.68 7.88 36.86
CA LYS A 721 -30.91 8.97 37.46
C LYS A 721 -31.77 9.79 38.42
N THR A 722 -33.01 10.07 38.03
CA THR A 722 -33.94 10.73 38.93
C THR A 722 -34.34 9.79 40.07
N GLY A 723 -34.80 10.38 41.17
CA GLY A 723 -35.18 9.60 42.33
C GLY A 723 -36.51 8.88 42.20
N LYS A 724 -37.27 9.13 41.13
CA LYS A 724 -38.57 8.48 40.97
C LYS A 724 -38.41 6.98 40.76
N LEU A 725 -37.54 6.58 39.83
CA LEU A 725 -37.35 5.17 39.50
C LEU A 725 -36.29 4.55 40.38
N ASP A 726 -36.53 3.30 40.78
CA ASP A 726 -35.61 2.56 41.64
C ASP A 726 -35.14 1.25 41.04
N ALA A 727 -35.68 0.84 39.89
CA ALA A 727 -35.29 -0.42 39.27
C ALA A 727 -35.53 -0.33 37.77
N PHE A 728 -34.81 -1.17 37.03
CA PHE A 728 -34.94 -1.19 35.57
C PHE A 728 -34.42 -2.53 35.07
N ILE A 729 -35.28 -3.32 34.45
CA ILE A 729 -34.91 -4.63 33.91
C ILE A 729 -34.58 -4.47 32.44
N TYR A 730 -33.38 -4.87 32.05
CA TYR A 730 -32.94 -4.78 30.66
C TYR A 730 -31.76 -5.73 30.47
N ASP A 731 -31.09 -5.62 29.33
CA ASP A 731 -29.95 -6.48 29.03
C ASP A 731 -28.81 -6.22 30.00
N ALA A 732 -28.14 -7.31 30.40
CA ALA A 732 -27.06 -7.19 31.38
C ALA A 732 -25.88 -6.39 30.83
N ALA A 733 -25.54 -6.61 29.55
CA ALA A 733 -24.38 -5.92 28.98
C ALA A 733 -24.61 -4.41 28.91
N VAL A 734 -25.81 -3.98 28.54
CA VAL A 734 -26.11 -2.55 28.45
C VAL A 734 -26.02 -1.91 29.83
N LEU A 735 -26.59 -2.57 30.85
CA LEU A 735 -26.53 -2.04 32.20
C LEU A 735 -25.09 -1.99 32.72
N ASN A 736 -24.29 -3.00 32.41
CA ASN A 736 -22.88 -2.98 32.81
C ASN A 736 -22.14 -1.84 32.13
N TYR A 737 -22.41 -1.60 30.84
CA TYR A 737 -21.80 -0.49 30.14
C TYR A 737 -22.20 0.84 30.77
N LYS A 738 -23.48 1.00 31.09
CA LYS A 738 -23.93 2.25 31.71
C LYS A 738 -23.30 2.45 33.08
N ALA A 739 -23.18 1.37 33.86
CA ALA A 739 -22.52 1.49 35.17
C ALA A 739 -21.05 1.84 35.02
N GLY A 740 -20.39 1.27 34.01
CA GLY A 740 -18.99 1.58 33.79
C GLY A 740 -18.77 3.02 33.35
N ARG A 741 -19.67 3.55 32.53
CA ARG A 741 -19.56 4.92 32.02
C ARG A 741 -20.85 5.67 32.33
N ASP A 742 -20.82 6.49 33.37
CA ASP A 742 -21.95 7.33 33.73
C ASP A 742 -21.42 8.53 34.53
N GLU A 743 -22.32 9.26 35.17
CA GLU A 743 -21.96 10.46 35.93
C GLU A 743 -21.65 10.05 37.37
N GLY A 744 -20.36 10.06 37.72
CA GLY A 744 -19.95 9.78 39.07
C GLY A 744 -19.97 8.33 39.47
N CYS A 745 -20.22 7.41 38.52
CA CYS A 745 -20.27 5.97 38.80
C CYS A 745 -21.31 5.64 39.87
N LYS A 746 -22.38 6.43 39.93
CA LYS A 746 -23.44 6.17 40.91
C LYS A 746 -24.18 4.88 40.61
N LEU A 747 -24.42 4.59 39.33
CA LEU A 747 -25.12 3.38 38.95
C LEU A 747 -24.27 2.16 39.22
N VAL A 748 -24.89 1.10 39.74
CA VAL A 748 -24.21 -0.16 40.02
C VAL A 748 -25.20 -1.29 39.85
N THR A 749 -24.76 -2.35 39.20
CA THR A 749 -25.61 -3.53 38.99
C THR A 749 -25.73 -4.32 40.29
N ILE A 750 -26.72 -5.22 40.31
CA ILE A 750 -26.93 -6.06 41.48
C ILE A 750 -25.78 -7.04 41.70
N GLY A 751 -25.08 -7.43 40.65
CA GLY A 751 -23.96 -8.35 40.78
C GLY A 751 -23.69 -9.15 39.52
N SER A 752 -22.41 -9.37 39.21
CA SER A 752 -22.06 -10.14 38.03
C SER A 752 -22.40 -11.62 38.17
N GLY A 753 -22.60 -12.10 39.39
CA GLY A 753 -22.95 -13.49 39.62
C GLY A 753 -24.43 -13.80 39.61
N TYR A 754 -25.28 -12.82 39.32
CA TYR A 754 -26.74 -12.99 39.31
C TYR A 754 -27.25 -12.51 37.96
N ILE A 755 -27.40 -13.43 37.02
CA ILE A 755 -27.90 -13.13 35.68
C ILE A 755 -29.27 -13.74 35.43
N PHE A 756 -29.80 -14.51 36.38
CA PHE A 756 -31.09 -15.18 36.24
C PHE A 756 -31.10 -16.06 35.01
N ALA A 757 -31.68 -15.57 33.91
CA ALA A 757 -31.74 -16.30 32.65
C ALA A 757 -30.61 -15.81 31.76
N THR A 758 -29.41 -16.28 32.06
CA THR A 758 -28.23 -15.87 31.30
C THR A 758 -28.31 -16.40 29.87
N THR A 759 -28.06 -15.52 28.91
CA THR A 759 -28.08 -15.87 27.50
C THR A 759 -26.87 -15.23 26.84
N GLY A 760 -26.84 -15.28 25.50
CA GLY A 760 -25.75 -14.69 24.75
C GLY A 760 -26.28 -13.87 23.59
N TYR A 761 -25.40 -13.03 23.04
CA TYR A 761 -25.76 -12.20 21.90
C TYR A 761 -25.66 -12.98 20.60
N GLY A 762 -24.43 -13.36 20.21
CA GLY A 762 -24.24 -14.06 18.96
C GLY A 762 -24.52 -13.18 17.76
N ILE A 763 -24.57 -13.82 16.60
CA ILE A 763 -24.86 -13.17 15.33
C ILE A 763 -25.97 -13.96 14.64
N ALA A 764 -27.02 -13.26 14.21
CA ALA A 764 -28.18 -13.92 13.62
C ALA A 764 -27.95 -14.14 12.13
N LEU A 765 -28.29 -15.35 11.66
CA LEU A 765 -28.19 -15.71 10.26
C LEU A 765 -29.52 -16.27 9.80
N GLN A 766 -29.75 -16.19 8.48
CA GLN A 766 -30.98 -16.73 7.91
C GLN A 766 -31.04 -18.24 8.09
N LYS A 767 -32.25 -18.76 8.27
CA LYS A 767 -32.43 -20.18 8.50
C LYS A 767 -31.94 -20.98 7.30
N GLY A 768 -31.11 -21.99 7.57
CA GLY A 768 -30.56 -22.82 6.52
C GLY A 768 -29.49 -22.18 5.68
N SER A 769 -28.93 -21.04 6.12
CA SER A 769 -27.91 -20.38 5.34
C SER A 769 -26.61 -21.19 5.35
N PRO A 770 -25.93 -21.30 4.21
CA PRO A 770 -24.66 -22.04 4.19
C PRO A 770 -23.55 -21.36 4.97
N TRP A 771 -23.68 -20.08 5.29
CA TRP A 771 -22.65 -19.34 6.00
C TRP A 771 -22.62 -19.64 7.50
N LYS A 772 -23.51 -20.50 7.98
CA LYS A 772 -23.55 -20.81 9.40
C LYS A 772 -22.23 -21.43 9.87
N ARG A 773 -21.70 -22.38 9.10
CA ARG A 773 -20.45 -23.03 9.48
C ARG A 773 -19.29 -22.04 9.52
N GLN A 774 -19.18 -21.20 8.49
CA GLN A 774 -18.09 -20.23 8.43
C GLN A 774 -18.19 -19.23 9.57
N ILE A 775 -19.40 -18.74 9.84
CA ILE A 775 -19.59 -17.77 10.91
C ILE A 775 -19.25 -18.39 12.26
N ASP A 776 -19.70 -19.64 12.49
CA ASP A 776 -19.39 -20.31 13.75
C ASP A 776 -17.90 -20.52 13.92
N LEU A 777 -17.21 -20.95 12.85
CA LEU A 777 -15.77 -21.15 12.92
C LEU A 777 -15.04 -19.85 13.19
N ALA A 778 -15.46 -18.77 12.52
CA ALA A 778 -14.82 -17.47 12.76
C ALA A 778 -15.03 -16.99 14.18
N LEU A 779 -16.25 -17.16 14.71
CA LEU A 779 -16.51 -16.76 16.09
C LEU A 779 -15.68 -17.58 17.07
N LEU A 780 -15.57 -18.89 16.83
CA LEU A 780 -14.74 -19.72 17.70
C LEU A 780 -13.28 -19.31 17.63
N GLN A 781 -12.78 -19.00 16.44
CA GLN A 781 -11.40 -18.55 16.30
C GLN A 781 -11.18 -17.22 17.04
N PHE A 782 -12.14 -16.31 16.94
CA PHE A 782 -12.03 -15.04 17.67
C PHE A 782 -12.01 -15.27 19.18
N VAL A 783 -12.89 -16.16 19.67
CA VAL A 783 -12.93 -16.43 21.10
C VAL A 783 -11.63 -17.06 21.57
N GLY A 784 -11.10 -18.02 20.80
CA GLY A 784 -9.89 -18.72 21.20
C GLY A 784 -8.61 -17.97 20.87
N ASP A 785 -8.67 -16.65 20.87
CA ASP A 785 -7.49 -15.83 20.60
C ASP A 785 -7.71 -14.45 21.19
N GLY A 786 -6.67 -13.63 21.13
CA GLY A 786 -6.67 -12.31 21.73
C GLY A 786 -7.38 -11.23 20.95
N GLU A 787 -7.85 -11.50 19.74
CA GLU A 787 -8.57 -10.49 18.97
C GLU A 787 -9.86 -10.09 19.66
N MET A 788 -10.61 -11.07 20.18
CA MET A 788 -11.84 -10.75 20.91
C MET A 788 -11.54 -9.99 22.20
N GLU A 789 -10.47 -10.39 22.91
CA GLU A 789 -10.14 -9.74 24.18
C GLU A 789 -9.76 -8.28 23.97
N GLU A 790 -9.02 -7.98 22.90
CA GLU A 790 -8.65 -6.59 22.62
C GLU A 790 -9.89 -5.73 22.39
N LEU A 791 -10.85 -6.23 21.60
CA LEU A 791 -12.07 -5.48 21.35
C LEU A 791 -12.89 -5.32 22.64
N GLU A 792 -12.95 -6.37 23.46
CA GLU A 792 -13.67 -6.27 24.72
C GLU A 792 -13.05 -5.23 25.64
N THR A 793 -11.72 -5.20 25.72
CA THR A 793 -11.05 -4.19 26.53
C THR A 793 -11.27 -2.79 25.98
N LEU A 794 -11.25 -2.65 24.65
CA LEU A 794 -11.48 -1.34 24.04
C LEU A 794 -12.89 -0.85 24.36
N TRP A 795 -13.88 -1.72 24.24
CA TRP A 795 -15.26 -1.36 24.57
C TRP A 795 -15.63 -1.82 25.98
N LEU A 796 -14.92 -1.24 26.95
CA LEU A 796 -15.10 -1.55 28.36
C LEU A 796 -15.02 -3.05 28.64
N ASP A 813 -19.49 7.06 64.97
CA ASP A 813 -20.10 5.91 64.30
C ASP A 813 -21.42 5.53 64.94
N ILE A 814 -22.13 4.59 64.31
CA ILE A 814 -23.42 4.16 64.83
C ILE A 814 -23.24 3.41 66.15
N ASP A 815 -22.15 2.66 66.29
CA ASP A 815 -21.94 1.84 67.48
C ASP A 815 -21.60 2.67 68.72
N ASN A 816 -21.33 3.97 68.57
CA ASN A 816 -21.06 4.81 69.73
C ASN A 816 -22.28 4.89 70.64
N MET A 817 -23.48 5.00 70.06
CA MET A 817 -24.70 5.01 70.86
C MET A 817 -24.88 3.69 71.59
N ALA A 818 -24.60 2.56 70.92
CA ALA A 818 -24.70 1.27 71.58
C ALA A 818 -23.72 1.17 72.74
N GLY A 819 -22.48 1.65 72.53
CA GLY A 819 -21.49 1.62 73.60
C GLY A 819 -21.87 2.48 74.79
N VAL A 820 -22.38 3.69 74.53
CA VAL A 820 -22.76 4.57 75.63
C VAL A 820 -23.98 4.00 76.36
N PHE A 821 -24.90 3.37 75.64
CA PHE A 821 -26.03 2.71 76.30
C PHE A 821 -25.54 1.55 77.17
N TYR A 822 -24.58 0.77 76.66
CA TYR A 822 -24.05 -0.35 77.44
C TYR A 822 -23.37 0.15 78.72
N MET A 823 -22.56 1.21 78.61
CA MET A 823 -21.88 1.71 79.81
C MET A 823 -22.86 2.34 80.79
N LEU A 824 -23.89 3.02 80.29
CA LEU A 824 -24.93 3.55 81.18
C LEU A 824 -25.66 2.42 81.90
N ALA A 825 -25.98 1.33 81.18
CA ALA A 825 -26.63 0.19 81.82
C ALA A 825 -25.73 -0.45 82.87
N ALA A 826 -24.43 -0.57 82.57
CA ALA A 826 -23.50 -1.11 83.55
C ALA A 826 -23.41 -0.22 84.79
N ALA A 827 -23.39 1.10 84.58
CA ALA A 827 -23.35 2.03 85.70
C ALA A 827 -24.61 1.91 86.55
N MET A 828 -25.77 1.81 85.91
CA MET A 828 -27.01 1.64 86.66
C MET A 828 -27.02 0.34 87.45
N ALA A 829 -26.54 -0.75 86.84
CA ALA A 829 -26.50 -2.03 87.53
C ALA A 829 -25.56 -1.96 88.74
N LEU A 830 -24.39 -1.34 88.57
CA LEU A 830 -23.46 -1.22 89.69
C LEU A 830 -24.03 -0.32 90.79
N SER A 831 -24.74 0.74 90.41
CA SER A 831 -25.38 1.58 91.41
C SER A 831 -26.43 0.81 92.19
N LEU A 832 -27.23 -0.01 91.50
CA LEU A 832 -28.22 -0.84 92.18
C LEU A 832 -27.54 -1.84 93.12
N ILE A 833 -26.42 -2.43 92.68
CA ILE A 833 -25.70 -3.37 93.52
C ILE A 833 -25.18 -2.68 94.77
N THR A 834 -24.61 -1.48 94.62
CA THR A 834 -24.13 -0.73 95.78
C THR A 834 -25.27 -0.36 96.72
N PHE A 835 -26.42 0.03 96.16
CA PHE A 835 -27.57 0.38 97.00
C PHE A 835 -28.07 -0.84 97.77
N ILE A 836 -28.13 -2.00 97.12
CA ILE A 836 -28.60 -3.21 97.80
C ILE A 836 -27.55 -3.81 98.72
N TRP A 837 -26.29 -3.40 98.60
CA TRP A 837 -25.23 -3.87 99.48
C TRP A 837 -25.46 -3.40 100.92
N LYS B 25 -0.65 -48.54 -48.76
CA LYS B 25 -1.43 -47.77 -47.81
C LYS B 25 -2.71 -48.51 -47.42
N ILE B 26 -2.63 -49.83 -47.36
CA ILE B 26 -3.79 -50.66 -47.01
C ILE B 26 -4.04 -50.56 -45.52
N VAL B 27 -5.28 -50.29 -45.14
CA VAL B 27 -5.67 -50.17 -43.74
C VAL B 27 -6.15 -51.54 -43.25
N ASN B 28 -5.78 -51.87 -42.02
CA ASN B 28 -6.20 -53.13 -41.40
C ASN B 28 -6.61 -52.87 -39.96
N ILE B 29 -7.59 -53.64 -39.49
CA ILE B 29 -8.08 -53.55 -38.12
C ILE B 29 -8.07 -54.96 -37.53
N GLY B 30 -7.39 -55.12 -36.40
CA GLY B 30 -7.35 -56.39 -35.71
C GLY B 30 -8.54 -56.60 -34.79
N ALA B 31 -8.73 -57.87 -34.40
CA ALA B 31 -9.84 -58.22 -33.52
C ALA B 31 -9.56 -59.58 -32.88
N VAL B 32 -9.99 -59.73 -31.63
CA VAL B 32 -9.91 -60.99 -30.90
C VAL B 32 -11.32 -61.42 -30.56
N LEU B 33 -11.69 -62.64 -30.94
CA LEU B 33 -13.04 -63.13 -30.76
C LEU B 33 -13.02 -64.46 -30.01
N SER B 34 -14.09 -64.69 -29.24
CA SER B 34 -14.17 -65.91 -28.44
C SER B 34 -14.39 -67.14 -29.32
N THR B 35 -15.32 -67.06 -30.27
CA THR B 35 -15.69 -68.18 -31.12
C THR B 35 -15.61 -67.77 -32.58
N ARG B 36 -15.81 -68.76 -33.46
CA ARG B 36 -15.76 -68.49 -34.90
C ARG B 36 -16.96 -67.68 -35.36
N LYS B 37 -18.11 -67.85 -34.70
CA LYS B 37 -19.28 -67.06 -35.05
C LYS B 37 -19.04 -65.57 -34.79
N HIS B 38 -18.34 -65.25 -33.71
CA HIS B 38 -18.00 -63.86 -33.44
C HIS B 38 -17.06 -63.31 -34.51
N GLU B 39 -16.12 -64.13 -34.98
CA GLU B 39 -15.25 -63.70 -36.07
C GLU B 39 -16.03 -63.46 -37.36
N GLN B 40 -17.00 -64.33 -37.65
CA GLN B 40 -17.84 -64.13 -38.83
C GLN B 40 -18.66 -62.85 -38.70
N MET B 41 -19.19 -62.58 -37.51
CA MET B 41 -19.93 -61.34 -37.29
C MET B 41 -19.03 -60.13 -37.45
N PHE B 42 -17.78 -60.22 -36.97
CA PHE B 42 -16.83 -59.13 -37.16
C PHE B 42 -16.55 -58.89 -38.64
N ARG B 43 -16.37 -59.96 -39.41
CA ARG B 43 -16.15 -59.80 -40.84
C ARG B 43 -17.35 -59.19 -41.54
N GLU B 44 -18.55 -59.61 -41.13
CA GLU B 44 -19.77 -59.03 -41.70
C GLU B 44 -19.87 -57.55 -41.36
N ALA B 45 -19.52 -57.17 -40.13
CA ALA B 45 -19.55 -55.76 -39.75
C ALA B 45 -18.52 -54.95 -40.55
N VAL B 46 -17.33 -55.53 -40.77
CA VAL B 46 -16.32 -54.85 -41.58
C VAL B 46 -16.82 -54.65 -43.01
N ASN B 47 -17.47 -55.69 -43.57
CA ASN B 47 -18.03 -55.56 -44.91
C ASN B 47 -19.12 -54.49 -44.96
N GLN B 48 -19.96 -54.43 -43.93
CA GLN B 48 -20.99 -53.41 -43.86
C GLN B 48 -20.39 -52.01 -43.80
N ALA B 49 -19.33 -51.84 -42.99
CA ALA B 49 -18.66 -50.56 -42.93
C ALA B 49 -18.03 -50.19 -44.27
N ASN B 50 -17.51 -51.20 -44.98
CA ASN B 50 -16.99 -50.96 -46.33
C ASN B 50 -18.09 -50.50 -47.28
N LYS B 51 -19.28 -51.09 -47.15
CA LYS B 51 -20.40 -50.78 -48.04
C LYS B 51 -21.19 -49.58 -47.54
N ARG B 52 -21.74 -49.67 -46.33
CA ARG B 52 -22.56 -48.62 -45.77
C ARG B 52 -21.70 -47.64 -44.96
N HIS B 53 -22.35 -46.77 -44.20
CA HIS B 53 -21.69 -45.77 -43.36
C HIS B 53 -20.87 -44.80 -44.21
N GLY B 54 -19.91 -44.12 -43.61
CA GLY B 54 -19.09 -43.16 -44.32
C GLY B 54 -17.82 -43.77 -44.88
N SER B 55 -17.97 -44.70 -45.82
CA SER B 55 -16.81 -45.35 -46.41
C SER B 55 -15.97 -44.36 -47.20
N TRP B 56 -14.65 -44.49 -47.08
CA TRP B 56 -13.71 -43.61 -47.76
C TRP B 56 -13.17 -44.29 -49.02
N LYS B 57 -12.28 -43.59 -49.71
CA LYS B 57 -11.69 -44.14 -50.93
C LYS B 57 -10.89 -45.41 -50.63
N ILE B 58 -10.12 -45.40 -49.54
CA ILE B 58 -9.36 -46.56 -49.11
C ILE B 58 -10.01 -47.10 -47.84
N GLN B 59 -10.43 -48.36 -47.88
CA GLN B 59 -11.13 -48.98 -46.76
C GLN B 59 -10.14 -49.73 -45.88
N LEU B 60 -10.66 -50.49 -44.92
CA LEU B 60 -9.84 -51.22 -43.96
C LEU B 60 -10.02 -52.72 -44.15
N ASN B 61 -8.93 -53.45 -43.93
CA ASN B 61 -8.95 -54.91 -44.01
C ASN B 61 -9.45 -55.50 -42.69
N ALA B 62 -9.94 -56.74 -42.78
CA ALA B 62 -10.48 -57.45 -41.63
C ALA B 62 -9.53 -58.59 -41.25
N THR B 63 -9.09 -58.59 -39.99
CA THR B 63 -8.24 -59.65 -39.47
C THR B 63 -8.75 -60.05 -38.09
N SER B 64 -8.73 -61.35 -37.81
CA SER B 64 -9.20 -61.88 -36.55
C SER B 64 -8.25 -62.94 -36.04
N VAL B 65 -8.06 -62.98 -34.72
CA VAL B 65 -7.22 -63.99 -34.06
C VAL B 65 -8.04 -64.65 -32.95
N THR B 66 -8.04 -65.97 -32.93
CA THR B 66 -8.78 -66.70 -31.91
C THR B 66 -8.14 -66.52 -30.54
N HIS B 67 -8.97 -66.63 -29.51
CA HIS B 67 -8.53 -66.47 -28.13
C HIS B 67 -8.02 -67.82 -27.62
N LYS B 68 -6.70 -67.96 -27.52
CA LYS B 68 -6.11 -69.20 -27.03
C LYS B 68 -6.42 -69.37 -25.54
N PRO B 69 -6.58 -70.62 -25.09
CA PRO B 69 -6.85 -70.84 -23.66
C PRO B 69 -5.74 -70.34 -22.75
N ASN B 70 -4.49 -70.42 -23.18
CA ASN B 70 -3.38 -69.91 -22.39
C ASN B 70 -3.24 -68.41 -22.60
N ALA B 71 -3.18 -67.66 -21.50
CA ALA B 71 -3.11 -66.21 -21.58
C ALA B 71 -1.83 -65.75 -22.26
N ILE B 72 -0.69 -66.35 -21.89
CA ILE B 72 0.59 -65.91 -22.44
C ILE B 72 0.66 -66.18 -23.94
N GLN B 73 0.29 -67.40 -24.35
CA GLN B 73 0.32 -67.75 -25.76
C GLN B 73 -0.67 -66.93 -26.56
N MET B 74 -1.87 -66.68 -26.00
CA MET B 74 -2.86 -65.87 -26.68
C MET B 74 -2.36 -64.44 -26.87
N ALA B 75 -1.75 -63.86 -25.83
CA ALA B 75 -1.20 -62.52 -25.95
C ALA B 75 -0.07 -62.48 -26.98
N LEU B 76 0.79 -63.51 -26.99
CA LEU B 76 1.86 -63.55 -27.96
C LEU B 76 1.32 -63.61 -29.39
N SER B 77 0.31 -64.45 -29.62
CA SER B 77 -0.28 -64.55 -30.95
C SER B 77 -0.95 -63.25 -31.36
N VAL B 78 -1.65 -62.60 -30.42
CA VAL B 78 -2.28 -61.32 -30.72
C VAL B 78 -1.25 -60.28 -31.08
N CYS B 79 -0.14 -60.22 -30.34
CA CYS B 79 0.93 -59.28 -30.64
C CYS B 79 1.53 -59.55 -32.01
N GLU B 80 1.77 -60.83 -32.33
CA GLU B 80 2.32 -61.17 -33.63
C GLU B 80 1.39 -60.76 -34.76
N ASP B 81 0.08 -60.99 -34.59
CA ASP B 81 -0.87 -60.64 -35.64
C ASP B 81 -1.03 -59.14 -35.79
N LEU B 82 -0.99 -58.40 -34.68
CA LEU B 82 -1.19 -56.96 -34.74
C LEU B 82 0.04 -56.24 -35.28
N ILE B 83 1.24 -56.73 -34.95
CA ILE B 83 2.45 -56.11 -35.46
C ILE B 83 2.50 -56.20 -36.98
N SER B 84 2.16 -57.36 -37.54
CA SER B 84 2.07 -57.50 -38.97
C SER B 84 0.78 -56.88 -39.51
N SER B 85 0.76 -56.62 -40.81
CA SER B 85 -0.36 -56.09 -41.57
C SER B 85 -0.73 -54.66 -41.19
N GLN B 86 0.01 -54.02 -40.27
CA GLN B 86 -0.18 -52.62 -39.91
C GLN B 86 -1.60 -52.34 -39.43
N VAL B 87 -1.95 -52.96 -38.31
CA VAL B 87 -3.28 -52.78 -37.74
C VAL B 87 -3.36 -51.42 -37.04
N TYR B 88 -4.60 -50.96 -36.82
CA TYR B 88 -4.85 -49.71 -36.12
C TYR B 88 -5.69 -49.88 -34.85
N ALA B 89 -6.47 -50.94 -34.73
CA ALA B 89 -7.31 -51.14 -33.56
C ALA B 89 -7.50 -52.63 -33.32
N ILE B 90 -7.86 -52.96 -32.08
CA ILE B 90 -8.03 -54.35 -31.66
C ILE B 90 -9.27 -54.45 -30.78
N LEU B 91 -10.07 -55.49 -31.00
CA LEU B 91 -11.23 -55.78 -30.17
C LEU B 91 -10.88 -56.90 -29.20
N VAL B 92 -11.21 -56.70 -27.92
CA VAL B 92 -10.81 -57.62 -26.87
C VAL B 92 -12.04 -58.16 -26.14
N SER B 93 -13.13 -58.37 -26.88
CA SER B 93 -14.37 -58.87 -26.29
C SER B 93 -14.13 -60.12 -25.44
N HIS B 94 -13.42 -61.10 -26.01
CA HIS B 94 -12.95 -62.28 -25.29
C HIS B 94 -14.10 -63.18 -24.83
N PRO B 95 -13.83 -64.38 -24.34
CA PRO B 95 -14.88 -65.22 -23.73
C PRO B 95 -15.19 -64.77 -22.31
N PRO B 96 -16.15 -63.86 -22.13
CA PRO B 96 -16.31 -63.20 -20.82
C PRO B 96 -16.75 -64.12 -19.69
N THR B 97 -16.91 -65.42 -19.94
CA THR B 97 -17.32 -66.33 -18.87
C THR B 97 -16.22 -66.43 -17.81
N PRO B 98 -16.59 -66.55 -16.53
CA PRO B 98 -15.56 -66.64 -15.48
C PRO B 98 -14.61 -67.81 -15.64
N ASN B 99 -15.11 -68.96 -16.11
CA ASN B 99 -14.24 -70.11 -16.31
C ASN B 99 -13.24 -69.87 -17.43
N ASP B 100 -13.63 -69.10 -18.44
CA ASP B 100 -12.74 -68.69 -19.53
C ASP B 100 -12.32 -67.23 -19.38
N HIS B 101 -12.03 -66.81 -18.14
CA HIS B 101 -11.78 -65.43 -17.74
C HIS B 101 -11.04 -64.63 -18.80
N PHE B 102 -11.60 -63.46 -19.14
CA PHE B 102 -11.10 -62.69 -20.28
C PHE B 102 -9.65 -62.25 -20.07
N THR B 103 -9.37 -61.59 -18.95
CA THR B 103 -8.07 -61.02 -18.61
C THR B 103 -7.45 -60.31 -19.81
N PRO B 104 -8.00 -59.18 -20.27
CA PRO B 104 -7.40 -58.46 -21.39
C PRO B 104 -6.14 -57.68 -21.02
N THR B 105 -5.68 -57.76 -19.78
CA THR B 105 -4.47 -57.01 -19.39
C THR B 105 -3.25 -57.43 -20.21
N PRO B 106 -2.92 -58.72 -20.35
CA PRO B 106 -1.84 -59.08 -21.29
C PRO B 106 -2.14 -58.66 -22.71
N VAL B 107 -3.40 -58.78 -23.13
CA VAL B 107 -3.78 -58.38 -24.48
C VAL B 107 -3.59 -56.88 -24.67
N SER B 108 -4.00 -56.09 -23.68
CA SER B 108 -3.82 -54.64 -23.76
C SER B 108 -2.34 -54.27 -23.78
N TYR B 109 -1.54 -54.94 -22.95
CA TYR B 109 -0.10 -54.66 -22.92
C TYR B 109 0.56 -54.99 -24.25
N THR B 110 0.19 -56.14 -24.84
CA THR B 110 0.78 -56.52 -26.12
C THR B 110 0.34 -55.61 -27.25
N ALA B 111 -0.94 -55.22 -27.26
CA ALA B 111 -1.45 -54.40 -28.35
C ALA B 111 -0.97 -52.97 -28.23
N GLY B 112 -1.34 -52.29 -27.16
CA GLY B 112 -0.96 -50.90 -26.98
C GLY B 112 0.40 -50.72 -26.35
N PHE B 113 1.36 -51.54 -26.77
CA PHE B 113 2.71 -51.42 -26.23
C PHE B 113 3.32 -50.08 -26.60
N TYR B 114 3.32 -49.73 -27.89
CA TYR B 114 3.85 -48.42 -28.31
C TYR B 114 2.77 -47.35 -28.22
N ARG B 115 1.76 -47.42 -29.09
CA ARG B 115 0.67 -46.45 -29.07
C ARG B 115 -0.69 -47.01 -29.43
N ILE B 116 -0.83 -48.31 -29.67
CA ILE B 116 -2.02 -48.83 -30.36
C ILE B 116 -3.23 -48.73 -29.45
N PRO B 117 -4.32 -48.09 -29.89
CA PRO B 117 -5.54 -48.08 -29.08
C PRO B 117 -6.21 -49.45 -29.04
N VAL B 118 -6.90 -49.71 -27.93
CA VAL B 118 -7.59 -50.97 -27.70
C VAL B 118 -9.04 -50.65 -27.34
N LEU B 119 -9.98 -51.40 -27.93
CA LEU B 119 -11.40 -51.22 -27.67
C LEU B 119 -11.95 -52.46 -27.00
N GLY B 120 -12.63 -52.27 -25.87
CA GLY B 120 -13.20 -53.36 -25.12
C GLY B 120 -14.71 -53.44 -25.26
N LEU B 121 -15.23 -54.67 -25.20
CA LEU B 121 -16.66 -54.93 -25.37
C LEU B 121 -17.30 -55.55 -24.15
N THR B 122 -16.69 -56.57 -23.56
CA THR B 122 -17.27 -57.34 -22.47
C THR B 122 -16.31 -57.38 -21.27
N THR B 123 -15.75 -56.24 -20.92
CA THR B 123 -14.83 -56.13 -19.80
C THR B 123 -15.54 -55.47 -18.62
N ARG B 124 -15.47 -56.11 -17.46
CA ARG B 124 -16.14 -55.65 -16.25
C ARG B 124 -15.15 -55.46 -15.11
N MET B 125 -13.97 -54.93 -15.42
CA MET B 125 -12.93 -54.66 -14.43
C MET B 125 -12.64 -53.17 -14.41
N SER B 126 -12.69 -52.56 -13.23
CA SER B 126 -12.45 -51.14 -13.10
C SER B 126 -10.97 -50.77 -13.21
N ILE B 127 -10.08 -51.76 -13.25
CA ILE B 127 -8.66 -51.47 -13.41
C ILE B 127 -8.40 -50.81 -14.75
N TYR B 128 -9.13 -51.23 -15.79
CA TYR B 128 -8.94 -50.68 -17.12
C TYR B 128 -9.47 -49.27 -17.26
N SER B 129 -10.28 -48.80 -16.31
CA SER B 129 -10.78 -47.43 -16.36
C SER B 129 -9.63 -46.43 -16.23
N ASP B 130 -8.72 -46.69 -15.30
CA ASP B 130 -7.55 -45.83 -15.14
C ASP B 130 -6.53 -46.18 -16.23
N LYS B 131 -6.03 -45.16 -16.92
CA LYS B 131 -5.13 -45.34 -18.04
C LYS B 131 -3.65 -45.29 -17.64
N SER B 132 -3.35 -45.18 -16.34
CA SER B 132 -1.96 -45.27 -15.91
C SER B 132 -1.46 -46.71 -15.99
N ILE B 133 -2.29 -47.68 -15.59
CA ILE B 133 -1.91 -49.08 -15.68
C ILE B 133 -1.89 -49.53 -17.14
N HIS B 134 -2.90 -49.15 -17.91
CA HIS B 134 -2.98 -49.47 -19.33
C HIS B 134 -2.80 -48.19 -20.12
N LEU B 135 -1.65 -48.05 -20.79
CA LEU B 135 -1.32 -46.79 -21.46
C LEU B 135 -2.34 -46.44 -22.53
N SER B 136 -2.76 -47.42 -23.34
CA SER B 136 -3.68 -47.18 -24.44
C SER B 136 -4.74 -48.28 -24.41
N PHE B 137 -5.86 -48.00 -23.75
CA PHE B 137 -6.96 -48.96 -23.65
C PHE B 137 -8.26 -48.21 -23.48
N LEU B 138 -9.25 -48.54 -24.30
CA LEU B 138 -10.59 -47.99 -24.22
C LEU B 138 -11.60 -49.13 -24.24
N ARG B 139 -12.84 -48.81 -23.89
CA ARG B 139 -13.90 -49.81 -23.87
C ARG B 139 -15.25 -49.10 -23.95
N THR B 140 -16.28 -49.89 -24.26
CA THR B 140 -17.64 -49.40 -24.39
C THR B 140 -18.57 -50.00 -23.34
N VAL B 141 -18.04 -50.27 -22.15
CA VAL B 141 -18.84 -50.85 -21.07
C VAL B 141 -18.30 -50.36 -19.72
N PRO B 142 -19.08 -49.61 -18.96
CA PRO B 142 -18.62 -49.16 -17.64
C PRO B 142 -18.83 -50.24 -16.60
N PRO B 143 -17.75 -50.76 -16.02
CA PRO B 143 -17.90 -51.85 -15.03
C PRO B 143 -18.63 -51.43 -13.77
N TYR B 144 -18.13 -50.39 -13.08
CA TYR B 144 -18.72 -49.98 -11.81
C TYR B 144 -18.88 -48.47 -11.64
N SER B 145 -18.26 -47.64 -12.47
CA SER B 145 -18.45 -46.20 -12.33
C SER B 145 -19.90 -45.81 -12.58
N HIS B 146 -20.47 -46.27 -13.70
CA HIS B 146 -21.87 -46.01 -13.98
C HIS B 146 -22.78 -46.77 -13.01
N GLN B 147 -22.31 -47.90 -12.48
CA GLN B 147 -23.07 -48.60 -11.44
C GLN B 147 -23.24 -47.72 -10.21
N SER B 148 -22.14 -47.10 -9.76
CA SER B 148 -22.22 -46.19 -8.62
C SER B 148 -23.02 -44.94 -8.97
N SER B 149 -22.91 -44.46 -10.21
CA SER B 149 -23.73 -43.33 -10.63
C SER B 149 -25.21 -43.64 -10.55
N VAL B 150 -25.61 -44.82 -11.02
CA VAL B 150 -27.01 -45.23 -10.95
C VAL B 150 -27.45 -45.39 -9.51
N TRP B 151 -26.58 -45.96 -8.66
CA TRP B 151 -26.91 -46.08 -7.24
C TRP B 151 -27.15 -44.72 -6.61
N PHE B 152 -26.27 -43.77 -6.89
CA PHE B 152 -26.41 -42.42 -6.33
C PHE B 152 -27.67 -41.74 -6.84
N GLU B 153 -27.96 -41.87 -8.13
CA GLU B 153 -29.16 -41.25 -8.69
C GLU B 153 -30.42 -41.85 -8.10
N MET B 154 -30.44 -43.18 -7.93
CA MET B 154 -31.58 -43.84 -7.30
C MET B 154 -31.76 -43.38 -5.86
N MET B 155 -30.66 -43.27 -5.11
CA MET B 155 -30.75 -42.79 -3.73
C MET B 155 -31.24 -41.36 -3.68
N ARG B 156 -30.84 -40.54 -4.66
CA ARG B 156 -31.27 -39.15 -4.70
C ARG B 156 -32.76 -39.05 -5.01
N VAL B 157 -33.22 -39.76 -6.04
CA VAL B 157 -34.64 -39.66 -6.42
C VAL B 157 -35.52 -40.27 -5.34
N TYR B 158 -35.06 -41.33 -4.68
CA TYR B 158 -35.79 -41.91 -3.56
C TYR B 158 -35.55 -41.18 -2.25
N SER B 159 -34.61 -40.24 -2.22
CA SER B 159 -34.36 -39.36 -1.08
C SER B 159 -34.03 -40.16 0.19
N TRP B 160 -32.90 -40.87 0.13
CA TRP B 160 -32.33 -41.51 1.30
C TRP B 160 -31.09 -40.75 1.74
N ASN B 161 -31.06 -40.33 3.00
CA ASN B 161 -29.93 -39.55 3.51
C ASN B 161 -28.77 -40.46 3.90
N HIS B 162 -29.00 -41.36 4.87
CA HIS B 162 -27.96 -42.26 5.33
C HIS B 162 -27.77 -43.41 4.35
N ILE B 163 -26.63 -44.09 4.46
CA ILE B 163 -26.30 -45.20 3.58
C ILE B 163 -25.19 -46.01 4.23
N ILE B 164 -25.19 -47.32 3.99
CA ILE B 164 -24.16 -48.23 4.47
C ILE B 164 -23.53 -48.91 3.26
N LEU B 165 -22.20 -48.88 3.20
CA LEU B 165 -21.45 -49.43 2.09
C LEU B 165 -20.66 -50.65 2.54
N LEU B 166 -20.74 -51.74 1.76
CA LEU B 166 -20.03 -52.96 2.08
C LEU B 166 -19.07 -53.34 0.95
N VAL B 167 -18.29 -52.36 0.48
CA VAL B 167 -17.37 -52.59 -0.62
C VAL B 167 -16.33 -53.63 -0.23
N SER B 168 -16.12 -54.61 -1.11
CA SER B 168 -15.14 -55.65 -0.89
C SER B 168 -13.73 -55.15 -1.20
N ASP B 169 -12.74 -55.84 -0.65
CA ASP B 169 -11.33 -55.46 -0.81
C ASP B 169 -10.87 -55.93 -2.19
N ASP B 170 -11.13 -55.10 -3.20
CA ASP B 170 -10.69 -55.34 -4.55
C ASP B 170 -10.56 -54.01 -5.26
N HIS B 171 -9.86 -54.03 -6.41
CA HIS B 171 -9.63 -52.78 -7.15
C HIS B 171 -10.94 -52.18 -7.64
N GLU B 172 -11.82 -53.02 -8.22
CA GLU B 172 -13.10 -52.51 -8.71
C GLU B 172 -13.98 -52.02 -7.56
N GLY B 173 -13.97 -52.74 -6.44
CA GLY B 173 -14.73 -52.28 -5.29
C GLY B 173 -14.23 -50.95 -4.76
N ARG B 174 -12.91 -50.78 -4.68
CA ARG B 174 -12.35 -49.51 -4.22
C ARG B 174 -12.67 -48.39 -5.19
N ALA B 175 -12.62 -48.67 -6.50
CA ALA B 175 -12.99 -47.65 -7.49
C ALA B 175 -14.45 -47.24 -7.35
N ALA B 176 -15.33 -48.22 -7.15
CA ALA B 176 -16.75 -47.92 -6.95
C ALA B 176 -16.96 -47.11 -5.67
N GLN B 177 -16.24 -47.46 -4.61
CA GLN B 177 -16.35 -46.71 -3.36
C GLN B 177 -15.89 -45.27 -3.53
N LYS B 178 -14.77 -45.07 -4.24
CA LYS B 178 -14.29 -43.71 -4.49
C LYS B 178 -15.27 -42.91 -5.33
N ARG B 179 -15.86 -43.55 -6.36
CA ARG B 179 -16.85 -42.87 -7.18
C ARG B 179 -18.08 -42.48 -6.35
N LEU B 180 -18.54 -43.40 -5.50
CA LEU B 180 -19.69 -43.10 -4.66
C LEU B 180 -19.39 -41.96 -3.69
N GLU B 181 -18.20 -41.95 -3.09
CA GLU B 181 -17.83 -40.87 -2.20
C GLU B 181 -17.76 -39.53 -2.93
N THR B 182 -17.17 -39.53 -4.13
CA THR B 182 -17.10 -38.29 -4.90
C THR B 182 -18.49 -37.79 -5.27
N LEU B 183 -19.40 -38.69 -5.62
CA LEU B 183 -20.78 -38.29 -5.90
C LEU B 183 -21.46 -37.75 -4.65
N LEU B 184 -21.20 -38.37 -3.50
CA LEU B 184 -21.76 -37.89 -2.24
C LEU B 184 -21.16 -36.56 -1.81
N GLU B 185 -20.00 -36.17 -2.34
CA GLU B 185 -19.40 -34.90 -1.96
C GLU B 185 -20.30 -33.72 -2.30
N GLU B 186 -21.06 -33.81 -3.39
CA GLU B 186 -21.96 -32.71 -3.77
C GLU B 186 -23.02 -32.49 -2.71
N ARG B 187 -23.61 -33.57 -2.19
CA ARG B 187 -24.65 -33.47 -1.17
C ARG B 187 -24.09 -33.54 0.25
N GLU B 188 -22.77 -33.64 0.40
CA GLU B 188 -22.11 -33.72 1.70
C GLU B 188 -22.63 -34.86 2.56
N SER B 189 -22.97 -36.00 1.93
CA SER B 189 -23.45 -37.15 2.67
C SER B 189 -22.30 -38.12 2.94
N LYS B 190 -22.27 -38.65 4.16
CA LYS B 190 -21.23 -39.56 4.60
C LYS B 190 -21.86 -40.85 5.09
N ALA B 191 -21.34 -41.98 4.61
CA ALA B 191 -21.83 -43.28 5.04
C ALA B 191 -21.45 -43.54 6.50
N GLU B 192 -22.32 -44.27 7.19
CA GLU B 192 -22.06 -44.60 8.59
C GLU B 192 -20.81 -45.46 8.73
N LYS B 193 -20.63 -46.43 7.84
CA LYS B 193 -19.45 -47.29 7.85
C LYS B 193 -19.04 -47.60 6.42
N VAL B 194 -17.77 -47.36 6.11
CA VAL B 194 -17.25 -47.57 4.76
C VAL B 194 -16.17 -48.65 4.84
N LEU B 195 -16.34 -49.61 5.75
CA LEU B 195 -15.34 -50.64 5.99
C LEU B 195 -15.07 -51.45 4.73
N GLN B 196 -13.91 -52.10 4.71
CA GLN B 196 -13.46 -52.89 3.57
C GLN B 196 -13.62 -54.37 3.89
N PHE B 197 -14.22 -55.11 2.96
CA PHE B 197 -14.48 -56.54 3.14
C PHE B 197 -13.42 -57.34 2.39
N ASP B 198 -12.62 -58.10 3.14
CA ASP B 198 -11.58 -58.92 2.53
C ASP B 198 -12.22 -60.06 1.74
N PRO B 199 -11.80 -60.30 0.50
CA PRO B 199 -12.36 -61.41 -0.27
C PRO B 199 -12.02 -62.74 0.37
N GLY B 200 -12.96 -63.69 0.27
CA GLY B 200 -12.78 -65.00 0.85
C GLY B 200 -13.10 -65.08 2.33
N THR B 201 -13.53 -63.99 2.95
CA THR B 201 -13.88 -64.02 4.36
C THR B 201 -15.11 -64.89 4.59
N LYS B 202 -15.04 -65.74 5.61
CA LYS B 202 -16.10 -66.71 5.89
C LYS B 202 -17.04 -66.27 7.02
N ASN B 203 -16.53 -65.55 8.02
CA ASN B 203 -17.37 -65.16 9.16
C ASN B 203 -18.49 -64.22 8.72
N VAL B 204 -18.14 -63.03 8.24
CA VAL B 204 -19.10 -62.06 7.69
C VAL B 204 -20.06 -61.55 8.76
N THR B 205 -20.54 -62.45 9.61
CA THR B 205 -21.56 -62.10 10.60
C THR B 205 -21.12 -60.96 11.50
N ALA B 206 -19.83 -60.89 11.84
CA ALA B 206 -19.35 -59.79 12.66
C ALA B 206 -19.52 -58.45 11.94
N LEU B 207 -19.15 -58.41 10.66
CA LEU B 207 -19.31 -57.19 9.89
C LEU B 207 -20.78 -56.83 9.72
N LEU B 208 -21.64 -57.84 9.53
CA LEU B 208 -23.07 -57.58 9.41
C LEU B 208 -23.63 -57.02 10.71
N MET B 209 -23.18 -57.55 11.85
CA MET B 209 -23.63 -57.02 13.14
C MET B 209 -23.14 -55.59 13.34
N GLU B 210 -21.91 -55.29 12.93
CA GLU B 210 -21.41 -53.92 13.00
C GLU B 210 -22.24 -52.99 12.14
N ALA B 211 -22.62 -53.44 10.94
CA ALA B 211 -23.48 -52.64 10.07
C ALA B 211 -24.86 -52.43 10.69
N LYS B 212 -25.40 -53.47 11.32
CA LYS B 212 -26.71 -53.35 11.98
C LYS B 212 -26.64 -52.33 13.12
N GLU B 213 -25.56 -52.35 13.90
CA GLU B 213 -25.38 -51.40 15.01
C GLU B 213 -24.94 -50.04 14.46
N LEU B 214 -25.81 -49.46 13.63
CA LEU B 214 -25.56 -48.16 13.02
C LEU B 214 -26.87 -47.42 12.88
N GLU B 215 -26.77 -46.12 12.65
CA GLU B 215 -27.96 -45.27 12.48
C GLU B 215 -28.66 -45.50 11.15
N ALA B 216 -28.06 -46.24 10.23
CA ALA B 216 -28.61 -46.47 8.91
C ALA B 216 -29.05 -47.92 8.75
N ARG B 217 -29.92 -48.14 7.77
CA ARG B 217 -30.42 -49.49 7.47
C ARG B 217 -30.44 -49.83 6.00
N VAL B 218 -29.96 -48.95 5.12
CA VAL B 218 -29.85 -49.22 3.69
C VAL B 218 -28.42 -49.63 3.38
N ILE B 219 -28.27 -50.78 2.71
CA ILE B 219 -26.97 -51.39 2.49
C ILE B 219 -26.72 -51.50 0.98
N ILE B 220 -25.57 -51.01 0.54
CA ILE B 220 -25.10 -51.18 -0.83
C ILE B 220 -23.86 -52.06 -0.80
N LEU B 221 -23.88 -53.13 -1.59
CA LEU B 221 -22.81 -54.12 -1.58
C LEU B 221 -22.29 -54.34 -3.00
N SER B 222 -21.00 -54.66 -3.09
CA SER B 222 -20.36 -54.95 -4.36
C SER B 222 -19.19 -55.89 -4.11
N ALA B 223 -19.29 -57.12 -4.59
CA ALA B 223 -18.26 -58.14 -4.38
C ALA B 223 -18.38 -59.19 -5.46
N SER B 224 -17.66 -60.30 -5.29
CA SER B 224 -17.70 -61.39 -6.25
C SER B 224 -18.91 -62.28 -5.98
N GLU B 225 -19.04 -63.34 -6.78
CA GLU B 225 -20.20 -64.22 -6.65
C GLU B 225 -20.16 -65.01 -5.34
N ASP B 226 -19.00 -65.59 -5.02
CA ASP B 226 -18.88 -66.37 -3.79
C ASP B 226 -19.03 -65.48 -2.56
N ASP B 227 -18.43 -64.28 -2.59
CA ASP B 227 -18.57 -63.36 -1.47
C ASP B 227 -20.02 -62.92 -1.32
N ALA B 228 -20.71 -62.67 -2.44
CA ALA B 228 -22.12 -62.30 -2.38
C ALA B 228 -22.96 -63.41 -1.79
N ALA B 229 -22.70 -64.66 -2.20
CA ALA B 229 -23.44 -65.79 -1.63
C ALA B 229 -23.18 -65.91 -0.13
N THR B 230 -21.93 -65.74 0.29
CA THR B 230 -21.59 -65.85 1.70
C THR B 230 -22.28 -64.75 2.52
N VAL B 231 -22.26 -63.51 2.03
CA VAL B 231 -22.90 -62.44 2.77
C VAL B 231 -24.42 -62.62 2.77
N TYR B 232 -24.99 -63.15 1.68
CA TYR B 232 -26.43 -63.39 1.65
C TYR B 232 -26.83 -64.46 2.67
N ARG B 233 -26.07 -65.55 2.75
CA ARG B 233 -26.42 -66.58 3.72
C ARG B 233 -26.18 -66.11 5.15
N ALA B 234 -25.15 -65.30 5.37
CA ALA B 234 -24.93 -64.73 6.70
C ALA B 234 -26.07 -63.79 7.09
N ALA B 235 -26.54 -62.98 6.14
CA ALA B 235 -27.68 -62.11 6.40
C ALA B 235 -28.94 -62.93 6.69
N ALA B 236 -29.14 -64.01 5.94
CA ALA B 236 -30.30 -64.87 6.19
C ALA B 236 -30.25 -65.49 7.57
N MET B 237 -29.07 -65.97 7.99
CA MET B 237 -28.95 -66.56 9.32
C MET B 237 -28.96 -65.52 10.43
N LEU B 238 -28.71 -64.25 10.10
CA LEU B 238 -28.77 -63.17 11.07
C LEU B 238 -30.09 -62.40 11.02
N ASN B 239 -31.08 -62.91 10.30
CA ASN B 239 -32.41 -62.30 10.21
C ASN B 239 -32.33 -60.87 9.66
N MET B 240 -31.82 -60.77 8.43
CA MET B 240 -31.73 -59.51 7.73
C MET B 240 -32.83 -59.32 6.69
N THR B 241 -33.86 -60.16 6.73
CA THR B 241 -34.99 -60.06 5.80
C THR B 241 -36.18 -59.33 6.41
N GLY B 242 -36.00 -58.69 7.56
CA GLY B 242 -37.07 -57.99 8.22
C GLY B 242 -37.35 -56.62 7.62
N SER B 243 -38.23 -55.88 8.29
CA SER B 243 -38.64 -54.58 7.80
C SER B 243 -37.48 -53.58 7.87
N GLY B 244 -37.54 -52.59 7.00
CA GLY B 244 -36.51 -51.56 6.95
C GLY B 244 -35.16 -52.05 6.49
N TYR B 245 -35.12 -52.92 5.49
CA TYR B 245 -33.87 -53.44 4.93
C TYR B 245 -33.94 -53.34 3.42
N VAL B 246 -33.02 -52.57 2.83
CA VAL B 246 -32.96 -52.35 1.39
C VAL B 246 -31.57 -52.73 0.90
N TRP B 247 -31.51 -53.53 -0.16
CA TRP B 247 -30.26 -53.97 -0.74
C TRP B 247 -30.14 -53.43 -2.17
N LEU B 248 -28.99 -52.88 -2.50
CA LEU B 248 -28.73 -52.26 -3.80
C LEU B 248 -27.48 -52.87 -4.43
N VAL B 249 -27.41 -54.20 -4.41
CA VAL B 249 -26.23 -54.89 -4.93
C VAL B 249 -26.16 -54.73 -6.45
N GLY B 250 -24.97 -54.93 -6.99
CA GLY B 250 -24.72 -54.74 -8.40
C GLY B 250 -25.20 -55.89 -9.27
N GLU B 251 -24.94 -55.76 -10.57
CA GLU B 251 -25.40 -56.74 -11.53
C GLU B 251 -24.63 -58.06 -11.42
N ARG B 252 -23.35 -58.00 -11.06
CA ARG B 252 -22.53 -59.22 -11.04
C ARG B 252 -23.01 -60.20 -9.98
N GLU B 253 -23.64 -59.72 -8.91
CA GLU B 253 -24.05 -60.57 -7.79
C GLU B 253 -25.48 -61.09 -7.94
N ILE B 254 -25.98 -61.21 -9.16
CA ILE B 254 -27.34 -61.70 -9.39
C ILE B 254 -27.27 -62.98 -10.22
N SER B 255 -26.20 -63.74 -10.07
CA SER B 255 -26.02 -64.98 -10.82
C SER B 255 -25.44 -66.05 -9.91
N GLY B 256 -25.75 -67.31 -10.25
CA GLY B 256 -25.18 -68.43 -9.52
C GLY B 256 -25.70 -68.54 -8.11
N ASN B 257 -24.83 -69.00 -7.20
CA ASN B 257 -25.23 -69.15 -5.81
C ASN B 257 -25.62 -67.83 -5.18
N ALA B 258 -25.03 -66.72 -5.65
CA ALA B 258 -25.45 -65.41 -5.17
C ALA B 258 -26.91 -65.15 -5.48
N LEU B 259 -27.34 -65.46 -6.72
CA LEU B 259 -28.74 -65.32 -7.08
C LEU B 259 -29.61 -66.30 -6.29
N ARG B 260 -29.12 -67.52 -6.08
CA ARG B 260 -29.90 -68.51 -5.35
C ARG B 260 -30.16 -68.10 -3.92
N TYR B 261 -29.14 -67.54 -3.25
CA TYR B 261 -29.23 -67.16 -1.85
C TYR B 261 -29.66 -65.71 -1.64
N ALA B 262 -29.83 -64.95 -2.71
CA ALA B 262 -30.23 -63.55 -2.58
C ALA B 262 -31.67 -63.46 -2.08
N PRO B 263 -31.92 -62.75 -0.98
CA PRO B 263 -33.30 -62.60 -0.51
C PRO B 263 -34.13 -61.76 -1.48
N ASP B 264 -35.42 -62.03 -1.50
CA ASP B 264 -36.33 -61.30 -2.38
C ASP B 264 -36.40 -59.84 -1.97
N GLY B 265 -36.43 -58.96 -2.96
CA GLY B 265 -36.50 -57.53 -2.72
C GLY B 265 -35.23 -56.76 -3.00
N ILE B 266 -34.19 -57.39 -3.56
CA ILE B 266 -32.95 -56.70 -3.87
C ILE B 266 -33.11 -55.95 -5.18
N LEU B 267 -32.85 -54.64 -5.16
CA LEU B 267 -32.97 -53.80 -6.35
C LEU B 267 -31.64 -53.79 -7.10
N GLY B 268 -31.34 -54.94 -7.72
CA GLY B 268 -30.14 -55.06 -8.52
C GLY B 268 -30.25 -54.35 -9.85
N LEU B 269 -29.11 -54.19 -10.50
CA LEU B 269 -29.04 -53.52 -11.79
C LEU B 269 -28.82 -54.53 -12.91
N GLN B 270 -29.08 -54.09 -14.14
CA GLN B 270 -28.90 -54.94 -15.31
C GLN B 270 -28.82 -54.06 -16.55
N LEU B 271 -27.88 -54.38 -17.44
CA LEU B 271 -27.72 -53.62 -18.66
C LEU B 271 -28.85 -53.91 -19.64
N ILE B 272 -29.25 -52.89 -20.39
CA ILE B 272 -30.23 -53.03 -21.47
C ILE B 272 -29.46 -53.01 -22.77
N ASN B 273 -29.49 -54.12 -23.50
CA ASN B 273 -28.75 -54.30 -24.75
C ASN B 273 -27.24 -54.14 -24.56
N GLY B 274 -26.78 -54.16 -23.32
CA GLY B 274 -25.36 -54.03 -23.04
C GLY B 274 -24.64 -55.36 -22.98
N LYS B 275 -25.40 -56.44 -22.85
CA LYS B 275 -24.85 -57.79 -22.86
C LYS B 275 -24.92 -58.44 -24.23
N ASN B 276 -25.44 -57.75 -25.23
CA ASN B 276 -25.55 -58.30 -26.58
C ASN B 276 -24.19 -58.19 -27.26
N GLU B 277 -23.51 -59.34 -27.41
CA GLU B 277 -22.19 -59.34 -28.02
C GLU B 277 -22.23 -58.87 -29.46
N SER B 278 -23.26 -59.27 -30.20
CA SER B 278 -23.39 -58.85 -31.60
C SER B 278 -23.54 -57.34 -31.70
N ALA B 279 -24.41 -56.76 -30.87
CA ALA B 279 -24.58 -55.31 -30.89
C ALA B 279 -23.30 -54.60 -30.49
N HIS B 280 -22.62 -55.09 -29.45
CA HIS B 280 -21.39 -54.46 -29.00
C HIS B 280 -20.32 -54.51 -30.09
N ILE B 281 -20.15 -55.65 -30.75
CA ILE B 281 -19.11 -55.77 -31.77
C ILE B 281 -19.47 -54.92 -32.98
N SER B 282 -20.75 -54.85 -33.35
CA SER B 282 -21.15 -53.99 -34.46
C SER B 282 -20.87 -52.53 -34.15
N ASP B 283 -21.20 -52.08 -32.93
CA ASP B 283 -20.92 -50.71 -32.56
C ASP B 283 -19.42 -50.43 -32.54
N ALA B 284 -18.63 -51.38 -32.03
CA ALA B 284 -17.18 -51.21 -31.99
C ALA B 284 -16.60 -51.11 -33.40
N VAL B 285 -17.06 -51.97 -34.32
CA VAL B 285 -16.58 -51.90 -35.69
C VAL B 285 -16.96 -50.57 -36.32
N GLY B 286 -18.19 -50.12 -36.09
CA GLY B 286 -18.62 -48.84 -36.65
C GLY B 286 -17.79 -47.68 -36.16
N VAL B 287 -17.57 -47.60 -34.85
CA VAL B 287 -16.82 -46.49 -34.29
C VAL B 287 -15.36 -46.55 -34.71
N VAL B 288 -14.79 -47.75 -34.79
CA VAL B 288 -13.40 -47.89 -35.23
C VAL B 288 -13.26 -47.44 -36.68
N ALA B 289 -14.18 -47.86 -37.54
CA ALA B 289 -14.13 -47.45 -38.94
C ALA B 289 -14.29 -45.94 -39.07
N GLN B 290 -15.22 -45.36 -38.32
CA GLN B 290 -15.42 -43.91 -38.37
C GLN B 290 -14.17 -43.16 -37.91
N ALA B 291 -13.55 -43.61 -36.83
CA ALA B 291 -12.33 -42.96 -36.34
C ALA B 291 -11.19 -43.11 -37.34
N VAL B 292 -11.05 -44.28 -37.96
CA VAL B 292 -10.00 -44.48 -38.95
C VAL B 292 -10.21 -43.57 -40.15
N HIS B 293 -11.46 -43.45 -40.62
CA HIS B 293 -11.74 -42.58 -41.74
C HIS B 293 -11.48 -41.12 -41.39
N GLU B 294 -11.86 -40.70 -40.18
CA GLU B 294 -11.59 -39.32 -39.76
C GLU B 294 -10.10 -39.05 -39.68
N LEU B 295 -9.32 -40.00 -39.15
CA LEU B 295 -7.87 -39.82 -39.08
C LEU B 295 -7.25 -39.77 -40.48
N LEU B 296 -7.75 -40.60 -41.40
CA LEU B 296 -7.25 -40.57 -42.78
C LEU B 296 -7.56 -39.24 -43.44
N GLU B 297 -8.76 -38.69 -43.21
CA GLU B 297 -9.15 -37.43 -43.83
C GLU B 297 -8.63 -36.22 -43.07
N LYS B 298 -8.03 -36.40 -41.89
CA LYS B 298 -7.57 -35.28 -41.08
C LYS B 298 -6.10 -34.95 -41.35
N GLU B 299 -5.21 -35.91 -41.12
CA GLU B 299 -3.77 -35.68 -41.27
C GLU B 299 -3.10 -36.99 -41.64
N ASN B 300 -1.77 -36.97 -41.68
CA ASN B 300 -1.00 -38.15 -42.04
C ASN B 300 -1.02 -39.18 -40.90
N ILE B 301 -0.76 -40.44 -41.27
CA ILE B 301 -0.71 -41.55 -40.34
C ILE B 301 0.67 -42.20 -40.43
N THR B 302 1.33 -42.33 -39.29
CA THR B 302 2.64 -42.96 -39.26
C THR B 302 2.51 -44.48 -39.40
N ASP B 303 3.57 -45.10 -39.92
CA ASP B 303 3.55 -46.53 -40.18
C ASP B 303 3.69 -47.30 -38.87
N PRO B 304 2.78 -48.24 -38.59
CA PRO B 304 2.92 -49.07 -37.39
C PRO B 304 4.16 -49.95 -37.50
N PRO B 305 4.73 -50.37 -36.37
CA PRO B 305 5.92 -51.22 -36.41
C PRO B 305 5.67 -52.51 -37.18
N ARG B 306 6.38 -52.68 -38.29
CA ARG B 306 6.21 -53.86 -39.12
C ARG B 306 6.88 -55.08 -38.52
N GLY B 307 8.05 -54.90 -37.91
CA GLY B 307 8.83 -56.01 -37.37
C GLY B 307 8.54 -56.25 -35.90
N CYS B 308 8.43 -57.53 -35.53
CA CYS B 308 8.20 -57.91 -34.14
C CYS B 308 9.47 -57.95 -33.32
N VAL B 309 10.65 -57.95 -33.96
CA VAL B 309 11.93 -58.00 -33.27
C VAL B 309 12.78 -56.84 -33.76
N GLY B 310 13.36 -56.09 -32.82
CA GLY B 310 14.23 -54.99 -33.18
C GLY B 310 13.55 -53.72 -33.62
N ASN B 311 12.26 -53.55 -33.28
CA ASN B 311 11.54 -52.35 -33.68
C ASN B 311 11.01 -51.60 -32.46
N THR B 312 11.84 -51.44 -31.44
CA THR B 312 11.47 -50.72 -30.22
C THR B 312 11.50 -49.22 -30.54
N ASN B 313 10.33 -48.62 -30.71
CA ASN B 313 10.22 -47.21 -31.06
C ASN B 313 8.85 -46.72 -30.63
N ILE B 314 8.46 -45.55 -31.12
CA ILE B 314 7.17 -44.94 -30.81
C ILE B 314 6.40 -44.73 -32.11
N TRP B 315 5.07 -44.76 -32.01
CA TRP B 315 4.22 -44.63 -33.18
C TRP B 315 3.84 -43.19 -33.50
N LYS B 316 3.84 -42.30 -32.50
CA LYS B 316 3.61 -40.86 -32.63
C LYS B 316 2.19 -40.51 -33.06
N THR B 317 1.28 -41.47 -33.16
CA THR B 317 -0.10 -41.19 -33.52
C THR B 317 -1.10 -41.74 -32.51
N GLY B 318 -0.64 -42.32 -31.41
CA GLY B 318 -1.51 -42.82 -30.38
C GLY B 318 -2.38 -41.76 -29.72
N PRO B 319 -1.78 -40.64 -29.31
CA PRO B 319 -2.62 -39.53 -28.80
C PRO B 319 -3.59 -38.99 -29.83
N LEU B 320 -3.20 -38.94 -31.11
CA LEU B 320 -4.14 -38.50 -32.14
C LEU B 320 -5.31 -39.46 -32.27
N PHE B 321 -5.04 -40.76 -32.24
CA PHE B 321 -6.12 -41.75 -32.31
C PHE B 321 -7.01 -41.64 -31.08
N LYS B 322 -6.42 -41.42 -29.90
CA LYS B 322 -7.22 -41.25 -28.69
C LYS B 322 -8.12 -40.02 -28.79
N ARG B 323 -7.58 -38.92 -29.32
CA ARG B 323 -8.40 -37.71 -29.48
C ARG B 323 -9.52 -37.94 -30.47
N VAL B 324 -9.24 -38.60 -31.59
CA VAL B 324 -10.28 -38.82 -32.60
C VAL B 324 -11.33 -39.80 -32.09
N LEU B 325 -10.95 -40.73 -31.22
CA LEU B 325 -11.93 -41.62 -30.61
C LEU B 325 -12.77 -40.90 -29.57
N MET B 326 -12.14 -39.99 -28.82
CA MET B 326 -12.89 -39.19 -27.84
C MET B 326 -13.90 -38.29 -28.53
N SER B 327 -13.52 -37.67 -29.64
CA SER B 327 -14.41 -36.79 -30.38
C SER B 327 -15.40 -37.55 -31.25
N SER B 328 -15.21 -38.85 -31.45
CA SER B 328 -16.11 -39.63 -32.29
C SER B 328 -17.44 -39.84 -31.57
N LYS B 329 -18.54 -39.61 -32.29
CA LYS B 329 -19.88 -39.82 -31.78
C LYS B 329 -20.61 -40.80 -32.69
N TYR B 330 -21.31 -41.76 -32.11
CA TYR B 330 -22.04 -42.78 -32.84
C TYR B 330 -23.51 -42.69 -32.45
N ALA B 331 -24.27 -41.91 -33.22
CA ALA B 331 -25.70 -41.73 -32.98
C ALA B 331 -26.56 -42.54 -33.94
N ASP B 332 -25.98 -43.53 -34.62
CA ASP B 332 -26.74 -44.34 -35.57
C ASP B 332 -27.85 -45.12 -34.87
N GLY B 333 -27.54 -45.69 -33.70
CA GLY B 333 -28.53 -46.45 -32.96
C GLY B 333 -27.99 -47.70 -32.33
N VAL B 334 -28.68 -48.82 -32.54
CA VAL B 334 -28.29 -50.14 -32.01
C VAL B 334 -28.28 -50.10 -30.49
N THR B 335 -27.36 -49.34 -29.91
CA THR B 335 -27.26 -49.16 -28.46
C THR B 335 -27.72 -47.77 -28.03
N GLY B 336 -28.42 -47.06 -28.88
CA GLY B 336 -28.84 -45.70 -28.59
C GLY B 336 -27.81 -44.67 -28.99
N ARG B 337 -26.70 -44.61 -28.25
CA ARG B 337 -25.61 -43.70 -28.56
C ARG B 337 -24.35 -44.20 -27.89
N VAL B 338 -23.21 -43.80 -28.45
CA VAL B 338 -21.90 -44.20 -27.96
C VAL B 338 -21.12 -42.93 -27.61
N GLU B 339 -20.71 -42.83 -26.36
CA GLU B 339 -19.89 -41.71 -25.90
C GLU B 339 -18.79 -42.24 -24.98
N PHE B 340 -17.68 -41.51 -24.92
CA PHE B 340 -16.52 -41.91 -24.15
C PHE B 340 -16.26 -40.88 -23.05
N ASN B 341 -16.04 -41.37 -21.83
CA ASN B 341 -15.72 -40.52 -20.70
C ASN B 341 -14.21 -40.24 -20.68
N GLU B 342 -13.75 -39.56 -19.64
CA GLU B 342 -12.32 -39.31 -19.48
C GLU B 342 -11.54 -40.60 -19.21
N ASP B 343 -12.23 -41.65 -18.75
CA ASP B 343 -11.61 -42.95 -18.52
C ASP B 343 -11.75 -43.89 -19.71
N GLY B 344 -12.29 -43.42 -20.82
CA GLY B 344 -12.48 -44.25 -21.99
C GLY B 344 -13.52 -45.34 -21.80
N ASP B 345 -14.60 -45.04 -21.09
CA ASP B 345 -15.71 -45.97 -20.88
C ASP B 345 -16.97 -45.40 -21.52
N ARG B 346 -17.97 -46.27 -21.69
CA ARG B 346 -19.24 -45.86 -22.25
C ARG B 346 -19.93 -44.85 -21.34
N LYS B 347 -20.45 -43.79 -21.92
CA LYS B 347 -21.14 -42.74 -21.18
C LYS B 347 -22.64 -42.86 -21.38
N PHE B 348 -23.39 -42.62 -20.30
CA PHE B 348 -24.85 -42.73 -20.32
C PHE B 348 -25.31 -44.10 -20.78
N ALA B 349 -24.66 -45.15 -20.28
CA ALA B 349 -25.03 -46.51 -20.62
C ALA B 349 -26.42 -46.83 -20.06
N ASN B 350 -27.14 -47.66 -20.79
CA ASN B 350 -28.51 -48.01 -20.42
C ASN B 350 -28.49 -49.06 -19.31
N TYR B 351 -29.11 -48.73 -18.18
CA TYR B 351 -29.18 -49.61 -17.02
C TYR B 351 -30.63 -49.85 -16.64
N SER B 352 -30.94 -51.07 -16.22
CA SER B 352 -32.28 -51.44 -15.78
C SER B 352 -32.21 -51.97 -14.36
N ILE B 353 -33.08 -51.46 -13.50
CA ILE B 353 -33.15 -51.93 -12.11
C ILE B 353 -33.92 -53.24 -12.08
N MET B 354 -33.25 -54.31 -11.66
CA MET B 354 -33.84 -55.64 -11.61
C MET B 354 -34.14 -55.99 -10.16
N ASN B 355 -35.41 -56.26 -9.86
CA ASN B 355 -35.86 -56.59 -8.53
C ASN B 355 -36.18 -58.07 -8.45
N LEU B 356 -35.60 -58.77 -7.48
CA LEU B 356 -35.84 -60.19 -7.28
C LEU B 356 -37.12 -60.35 -6.46
N GLN B 357 -38.19 -60.82 -7.10
CA GLN B 357 -39.49 -60.99 -6.45
C GLN B 357 -39.86 -62.47 -6.51
N ASN B 358 -39.92 -63.11 -5.34
CA ASN B 358 -40.25 -64.54 -5.23
C ASN B 358 -39.34 -65.39 -6.11
N ARG B 359 -38.04 -65.13 -6.00
CA ARG B 359 -37.00 -65.81 -6.78
C ARG B 359 -37.16 -65.59 -8.28
N LYS B 360 -37.84 -64.52 -8.68
CA LYS B 360 -38.02 -64.17 -10.08
C LYS B 360 -37.56 -62.73 -10.29
N LEU B 361 -36.73 -62.51 -11.31
CA LEU B 361 -36.22 -61.18 -11.60
C LEU B 361 -37.30 -60.33 -12.25
N VAL B 362 -37.49 -59.12 -11.72
CA VAL B 362 -38.51 -58.20 -12.20
C VAL B 362 -37.84 -56.86 -12.48
N GLN B 363 -38.10 -56.30 -13.67
CA GLN B 363 -37.52 -55.03 -14.07
C GLN B 363 -38.51 -53.91 -13.76
N VAL B 364 -38.08 -52.93 -12.95
CA VAL B 364 -38.94 -51.83 -12.56
C VAL B 364 -38.31 -50.51 -13.00
N GLY B 365 -37.11 -50.23 -12.49
CA GLY B 365 -36.46 -48.97 -12.81
C GLY B 365 -35.79 -49.00 -14.18
N ILE B 366 -35.92 -47.89 -14.90
CA ILE B 366 -35.33 -47.73 -16.22
C ILE B 366 -34.36 -46.55 -16.18
N TYR B 367 -33.13 -46.77 -16.63
CA TYR B 367 -32.11 -45.74 -16.67
C TYR B 367 -31.41 -45.79 -18.02
N ASN B 368 -31.81 -44.91 -18.94
CA ASN B 368 -31.12 -44.76 -20.22
C ASN B 368 -30.08 -43.66 -20.16
N GLY B 369 -30.52 -42.43 -19.85
CA GLY B 369 -29.59 -41.34 -19.61
C GLY B 369 -30.11 -40.36 -18.58
N THR B 370 -29.36 -40.20 -17.49
CA THR B 370 -29.65 -39.29 -16.38
C THR B 370 -31.15 -39.21 -16.03
N HIS B 371 -31.84 -40.35 -16.08
CA HIS B 371 -33.27 -40.39 -15.78
C HIS B 371 -33.61 -41.75 -15.18
N VAL B 372 -34.51 -41.74 -14.20
CA VAL B 372 -35.01 -42.96 -13.58
C VAL B 372 -36.51 -43.03 -13.82
N ILE B 373 -36.96 -44.09 -14.47
CA ILE B 373 -38.36 -44.29 -14.82
C ILE B 373 -38.81 -45.62 -14.25
N PRO B 374 -39.48 -45.62 -13.09
CA PRO B 374 -40.01 -46.87 -12.56
C PRO B 374 -41.16 -47.40 -13.41
N ASN B 375 -41.32 -48.71 -13.40
CA ASN B 375 -42.38 -49.36 -14.16
C ASN B 375 -43.66 -49.42 -13.34
N ASP B 376 -44.70 -50.02 -13.93
CA ASP B 376 -45.98 -50.14 -13.23
C ASP B 376 -45.87 -51.03 -12.01
N ARG B 377 -45.09 -52.11 -12.11
CA ARG B 377 -44.94 -53.04 -10.99
C ARG B 377 -44.21 -52.35 -9.83
N LYS B 378 -44.74 -52.53 -8.62
CA LYS B 378 -44.16 -51.91 -7.45
C LYS B 378 -42.87 -52.59 -7.06
N ILE B 379 -41.88 -51.79 -6.62
CA ILE B 379 -40.60 -52.30 -6.16
C ILE B 379 -40.78 -52.79 -4.73
N ILE B 380 -41.00 -54.09 -4.55
CA ILE B 380 -41.22 -54.63 -3.21
C ILE B 380 -39.90 -54.64 -2.43
N TRP B 381 -40.03 -54.85 -1.13
CA TRP B 381 -38.91 -54.85 -0.20
C TRP B 381 -38.86 -56.17 0.55
N PRO B 382 -37.68 -56.57 1.05
CA PRO B 382 -37.59 -57.82 1.82
C PRO B 382 -38.49 -57.84 3.05
N GLY B 383 -38.68 -56.70 3.71
CA GLY B 383 -39.53 -56.66 4.88
C GLY B 383 -40.90 -56.08 4.62
N GLY B 384 -41.90 -56.94 4.49
CA GLY B 384 -43.27 -56.52 4.30
C GLY B 384 -43.70 -56.30 2.86
N GLU B 385 -42.75 -56.15 1.95
CA GLU B 385 -43.01 -55.94 0.52
C GLU B 385 -43.91 -54.74 0.26
N THR B 386 -44.01 -53.82 1.21
CA THR B 386 -44.87 -52.64 1.09
C THR B 386 -44.13 -51.43 1.65
N GLU B 387 -44.76 -50.27 1.53
CA GLU B 387 -44.25 -49.01 2.07
C GLU B 387 -42.91 -48.62 1.46
N LYS B 388 -42.31 -47.55 1.98
CA LYS B 388 -41.01 -47.05 1.52
C LYS B 388 -40.08 -46.95 2.71
N PRO B 389 -39.33 -48.00 3.04
CA PRO B 389 -38.41 -47.94 4.18
C PRO B 389 -37.37 -46.84 3.98
N ARG B 390 -37.14 -46.05 5.03
CA ARG B 390 -36.21 -44.95 4.95
C ARG B 390 -34.77 -45.36 5.23
N GLY B 391 -34.54 -46.59 5.66
CA GLY B 391 -33.18 -47.04 5.95
C GLY B 391 -32.51 -46.27 7.07
N TYR B 392 -33.25 -45.98 8.13
CA TYR B 392 -32.73 -45.22 9.25
C TYR B 392 -33.36 -45.72 10.54
N GLN B 393 -32.52 -46.03 11.52
CA GLN B 393 -32.97 -46.44 12.85
C GLN B 393 -32.23 -45.63 13.90
N MET B 394 -32.93 -45.31 14.98
CA MET B 394 -32.36 -44.52 16.07
C MET B 394 -32.25 -45.33 17.36
N SER B 395 -33.36 -45.91 17.81
CA SER B 395 -33.47 -46.75 19.01
C SER B 395 -33.27 -45.96 20.31
N THR B 396 -32.97 -44.67 20.22
CA THR B 396 -32.84 -43.79 21.39
C THR B 396 -31.85 -44.33 22.42
N ARG B 397 -30.74 -44.92 21.94
CA ARG B 397 -29.74 -45.44 22.86
C ARG B 397 -28.96 -44.30 23.52
N LEU B 398 -28.25 -43.51 22.70
CA LEU B 398 -27.53 -42.33 23.17
C LEU B 398 -26.50 -42.71 24.24
N LYS B 399 -25.51 -43.48 23.81
CA LYS B 399 -24.38 -43.81 24.68
C LYS B 399 -23.72 -42.54 25.20
N ILE B 400 -23.78 -42.32 26.51
CA ILE B 400 -23.28 -41.10 27.12
C ILE B 400 -21.86 -41.33 27.62
N VAL B 401 -20.96 -40.40 27.26
CA VAL B 401 -19.57 -40.42 27.71
C VAL B 401 -19.33 -39.17 28.55
N THR B 402 -18.80 -39.37 29.76
CA THR B 402 -18.59 -38.28 30.70
C THR B 402 -17.18 -38.36 31.28
N ILE B 403 -16.76 -37.27 31.91
CA ILE B 403 -15.45 -37.15 32.53
C ILE B 403 -15.64 -36.80 34.00
N HIS B 404 -14.89 -37.47 34.87
CA HIS B 404 -15.02 -37.28 36.31
C HIS B 404 -14.59 -35.87 36.69
N GLN B 405 -15.56 -35.03 37.05
CA GLN B 405 -15.30 -33.68 37.55
C GLN B 405 -16.18 -33.44 38.76
N GLU B 406 -15.57 -33.19 39.91
CA GLU B 406 -16.29 -33.09 41.18
C GLU B 406 -17.46 -32.10 41.16
N PRO B 407 -17.33 -30.88 40.63
CA PRO B 407 -18.49 -29.98 40.62
C PRO B 407 -19.68 -30.50 39.84
N PHE B 408 -19.45 -31.27 38.78
CA PHE B 408 -20.52 -31.72 37.90
C PHE B 408 -20.75 -33.22 37.91
N VAL B 409 -19.68 -34.02 37.98
CA VAL B 409 -19.78 -35.48 37.90
C VAL B 409 -19.21 -36.06 39.18
N TYR B 410 -20.09 -36.51 40.08
CA TYR B 410 -19.67 -37.17 41.31
C TYR B 410 -19.56 -38.66 41.04
N VAL B 411 -18.33 -39.11 40.76
CA VAL B 411 -18.08 -40.51 40.45
C VAL B 411 -17.70 -41.20 41.76
N LYS B 412 -18.64 -41.99 42.30
CA LYS B 412 -18.43 -42.73 43.53
C LYS B 412 -18.91 -44.15 43.37
N PRO B 413 -18.28 -45.10 44.06
CA PRO B 413 -18.73 -46.50 43.96
C PRO B 413 -20.12 -46.68 44.58
N THR B 414 -20.83 -47.68 44.05
CA THR B 414 -22.18 -47.98 44.52
C THR B 414 -22.12 -48.70 45.86
N LEU B 415 -23.26 -49.15 46.35
CA LEU B 415 -23.34 -49.85 47.63
C LEU B 415 -22.87 -51.29 47.44
N SER B 416 -23.01 -52.10 48.50
CA SER B 416 -22.59 -53.50 48.42
C SER B 416 -23.42 -54.26 47.39
N ASP B 417 -24.73 -54.00 47.33
CA ASP B 417 -25.57 -54.68 46.36
C ASP B 417 -25.18 -54.31 44.93
N GLY B 418 -24.87 -53.04 44.69
CA GLY B 418 -24.49 -52.60 43.36
C GLY B 418 -25.40 -51.52 42.81
N THR B 419 -26.07 -50.79 43.70
CA THR B 419 -26.99 -49.73 43.31
C THR B 419 -26.56 -48.42 43.95
N CYS B 420 -27.01 -47.32 43.35
CA CYS B 420 -26.70 -45.99 43.87
C CYS B 420 -27.27 -45.83 45.28
N LYS B 421 -26.45 -45.27 46.18
CA LYS B 421 -26.90 -45.02 47.53
C LYS B 421 -27.94 -43.89 47.53
N GLU B 422 -28.95 -44.05 48.39
CA GLU B 422 -30.07 -43.10 48.42
C GLU B 422 -29.76 -41.97 49.39
N GLU B 423 -29.69 -40.76 48.86
CA GLU B 423 -29.43 -39.56 49.65
C GLU B 423 -30.43 -38.47 49.28
N PHE B 424 -30.51 -37.46 50.14
CA PHE B 424 -31.38 -36.31 49.93
C PHE B 424 -30.60 -35.03 50.15
N THR B 425 -31.00 -33.99 49.43
CA THR B 425 -30.33 -32.70 49.52
C THR B 425 -30.76 -31.98 50.80
N VAL B 426 -30.21 -30.77 51.00
CA VAL B 426 -30.55 -29.98 52.17
C VAL B 426 -32.02 -29.55 52.11
N ASN B 427 -32.52 -29.23 50.90
CA ASN B 427 -33.91 -28.83 50.74
C ASN B 427 -34.88 -29.98 50.93
N GLY B 428 -34.40 -31.23 50.95
CA GLY B 428 -35.24 -32.39 51.14
C GLY B 428 -35.63 -33.10 49.86
N ASP B 429 -35.39 -32.49 48.70
CA ASP B 429 -35.72 -33.14 47.44
C ASP B 429 -34.80 -34.33 47.19
N PRO B 430 -35.30 -35.38 46.55
CA PRO B 430 -34.44 -36.53 46.25
C PRO B 430 -33.35 -36.15 45.26
N VAL B 431 -32.21 -36.83 45.40
CA VAL B 431 -31.05 -36.60 44.54
C VAL B 431 -31.04 -37.68 43.48
N LYS B 432 -31.27 -37.29 42.23
CA LYS B 432 -31.26 -38.25 41.13
C LYS B 432 -29.85 -38.76 40.88
N LYS B 433 -29.74 -40.07 40.67
CA LYS B 433 -28.45 -40.71 40.42
C LYS B 433 -28.60 -41.71 39.28
N VAL B 434 -27.54 -41.83 38.48
CA VAL B 434 -27.51 -42.74 37.34
C VAL B 434 -26.28 -43.63 37.47
N ILE B 435 -26.49 -44.94 37.30
CA ILE B 435 -25.38 -45.88 37.39
C ILE B 435 -24.48 -45.75 36.16
N CYS B 436 -23.20 -45.55 36.39
CA CYS B 436 -22.21 -45.42 35.33
C CYS B 436 -21.25 -46.60 35.37
N THR B 437 -21.01 -47.21 34.22
CA THR B 437 -20.17 -48.41 34.11
C THR B 437 -18.77 -48.08 33.62
N GLY B 438 -18.21 -46.96 34.06
CA GLY B 438 -16.87 -46.58 33.67
C GLY B 438 -15.81 -47.34 34.43
N PRO B 439 -14.57 -47.22 33.97
CA PRO B 439 -13.45 -47.87 34.67
C PRO B 439 -13.28 -47.31 36.08
N ASN B 440 -12.92 -48.21 37.01
CA ASN B 440 -12.73 -47.80 38.39
C ASN B 440 -11.40 -47.07 38.59
N ASP B 441 -10.36 -47.49 37.89
CA ASP B 441 -9.03 -46.92 38.04
C ASP B 441 -8.75 -45.88 36.96
N THR B 442 -7.71 -45.08 37.19
CA THR B 442 -7.31 -44.05 36.25
C THR B 442 -5.82 -44.11 35.94
N SER B 443 -5.04 -44.67 36.86
CA SER B 443 -3.60 -44.73 36.69
C SER B 443 -3.23 -45.70 35.56
N PRO B 444 -2.22 -45.37 34.77
CA PRO B 444 -1.77 -46.29 33.72
C PRO B 444 -1.23 -47.58 34.30
N GLY B 445 -1.49 -48.69 33.61
CA GLY B 445 -1.04 -49.99 34.04
C GLY B 445 -1.89 -50.64 35.12
N SER B 446 -2.94 -49.97 35.58
CA SER B 446 -3.80 -50.49 36.62
C SER B 446 -4.74 -51.56 36.06
N PRO B 447 -5.29 -52.43 36.91
CA PRO B 447 -6.27 -53.42 36.43
C PRO B 447 -7.59 -52.74 36.07
N ARG B 448 -7.63 -52.11 34.90
CA ARG B 448 -8.79 -51.33 34.47
C ARG B 448 -10.02 -52.21 34.31
N HIS B 449 -10.99 -52.06 35.22
CA HIS B 449 -12.23 -52.82 35.19
C HIS B 449 -13.40 -51.84 35.14
N THR B 450 -14.32 -52.08 34.21
CA THR B 450 -15.47 -51.20 34.01
C THR B 450 -16.61 -51.62 34.94
N VAL B 451 -16.38 -51.40 36.23
CA VAL B 451 -17.38 -51.70 37.25
C VAL B 451 -18.49 -50.66 37.19
N PRO B 452 -19.73 -51.01 37.54
CA PRO B 452 -20.85 -50.04 37.49
C PRO B 452 -20.93 -49.12 38.71
N GLN B 453 -20.15 -48.04 38.67
CA GLN B 453 -20.18 -47.06 39.73
C GLN B 453 -21.44 -46.22 39.64
N CYS B 454 -21.55 -45.22 40.53
CA CYS B 454 -22.67 -44.30 40.55
C CYS B 454 -22.18 -42.89 40.23
N CYS B 455 -22.83 -42.25 39.27
CA CYS B 455 -22.49 -40.89 38.85
C CYS B 455 -23.71 -39.99 39.02
N TYR B 456 -23.50 -38.81 39.57
CA TYR B 456 -24.59 -37.86 39.78
C TYR B 456 -24.01 -36.45 39.81
N GLY B 457 -24.88 -35.47 39.62
CA GLY B 457 -24.48 -34.08 39.67
C GLY B 457 -25.36 -33.24 38.74
N PHE B 458 -24.87 -32.03 38.45
CA PHE B 458 -25.60 -31.10 37.60
C PHE B 458 -25.75 -31.64 36.18
N CYS B 459 -24.67 -32.20 35.62
CA CYS B 459 -24.71 -32.69 34.25
C CYS B 459 -25.70 -33.85 34.11
N ILE B 460 -25.72 -34.76 35.09
CA ILE B 460 -26.66 -35.87 35.00
C ILE B 460 -28.10 -35.37 35.15
N ASP B 461 -28.31 -34.31 35.95
CA ASP B 461 -29.65 -33.73 36.05
C ASP B 461 -30.09 -33.14 34.72
N LEU B 462 -29.18 -32.43 34.04
CA LEU B 462 -29.51 -31.89 32.72
C LEU B 462 -29.79 -33.01 31.73
N LEU B 463 -29.00 -34.10 31.79
CA LEU B 463 -29.22 -35.24 30.91
C LEU B 463 -30.57 -35.89 31.18
N ILE B 464 -30.95 -36.01 32.45
CA ILE B 464 -32.26 -36.58 32.80
C ILE B 464 -33.38 -35.68 32.28
N LYS B 465 -33.22 -34.36 32.42
CA LYS B 465 -34.23 -33.44 31.89
C LYS B 465 -34.37 -33.61 30.38
N LEU B 466 -33.24 -33.68 29.67
CA LEU B 466 -33.29 -33.85 28.22
C LEU B 466 -33.94 -35.18 27.84
N ALA B 467 -33.59 -36.25 28.56
CA ALA B 467 -34.18 -37.56 28.26
C ALA B 467 -35.68 -37.56 28.50
N ARG B 468 -36.14 -36.95 29.60
CA ARG B 468 -37.56 -36.90 29.87
C ARG B 468 -38.30 -36.06 28.83
N THR B 469 -37.69 -34.96 28.39
CA THR B 469 -38.31 -34.14 27.36
C THR B 469 -38.21 -34.75 25.97
N MET B 470 -37.36 -35.75 25.76
CA MET B 470 -37.17 -36.34 24.44
C MET B 470 -37.31 -37.85 24.41
N ASN B 471 -37.65 -38.50 25.52
CA ASN B 471 -37.87 -39.95 25.59
C ASN B 471 -36.61 -40.70 25.17
N PHE B 472 -35.55 -40.54 25.95
CA PHE B 472 -34.27 -41.19 25.69
C PHE B 472 -34.04 -42.35 26.66
N THR B 473 -33.12 -43.23 26.27
CA THR B 473 -32.76 -44.42 27.03
C THR B 473 -31.25 -44.46 27.27
N TYR B 474 -30.71 -43.33 27.75
CA TYR B 474 -29.28 -43.19 27.95
C TYR B 474 -28.73 -44.26 28.88
N GLU B 475 -27.45 -44.58 28.71
CA GLU B 475 -26.78 -45.60 29.50
C GLU B 475 -25.64 -45.07 30.37
N VAL B 476 -24.95 -44.00 29.93
CA VAL B 476 -23.86 -43.36 30.67
C VAL B 476 -22.68 -44.32 30.80
N HIS B 477 -21.59 -44.00 30.10
CA HIS B 477 -20.36 -44.80 30.15
C HIS B 477 -19.18 -43.85 30.24
N LEU B 478 -18.50 -43.86 31.39
CA LEU B 478 -17.36 -42.98 31.59
C LEU B 478 -16.22 -43.35 30.65
N VAL B 479 -15.51 -42.34 30.15
CA VAL B 479 -14.42 -42.55 29.22
C VAL B 479 -13.27 -43.27 29.93
N ALA B 480 -12.73 -44.29 29.26
CA ALA B 480 -11.60 -45.02 29.83
C ALA B 480 -10.34 -44.17 29.90
N ASP B 481 -10.13 -43.30 28.91
CA ASP B 481 -8.94 -42.47 28.90
C ASP B 481 -8.94 -41.49 30.07
N GLY B 482 -10.09 -40.90 30.38
CA GLY B 482 -10.14 -39.91 31.44
C GLY B 482 -9.59 -38.55 31.06
N LYS B 483 -9.50 -38.26 29.76
CA LYS B 483 -8.98 -36.99 29.29
C LYS B 483 -9.89 -36.44 28.21
N PHE B 484 -9.91 -35.11 28.07
CA PHE B 484 -10.71 -34.49 27.02
C PHE B 484 -10.23 -34.92 25.64
N GLY B 485 -8.98 -34.62 25.31
CA GLY B 485 -8.41 -35.02 24.04
C GLY B 485 -8.59 -33.96 22.98
N THR B 486 -7.52 -33.22 22.71
CA THR B 486 -7.61 -32.12 21.75
C THR B 486 -6.56 -32.20 20.65
N GLN B 487 -5.36 -32.67 20.94
CA GLN B 487 -4.29 -32.73 19.94
C GLN B 487 -3.32 -33.83 20.32
N GLU B 488 -3.32 -34.92 19.55
CA GLU B 488 -2.43 -36.04 19.81
C GLU B 488 -2.24 -36.83 18.52
N ARG B 489 -1.18 -37.63 18.50
CA ARG B 489 -0.85 -38.45 17.33
C ARG B 489 -0.35 -39.80 17.80
N VAL B 490 -0.49 -40.80 16.94
CA VAL B 490 -0.05 -42.15 17.27
C VAL B 490 1.13 -42.54 16.39
N ASN B 491 2.34 -42.29 16.89
CA ASN B 491 3.59 -42.67 16.23
C ASN B 491 3.72 -42.11 14.82
N ASN B 492 2.97 -41.05 14.50
CA ASN B 492 3.01 -40.45 13.17
C ASN B 492 2.83 -38.95 13.32
N SER B 493 3.89 -38.19 13.04
CA SER B 493 3.83 -36.74 13.15
C SER B 493 3.16 -36.08 11.95
N ASN B 494 2.95 -36.81 10.86
CA ASN B 494 2.35 -36.21 9.67
C ASN B 494 0.90 -35.82 9.93
N LYS B 495 0.16 -36.65 10.67
CA LYS B 495 -1.24 -36.38 10.97
C LYS B 495 -1.49 -36.54 12.45
N LYS B 496 -2.56 -35.90 12.93
CA LYS B 496 -2.95 -35.96 14.33
C LYS B 496 -4.31 -36.65 14.46
N GLU B 497 -4.50 -37.31 15.59
CA GLU B 497 -5.74 -38.04 15.87
C GLU B 497 -6.33 -37.48 17.15
N TRP B 498 -7.42 -38.10 17.62
CA TRP B 498 -8.12 -37.66 18.81
C TRP B 498 -8.33 -38.85 19.75
N ASN B 499 -8.11 -38.62 21.03
CA ASN B 499 -8.34 -39.62 22.07
C ASN B 499 -9.41 -39.11 23.02
N GLY B 500 -9.60 -39.84 24.12
CA GLY B 500 -10.53 -39.42 25.14
C GLY B 500 -11.97 -39.36 24.63
N MET B 501 -12.75 -38.46 25.24
CA MET B 501 -14.15 -38.31 24.86
C MET B 501 -14.30 -37.84 23.43
N MET B 502 -13.46 -36.90 23.00
CA MET B 502 -13.55 -36.38 21.63
C MET B 502 -13.27 -37.49 20.62
N GLY B 503 -12.22 -38.28 20.86
CA GLY B 503 -11.91 -39.38 19.96
C GLY B 503 -12.98 -40.45 19.95
N GLU B 504 -13.54 -40.75 21.14
CA GLU B 504 -14.63 -41.73 21.19
C GLU B 504 -15.85 -41.25 20.41
N LEU B 505 -16.18 -39.96 20.53
CA LEU B 505 -17.30 -39.41 19.77
C LEU B 505 -17.01 -39.44 18.28
N LEU B 506 -15.78 -39.12 17.88
CA LEU B 506 -15.43 -39.14 16.46
C LEU B 506 -15.51 -40.56 15.89
N SER B 507 -15.06 -41.55 16.65
CA SER B 507 -15.07 -42.94 16.17
C SER B 507 -16.40 -43.63 16.48
N GLY B 508 -17.50 -42.99 16.06
CA GLY B 508 -18.82 -43.57 16.31
C GLY B 508 -19.07 -43.73 17.80
N GLN B 509 -19.60 -44.90 18.17
CA GLN B 509 -19.72 -45.31 19.56
C GLN B 509 -20.51 -44.32 20.41
N ALA B 510 -19.90 -43.17 20.72
CA ALA B 510 -20.46 -42.23 21.68
C ALA B 510 -21.61 -41.44 21.07
N ASP B 511 -22.19 -40.56 21.89
CA ASP B 511 -23.35 -39.77 21.53
C ASP B 511 -23.23 -38.43 22.26
N MET B 512 -24.36 -37.75 22.46
CA MET B 512 -24.42 -36.50 23.21
C MET B 512 -23.57 -36.57 24.46
N ILE B 513 -22.75 -35.54 24.67
CA ILE B 513 -21.80 -35.48 25.78
C ILE B 513 -22.28 -34.43 26.77
N VAL B 514 -22.59 -34.86 27.99
CA VAL B 514 -22.92 -33.94 29.08
C VAL B 514 -21.68 -33.88 29.98
N ALA B 515 -20.84 -32.88 29.74
CA ALA B 515 -19.55 -32.78 30.41
C ALA B 515 -19.12 -31.32 30.39
N PRO B 516 -18.15 -30.95 31.24
CA PRO B 516 -17.67 -29.56 31.22
C PRO B 516 -16.77 -29.25 30.04
N LEU B 517 -16.78 -30.12 29.03
CA LEU B 517 -16.04 -29.88 27.80
C LEU B 517 -16.46 -28.55 27.18
N THR B 518 -15.52 -27.62 27.09
CA THR B 518 -15.81 -26.28 26.60
C THR B 518 -15.93 -26.30 25.08
N ILE B 519 -16.06 -25.10 24.49
CA ILE B 519 -16.18 -24.92 23.06
C ILE B 519 -14.91 -24.24 22.56
N ASN B 520 -14.22 -24.87 21.61
CA ASN B 520 -13.00 -24.34 21.04
C ASN B 520 -13.11 -24.37 19.52
N ASN B 521 -12.16 -23.69 18.86
CA ASN B 521 -12.20 -23.59 17.41
C ASN B 521 -12.06 -24.95 16.75
N GLU B 522 -11.01 -25.71 17.12
CA GLU B 522 -10.80 -27.02 16.54
C GLU B 522 -11.90 -28.00 16.95
N ARG B 523 -12.45 -27.84 18.15
CA ARG B 523 -13.58 -28.67 18.55
C ARG B 523 -14.81 -28.41 17.68
N ALA B 524 -15.07 -27.15 17.37
CA ALA B 524 -16.22 -26.81 16.55
C ALA B 524 -16.01 -27.15 15.09
N GLN B 525 -14.75 -27.19 14.64
CA GLN B 525 -14.48 -27.54 13.25
C GLN B 525 -14.88 -28.97 12.93
N TYR B 526 -14.85 -29.86 13.92
CA TYR B 526 -15.17 -31.26 13.72
C TYR B 526 -16.45 -31.71 14.40
N ILE B 527 -16.80 -31.12 15.55
CA ILE B 527 -18.00 -31.47 16.30
C ILE B 527 -18.84 -30.23 16.48
N GLU B 528 -20.12 -30.32 16.09
CA GLU B 528 -21.05 -29.22 16.23
C GLU B 528 -21.78 -29.36 17.58
N PHE B 529 -21.72 -28.31 18.39
CA PHE B 529 -22.31 -28.32 19.72
C PHE B 529 -23.64 -27.59 19.71
N SER B 530 -24.30 -27.58 20.87
CA SER B 530 -25.57 -26.90 21.06
C SER B 530 -25.32 -25.55 21.75
N LYS B 531 -26.40 -24.89 22.13
CA LYS B 531 -26.28 -23.61 22.81
C LYS B 531 -25.61 -23.80 24.18
N PRO B 532 -24.70 -22.92 24.56
CA PRO B 532 -24.00 -23.07 25.86
C PRO B 532 -24.97 -22.89 27.02
N PHE B 533 -25.05 -23.91 27.87
CA PHE B 533 -25.91 -23.85 29.04
C PHE B 533 -25.26 -23.11 30.21
N LYS B 534 -23.96 -22.80 30.13
CA LYS B 534 -23.28 -22.06 31.18
C LYS B 534 -21.96 -21.57 30.61
N TYR B 535 -21.63 -20.29 30.87
CA TYR B 535 -20.44 -19.68 30.27
C TYR B 535 -19.23 -19.82 31.18
N GLN B 536 -19.29 -19.26 32.39
CA GLN B 536 -18.26 -19.38 33.43
C GLN B 536 -16.84 -19.30 32.87
N GLY B 537 -16.47 -18.16 32.31
CA GLY B 537 -15.13 -17.96 31.79
C GLY B 537 -14.05 -18.33 32.79
N LEU B 538 -13.05 -19.10 32.33
CA LEU B 538 -12.12 -19.74 33.25
C LEU B 538 -11.28 -18.72 34.01
N THR B 539 -10.88 -19.09 35.22
CA THR B 539 -10.06 -18.25 36.08
C THR B 539 -8.81 -19.00 36.52
N ILE B 540 -8.08 -18.43 37.47
CA ILE B 540 -6.83 -19.01 37.95
C ILE B 540 -6.90 -19.13 39.48
N LEU B 541 -6.52 -20.30 39.99
CA LEU B 541 -6.51 -20.56 41.42
C LEU B 541 -5.07 -20.77 41.87
N VAL B 542 -4.65 -20.03 42.89
CA VAL B 542 -3.27 -20.10 43.36
C VAL B 542 -3.22 -20.53 44.83
N LYS B 543 -3.79 -19.70 45.71
CA LYS B 543 -3.71 -19.95 47.15
C LYS B 543 -4.57 -18.95 47.92
N LYS B 544 -5.03 -19.34 49.10
CA LYS B 544 -5.76 -18.45 50.00
C LYS B 544 -4.86 -17.89 51.10
N GLU B 545 -4.14 -18.77 51.81
CA GLU B 545 -3.23 -18.33 52.87
C GLU B 545 -2.14 -19.36 53.11
N SER B 553 4.53 -7.76 62.82
CA SER B 553 5.17 -8.40 63.97
C SER B 553 4.62 -7.84 65.28
N PHE B 554 4.27 -8.75 66.19
CA PHE B 554 3.76 -8.32 67.50
C PHE B 554 4.83 -7.56 68.28
N MET B 555 6.07 -8.05 68.24
CA MET B 555 7.18 -7.42 68.94
C MET B 555 7.79 -6.34 68.06
N GLN B 556 8.94 -5.81 68.47
CA GLN B 556 9.59 -4.76 67.71
C GLN B 556 9.99 -5.27 66.33
N PRO B 557 9.57 -4.61 65.25
CA PRO B 557 9.87 -5.15 63.91
C PRO B 557 11.35 -5.12 63.57
N PHE B 558 12.03 -4.01 63.84
CA PHE B 558 13.44 -3.88 63.48
C PHE B 558 14.15 -3.02 64.52
N GLN B 559 15.47 -3.16 64.56
CA GLN B 559 16.32 -2.44 65.51
C GLN B 559 15.90 -2.73 66.95
N SER B 560 16.05 -4.01 67.34
CA SER B 560 15.65 -4.51 68.65
C SER B 560 16.54 -4.00 69.79
N THR B 561 17.46 -3.06 69.55
CA THR B 561 18.28 -2.48 70.61
C THR B 561 17.56 -1.35 71.35
N LEU B 562 16.32 -1.05 70.99
CA LEU B 562 15.57 0.00 71.66
C LEU B 562 15.35 -0.31 73.13
N TRP B 563 15.17 -1.60 73.46
CA TRP B 563 15.00 -1.97 74.86
C TRP B 563 16.26 -1.65 75.67
N LEU B 564 17.43 -1.99 75.13
CA LEU B 564 18.68 -1.65 75.82
C LEU B 564 18.86 -0.15 75.90
N LEU B 565 18.51 0.57 74.84
CA LEU B 565 18.65 2.03 74.86
C LEU B 565 17.75 2.66 75.92
N VAL B 566 16.50 2.22 76.01
CA VAL B 566 15.60 2.80 77.01
C VAL B 566 16.03 2.38 78.41
N GLY B 567 16.58 1.17 78.59
CA GLY B 567 17.12 0.81 79.88
C GLY B 567 18.29 1.69 80.30
N LEU B 568 19.20 1.96 79.36
CA LEU B 568 20.31 2.85 79.66
C LEU B 568 19.83 4.26 79.98
N SER B 569 18.82 4.74 79.23
CA SER B 569 18.26 6.06 79.52
C SER B 569 17.62 6.10 80.91
N VAL B 570 16.91 5.03 81.29
CA VAL B 570 16.34 4.95 82.62
C VAL B 570 17.43 5.00 83.68
N HIS B 571 18.52 4.25 83.46
CA HIS B 571 19.61 4.24 84.42
C HIS B 571 20.25 5.62 84.57
N VAL B 572 20.49 6.30 83.45
CA VAL B 572 21.17 7.59 83.52
C VAL B 572 20.26 8.66 84.14
N VAL B 573 18.96 8.64 83.81
CA VAL B 573 18.07 9.60 84.44
C VAL B 573 17.91 9.28 85.92
N ALA B 574 17.97 8.01 86.30
CA ALA B 574 17.88 7.65 87.71
C ALA B 574 19.09 8.16 88.49
N VAL B 575 20.30 7.98 87.93
CA VAL B 575 21.48 8.46 88.64
C VAL B 575 21.52 9.99 88.66
N MET B 576 21.04 10.63 87.59
CA MET B 576 20.97 12.09 87.60
C MET B 576 19.98 12.58 88.65
N LEU B 577 18.84 11.91 88.78
CA LEU B 577 17.87 12.28 89.81
C LEU B 577 18.45 12.07 91.20
N TYR B 578 19.20 10.99 91.40
CA TYR B 578 19.86 10.78 92.68
C TYR B 578 20.84 11.89 92.99
N LEU B 579 21.64 12.31 92.00
CA LEU B 579 22.59 13.40 92.20
C LEU B 579 21.86 14.70 92.52
N LEU B 580 20.76 14.98 91.81
CA LEU B 580 20.01 16.20 92.08
C LEU B 580 19.40 16.19 93.48
N ASP B 581 18.88 15.04 93.91
CA ASP B 581 18.34 14.93 95.26
C ASP B 581 19.44 15.11 96.31
N ARG B 582 20.63 14.57 96.05
CA ARG B 582 21.75 14.77 96.96
C ARG B 582 22.15 16.23 97.04
N PHE B 583 22.11 16.93 95.90
CA PHE B 583 22.45 18.35 95.84
C PHE B 583 21.21 19.23 95.72
N SER B 584 20.13 18.84 96.37
CA SER B 584 18.89 19.62 96.34
C SER B 584 19.03 20.90 97.16
N LEU B 603 17.87 5.38 98.02
CA LEU B 603 16.48 4.95 97.92
C LEU B 603 16.22 4.35 96.53
N SER B 604 15.75 3.11 96.51
CA SER B 604 15.48 2.39 95.27
C SER B 604 14.06 2.74 94.79
N SER B 605 13.89 4.01 94.44
CA SER B 605 12.61 4.50 93.95
C SER B 605 12.69 5.22 92.61
N ALA B 606 13.90 5.58 92.14
CA ALA B 606 14.02 6.24 90.85
C ALA B 606 13.58 5.33 89.71
N MET B 607 13.94 4.04 89.78
CA MET B 607 13.50 3.10 88.76
C MET B 607 11.99 2.95 88.75
N TRP B 608 11.37 2.89 89.94
CA TRP B 608 9.93 2.81 90.03
C TRP B 608 9.27 4.06 89.45
N PHE B 609 9.82 5.22 89.74
CA PHE B 609 9.29 6.46 89.18
C PHE B 609 9.42 6.46 87.66
N SER B 610 10.55 5.98 87.14
CA SER B 610 10.72 5.90 85.68
C SER B 610 9.71 4.95 85.06
N TRP B 611 9.47 3.80 85.68
CA TRP B 611 8.49 2.87 85.15
C TRP B 611 7.08 3.46 85.18
N GLY B 612 6.74 4.16 86.27
CA GLY B 612 5.44 4.82 86.33
C GLY B 612 5.30 5.93 85.30
N VAL B 613 6.38 6.65 85.03
CA VAL B 613 6.37 7.65 83.98
C VAL B 613 6.16 7.01 82.62
N LEU B 614 6.85 5.89 82.36
CA LEU B 614 6.71 5.21 81.08
C LEU B 614 5.29 4.68 80.88
N LEU B 615 4.71 4.10 81.92
CA LEU B 615 3.40 3.45 81.84
C LEU B 615 2.52 4.00 82.95
N ASN B 616 1.41 4.64 82.58
CA ASN B 616 0.53 5.26 83.56
C ASN B 616 -0.08 4.21 84.48
N SER B 617 -0.20 4.57 85.75
CA SER B 617 -0.76 3.67 86.76
C SER B 617 -1.77 4.39 87.64
N PHE B 627 13.54 21.88 92.61
CA PHE B 627 13.15 22.35 91.28
C PHE B 627 13.78 21.49 90.20
N SER B 628 15.03 21.10 90.40
CA SER B 628 15.74 20.29 89.42
C SER B 628 15.08 18.93 89.25
N ALA B 629 14.66 18.32 90.36
CA ALA B 629 14.11 16.97 90.31
C ALA B 629 12.84 16.91 89.49
N ARG B 630 11.89 17.82 89.76
CA ARG B 630 10.63 17.81 89.04
C ARG B 630 10.82 18.14 87.56
N ILE B 631 11.71 19.11 87.26
CA ILE B 631 11.96 19.46 85.87
C ILE B 631 12.55 18.27 85.12
N LEU B 632 13.53 17.60 85.72
CA LEU B 632 14.13 16.43 85.09
C LEU B 632 13.10 15.32 84.89
N GLY B 633 12.27 15.08 85.90
CA GLY B 633 11.25 14.05 85.77
C GLY B 633 10.24 14.35 84.68
N MET B 634 9.83 15.61 84.56
CA MET B 634 8.85 15.97 83.53
C MET B 634 9.47 15.93 82.14
N VAL B 635 10.74 16.33 82.01
CA VAL B 635 11.42 16.20 80.72
C VAL B 635 11.53 14.73 80.32
N TRP B 636 11.89 13.88 81.29
CA TRP B 636 11.96 12.45 81.01
C TRP B 636 10.59 11.89 80.62
N ALA B 637 9.53 12.36 81.29
CA ALA B 637 8.19 11.92 80.95
C ALA B 637 7.80 12.34 79.53
N GLY B 638 8.15 13.57 79.15
CA GLY B 638 7.89 14.01 77.78
C GLY B 638 8.63 13.18 76.75
N PHE B 639 9.91 12.88 77.02
CA PHE B 639 10.66 12.03 76.12
C PHE B 639 10.04 10.64 76.03
N ALA B 640 9.62 10.08 77.17
CA ALA B 640 9.04 8.75 77.18
C ALA B 640 7.72 8.71 76.41
N MET B 641 6.88 9.73 76.58
CA MET B 641 5.61 9.74 75.86
C MET B 641 5.84 9.94 74.36
N ILE B 642 6.83 10.74 73.98
CA ILE B 642 7.17 10.87 72.56
C ILE B 642 7.63 9.53 72.01
N ILE B 643 8.47 8.82 72.77
CA ILE B 643 8.99 7.53 72.31
C ILE B 643 7.87 6.51 72.15
N VAL B 644 6.96 6.45 73.13
CA VAL B 644 5.87 5.47 73.02
C VAL B 644 4.91 5.84 71.91
N ALA B 645 4.68 7.14 71.68
CA ALA B 645 3.85 7.55 70.55
C ALA B 645 4.47 7.14 69.23
N SER B 646 5.79 7.33 69.10
CA SER B 646 6.48 6.92 67.89
C SER B 646 6.41 5.40 67.70
N TYR B 647 6.56 4.65 68.79
CA TYR B 647 6.47 3.20 68.72
C TYR B 647 5.08 2.75 68.29
N THR B 648 4.04 3.37 68.84
CA THR B 648 2.67 3.03 68.43
C THR B 648 2.43 3.38 66.97
N ALA B 649 2.95 4.52 66.51
CA ALA B 649 2.81 4.89 65.11
C ALA B 649 3.53 3.89 64.20
N ASN B 650 4.71 3.44 64.61
CA ASN B 650 5.44 2.44 63.83
C ASN B 650 4.67 1.13 63.77
N LEU B 651 4.09 0.71 64.90
CA LEU B 651 3.30 -0.52 64.91
C LEU B 651 2.08 -0.39 64.00
N ALA B 652 1.41 0.76 64.05
CA ALA B 652 0.24 0.96 63.19
C ALA B 652 0.63 0.94 61.72
N ALA B 653 1.75 1.58 61.37
CA ALA B 653 2.20 1.57 59.98
C ALA B 653 2.56 0.17 59.53
N PHE B 654 3.23 -0.60 60.38
CA PHE B 654 3.58 -1.98 60.03
C PHE B 654 2.34 -2.83 59.86
N LEU B 655 1.33 -2.63 60.72
CA LEU B 655 0.07 -3.36 60.57
C LEU B 655 -0.63 -3.00 59.27
N VAL B 656 -0.61 -1.71 58.91
CA VAL B 656 -1.24 -1.27 57.67
C VAL B 656 -0.53 -1.89 56.46
N LEU B 657 0.79 -1.89 56.49
CA LEU B 657 1.57 -2.44 55.38
C LEU B 657 1.48 -3.97 55.35
N ASP B 658 0.63 -4.49 54.47
CA ASP B 658 0.48 -5.94 54.34
C ASP B 658 0.68 -6.39 52.90
N ARG B 659 0.21 -5.59 51.95
CA ARG B 659 0.30 -5.87 50.52
C ARG B 659 -0.22 -7.25 50.19
N PRO B 660 0.58 -8.09 49.49
CA PRO B 660 0.15 -9.46 49.14
C PRO B 660 -1.23 -9.54 48.51
N GLU B 661 -1.39 -8.93 47.34
CA GLU B 661 -2.65 -8.98 46.61
C GLU B 661 -2.62 -10.17 45.62
N GLU B 662 -2.26 -11.32 46.18
CA GLU B 662 -2.19 -12.61 45.47
C GLU B 662 -1.08 -12.62 44.43
N ARG B 663 -0.41 -11.48 44.24
CA ARG B 663 0.77 -11.36 43.39
C ARG B 663 0.54 -11.84 41.96
N ILE B 664 -0.71 -12.02 41.54
CA ILE B 664 -1.01 -12.49 40.19
C ILE B 664 -1.91 -11.49 39.49
N THR B 665 -3.11 -11.28 40.02
CA THR B 665 -4.10 -10.35 39.48
C THR B 665 -4.33 -10.59 37.99
N GLY B 666 -4.79 -11.79 37.68
CA GLY B 666 -5.09 -12.15 36.30
C GLY B 666 -3.86 -12.63 35.53
N ILE B 667 -4.10 -12.87 34.24
CA ILE B 667 -3.05 -13.39 33.37
C ILE B 667 -1.94 -12.35 33.18
N ASN B 668 -2.31 -11.07 33.10
CA ASN B 668 -1.33 -10.01 32.88
C ASN B 668 -0.52 -9.76 34.15
N ASP B 669 0.65 -10.39 34.25
CA ASP B 669 1.51 -10.25 35.41
C ASP B 669 2.92 -10.63 35.00
N PRO B 670 3.95 -9.90 35.46
CA PRO B 670 5.34 -10.29 35.11
C PRO B 670 5.71 -11.69 35.54
N ARG B 671 5.15 -12.18 36.66
CA ARG B 671 5.47 -13.53 37.11
C ARG B 671 5.01 -14.57 36.09
N LEU B 672 3.83 -14.37 35.50
CA LEU B 672 3.35 -15.29 34.49
C LEU B 672 4.06 -15.11 33.15
N ARG B 673 4.49 -13.89 32.83
CA ARG B 673 5.17 -13.65 31.56
C ARG B 673 6.48 -14.42 31.48
N ASN B 674 7.34 -14.27 32.50
CA ASN B 674 8.60 -15.01 32.54
C ASN B 674 8.46 -16.17 33.53
N PRO B 675 8.57 -17.41 33.08
CA PRO B 675 8.37 -18.54 33.99
C PRO B 675 9.39 -18.54 35.12
N SER B 676 8.93 -18.93 36.31
CA SER B 676 9.77 -19.02 37.49
C SER B 676 9.78 -20.46 37.99
N ASP B 677 10.98 -20.98 38.27
CA ASP B 677 11.09 -22.34 38.77
C ASP B 677 10.48 -22.47 40.16
N LYS B 678 10.65 -21.45 41.01
CA LYS B 678 10.11 -21.51 42.37
C LYS B 678 8.59 -21.56 42.36
N PHE B 679 7.95 -20.75 41.51
CA PHE B 679 6.48 -20.69 41.45
C PHE B 679 6.01 -21.65 40.38
N ILE B 680 5.43 -22.78 40.80
CA ILE B 680 5.03 -23.85 39.90
C ILE B 680 3.54 -23.66 39.56
N TYR B 681 3.24 -23.60 38.26
CA TYR B 681 1.86 -23.45 37.80
C TYR B 681 1.74 -24.06 36.42
N ALA B 682 0.62 -24.73 36.17
CA ALA B 682 0.38 -25.42 34.90
C ALA B 682 -1.09 -25.79 34.83
N THR B 683 -1.48 -26.36 33.69
CA THR B 683 -2.82 -26.89 33.48
C THR B 683 -2.81 -28.39 33.77
N VAL B 684 -3.91 -29.07 33.44
CA VAL B 684 -4.03 -30.50 33.68
C VAL B 684 -3.40 -31.28 32.53
N LYS B 685 -3.99 -31.18 31.35
CA LYS B 685 -3.53 -31.94 30.19
C LYS B 685 -3.81 -31.11 28.94
N GLN B 686 -3.68 -31.74 27.77
CA GLN B 686 -3.93 -31.04 26.51
C GLN B 686 -5.40 -30.75 26.35
N SER B 687 -5.91 -29.84 27.18
CA SER B 687 -7.31 -29.45 27.21
C SER B 687 -7.49 -28.15 26.44
N SER B 688 -8.69 -27.58 26.53
CA SER B 688 -8.97 -26.32 25.84
C SER B 688 -8.04 -25.20 26.32
N VAL B 689 -7.65 -25.23 27.58
CA VAL B 689 -6.68 -24.26 28.08
C VAL B 689 -5.34 -24.42 27.38
N ASP B 690 -4.91 -25.68 27.19
CA ASP B 690 -3.66 -25.94 26.47
C ASP B 690 -3.76 -25.47 25.03
N ILE B 691 -4.91 -25.71 24.38
CA ILE B 691 -5.09 -25.27 23.00
C ILE B 691 -5.05 -23.75 22.91
N TYR B 692 -5.69 -23.07 23.87
CA TYR B 692 -5.64 -21.61 23.89
C TYR B 692 -4.22 -21.10 24.07
N PHE B 693 -3.46 -21.73 24.98
CA PHE B 693 -2.08 -21.33 25.19
C PHE B 693 -1.24 -21.53 23.93
N ARG B 694 -1.43 -22.66 23.25
CA ARG B 694 -0.68 -22.91 22.02
C ARG B 694 -1.07 -21.93 20.93
N ARG B 695 -2.36 -21.60 20.83
CA ARG B 695 -2.81 -20.65 19.82
C ARG B 695 -2.23 -19.26 20.07
N GLN B 696 -2.23 -18.81 21.32
CA GLN B 696 -1.57 -17.56 21.69
C GLN B 696 -0.12 -17.85 22.06
N VAL B 697 0.65 -18.19 21.03
CA VAL B 697 2.05 -18.59 21.20
C VAL B 697 2.94 -17.35 21.29
N GLU B 698 3.18 -16.89 22.51
CA GLU B 698 4.09 -15.77 22.76
C GLU B 698 5.01 -15.98 23.95
N LEU B 699 4.77 -16.99 24.78
CA LEU B 699 5.59 -17.32 25.95
C LEU B 699 5.94 -18.80 25.93
N SER B 700 6.46 -19.26 24.79
CA SER B 700 6.70 -20.69 24.58
C SER B 700 7.60 -21.28 25.67
N THR B 701 8.53 -20.49 26.22
CA THR B 701 9.33 -20.98 27.33
C THR B 701 8.46 -21.33 28.53
N MET B 702 7.53 -20.45 28.88
CA MET B 702 6.61 -20.73 29.98
C MET B 702 5.66 -21.87 29.63
N TYR B 703 5.24 -21.96 28.36
CA TYR B 703 4.38 -23.05 27.93
C TYR B 703 5.07 -24.41 28.12
N ARG B 704 6.34 -24.50 27.72
CA ARG B 704 7.08 -25.73 27.94
C ARG B 704 7.36 -25.96 29.41
N HIS B 705 7.51 -24.88 30.19
CA HIS B 705 7.66 -25.01 31.63
C HIS B 705 6.43 -25.66 32.26
N MET B 706 5.23 -25.26 31.80
CA MET B 706 4.01 -25.83 32.36
C MET B 706 3.87 -27.32 32.00
N GLU B 707 4.26 -27.69 30.78
CA GLU B 707 4.00 -29.04 30.30
C GLU B 707 4.81 -30.08 31.06
N LYS B 708 5.98 -29.69 31.57
CA LYS B 708 6.89 -30.66 32.17
C LYS B 708 6.38 -31.25 33.48
N HIS B 709 5.37 -30.63 34.11
CA HIS B 709 4.82 -31.13 35.36
C HIS B 709 3.30 -31.19 35.29
N ASN B 710 2.78 -31.72 34.19
CA ASN B 710 1.35 -31.89 34.05
C ASN B 710 0.84 -33.00 34.97
N TYR B 711 -0.44 -32.94 35.28
CA TYR B 711 -1.10 -33.92 36.14
C TYR B 711 -2.21 -34.61 35.37
N GLU B 712 -2.46 -35.88 35.72
CA GLU B 712 -3.42 -36.69 34.97
C GLU B 712 -4.83 -36.14 35.10
N SER B 713 -5.24 -35.75 36.30
CA SER B 713 -6.62 -35.34 36.54
C SER B 713 -6.66 -34.07 37.37
N ALA B 714 -7.78 -33.34 37.23
CA ALA B 714 -7.98 -32.13 38.02
C ALA B 714 -8.07 -32.43 39.50
N ALA B 715 -8.57 -33.61 39.86
CA ALA B 715 -8.60 -34.00 41.28
C ALA B 715 -7.19 -34.13 41.82
N GLU B 716 -6.30 -34.77 41.08
CA GLU B 716 -4.91 -34.87 41.50
C GLU B 716 -4.25 -33.49 41.54
N ALA B 717 -4.58 -32.64 40.57
CA ALA B 717 -4.00 -31.29 40.55
C ALA B 717 -4.41 -30.49 41.78
N ILE B 718 -5.71 -30.53 42.12
CA ILE B 718 -6.17 -29.77 43.28
C ILE B 718 -5.65 -30.38 44.57
N GLN B 719 -5.49 -31.72 44.61
CA GLN B 719 -4.88 -32.33 45.79
C GLN B 719 -3.44 -31.87 45.97
N ALA B 720 -2.69 -31.79 44.87
CA ALA B 720 -1.32 -31.29 44.94
C ALA B 720 -1.28 -29.84 45.37
N VAL B 721 -2.22 -29.02 44.87
CA VAL B 721 -2.28 -27.62 45.28
C VAL B 721 -2.58 -27.51 46.77
N ARG B 722 -3.51 -28.32 47.27
CA ARG B 722 -3.83 -28.33 48.70
C ARG B 722 -2.62 -28.76 49.52
N ASP B 723 -1.86 -29.74 49.03
CA ASP B 723 -0.66 -30.20 49.73
C ASP B 723 0.53 -29.27 49.52
N ASN B 724 0.31 -28.06 49.00
CA ASN B 724 1.36 -27.08 48.77
C ASN B 724 2.46 -27.63 47.85
N LYS B 725 2.05 -28.42 46.87
CA LYS B 725 2.98 -28.94 45.87
C LYS B 725 2.95 -28.13 44.57
N LEU B 726 1.79 -27.58 44.21
CA LEU B 726 1.65 -26.71 43.04
C LEU B 726 1.27 -25.32 43.53
N HIS B 727 2.08 -24.33 43.17
CA HIS B 727 1.84 -22.96 43.64
C HIS B 727 0.53 -22.40 43.10
N ALA B 728 0.25 -22.64 41.82
CA ALA B 728 -0.97 -22.14 41.20
C ALA B 728 -1.52 -23.20 40.25
N PHE B 729 -2.83 -23.11 40.00
CA PHE B 729 -3.53 -24.05 39.15
C PHE B 729 -4.50 -23.30 38.25
N ILE B 730 -4.57 -23.71 36.98
CA ILE B 730 -5.41 -23.06 35.98
C ILE B 730 -6.46 -24.06 35.51
N TRP B 731 -7.72 -23.67 35.61
CA TRP B 731 -8.83 -24.50 35.16
C TRP B 731 -10.05 -23.60 34.99
N ASP B 732 -11.20 -24.21 34.68
CA ASP B 732 -12.42 -23.45 34.49
C ASP B 732 -12.89 -22.87 35.82
N SER B 733 -13.50 -21.68 35.72
CA SER B 733 -13.98 -20.99 36.92
C SER B 733 -15.10 -21.77 37.59
N ALA B 734 -15.94 -22.46 36.81
CA ALA B 734 -17.05 -23.21 37.37
C ALA B 734 -16.56 -24.28 38.35
N VAL B 735 -15.33 -24.75 38.19
CA VAL B 735 -14.75 -25.70 39.12
C VAL B 735 -14.00 -24.98 40.24
N LEU B 736 -13.21 -23.96 39.89
CA LEU B 736 -12.37 -23.29 40.89
C LEU B 736 -13.20 -22.59 41.94
N GLU B 737 -14.24 -21.86 41.53
CA GLU B 737 -15.06 -21.15 42.51
C GLU B 737 -15.87 -22.13 43.36
N PHE B 738 -16.34 -23.23 42.77
CA PHE B 738 -17.04 -24.24 43.55
C PHE B 738 -16.12 -24.86 44.59
N GLU B 739 -14.89 -25.17 44.22
CA GLU B 739 -13.93 -25.72 45.18
C GLU B 739 -13.60 -24.71 46.27
N ALA B 740 -13.47 -23.44 45.90
CA ALA B 740 -13.19 -22.40 46.89
C ALA B 740 -14.35 -22.26 47.88
N SER B 741 -15.59 -22.33 47.37
CA SER B 741 -16.75 -22.27 48.26
C SER B 741 -16.83 -23.50 49.16
N GLN B 742 -16.52 -24.68 48.63
CA GLN B 742 -16.60 -25.90 49.44
C GLN B 742 -15.52 -25.93 50.51
N LYS B 743 -14.28 -25.63 50.15
CA LYS B 743 -13.16 -25.57 51.08
C LYS B 743 -12.53 -24.17 50.95
N CYS B 744 -12.52 -23.44 52.05
CA CYS B 744 -12.05 -22.05 52.03
C CYS B 744 -10.53 -21.96 52.11
N ASP B 745 -9.86 -23.10 52.34
CA ASP B 745 -8.40 -23.09 52.43
C ASP B 745 -7.75 -22.77 51.09
N LEU B 746 -8.46 -22.96 49.97
CA LEU B 746 -7.97 -22.61 48.65
C LEU B 746 -8.97 -21.66 47.99
N VAL B 747 -8.46 -20.59 47.40
CA VAL B 747 -9.30 -19.59 46.73
C VAL B 747 -8.72 -19.32 45.35
N THR B 748 -9.58 -18.86 44.45
CA THR B 748 -9.21 -18.54 43.08
C THR B 748 -9.18 -17.02 42.91
N THR B 749 -8.14 -16.53 42.23
CA THR B 749 -7.93 -15.11 42.01
C THR B 749 -8.05 -14.79 40.52
N GLY B 750 -7.77 -13.54 40.18
CA GLY B 750 -7.84 -13.10 38.80
C GLY B 750 -9.26 -12.83 38.35
N GLU B 751 -9.38 -12.60 37.04
CA GLU B 751 -10.65 -12.31 36.41
C GLU B 751 -11.07 -13.48 35.51
N LEU B 752 -12.27 -13.39 34.96
CA LEU B 752 -12.81 -14.44 34.10
C LEU B 752 -12.35 -14.24 32.65
N PHE B 753 -11.02 -14.25 32.49
CA PHE B 753 -10.43 -14.10 31.17
C PHE B 753 -10.71 -15.33 30.31
N PHE B 754 -10.78 -15.11 28.99
CA PHE B 754 -11.05 -16.16 28.01
C PHE B 754 -12.39 -16.85 28.31
N ARG B 755 -13.45 -16.06 28.20
CA ARG B 755 -14.79 -16.58 28.39
C ARG B 755 -15.13 -17.58 27.30
N SER B 756 -15.65 -18.75 27.71
CA SER B 756 -16.00 -19.80 26.76
C SER B 756 -17.05 -20.69 27.41
N GLY B 757 -18.23 -20.74 26.81
CA GLY B 757 -19.30 -21.56 27.36
C GLY B 757 -19.10 -23.04 27.09
N PHE B 758 -19.97 -23.83 27.69
CA PHE B 758 -19.94 -25.28 27.51
C PHE B 758 -20.83 -25.67 26.34
N GLY B 759 -21.10 -26.96 26.20
CA GLY B 759 -21.95 -27.43 25.13
C GLY B 759 -22.14 -28.93 25.21
N ILE B 760 -22.88 -29.46 24.24
CA ILE B 760 -23.17 -30.88 24.16
C ILE B 760 -22.43 -31.43 22.94
N GLY B 761 -21.55 -32.40 23.18
CA GLY B 761 -20.79 -33.00 22.10
C GLY B 761 -21.60 -34.02 21.32
N MET B 762 -21.99 -33.67 20.10
CA MET B 762 -22.81 -34.52 19.26
C MET B 762 -22.06 -34.80 17.95
N ARG B 763 -22.74 -35.48 17.03
CA ARG B 763 -22.19 -35.83 15.73
C ARG B 763 -22.88 -35.00 14.65
N LYS B 764 -22.09 -34.63 13.63
CA LYS B 764 -22.60 -33.77 12.57
C LYS B 764 -23.72 -34.45 11.77
N ASP B 765 -23.79 -35.77 11.79
CA ASP B 765 -24.82 -36.50 11.08
C ASP B 765 -26.09 -36.70 11.90
N SER B 766 -26.09 -36.30 13.17
CA SER B 766 -27.25 -36.49 14.02
C SER B 766 -28.29 -35.41 13.74
N PRO B 767 -29.50 -35.78 13.30
CA PRO B 767 -30.53 -34.78 12.95
C PRO B 767 -31.38 -34.34 14.14
N TRP B 768 -30.73 -33.96 15.24
CA TRP B 768 -31.48 -33.43 16.38
C TRP B 768 -30.74 -32.33 17.13
N LYS B 769 -29.80 -31.62 16.48
CA LYS B 769 -29.11 -30.53 17.14
C LYS B 769 -30.07 -29.39 17.49
N GLN B 770 -31.00 -29.08 16.58
CA GLN B 770 -31.93 -27.98 16.81
C GLN B 770 -32.82 -28.25 18.02
N ASN B 771 -33.28 -29.49 18.17
CA ASN B 771 -34.12 -29.83 19.31
C ASN B 771 -33.34 -29.69 20.62
N VAL B 772 -32.08 -30.12 20.63
CA VAL B 772 -31.25 -29.97 21.83
C VAL B 772 -31.05 -28.49 22.15
N SER B 773 -30.78 -27.68 21.14
CA SER B 773 -30.61 -26.24 21.36
C SER B 773 -31.88 -25.61 21.91
N LEU B 774 -33.04 -26.01 21.36
CA LEU B 774 -34.31 -25.48 21.85
C LEU B 774 -34.56 -25.91 23.30
N SER B 775 -34.23 -27.16 23.63
CA SER B 775 -34.39 -27.61 25.01
C SER B 775 -33.49 -26.83 25.96
N ILE B 776 -32.25 -26.57 25.55
CA ILE B 776 -31.34 -25.79 26.39
C ILE B 776 -31.86 -24.38 26.58
N LEU B 777 -32.37 -23.76 25.50
CA LEU B 777 -32.92 -22.42 25.60
C LEU B 777 -34.15 -22.39 26.51
N LYS B 778 -35.00 -23.42 26.41
CA LYS B 778 -36.17 -23.49 27.29
C LYS B 778 -35.75 -23.64 28.75
N SER B 779 -34.74 -24.46 29.02
CA SER B 779 -34.24 -24.61 30.38
C SER B 779 -33.67 -23.30 30.90
N HIS B 780 -32.95 -22.57 30.05
CA HIS B 780 -32.43 -21.26 30.45
C HIS B 780 -33.56 -20.28 30.74
N GLU B 781 -34.59 -20.29 29.90
CA GLU B 781 -35.73 -19.39 30.10
C GLU B 781 -36.46 -19.71 31.40
N ASN B 782 -36.65 -20.99 31.70
CA ASN B 782 -37.33 -21.39 32.91
C ASN B 782 -36.36 -21.32 34.10
N GLY B 783 -36.87 -21.67 35.28
CA GLY B 783 -36.07 -21.66 36.49
C GLY B 783 -35.29 -22.94 36.75
N PHE B 784 -35.31 -23.89 35.82
CA PHE B 784 -34.60 -25.15 36.02
C PHE B 784 -33.10 -24.92 36.16
N MET B 785 -32.54 -24.09 35.28
CA MET B 785 -31.10 -23.79 35.36
C MET B 785 -30.76 -23.08 36.67
N GLU B 786 -31.59 -22.11 37.07
CA GLU B 786 -31.33 -21.39 38.32
C GLU B 786 -31.42 -22.33 39.52
N ASP B 787 -32.44 -23.21 39.54
CA ASP B 787 -32.57 -24.14 40.64
C ASP B 787 -31.38 -25.10 40.70
N LEU B 788 -30.94 -25.60 39.54
CA LEU B 788 -29.80 -26.51 39.52
C LEU B 788 -28.53 -25.81 39.99
N ASP B 789 -28.33 -24.55 39.57
CA ASP B 789 -27.16 -23.80 40.02
C ASP B 789 -27.21 -23.58 41.53
N LYS B 790 -28.39 -23.24 42.06
CA LYS B 790 -28.52 -23.02 43.50
C LYS B 790 -28.24 -24.32 44.26
N THR B 791 -28.74 -25.44 43.77
CA THR B 791 -28.57 -26.71 44.49
C THR B 791 -27.17 -27.28 44.36
N TRP B 792 -26.46 -27.00 43.27
CA TRP B 792 -25.20 -27.69 42.98
C TRP B 792 -23.96 -26.81 43.06
N VAL B 793 -24.06 -25.51 42.76
CA VAL B 793 -22.86 -24.68 42.68
C VAL B 793 -22.93 -23.53 43.67
N ARG B 794 -24.11 -23.31 44.26
CA ARG B 794 -24.32 -22.23 45.21
C ARG B 794 -24.40 -22.80 46.62
N TYR B 795 -23.61 -22.24 47.53
CA TYR B 795 -23.63 -22.66 48.93
C TYR B 795 -24.05 -21.51 49.84
N THR B 809 -10.49 -10.69 66.47
CA THR B 809 -10.95 -10.85 65.10
C THR B 809 -10.91 -12.32 64.68
N PHE B 810 -9.76 -12.96 64.86
CA PHE B 810 -9.55 -14.34 64.45
C PHE B 810 -8.44 -14.93 65.32
N GLU B 811 -7.93 -16.09 64.90
CA GLU B 811 -6.88 -16.76 65.67
C GLU B 811 -5.58 -15.98 65.68
N ASN B 812 -5.42 -15.01 64.77
CA ASN B 812 -4.17 -14.25 64.71
C ASN B 812 -3.93 -13.50 66.02
N MET B 813 -4.97 -12.87 66.58
CA MET B 813 -4.85 -12.24 67.88
C MET B 813 -5.09 -13.19 69.03
N ALA B 814 -5.85 -14.27 68.81
CA ALA B 814 -6.06 -15.25 69.87
C ALA B 814 -4.76 -15.92 70.28
N GLY B 815 -3.89 -16.21 69.31
CA GLY B 815 -2.62 -16.83 69.64
C GLY B 815 -1.75 -15.95 70.51
N VAL B 816 -1.62 -14.68 70.14
CA VAL B 816 -0.80 -13.76 70.94
C VAL B 816 -1.44 -13.50 72.29
N PHE B 817 -2.78 -13.48 72.35
CA PHE B 817 -3.46 -13.33 73.64
C PHE B 817 -3.14 -14.52 74.56
N MET B 818 -3.20 -15.74 74.03
CA MET B 818 -2.85 -16.91 74.82
C MET B 818 -1.39 -16.86 75.25
N LEU B 819 -0.51 -16.44 74.34
CA LEU B 819 0.92 -16.37 74.67
C LEU B 819 1.18 -15.37 75.79
N VAL B 820 0.57 -14.18 75.72
CA VAL B 820 0.82 -13.18 76.76
C VAL B 820 0.17 -13.59 78.07
N ALA B 821 -0.98 -14.27 78.02
CA ALA B 821 -1.60 -14.76 79.25
C ALA B 821 -0.70 -15.80 79.92
N GLY B 822 -0.17 -16.74 79.13
CA GLY B 822 0.75 -17.72 79.68
C GLY B 822 2.01 -17.07 80.24
N GLY B 823 2.54 -16.08 79.52
CA GLY B 823 3.73 -15.37 80.01
C GLY B 823 3.48 -14.65 81.32
N ILE B 824 2.34 -13.97 81.45
CA ILE B 824 2.07 -13.21 82.65
C ILE B 824 1.80 -14.15 83.83
N VAL B 825 1.10 -15.27 83.59
CA VAL B 825 0.86 -16.19 84.71
C VAL B 825 2.16 -16.87 85.13
N ALA B 826 3.01 -17.24 84.18
CA ALA B 826 4.31 -17.79 84.55
C ALA B 826 5.15 -16.77 85.30
N GLY B 827 5.11 -15.51 84.87
CA GLY B 827 5.86 -14.48 85.56
C GLY B 827 5.41 -14.26 86.99
N ILE B 828 4.09 -14.17 87.21
CA ILE B 828 3.61 -13.99 88.58
C ILE B 828 3.93 -15.22 89.43
N PHE B 829 3.82 -16.41 88.84
CA PHE B 829 4.15 -17.63 89.59
C PHE B 829 5.62 -17.66 90.00
N LEU B 830 6.52 -17.27 89.10
CA LEU B 830 7.94 -17.29 89.42
C LEU B 830 8.38 -16.10 90.26
N ILE B 831 7.59 -15.03 90.30
CA ILE B 831 7.98 -13.83 91.04
C ILE B 831 7.35 -13.75 92.42
N PHE B 832 6.28 -14.51 92.69
CA PHE B 832 5.67 -14.47 94.02
C PHE B 832 6.66 -14.90 95.09
N ILE B 833 7.36 -16.02 94.87
CA ILE B 833 8.31 -16.52 95.85
C ILE B 833 9.49 -15.57 95.99
N GLU B 834 9.96 -14.99 94.89
CA GLU B 834 11.06 -14.04 94.97
C GLU B 834 10.66 -12.80 95.77
N ILE B 835 9.47 -12.28 95.54
CA ILE B 835 9.00 -11.11 96.29
C ILE B 835 8.86 -11.45 97.77
N ALA B 836 8.30 -12.62 98.08
CA ALA B 836 8.16 -13.02 99.48
C ALA B 836 9.53 -13.15 100.15
N TYR B 837 10.49 -13.76 99.46
CA TYR B 837 11.83 -13.91 100.04
C TYR B 837 12.50 -12.55 100.24
N LYS B 838 12.36 -11.65 99.26
CA LYS B 838 12.96 -10.32 99.40
C LYS B 838 12.33 -9.55 100.56
N ARG B 839 11.00 -9.64 100.70
CA ARG B 839 10.33 -8.96 101.81
C ARG B 839 10.77 -9.55 103.15
N HIS B 840 10.89 -10.87 103.23
CA HIS B 840 11.33 -11.50 104.48
C HIS B 840 12.76 -11.09 104.82
N LYS B 841 13.64 -11.03 103.81
CA LYS B 841 15.01 -10.61 104.06
C LYS B 841 15.08 -9.15 104.52
N ASP B 842 14.28 -8.29 103.89
CA ASP B 842 14.28 -6.88 104.29
C ASP B 842 13.62 -6.67 105.64
N ALA B 843 12.77 -7.61 106.07
CA ALA B 843 12.07 -7.49 107.34
C ALA B 843 12.86 -8.05 108.52
N ARG B 844 14.05 -8.60 108.29
CA ARG B 844 14.86 -9.14 109.37
C ARG B 844 15.38 -8.03 110.27
N LEU C 34 17.98 -69.99 -5.91
CA LEU C 34 19.18 -70.71 -6.30
C LEU C 34 19.93 -69.99 -7.42
N ASN C 35 19.32 -69.93 -8.60
CA ASN C 35 19.93 -69.26 -9.74
C ASN C 35 19.33 -67.88 -9.94
N ILE C 36 20.18 -66.90 -10.24
CA ILE C 36 19.75 -65.52 -10.46
C ILE C 36 20.34 -65.04 -11.79
N ALA C 37 19.47 -64.47 -12.64
CA ALA C 37 19.87 -63.97 -13.94
C ALA C 37 19.81 -62.44 -13.94
N VAL C 38 20.73 -61.83 -14.69
CA VAL C 38 20.84 -60.38 -14.79
C VAL C 38 20.58 -59.97 -16.23
N MET C 39 19.69 -59.01 -16.43
CA MET C 39 19.30 -58.56 -17.76
C MET C 39 19.55 -57.07 -17.89
N LEU C 40 20.35 -56.69 -18.88
CA LEU C 40 20.57 -55.31 -19.26
C LEU C 40 20.43 -55.19 -20.77
N GLY C 41 19.93 -54.04 -21.24
CA GLY C 41 19.72 -53.90 -22.67
C GLY C 41 21.02 -53.83 -23.45
N HIS C 42 21.74 -52.75 -23.31
CA HIS C 42 23.13 -52.68 -23.80
C HIS C 42 24.08 -52.08 -22.79
N SER C 43 23.69 -51.00 -22.10
CA SER C 43 24.47 -50.32 -21.08
C SER C 43 25.97 -50.34 -21.33
N HIS C 44 26.73 -50.88 -20.39
CA HIS C 44 28.17 -50.93 -20.44
C HIS C 44 28.63 -52.27 -21.02
N ASP C 45 29.94 -52.51 -20.98
CA ASP C 45 30.50 -53.70 -21.60
C ASP C 45 30.03 -54.97 -20.90
N VAL C 46 29.86 -56.04 -21.67
CA VAL C 46 29.30 -57.27 -21.14
C VAL C 46 30.28 -57.97 -20.20
N THR C 47 31.57 -57.98 -20.55
CA THR C 47 32.55 -58.73 -19.77
C THR C 47 32.70 -58.18 -18.37
N GLU C 48 32.76 -56.85 -18.22
CA GLU C 48 32.88 -56.26 -16.89
C GLU C 48 31.64 -56.54 -16.06
N ARG C 49 30.46 -56.53 -16.69
CA ARG C 49 29.23 -56.86 -15.97
C ARG C 49 29.23 -58.31 -15.52
N GLU C 50 29.74 -59.22 -16.36
CA GLU C 50 29.86 -60.62 -15.98
C GLU C 50 30.81 -60.77 -14.80
N LEU C 51 31.93 -60.06 -14.81
CA LEU C 51 32.86 -60.10 -13.68
C LEU C 51 32.22 -59.57 -12.41
N ARG C 52 31.46 -58.47 -12.52
CA ARG C 52 30.77 -57.92 -11.35
C ARG C 52 29.74 -58.90 -10.79
N THR C 53 28.99 -59.56 -11.68
CA THR C 53 28.02 -60.55 -11.22
C THR C 53 28.72 -61.75 -10.58
N LEU C 54 29.89 -62.12 -11.09
CA LEU C 54 30.67 -63.18 -10.46
C LEU C 54 31.13 -62.79 -9.06
N TRP C 55 31.61 -61.55 -8.91
CA TRP C 55 32.21 -61.12 -7.64
C TRP C 55 31.19 -60.62 -6.62
N GLY C 56 29.95 -60.37 -7.02
CA GLY C 56 28.94 -59.85 -6.12
C GLY C 56 28.58 -60.78 -4.98
N PRO C 57 27.93 -61.91 -5.30
CA PRO C 57 27.51 -62.84 -4.24
C PRO C 57 28.66 -63.45 -3.46
N GLU C 58 29.87 -63.47 -4.01
CA GLU C 58 31.01 -64.07 -3.33
C GLU C 58 31.54 -63.22 -2.19
N GLN C 59 31.08 -61.97 -2.05
CA GLN C 59 31.58 -61.12 -0.98
C GLN C 59 31.17 -61.67 0.39
N ALA C 60 29.90 -62.03 0.56
CA ALA C 60 29.39 -62.48 1.84
C ALA C 60 28.27 -63.49 1.59
N ALA C 61 27.51 -63.78 2.65
CA ALA C 61 26.37 -64.69 2.59
C ALA C 61 26.80 -66.07 2.09
N GLY C 62 27.65 -66.72 2.89
CA GLY C 62 28.07 -68.09 2.57
C GLY C 62 26.96 -69.10 2.72
N LEU C 63 26.07 -68.91 3.70
CA LEU C 63 25.02 -69.89 3.97
C LEU C 63 24.08 -70.11 2.78
N PRO C 64 23.54 -69.07 2.12
CA PRO C 64 22.70 -69.34 0.95
C PRO C 64 23.49 -69.95 -0.20
N LEU C 65 22.79 -70.70 -1.03
CA LEU C 65 23.42 -71.39 -2.14
C LEU C 65 23.95 -70.40 -3.17
N ASP C 66 25.00 -70.82 -3.89
CA ASP C 66 25.61 -69.97 -4.89
C ASP C 66 24.66 -69.74 -6.07
N VAL C 67 24.76 -68.56 -6.67
CA VAL C 67 23.92 -68.17 -7.79
C VAL C 67 24.77 -68.15 -9.06
N ASN C 68 24.09 -68.23 -10.20
CA ASN C 68 24.76 -68.19 -11.49
C ASN C 68 24.85 -66.76 -11.99
N VAL C 69 25.57 -66.59 -13.10
CA VAL C 69 25.87 -65.25 -13.62
C VAL C 69 25.44 -65.14 -15.08
N VAL C 70 24.41 -65.88 -15.46
CA VAL C 70 23.91 -65.81 -16.83
C VAL C 70 23.35 -64.43 -17.11
N ALA C 71 23.77 -63.83 -18.23
CA ALA C 71 23.34 -62.50 -18.59
C ALA C 71 23.33 -62.35 -20.10
N LEU C 72 22.26 -61.77 -20.64
CA LEU C 72 22.13 -61.51 -22.06
C LEU C 72 21.80 -60.04 -22.27
N LEU C 73 22.40 -59.45 -23.31
CA LEU C 73 22.23 -58.03 -23.60
C LEU C 73 21.75 -57.86 -25.03
N MET C 74 20.63 -57.17 -25.21
CA MET C 74 20.11 -56.85 -26.52
C MET C 74 19.51 -55.45 -26.49
N ASN C 75 19.80 -54.66 -27.52
CA ASN C 75 19.34 -53.26 -27.56
C ASN C 75 17.83 -53.18 -27.62
N ARG C 76 17.20 -54.04 -28.42
CA ARG C 76 15.75 -53.99 -28.58
C ARG C 76 15.05 -54.47 -27.30
N THR C 77 13.82 -54.00 -27.13
CA THR C 77 13.00 -54.36 -25.97
C THR C 77 11.58 -54.69 -26.42
N ASP C 78 11.45 -55.32 -27.58
CA ASP C 78 10.14 -55.72 -28.07
C ASP C 78 9.58 -56.84 -27.21
N PRO C 79 8.24 -56.90 -27.05
CA PRO C 79 7.65 -57.94 -26.20
C PRO C 79 7.97 -59.35 -26.65
N LYS C 80 8.07 -59.59 -27.96
CA LYS C 80 8.45 -60.91 -28.45
C LYS C 80 9.83 -61.31 -27.92
N SER C 81 10.81 -60.43 -28.10
CA SER C 81 12.17 -60.73 -27.63
C SER C 81 12.21 -60.89 -26.12
N LEU C 82 11.49 -60.04 -25.39
CA LEU C 82 11.48 -60.14 -23.93
C LEU C 82 10.90 -61.47 -23.47
N ILE C 83 9.78 -61.88 -24.06
CA ILE C 83 9.15 -63.14 -23.67
C ILE C 83 10.06 -64.32 -24.01
N THR C 84 10.66 -64.30 -25.20
CA THR C 84 11.55 -65.40 -25.58
C THR C 84 12.76 -65.48 -24.66
N HIS C 85 13.35 -64.34 -24.32
CA HIS C 85 14.50 -64.33 -23.43
C HIS C 85 14.12 -64.80 -22.03
N VAL C 86 12.94 -64.38 -21.54
CA VAL C 86 12.49 -64.81 -20.22
C VAL C 86 12.30 -66.32 -20.19
N CYS C 87 11.65 -66.87 -21.23
CA CYS C 87 11.43 -68.32 -21.26
C CYS C 87 12.75 -69.07 -21.38
N ASP C 88 13.69 -68.56 -22.18
CA ASP C 88 14.99 -69.20 -22.28
C ASP C 88 15.73 -69.18 -20.94
N LEU C 89 15.65 -68.07 -20.21
CA LEU C 89 16.28 -68.00 -18.89
C LEU C 89 15.61 -68.97 -17.92
N MET C 90 14.28 -69.08 -17.97
CA MET C 90 13.59 -70.03 -17.10
C MET C 90 14.01 -71.46 -17.41
N SER C 91 14.17 -71.78 -18.70
CA SER C 91 14.73 -73.08 -19.07
C SER C 91 16.18 -73.23 -18.63
N GLY C 92 16.88 -72.12 -18.37
CA GLY C 92 18.26 -72.17 -17.94
C GLY C 92 18.42 -72.39 -16.45
N ALA C 93 18.21 -73.64 -16.01
CA ALA C 93 18.41 -74.06 -14.62
C ALA C 93 17.48 -73.31 -13.66
N ARG C 94 16.33 -72.84 -14.17
CA ARG C 94 15.28 -72.23 -13.36
C ARG C 94 15.81 -71.03 -12.56
N ILE C 95 16.22 -70.00 -13.28
CA ILE C 95 16.73 -68.80 -12.63
C ILE C 95 15.61 -68.10 -11.87
N HIS C 96 15.98 -67.39 -10.80
CA HIS C 96 15.04 -66.64 -9.99
C HIS C 96 15.54 -65.22 -9.81
N GLY C 97 14.65 -64.25 -9.93
CA GLY C 97 15.00 -62.86 -9.65
C GLY C 97 15.50 -62.07 -10.84
N LEU C 98 14.72 -62.03 -11.92
CA LEU C 98 15.09 -61.22 -13.07
C LEU C 98 15.08 -59.74 -12.70
N VAL C 99 16.09 -59.01 -13.16
CA VAL C 99 16.25 -57.60 -12.82
C VAL C 99 15.67 -56.73 -13.92
N PHE C 100 15.85 -57.15 -15.18
CA PHE C 100 15.28 -56.47 -16.34
C PHE C 100 15.70 -55.00 -16.39
N GLY C 101 17.01 -54.79 -16.55
CA GLY C 101 17.55 -53.45 -16.68
C GLY C 101 17.46 -52.92 -18.10
N ASP C 102 16.26 -52.53 -18.53
CA ASP C 102 16.09 -52.04 -19.89
C ASP C 102 16.83 -50.72 -20.09
N ASP C 103 17.43 -50.57 -21.27
CA ASP C 103 18.22 -49.38 -21.56
C ASP C 103 17.35 -48.17 -21.84
N THR C 104 16.16 -48.37 -22.39
CA THR C 104 15.26 -47.25 -22.68
C THR C 104 14.56 -46.82 -21.40
N ASP C 105 13.60 -45.91 -21.52
CA ASP C 105 12.86 -45.39 -20.37
C ASP C 105 11.35 -45.48 -20.57
N GLN C 106 10.89 -46.26 -21.54
CA GLN C 106 9.46 -46.42 -21.77
C GLN C 106 8.83 -47.20 -20.62
N GLU C 107 7.64 -46.75 -20.20
CA GLU C 107 6.95 -47.38 -19.08
C GLU C 107 6.16 -48.62 -19.49
N ALA C 108 6.07 -48.93 -20.79
CA ALA C 108 5.36 -50.12 -21.24
C ALA C 108 6.09 -51.40 -20.84
N VAL C 109 7.42 -51.36 -20.83
CA VAL C 109 8.18 -52.56 -20.46
C VAL C 109 7.96 -52.89 -18.99
N ALA C 110 7.75 -51.89 -18.14
CA ALA C 110 7.40 -52.16 -16.75
C ALA C 110 6.07 -52.89 -16.64
N GLN C 111 5.09 -52.48 -17.45
CA GLN C 111 3.80 -53.17 -17.47
C GLN C 111 3.95 -54.59 -17.98
N MET C 112 4.78 -54.80 -19.01
CA MET C 112 5.03 -56.14 -19.51
C MET C 112 5.67 -57.02 -18.44
N LEU C 113 6.64 -56.46 -17.71
CA LEU C 113 7.29 -57.23 -16.64
C LEU C 113 6.31 -57.55 -15.52
N ASP C 114 5.43 -56.61 -15.18
CA ASP C 114 4.43 -56.86 -14.16
C ASP C 114 3.46 -57.95 -14.60
N PHE C 115 3.06 -57.93 -15.88
CA PHE C 115 2.20 -59.00 -16.40
C PHE C 115 2.91 -60.34 -16.36
N ILE C 116 4.19 -60.36 -16.70
CA ILE C 116 4.96 -61.61 -16.65
C ILE C 116 5.00 -62.14 -15.22
N SER C 117 5.25 -61.26 -14.26
CA SER C 117 5.30 -61.68 -12.86
C SER C 117 3.95 -62.20 -12.40
N SER C 118 2.87 -61.51 -12.77
CA SER C 118 1.54 -61.94 -12.35
C SER C 118 1.17 -63.30 -12.95
N HIS C 119 1.47 -63.50 -14.24
CA HIS C 119 1.08 -64.74 -14.91
C HIS C 119 1.96 -65.92 -14.50
N THR C 120 3.25 -65.68 -14.23
CA THR C 120 4.14 -66.78 -13.88
C THR C 120 5.26 -66.28 -12.99
N PHE C 121 5.72 -67.18 -12.12
CA PHE C 121 6.87 -67.01 -11.24
C PHE C 121 6.64 -65.93 -10.19
N VAL C 122 7.22 -66.11 -9.01
CA VAL C 122 7.09 -65.16 -7.91
C VAL C 122 8.14 -64.04 -7.94
N PRO C 123 9.45 -64.34 -8.05
CA PRO C 123 10.46 -63.29 -7.83
C PRO C 123 10.78 -62.52 -9.11
N ILE C 124 10.46 -61.23 -9.11
CA ILE C 124 10.92 -60.30 -10.15
C ILE C 124 11.22 -58.98 -9.49
N LEU C 125 12.36 -58.38 -9.81
CA LEU C 125 12.80 -57.11 -9.24
C LEU C 125 12.89 -56.07 -10.34
N GLY C 126 12.24 -54.92 -10.12
CA GLY C 126 12.24 -53.83 -11.08
C GLY C 126 13.34 -52.81 -10.87
N ILE C 127 14.58 -53.17 -11.19
CA ILE C 127 15.71 -52.27 -11.01
C ILE C 127 15.60 -51.11 -11.99
N HIS C 128 16.42 -50.07 -11.80
CA HIS C 128 16.35 -48.88 -12.63
C HIS C 128 16.57 -49.21 -14.09
N GLY C 129 15.84 -48.51 -14.95
CA GLY C 129 15.94 -48.72 -16.39
C GLY C 129 14.65 -48.37 -17.10
N GLY C 130 14.15 -49.27 -17.93
CA GLY C 130 12.84 -49.07 -18.52
C GLY C 130 11.72 -49.05 -17.50
N ALA C 131 11.85 -49.86 -16.45
CA ALA C 131 10.87 -49.93 -15.38
C ALA C 131 11.12 -48.90 -14.29
N SER C 132 11.79 -47.81 -14.61
CA SER C 132 12.04 -46.76 -13.60
C SER C 132 10.74 -46.12 -13.16
N MET C 133 9.84 -45.84 -14.09
CA MET C 133 8.56 -45.23 -13.74
C MET C 133 7.68 -46.24 -13.01
N ILE C 134 7.09 -45.81 -11.89
CA ILE C 134 6.27 -46.70 -11.09
C ILE C 134 4.84 -46.73 -11.66
N MET C 135 4.11 -47.78 -11.27
CA MET C 135 2.72 -47.95 -11.66
C MET C 135 1.82 -47.49 -10.51
N ALA C 136 0.75 -46.77 -10.87
CA ALA C 136 -0.10 -46.16 -9.85
C ALA C 136 -0.77 -47.21 -8.97
N ASP C 137 -1.30 -48.27 -9.59
CA ASP C 137 -2.01 -49.33 -8.87
C ASP C 137 -1.50 -50.68 -9.34
N LYS C 138 -0.47 -51.19 -8.68
CA LYS C 138 0.04 -52.52 -8.99
C LYS C 138 -0.94 -53.58 -8.52
N ASP C 139 -1.03 -54.67 -9.26
CA ASP C 139 -1.97 -55.75 -8.94
C ASP C 139 -1.53 -56.45 -7.66
N PRO C 140 -2.37 -56.52 -6.63
CA PRO C 140 -1.98 -57.24 -5.41
C PRO C 140 -1.67 -58.71 -5.65
N THR C 141 -2.36 -59.36 -6.60
CA THR C 141 -2.04 -60.74 -6.92
C THR C 141 -0.65 -60.88 -7.50
N SER C 142 -0.24 -59.91 -8.32
CA SER C 142 1.10 -59.92 -8.89
C SER C 142 2.15 -59.76 -7.79
N THR C 143 3.26 -60.48 -7.94
CA THR C 143 4.37 -60.42 -7.00
C THR C 143 5.53 -59.58 -7.53
N PHE C 144 5.25 -58.68 -8.47
CA PHE C 144 6.31 -57.87 -9.06
C PHE C 144 6.82 -56.83 -8.08
N PHE C 145 8.14 -56.73 -7.97
CA PHE C 145 8.79 -55.74 -7.14
C PHE C 145 9.56 -54.77 -8.02
N GLN C 146 9.55 -53.49 -7.63
CA GLN C 146 10.16 -52.44 -8.44
C GLN C 146 10.95 -51.49 -7.56
N PHE C 147 12.02 -50.94 -8.11
CA PHE C 147 12.77 -49.87 -7.46
C PHE C 147 12.05 -48.54 -7.67
N GLY C 148 12.73 -47.44 -7.37
CA GLY C 148 12.14 -46.14 -7.53
C GLY C 148 11.23 -45.78 -6.36
N ALA C 149 10.51 -44.68 -6.55
CA ALA C 149 9.59 -44.16 -5.54
C ALA C 149 8.23 -43.87 -6.14
N SER C 150 7.20 -44.05 -5.33
CA SER C 150 5.85 -43.77 -5.77
C SER C 150 5.59 -42.26 -5.81
N ILE C 151 4.49 -41.89 -6.47
CA ILE C 151 4.13 -40.47 -6.55
C ILE C 151 3.78 -39.92 -5.17
N GLN C 152 3.19 -40.74 -4.31
CA GLN C 152 2.82 -40.27 -2.97
C GLN C 152 4.04 -39.86 -2.17
N GLN C 153 5.11 -40.65 -2.23
CA GLN C 153 6.35 -40.30 -1.54
C GLN C 153 6.96 -39.02 -2.12
N GLN C 154 6.87 -38.84 -3.44
CA GLN C 154 7.34 -37.61 -4.06
C GLN C 154 6.54 -36.41 -3.54
N ALA C 155 5.23 -36.58 -3.33
CA ALA C 155 4.43 -35.52 -2.76
C ALA C 155 4.90 -35.15 -1.36
N THR C 156 5.21 -36.17 -0.54
CA THR C 156 5.71 -35.90 0.80
C THR C 156 7.05 -35.17 0.75
N VAL C 157 7.92 -35.56 -0.18
CA VAL C 157 9.21 -34.88 -0.31
C VAL C 157 9.00 -33.42 -0.72
N MET C 158 8.09 -33.18 -1.67
CA MET C 158 7.81 -31.81 -2.09
C MET C 158 7.27 -30.97 -0.93
N LEU C 159 6.35 -31.54 -0.15
CA LEU C 159 5.79 -30.83 0.98
C LEU C 159 6.85 -30.52 2.02
N LYS C 160 7.75 -31.49 2.29
CA LYS C 160 8.82 -31.26 3.25
C LYS C 160 9.77 -30.18 2.75
N ILE C 161 10.08 -30.17 1.45
CA ILE C 161 10.95 -29.14 0.90
C ILE C 161 10.30 -27.76 1.03
N MET C 162 9.00 -27.68 0.72
CA MET C 162 8.30 -26.40 0.86
C MET C 162 8.26 -25.95 2.31
N GLN C 163 8.07 -26.88 3.24
CA GLN C 163 8.11 -26.55 4.66
C GLN C 163 9.48 -26.01 5.06
N ASP C 164 10.55 -26.65 4.57
CA ASP C 164 11.90 -26.17 4.85
C ASP C 164 12.13 -24.79 4.24
N TYR C 165 11.47 -24.50 3.12
CA TYR C 165 11.56 -23.18 2.50
C TYR C 165 10.57 -22.18 3.07
N ASP C 166 9.75 -22.61 4.05
CA ASP C 166 8.76 -21.74 4.69
C ASP C 166 7.78 -21.15 3.68
N TRP C 167 7.37 -21.98 2.72
CA TRP C 167 6.38 -21.59 1.72
C TRP C 167 5.01 -22.02 2.21
N HIS C 168 4.25 -21.08 2.79
CA HIS C 168 2.95 -21.38 3.35
C HIS C 168 1.81 -21.20 2.35
N VAL C 169 2.12 -20.83 1.11
CA VAL C 169 1.11 -20.70 0.06
C VAL C 169 1.32 -21.84 -0.93
N PHE C 170 0.23 -22.27 -1.57
CA PHE C 170 0.28 -23.43 -2.45
C PHE C 170 -0.78 -23.29 -3.53
N SER C 171 -0.42 -23.73 -4.73
CA SER C 171 -1.35 -23.80 -5.86
C SER C 171 -1.19 -25.16 -6.53
N LEU C 172 -2.30 -25.86 -6.74
CA LEU C 172 -2.29 -27.16 -7.38
C LEU C 172 -2.72 -27.00 -8.83
N VAL C 173 -1.81 -27.34 -9.74
CA VAL C 173 -2.08 -27.25 -11.18
C VAL C 173 -2.02 -28.68 -11.73
N THR C 174 -3.19 -29.26 -11.96
CA THR C 174 -3.31 -30.63 -12.45
C THR C 174 -3.91 -30.60 -13.85
N THR C 175 -3.12 -30.99 -14.84
CA THR C 175 -3.63 -31.12 -16.20
C THR C 175 -4.29 -32.48 -16.38
N ILE C 176 -5.02 -32.63 -17.48
CA ILE C 176 -5.72 -33.88 -17.76
C ILE C 176 -4.68 -34.96 -18.03
N PHE C 177 -4.54 -35.90 -17.09
CA PHE C 177 -3.60 -37.00 -17.22
C PHE C 177 -3.98 -38.09 -16.23
N PRO C 178 -3.93 -39.36 -16.62
CA PRO C 178 -4.38 -40.43 -15.72
C PRO C 178 -3.50 -40.54 -14.49
N GLY C 179 -4.11 -41.00 -13.40
CA GLY C 179 -3.39 -41.24 -12.16
C GLY C 179 -3.11 -40.02 -11.33
N TYR C 180 -3.74 -38.88 -11.62
CA TYR C 180 -3.51 -37.66 -10.86
C TYR C 180 -4.63 -37.33 -9.89
N ARG C 181 -5.81 -37.93 -10.06
CA ARG C 181 -6.89 -37.71 -9.10
C ARG C 181 -6.53 -38.24 -7.72
N GLU C 182 -5.88 -39.41 -7.68
CA GLU C 182 -5.42 -39.95 -6.39
C GLU C 182 -4.35 -39.05 -5.79
N PHE C 183 -3.51 -38.45 -6.62
CA PHE C 183 -2.53 -37.49 -6.13
C PHE C 183 -3.20 -36.27 -5.52
N ILE C 184 -4.25 -35.77 -6.17
CA ILE C 184 -4.99 -34.62 -5.64
C ILE C 184 -5.63 -34.99 -4.31
N SER C 185 -6.22 -36.18 -4.23
CA SER C 185 -6.84 -36.62 -2.98
C SER C 185 -5.81 -36.74 -1.87
N PHE C 186 -4.64 -37.29 -2.18
CA PHE C 186 -3.58 -37.42 -1.17
C PHE C 186 -3.10 -36.06 -0.70
N VAL C 187 -2.92 -35.11 -1.62
CA VAL C 187 -2.49 -33.77 -1.25
C VAL C 187 -3.53 -33.11 -0.36
N LYS C 188 -4.81 -33.24 -0.72
CA LYS C 188 -5.88 -32.64 0.08
C LYS C 188 -5.92 -33.25 1.48
N THR C 189 -5.79 -34.58 1.57
CA THR C 189 -5.79 -35.22 2.89
C THR C 189 -4.60 -34.78 3.73
N THR C 190 -3.43 -34.66 3.11
CA THR C 190 -2.24 -34.25 3.85
C THR C 190 -2.36 -32.79 4.31
N VAL C 191 -2.88 -31.92 3.47
CA VAL C 191 -3.01 -30.51 3.86
C VAL C 191 -4.12 -30.32 4.89
N ASP C 192 -5.11 -31.22 4.90
CA ASP C 192 -6.15 -31.14 5.91
C ASP C 192 -5.59 -31.36 7.31
N ASN C 193 -4.67 -32.31 7.45
CA ASN C 193 -4.04 -32.61 8.74
C ASN C 193 -2.53 -32.39 8.59
N SER C 194 -2.11 -31.15 8.87
CA SER C 194 -0.69 -30.80 8.80
C SER C 194 -0.39 -29.75 9.86
N PHE C 195 0.75 -29.91 10.54
CA PHE C 195 1.14 -28.96 11.57
C PHE C 195 1.41 -27.58 10.97
N VAL C 196 2.09 -27.53 9.82
CA VAL C 196 2.38 -26.25 9.19
C VAL C 196 1.09 -25.57 8.74
N GLY C 197 0.18 -26.34 8.15
CA GLY C 197 -1.10 -25.80 7.70
C GLY C 197 -0.99 -24.76 6.61
N TRP C 198 -0.19 -25.04 5.59
CA TRP C 198 -0.10 -24.13 4.45
C TRP C 198 -1.45 -24.01 3.74
N ASP C 199 -1.82 -22.78 3.41
CA ASP C 199 -3.13 -22.50 2.81
C ASP C 199 -3.03 -22.56 1.30
N MET C 200 -3.95 -23.28 0.67
CA MET C 200 -4.02 -23.35 -0.78
C MET C 200 -5.16 -22.47 -1.29
N GLN C 201 -4.93 -21.84 -2.45
CA GLN C 201 -5.93 -20.93 -3.00
C GLN C 201 -7.03 -21.68 -3.75
N ASN C 202 -6.66 -22.40 -4.80
CA ASN C 202 -7.63 -23.12 -5.63
C ASN C 202 -6.89 -24.17 -6.44
N VAL C 203 -7.65 -24.88 -7.28
CA VAL C 203 -7.11 -25.92 -8.14
C VAL C 203 -7.58 -25.66 -9.58
N ILE C 204 -6.82 -26.17 -10.53
CA ILE C 204 -7.10 -26.00 -11.95
C ILE C 204 -7.07 -27.37 -12.62
N THR C 205 -8.09 -27.65 -13.43
CA THR C 205 -8.29 -28.99 -13.99
C THR C 205 -7.81 -29.12 -15.44
N LEU C 206 -8.07 -28.12 -16.28
CA LEU C 206 -7.72 -28.16 -17.70
C LEU C 206 -8.32 -29.39 -18.38
N ASP C 207 -9.65 -29.44 -18.39
CA ASP C 207 -10.34 -30.58 -19.00
C ASP C 207 -10.05 -30.68 -20.50
N THR C 208 -10.03 -29.55 -21.19
CA THR C 208 -9.79 -29.53 -22.62
C THR C 208 -8.31 -29.75 -22.92
N SER C 209 -8.02 -30.14 -24.15
CA SER C 209 -6.64 -30.36 -24.61
C SER C 209 -6.04 -29.05 -25.14
N PHE C 210 -6.07 -28.04 -24.27
CA PHE C 210 -5.52 -26.71 -24.57
C PHE C 210 -6.26 -26.06 -25.73
N GLU C 211 -7.58 -25.95 -25.58
CA GLU C 211 -8.43 -25.27 -26.55
C GLU C 211 -9.47 -24.45 -25.79
N ASP C 212 -10.34 -23.78 -26.53
CA ASP C 212 -11.46 -22.99 -26.03
C ASP C 212 -11.01 -21.79 -25.20
N ALA C 213 -9.70 -21.52 -25.16
CA ALA C 213 -9.14 -20.35 -24.47
C ALA C 213 -9.39 -20.36 -22.97
N LYS C 214 -9.99 -21.44 -22.45
CA LYS C 214 -10.23 -21.55 -21.03
C LYS C 214 -8.97 -21.88 -20.24
N THR C 215 -7.95 -22.44 -20.92
CA THR C 215 -6.69 -22.73 -20.23
C THR C 215 -6.03 -21.46 -19.73
N GLN C 216 -6.08 -20.38 -20.50
CA GLN C 216 -5.55 -19.11 -20.05
C GLN C 216 -6.32 -18.60 -18.83
N VAL C 217 -7.64 -18.77 -18.83
CA VAL C 217 -8.45 -18.34 -17.69
C VAL C 217 -8.04 -19.12 -16.44
N GLN C 218 -7.88 -20.44 -16.59
CA GLN C 218 -7.51 -21.27 -15.44
C GLN C 218 -6.10 -20.96 -14.94
N LEU C 219 -5.18 -20.64 -15.86
CA LEU C 219 -3.82 -20.31 -15.44
C LEU C 219 -3.74 -18.92 -14.83
N LYS C 220 -4.65 -18.02 -15.19
CA LYS C 220 -4.60 -16.67 -14.65
C LYS C 220 -5.38 -16.53 -13.35
N LYS C 221 -6.42 -17.34 -13.14
CA LYS C 221 -7.22 -17.21 -11.93
C LYS C 221 -6.45 -17.56 -10.66
N ILE C 222 -5.30 -18.23 -10.79
CA ILE C 222 -4.48 -18.55 -9.62
C ILE C 222 -3.60 -17.35 -9.29
N HIS C 223 -3.24 -17.24 -8.01
CA HIS C 223 -2.41 -16.15 -7.54
C HIS C 223 -1.30 -16.58 -6.59
N SER C 224 -1.21 -17.87 -6.26
CA SER C 224 -0.21 -18.34 -5.32
C SER C 224 1.19 -18.20 -5.90
N SER C 225 2.16 -17.94 -5.02
CA SER C 225 3.55 -17.80 -5.43
C SER C 225 4.24 -19.14 -5.64
N VAL C 226 3.62 -20.24 -5.22
CA VAL C 226 4.19 -21.57 -5.36
C VAL C 226 3.28 -22.38 -6.28
N ILE C 227 3.87 -22.98 -7.31
CA ILE C 227 3.15 -23.75 -8.31
C ILE C 227 3.74 -25.15 -8.36
N LEU C 228 2.88 -26.17 -8.37
CA LEU C 228 3.32 -27.56 -8.45
C LEU C 228 2.77 -28.24 -9.69
N LEU C 229 2.95 -27.60 -10.85
CA LEU C 229 2.47 -28.18 -12.11
C LEU C 229 3.08 -29.55 -12.34
N TYR C 230 2.24 -30.50 -12.76
CA TYR C 230 2.69 -31.86 -13.03
C TYR C 230 1.80 -32.47 -14.10
N CYS C 231 2.38 -32.83 -15.22
CA CYS C 231 1.68 -33.44 -16.35
C CYS C 231 2.74 -34.02 -17.29
N SER C 232 2.31 -34.40 -18.50
CA SER C 232 3.22 -34.94 -19.49
C SER C 232 4.32 -33.93 -19.84
N LYS C 233 5.34 -34.41 -20.54
CA LYS C 233 6.51 -33.57 -20.84
C LYS C 233 6.13 -32.39 -21.72
N ASP C 234 5.59 -32.66 -22.91
CA ASP C 234 5.24 -31.58 -23.83
C ASP C 234 4.13 -30.70 -23.27
N GLU C 235 3.15 -31.31 -22.59
CA GLU C 235 2.07 -30.52 -21.98
C GLU C 235 2.63 -29.55 -20.95
N ALA C 236 3.54 -30.02 -20.09
CA ALA C 236 4.15 -29.15 -19.10
C ALA C 236 4.97 -28.05 -19.77
N VAL C 237 5.70 -28.40 -20.83
CA VAL C 237 6.52 -27.41 -21.53
C VAL C 237 5.64 -26.31 -22.10
N LEU C 238 4.54 -26.69 -22.76
CA LEU C 238 3.67 -25.69 -23.36
C LEU C 238 2.96 -24.86 -22.29
N ILE C 239 2.57 -25.49 -21.18
CA ILE C 239 1.91 -24.75 -20.10
C ILE C 239 2.85 -23.72 -19.50
N LEU C 240 4.11 -24.12 -19.24
CA LEU C 240 5.04 -23.16 -18.67
C LEU C 240 5.44 -22.08 -19.68
N SER C 241 5.47 -22.40 -20.97
CA SER C 241 5.70 -21.37 -21.99
C SER C 241 4.56 -20.37 -22.01
N GLU C 242 3.32 -20.85 -21.91
CA GLU C 242 2.16 -19.95 -21.84
C GLU C 242 2.22 -19.10 -20.58
N ALA C 243 2.62 -19.69 -19.46
CA ALA C 243 2.76 -18.93 -18.22
C ALA C 243 3.83 -17.85 -18.35
N ARG C 244 4.94 -18.18 -18.98
CA ARG C 244 6.00 -17.19 -19.21
C ARG C 244 5.51 -16.06 -20.10
N SER C 245 4.77 -16.39 -21.16
CA SER C 245 4.17 -15.36 -21.99
C SER C 245 3.05 -14.61 -21.28
N LEU C 246 2.53 -15.15 -20.16
CA LEU C 246 1.50 -14.51 -19.37
C LEU C 246 2.05 -13.86 -18.11
N GLY C 247 3.37 -13.78 -17.97
CA GLY C 247 3.98 -13.19 -16.80
C GLY C 247 3.77 -13.97 -15.52
N LEU C 248 3.85 -15.30 -15.59
CA LEU C 248 3.70 -16.15 -14.42
C LEU C 248 4.99 -16.88 -14.06
N THR C 249 6.12 -16.43 -14.58
CA THR C 249 7.41 -17.04 -14.33
C THR C 249 8.39 -16.03 -13.72
N GLY C 250 7.87 -15.16 -12.85
CA GLY C 250 8.69 -14.17 -12.18
C GLY C 250 9.50 -14.78 -11.04
N TYR C 251 10.27 -13.90 -10.38
CA TYR C 251 11.08 -14.34 -9.26
C TYR C 251 10.23 -14.84 -8.10
N ASP C 252 9.11 -14.17 -7.84
CA ASP C 252 8.22 -14.60 -6.77
C ASP C 252 7.60 -15.96 -7.08
N PHE C 253 7.25 -16.19 -8.34
CA PHE C 253 6.65 -17.46 -8.74
C PHE C 253 7.63 -18.61 -8.52
N PHE C 254 7.15 -19.69 -7.92
CA PHE C 254 7.95 -20.87 -7.65
C PHE C 254 7.30 -22.08 -8.32
N TRP C 255 8.13 -22.90 -8.96
CA TRP C 255 7.66 -24.05 -9.71
C TRP C 255 8.32 -25.32 -9.19
N ILE C 256 7.54 -26.38 -9.05
CA ILE C 256 8.02 -27.69 -8.59
C ILE C 256 7.76 -28.69 -9.71
N VAL C 257 8.79 -29.43 -10.09
CA VAL C 257 8.73 -30.37 -11.20
C VAL C 257 8.72 -31.79 -10.63
N PRO C 258 7.83 -32.66 -11.09
CA PRO C 258 7.84 -34.05 -10.62
C PRO C 258 8.93 -34.86 -11.32
N SER C 259 9.05 -36.12 -10.89
CA SER C 259 10.08 -36.99 -11.46
C SER C 259 9.77 -37.38 -12.90
N LEU C 260 8.49 -37.56 -13.23
CA LEU C 260 8.14 -38.04 -14.57
C LEU C 260 8.49 -37.00 -15.64
N VAL C 261 8.32 -35.72 -15.33
CA VAL C 261 8.71 -34.67 -16.28
C VAL C 261 10.22 -34.69 -16.50
N SER C 262 10.99 -34.84 -15.42
CA SER C 262 12.45 -34.84 -15.48
C SER C 262 13.03 -36.25 -15.54
N GLY C 263 12.32 -37.19 -16.17
CA GLY C 263 12.84 -38.54 -16.29
C GLY C 263 14.12 -38.59 -17.11
N ASN C 264 14.17 -37.84 -18.20
CA ASN C 264 15.37 -37.73 -19.03
C ASN C 264 16.09 -36.45 -18.62
N THR C 265 17.18 -36.61 -17.86
CA THR C 265 17.88 -35.46 -17.32
C THR C 265 18.49 -34.59 -18.42
N GLU C 266 19.10 -35.22 -19.42
CA GLU C 266 19.73 -34.47 -20.50
C GLU C 266 18.74 -33.82 -21.44
N LEU C 267 17.45 -34.15 -21.34
CA LEU C 267 16.41 -33.54 -22.17
C LEU C 267 15.91 -32.29 -21.47
N ILE C 268 16.57 -31.17 -21.74
CA ILE C 268 16.23 -29.88 -21.16
C ILE C 268 15.81 -28.95 -22.29
N PRO C 269 14.52 -28.75 -22.50
CA PRO C 269 14.06 -27.82 -23.54
C PRO C 269 14.42 -26.38 -23.20
N LYS C 270 14.59 -25.58 -24.25
CA LYS C 270 14.95 -24.18 -24.08
C LYS C 270 13.85 -23.35 -23.43
N GLU C 271 12.63 -23.87 -23.35
CA GLU C 271 11.53 -23.13 -22.74
C GLU C 271 11.53 -23.19 -21.21
N PHE C 272 12.30 -24.10 -20.62
CA PHE C 272 12.29 -24.26 -19.17
C PHE C 272 12.80 -23.00 -18.49
N PRO C 273 12.03 -22.39 -17.59
CA PRO C 273 12.54 -21.24 -16.84
C PRO C 273 13.63 -21.64 -15.87
N SER C 274 14.55 -20.72 -15.63
CA SER C 274 15.63 -20.96 -14.67
C SER C 274 15.07 -21.03 -13.25
N GLY C 275 15.59 -21.96 -12.46
CA GLY C 275 15.17 -22.13 -11.09
C GLY C 275 14.15 -23.22 -10.84
N LEU C 276 13.87 -24.08 -11.81
CA LEU C 276 12.94 -25.17 -11.60
C LEU C 276 13.47 -26.13 -10.55
N ILE C 277 12.57 -26.63 -9.71
CA ILE C 277 12.90 -27.56 -8.64
C ILE C 277 12.25 -28.90 -8.94
N SER C 278 13.05 -29.97 -8.93
CA SER C 278 12.57 -31.30 -9.25
C SER C 278 13.11 -32.30 -8.24
N VAL C 279 12.38 -33.40 -8.08
CA VAL C 279 12.77 -34.49 -7.20
C VAL C 279 12.68 -35.79 -8.00
N SER C 280 13.80 -36.51 -8.08
CA SER C 280 13.88 -37.76 -8.83
C SER C 280 15.17 -38.45 -8.42
N TYR C 281 15.53 -39.51 -9.14
CA TYR C 281 16.79 -40.22 -8.91
C TYR C 281 17.45 -40.52 -10.24
N ASP C 282 18.75 -40.25 -10.32
CA ASP C 282 19.51 -40.48 -11.54
C ASP C 282 20.94 -40.81 -11.15
N ASP C 283 21.85 -40.83 -12.13
CA ASP C 283 23.24 -41.20 -11.91
C ASP C 283 24.03 -39.99 -11.43
N TRP C 284 23.81 -39.63 -10.18
CA TRP C 284 24.58 -38.59 -9.50
C TRP C 284 25.23 -39.08 -8.22
N ASP C 285 24.55 -39.91 -7.45
CA ASP C 285 25.11 -40.52 -6.24
C ASP C 285 25.25 -42.02 -6.34
N TYR C 286 24.28 -42.70 -6.95
CA TYR C 286 24.34 -44.13 -7.21
C TYR C 286 24.36 -44.37 -8.71
N SER C 287 25.38 -45.09 -9.18
CA SER C 287 25.53 -45.38 -10.59
C SER C 287 24.81 -46.68 -10.94
N LEU C 288 24.95 -47.10 -12.20
CA LEU C 288 24.35 -48.36 -12.64
C LEU C 288 24.96 -49.54 -11.90
N GLU C 289 26.29 -49.52 -11.69
CA GLU C 289 26.94 -50.59 -10.96
C GLU C 289 26.44 -50.65 -9.52
N ALA C 290 26.31 -49.50 -8.86
CA ALA C 290 25.79 -49.47 -7.50
C ALA C 290 24.35 -49.98 -7.45
N ARG C 291 23.53 -49.59 -8.42
CA ARG C 291 22.14 -50.03 -8.45
C ARG C 291 22.04 -51.54 -8.65
N VAL C 292 22.82 -52.10 -9.57
CA VAL C 292 22.75 -53.54 -9.78
C VAL C 292 23.33 -54.29 -8.58
N ARG C 293 24.35 -53.73 -7.91
CA ARG C 293 24.85 -54.35 -6.69
C ARG C 293 23.78 -54.37 -5.60
N ASP C 294 23.07 -53.25 -5.43
CA ASP C 294 21.99 -53.22 -4.44
C ASP C 294 20.89 -54.22 -4.81
N GLY C 295 20.55 -54.30 -6.09
CA GLY C 295 19.51 -55.23 -6.51
C GLY C 295 19.90 -56.68 -6.25
N ILE C 296 21.13 -57.05 -6.62
CA ILE C 296 21.56 -58.42 -6.41
C ILE C 296 21.69 -58.72 -4.91
N GLY C 297 22.11 -57.74 -4.11
CA GLY C 297 22.15 -57.96 -2.68
C GLY C 297 20.77 -58.20 -2.07
N ILE C 298 19.79 -57.39 -2.49
CA ILE C 298 18.42 -57.58 -2.02
C ILE C 298 17.90 -58.94 -2.45
N LEU C 299 18.17 -59.34 -3.69
CA LEU C 299 17.72 -60.63 -4.19
C LEU C 299 18.36 -61.78 -3.39
N THR C 300 19.65 -61.67 -3.11
CA THR C 300 20.33 -62.71 -2.34
C THR C 300 19.79 -62.79 -0.91
N THR C 301 19.53 -61.64 -0.28
CA THR C 301 18.96 -61.66 1.06
C THR C 301 17.57 -62.29 1.06
N ALA C 302 16.74 -61.94 0.07
CA ALA C 302 15.41 -62.52 -0.01
C ALA C 302 15.48 -64.03 -0.25
N ALA C 303 16.39 -64.46 -1.11
CA ALA C 303 16.55 -65.89 -1.37
C ALA C 303 17.02 -66.63 -0.12
N SER C 304 17.95 -66.03 0.62
CA SER C 304 18.43 -66.66 1.86
C SER C 304 17.31 -66.76 2.89
N SER C 305 16.50 -65.70 3.02
CA SER C 305 15.37 -65.78 3.94
C SER C 305 14.37 -66.84 3.52
N MET C 306 14.09 -66.94 2.21
CA MET C 306 13.16 -67.95 1.72
C MET C 306 13.71 -69.35 1.99
N LEU C 307 15.01 -69.55 1.79
CA LEU C 307 15.61 -70.86 2.06
C LEU C 307 15.53 -71.21 3.54
N GLU C 308 16.00 -70.32 4.40
CA GLU C 308 15.96 -70.56 5.85
C GLU C 308 14.75 -69.89 6.48
N LYS C 309 13.58 -70.09 5.89
CA LYS C 309 12.32 -69.70 6.52
C LYS C 309 11.31 -70.85 6.56
N PHE C 310 11.26 -71.69 5.53
CA PHE C 310 10.31 -72.79 5.46
C PHE C 310 10.87 -73.82 4.48
N SER C 311 10.02 -74.75 4.05
CA SER C 311 10.40 -75.74 3.05
C SER C 311 10.50 -75.09 1.68
N TYR C 312 11.71 -74.68 1.30
CA TYR C 312 11.90 -73.94 0.06
C TYR C 312 11.65 -74.84 -1.15
N ILE C 313 10.99 -74.27 -2.16
CA ILE C 313 10.75 -74.96 -3.43
C ILE C 313 11.06 -73.99 -4.57
N PRO C 314 12.33 -73.66 -4.83
CA PRO C 314 12.66 -72.71 -5.90
C PRO C 314 12.68 -73.39 -7.26
N GLU C 315 11.69 -73.07 -8.09
CA GLU C 315 11.66 -73.55 -9.46
C GLU C 315 10.90 -72.56 -10.33
N ALA C 316 11.26 -72.51 -11.60
CA ALA C 316 10.65 -71.60 -12.55
C ALA C 316 9.49 -72.29 -13.25
N LYS C 317 8.99 -71.67 -14.32
CA LYS C 317 7.85 -72.21 -15.08
C LYS C 317 8.30 -73.29 -16.07
N ALA C 318 8.97 -74.30 -15.52
CA ALA C 318 9.55 -75.40 -16.30
C ALA C 318 10.49 -74.78 -17.35
N SER C 319 10.60 -75.41 -18.53
CA SER C 319 11.44 -74.87 -19.59
C SER C 319 10.89 -73.54 -20.09
N CYS C 320 9.71 -73.55 -20.71
CA CYS C 320 9.11 -72.32 -21.21
C CYS C 320 7.59 -72.30 -21.03
N TYR C 321 7.07 -73.03 -20.04
CA TYR C 321 5.64 -73.11 -19.74
C TYR C 321 4.92 -73.65 -20.97
N GLY C 322 3.99 -72.92 -21.57
CA GLY C 322 3.25 -73.41 -22.71
C GLY C 322 1.96 -74.13 -22.38
N GLN C 323 1.67 -74.36 -21.10
CA GLN C 323 0.44 -75.03 -20.71
C GLN C 323 -0.77 -74.15 -20.98
N MET C 324 -1.88 -74.79 -21.36
CA MET C 324 -3.11 -74.08 -21.68
C MET C 324 -3.96 -73.79 -20.44
N GLU C 325 -3.58 -74.29 -19.28
CA GLU C 325 -4.32 -74.06 -18.04
C GLU C 325 -3.38 -73.53 -16.97
N ARG C 326 -3.94 -72.73 -16.06
CA ARG C 326 -3.15 -72.13 -14.98
C ARG C 326 -3.43 -72.85 -13.68
N PRO C 327 -2.50 -73.67 -13.18
CA PRO C 327 -2.72 -74.36 -11.91
C PRO C 327 -2.35 -73.44 -10.73
N GLU C 328 -2.52 -73.98 -9.53
CA GLU C 328 -2.16 -73.26 -8.32
C GLU C 328 -0.65 -73.15 -8.19
N VAL C 329 -0.21 -72.20 -7.39
CA VAL C 329 1.20 -71.94 -7.15
C VAL C 329 1.52 -72.25 -5.70
N PRO C 330 2.05 -73.45 -5.41
CA PRO C 330 2.41 -73.78 -4.02
C PRO C 330 3.57 -72.95 -3.48
N MET C 331 4.37 -72.33 -4.35
CA MET C 331 5.51 -71.54 -3.89
C MET C 331 5.03 -70.27 -3.18
N HIS C 332 5.59 -70.01 -2.00
CA HIS C 332 5.20 -68.85 -1.23
C HIS C 332 5.76 -67.57 -1.87
N THR C 333 5.02 -66.48 -1.73
CA THR C 333 5.43 -65.22 -2.31
C THR C 333 6.57 -64.60 -1.49
N LEU C 334 7.23 -63.62 -2.10
CA LEU C 334 8.33 -62.90 -1.47
C LEU C 334 7.85 -61.69 -0.68
N HIS C 335 6.54 -61.47 -0.59
CA HIS C 335 6.02 -60.34 0.18
C HIS C 335 6.43 -60.39 1.65
N PRO C 336 6.29 -61.51 2.38
CA PRO C 336 6.77 -61.52 3.78
C PRO C 336 8.28 -61.37 3.90
N PHE C 337 9.04 -61.68 2.85
CA PHE C 337 10.49 -61.58 2.89
C PHE C 337 11.01 -60.21 2.49
N MET C 338 10.13 -59.32 2.01
CA MET C 338 10.54 -58.00 1.56
C MET C 338 10.11 -56.88 2.49
N VAL C 339 9.21 -57.16 3.44
CA VAL C 339 8.76 -56.12 4.36
C VAL C 339 9.89 -55.69 5.29
N ASN C 340 10.69 -56.64 5.75
CA ASN C 340 11.82 -56.37 6.65
C ASN C 340 13.05 -57.07 6.07
N VAL C 341 13.77 -56.38 5.19
CA VAL C 341 14.98 -56.90 4.57
C VAL C 341 16.08 -55.85 4.69
N THR C 342 17.24 -56.25 5.19
CA THR C 342 18.39 -55.37 5.34
C THR C 342 19.60 -56.04 4.71
N TRP C 343 20.33 -55.27 3.89
CA TRP C 343 21.50 -55.78 3.17
C TRP C 343 22.69 -54.88 3.50
N ASP C 344 23.46 -55.25 4.52
CA ASP C 344 24.71 -54.57 4.88
C ASP C 344 24.49 -53.08 5.11
N GLY C 345 23.39 -52.72 5.77
CA GLY C 345 23.10 -51.33 6.05
C GLY C 345 22.52 -50.55 4.90
N LYS C 346 22.21 -51.20 3.78
CA LYS C 346 21.61 -50.54 2.64
C LYS C 346 20.21 -51.08 2.38
N ASP C 347 19.43 -51.23 3.45
CA ASP C 347 18.09 -51.80 3.34
C ASP C 347 17.23 -51.00 2.38
N LEU C 348 16.58 -51.71 1.46
CA LEU C 348 15.70 -51.12 0.45
C LEU C 348 14.38 -51.87 0.41
N SER C 349 13.79 -52.08 1.57
CA SER C 349 12.57 -52.86 1.70
C SER C 349 11.43 -52.22 0.90
N PHE C 350 10.47 -53.06 0.51
CA PHE C 350 9.33 -52.65 -0.28
C PHE C 350 8.05 -52.79 0.53
N THR C 351 7.10 -51.89 0.27
CA THR C 351 5.81 -51.91 0.95
C THR C 351 4.92 -52.96 0.30
N GLU C 352 3.62 -52.93 0.64
CA GLU C 352 2.68 -53.88 0.06
C GLU C 352 2.58 -53.72 -1.45
N GLU C 353 2.69 -52.50 -1.95
CA GLU C 353 2.65 -52.23 -3.38
C GLU C 353 4.02 -52.26 -4.03
N GLY C 354 5.08 -52.61 -3.28
CA GLY C 354 6.42 -52.65 -3.79
C GLY C 354 7.18 -51.35 -3.70
N TYR C 355 6.57 -50.27 -3.22
CA TYR C 355 7.25 -49.01 -3.08
C TYR C 355 8.34 -49.09 -2.01
N GLN C 356 9.47 -48.45 -2.27
CA GLN C 356 10.59 -48.49 -1.34
C GLN C 356 10.23 -47.83 -0.03
N VAL C 357 10.59 -48.48 1.08
CA VAL C 357 10.38 -47.89 2.40
C VAL C 357 11.28 -46.68 2.58
N HIS C 358 12.50 -46.73 2.04
CA HIS C 358 13.48 -45.64 2.12
C HIS C 358 13.92 -45.28 0.70
N PRO C 359 13.09 -44.52 -0.03
CA PRO C 359 13.48 -44.12 -1.38
C PRO C 359 14.60 -43.10 -1.37
N ARG C 360 15.22 -42.94 -2.54
CA ARG C 360 16.31 -41.97 -2.67
C ARG C 360 15.75 -40.57 -2.88
N LEU C 361 15.08 -40.35 -4.00
CA LEU C 361 14.42 -39.09 -4.33
C LEU C 361 15.35 -37.89 -4.13
N VAL C 362 16.40 -37.87 -4.94
CA VAL C 362 17.41 -36.80 -4.86
C VAL C 362 16.79 -35.54 -5.45
N VAL C 363 16.62 -34.51 -4.60
CA VAL C 363 16.08 -33.24 -5.07
C VAL C 363 17.09 -32.56 -5.98
N ILE C 364 16.62 -32.04 -7.10
CA ILE C 364 17.47 -31.35 -8.08
C ILE C 364 16.82 -30.03 -8.45
N VAL C 365 17.63 -28.98 -8.52
CA VAL C 365 17.19 -27.65 -8.89
C VAL C 365 17.83 -27.27 -10.22
N LEU C 366 17.00 -26.84 -11.17
CA LEU C 366 17.49 -26.47 -12.48
C LEU C 366 18.36 -25.22 -12.39
N ASN C 367 19.61 -25.32 -12.82
CA ASN C 367 20.52 -24.19 -12.77
C ASN C 367 20.13 -23.15 -13.83
N LYS C 368 20.61 -21.92 -13.62
CA LYS C 368 20.35 -20.85 -14.57
C LYS C 368 20.93 -21.16 -15.95
N ASP C 369 21.95 -22.01 -16.01
CA ASP C 369 22.53 -22.45 -17.28
C ASP C 369 21.95 -23.80 -17.72
N ARG C 370 20.79 -24.19 -17.19
CA ARG C 370 20.09 -25.41 -17.56
C ARG C 370 20.92 -26.66 -17.27
N GLU C 371 21.22 -26.86 -15.98
CA GLU C 371 21.83 -28.09 -15.50
C GLU C 371 21.13 -28.51 -14.22
N TRP C 372 21.21 -29.80 -13.93
CA TRP C 372 20.63 -30.38 -12.73
C TRP C 372 21.75 -30.74 -11.75
N GLU C 373 21.59 -30.31 -10.50
CA GLU C 373 22.58 -30.56 -9.46
C GLU C 373 21.93 -31.20 -8.26
N LYS C 374 22.72 -31.99 -7.54
CA LYS C 374 22.23 -32.68 -6.34
C LYS C 374 22.11 -31.67 -5.20
N VAL C 375 20.88 -31.36 -4.80
CA VAL C 375 20.61 -30.41 -3.73
C VAL C 375 19.80 -31.02 -2.59
N GLY C 376 19.49 -32.31 -2.65
CA GLY C 376 18.70 -32.94 -1.62
C GLY C 376 19.26 -34.30 -1.25
N LYS C 377 18.82 -34.79 -0.09
CA LYS C 377 19.26 -36.08 0.42
C LYS C 377 18.15 -36.60 1.33
N TRP C 378 17.35 -37.53 0.82
CA TRP C 378 16.20 -38.08 1.53
C TRP C 378 16.33 -39.58 1.70
N GLU C 379 17.53 -40.04 2.08
CA GLU C 379 17.79 -41.46 2.26
C GLU C 379 17.99 -41.84 3.73
N ASN C 380 18.53 -40.95 4.55
CA ASN C 380 18.80 -41.24 5.96
C ASN C 380 17.48 -41.25 6.72
N HIS C 381 16.89 -42.43 6.88
CA HIS C 381 15.64 -42.61 7.63
C HIS C 381 14.50 -41.77 7.04
N THR C 382 14.50 -41.60 5.71
CA THR C 382 13.48 -40.82 5.01
C THR C 382 13.36 -39.41 5.59
N LEU C 383 14.51 -38.80 5.88
CA LEU C 383 14.56 -37.45 6.43
C LEU C 383 15.22 -36.51 5.43
N SER C 384 14.61 -35.34 5.24
CA SER C 384 15.13 -34.36 4.31
C SER C 384 16.45 -33.78 4.82
N LEU C 385 17.34 -33.49 3.88
CA LEU C 385 18.64 -32.90 4.19
C LEU C 385 18.90 -31.74 3.24
N ARG C 386 19.59 -30.72 3.75
CA ARG C 386 19.90 -29.52 3.00
C ARG C 386 21.33 -29.55 2.52
N HIS C 387 21.55 -29.24 1.24
CA HIS C 387 22.87 -29.23 0.63
C HIS C 387 23.48 -27.83 0.59
N ALA C 388 23.19 -27.01 1.60
CA ALA C 388 23.71 -25.64 1.68
C ALA C 388 23.31 -24.82 0.45
N VAL C 389 22.07 -24.99 0.01
CA VAL C 389 21.54 -24.29 -1.15
C VAL C 389 20.21 -23.65 -0.77
N TRP C 390 19.82 -22.64 -1.54
CA TRP C 390 18.61 -21.87 -1.28
C TRP C 390 17.78 -21.76 -2.53
N PRO C 391 16.45 -21.57 -2.39
CA PRO C 391 15.58 -21.46 -3.57
C PRO C 391 15.60 -20.06 -4.19
N ARG C 392 16.64 -19.29 -3.88
CA ARG C 392 16.76 -17.94 -4.41
C ARG C 392 16.59 -17.91 -5.92
N TYR C 393 15.96 -16.86 -6.42
CA TYR C 393 15.63 -16.74 -7.83
C TYR C 393 16.91 -16.59 -8.66
N LYS C 394 17.22 -17.62 -9.45
CA LYS C 394 18.39 -17.61 -10.32
C LYS C 394 18.00 -17.16 -11.73
N SER C 395 17.48 -15.92 -11.79
CA SER C 395 17.06 -15.27 -13.03
C SER C 395 15.87 -15.99 -13.68
N PHE C 396 15.24 -15.33 -14.65
CA PHE C 396 14.10 -15.88 -15.36
C PHE C 396 14.59 -16.74 -16.52
N SER C 397 13.67 -17.08 -17.43
CA SER C 397 14.03 -17.89 -18.59
C SER C 397 15.09 -17.19 -19.43
N ASP C 398 14.84 -15.94 -19.82
CA ASP C 398 15.80 -15.15 -20.57
C ASP C 398 16.52 -14.13 -19.69
N CYS C 399 15.77 -13.25 -19.05
CA CYS C 399 16.30 -12.19 -18.20
C CYS C 399 15.15 -11.53 -17.46
N GLU C 400 15.44 -11.06 -16.25
CA GLU C 400 14.43 -10.37 -15.45
C GLU C 400 15.09 -9.44 -14.45
N PRO C 401 15.28 -8.16 -14.78
CA PRO C 401 15.84 -7.22 -13.80
C PRO C 401 14.86 -6.91 -12.69
N ASP C 402 15.10 -7.44 -11.50
CA ASP C 402 14.24 -7.24 -10.34
C ASP C 402 15.10 -6.75 -9.17
N ASP C 403 14.45 -6.45 -8.07
CA ASP C 403 15.09 -5.89 -6.89
C ASP C 403 14.34 -6.38 -5.65
N ASN C 404 14.46 -5.63 -4.56
CA ASN C 404 13.74 -5.88 -3.31
C ASN C 404 14.21 -7.17 -2.63
N HIS C 405 15.49 -7.50 -2.75
CA HIS C 405 16.05 -8.61 -1.99
C HIS C 405 16.46 -8.15 -0.59
N LEU C 406 17.41 -7.22 -0.50
CA LEU C 406 17.74 -6.50 0.72
C LEU C 406 18.10 -7.46 1.87
N SER C 407 19.23 -8.14 1.67
CA SER C 407 19.77 -9.01 2.72
C SER C 407 20.07 -8.19 3.97
N ILE C 408 19.63 -8.70 5.12
CA ILE C 408 19.72 -7.98 6.39
C ILE C 408 20.49 -8.84 7.38
N VAL C 409 21.43 -8.23 8.09
CA VAL C 409 22.21 -8.90 9.12
C VAL C 409 21.83 -8.32 10.47
N THR C 410 21.57 -9.20 11.44
CA THR C 410 21.15 -8.80 12.78
C THR C 410 22.06 -9.44 13.82
N LEU C 411 22.21 -8.77 14.95
CA LEU C 411 23.09 -9.22 16.02
C LEU C 411 22.29 -10.00 17.06
N GLU C 412 22.80 -11.16 17.44
CA GLU C 412 22.16 -12.00 18.47
C GLU C 412 22.71 -11.68 19.86
N GLU C 413 22.65 -10.40 20.24
CA GLU C 413 23.16 -9.98 21.54
C GLU C 413 22.28 -8.92 22.22
N ALA C 414 21.07 -8.71 21.75
CA ALA C 414 20.19 -7.69 22.31
C ALA C 414 18.82 -8.28 22.57
N PRO C 415 18.10 -7.76 23.57
CA PRO C 415 16.73 -8.26 23.82
C PRO C 415 15.77 -8.02 22.67
N PHE C 416 16.08 -7.07 21.78
CA PHE C 416 15.20 -6.78 20.65
C PHE C 416 15.17 -7.91 19.63
N VAL C 417 16.09 -8.87 19.71
CA VAL C 417 16.10 -10.03 18.82
C VAL C 417 16.59 -11.25 19.60
N ILE C 418 15.71 -12.24 19.76
CA ILE C 418 16.03 -13.43 20.55
C ILE C 418 16.95 -14.34 19.76
N VAL C 419 17.51 -15.35 20.44
CA VAL C 419 18.45 -16.27 19.82
C VAL C 419 17.81 -17.65 19.74
N GLU C 420 16.49 -17.69 19.64
CA GLU C 420 15.76 -18.95 19.61
C GLU C 420 16.19 -19.79 18.40
N ASP C 421 16.42 -21.07 18.64
CA ASP C 421 16.85 -22.01 17.62
C ASP C 421 15.65 -22.85 17.15
N ILE C 422 15.94 -23.85 16.32
CA ILE C 422 14.88 -24.71 15.79
C ILE C 422 14.40 -25.65 16.88
N ASP C 423 13.07 -25.69 17.09
CA ASP C 423 12.50 -26.65 18.03
C ASP C 423 12.08 -27.93 17.31
N PRO C 424 12.20 -29.08 17.97
CA PRO C 424 11.85 -30.34 17.30
C PRO C 424 10.38 -30.48 16.96
N LEU C 425 9.50 -29.70 17.58
CA LEU C 425 8.07 -29.82 17.39
C LEU C 425 7.56 -28.74 16.43
N THR C 426 6.30 -28.89 16.02
CA THR C 426 5.59 -27.96 15.14
C THR C 426 6.34 -27.88 13.81
N GLU C 427 6.49 -26.70 13.23
CA GLU C 427 7.12 -26.53 11.92
C GLU C 427 8.60 -26.15 12.04
N THR C 428 9.28 -26.67 13.06
CA THR C 428 10.69 -26.41 13.34
C THR C 428 10.97 -24.95 13.69
N CYS C 429 9.93 -24.17 13.96
CA CYS C 429 10.08 -22.78 14.38
C CYS C 429 8.83 -22.38 15.15
N VAL C 430 8.69 -21.09 15.40
CA VAL C 430 7.53 -20.54 16.10
C VAL C 430 6.47 -20.18 15.08
N ARG C 431 5.20 -20.20 15.51
CA ARG C 431 4.11 -19.84 14.61
C ARG C 431 4.21 -18.38 14.18
N ASN C 432 4.80 -17.53 15.01
CA ASN C 432 5.01 -16.11 14.71
C ASN C 432 6.50 -15.82 14.82
N THR C 433 7.23 -16.06 13.74
CA THR C 433 8.67 -15.80 13.68
C THR C 433 9.10 -15.74 12.23
N VAL C 434 10.35 -15.36 12.01
CA VAL C 434 10.90 -15.25 10.67
C VAL C 434 12.19 -16.06 10.60
N PRO C 435 12.54 -16.60 9.43
CA PRO C 435 13.80 -17.36 9.32
C PRO C 435 15.02 -16.47 9.42
N CYS C 436 16.12 -17.05 9.89
CA CYS C 436 17.39 -16.37 9.96
C CYS C 436 18.51 -17.40 9.94
N ARG C 437 19.55 -17.11 9.17
CA ARG C 437 20.67 -18.04 8.97
C ARG C 437 21.94 -17.45 9.56
N LYS C 438 22.68 -18.28 10.30
CA LYS C 438 23.91 -17.85 10.96
C LYS C 438 24.96 -18.93 10.81
N PHE C 439 26.17 -18.51 10.43
CA PHE C 439 27.29 -19.44 10.35
C PHE C 439 27.69 -19.90 11.74
N VAL C 440 27.97 -21.20 11.87
CA VAL C 440 28.32 -21.79 13.15
C VAL C 440 29.84 -22.02 13.18
N LYS C 441 30.35 -22.33 14.37
CA LYS C 441 31.77 -22.60 14.58
C LYS C 441 31.89 -24.05 15.03
N ILE C 442 32.00 -24.96 14.05
CA ILE C 442 32.06 -26.38 14.36
C ILE C 442 33.37 -26.73 15.06
N ASN C 443 34.47 -26.09 14.66
CA ASN C 443 35.77 -26.35 15.25
C ASN C 443 36.49 -25.02 15.47
N ASN C 444 37.40 -25.02 16.44
CA ASN C 444 38.16 -23.82 16.77
C ASN C 444 39.16 -23.45 15.68
N SER C 445 39.50 -24.38 14.79
CA SER C 445 40.46 -24.14 13.73
C SER C 445 39.81 -23.92 12.37
N THR C 446 38.81 -24.71 12.03
CA THR C 446 38.13 -24.57 10.74
C THR C 446 37.07 -23.49 10.82
N ASN C 447 37.08 -22.58 9.84
CA ASN C 447 36.12 -21.49 9.78
C ASN C 447 34.83 -21.87 9.07
N GLU C 448 34.73 -23.10 8.57
CA GLU C 448 33.52 -23.55 7.88
C GLU C 448 32.35 -23.63 8.86
N GLY C 449 31.20 -23.14 8.43
CA GLY C 449 30.01 -23.16 9.27
C GLY C 449 28.74 -23.46 8.50
N MET C 450 27.98 -24.44 8.95
CA MET C 450 26.73 -24.79 8.30
C MET C 450 25.69 -23.69 8.55
N ASN C 451 25.01 -23.28 7.47
CA ASN C 451 24.00 -22.23 7.54
C ASN C 451 22.67 -22.85 7.97
N VAL C 452 22.60 -23.21 9.25
CA VAL C 452 21.39 -23.79 9.82
C VAL C 452 20.37 -22.67 10.03
N LYS C 453 19.16 -22.89 9.54
CA LYS C 453 18.10 -21.91 9.70
C LYS C 453 17.69 -21.78 11.16
N LYS C 454 17.35 -20.57 11.57
CA LYS C 454 16.93 -20.29 12.93
C LYS C 454 15.67 -19.43 12.92
N CYS C 455 15.02 -19.36 14.07
CA CYS C 455 13.78 -18.62 14.24
C CYS C 455 14.09 -17.35 15.05
N CYS C 456 14.04 -16.20 14.39
CA CYS C 456 14.33 -14.92 15.02
C CYS C 456 13.03 -14.15 15.22
N LYS C 457 12.78 -13.74 16.47
CA LYS C 457 11.58 -12.99 16.82
C LYS C 457 11.95 -11.91 17.82
N GLY C 458 11.41 -10.71 17.64
CA GLY C 458 11.68 -9.63 18.56
C GLY C 458 11.16 -8.31 18.02
N PHE C 459 11.55 -7.24 18.71
CA PHE C 459 11.14 -5.89 18.33
C PHE C 459 11.66 -5.53 16.94
N CYS C 460 12.93 -5.82 16.68
CA CYS C 460 13.49 -5.57 15.36
C CYS C 460 12.81 -6.44 14.30
N ILE C 461 12.48 -7.68 14.67
CA ILE C 461 11.77 -8.56 13.75
C ILE C 461 10.39 -7.98 13.43
N ASP C 462 9.69 -7.47 14.44
CA ASP C 462 8.38 -6.87 14.22
C ASP C 462 8.49 -5.63 13.33
N ILE C 463 9.52 -4.80 13.56
CA ILE C 463 9.71 -3.62 12.73
C ILE C 463 9.99 -4.02 11.29
N LEU C 464 10.82 -5.03 11.09
CA LEU C 464 11.10 -5.51 9.73
C LEU C 464 9.85 -6.06 9.06
N LYS C 465 9.02 -6.79 9.82
CA LYS C 465 7.78 -7.31 9.27
C LYS C 465 6.82 -6.19 8.87
N LYS C 466 6.75 -5.14 9.69
CA LYS C 466 5.92 -3.99 9.35
C LYS C 466 6.44 -3.29 8.10
N LEU C 467 7.76 -3.13 8.00
CA LEU C 467 8.34 -2.54 6.79
C LEU C 467 8.04 -3.39 5.56
N SER C 468 8.11 -4.71 5.71
CA SER C 468 7.85 -5.61 4.59
C SER C 468 6.39 -5.54 4.16
N ARG C 469 5.46 -5.47 5.11
CA ARG C 469 4.05 -5.37 4.76
C ARG C 469 3.66 -3.98 4.30
N THR C 470 4.49 -2.96 4.55
CA THR C 470 4.20 -1.61 4.09
C THR C 470 4.77 -1.34 2.69
N VAL C 471 6.08 -1.51 2.52
CA VAL C 471 6.74 -1.17 1.27
C VAL C 471 6.92 -2.38 0.34
N LYS C 472 6.54 -3.58 0.79
CA LYS C 472 6.51 -4.79 -0.03
C LYS C 472 7.91 -5.11 -0.59
N PHE C 473 8.81 -5.45 0.33
CA PHE C 473 10.13 -5.97 -0.02
C PHE C 473 10.30 -7.34 0.63
N THR C 474 10.83 -8.29 -0.15
CA THR C 474 11.04 -9.66 0.32
C THR C 474 12.44 -9.75 0.90
N TYR C 475 12.53 -9.92 2.22
CA TYR C 475 13.80 -9.87 2.93
C TYR C 475 14.35 -11.28 3.18
N ASP C 476 15.63 -11.31 3.55
CA ASP C 476 16.30 -12.53 3.99
C ASP C 476 17.31 -12.15 5.06
N LEU C 477 17.25 -12.82 6.21
CA LEU C 477 18.07 -12.45 7.34
C LEU C 477 19.47 -13.08 7.25
N TYR C 478 20.37 -12.56 8.07
CA TYR C 478 21.76 -12.99 8.09
C TYR C 478 22.36 -12.63 9.44
N LEU C 479 23.49 -13.27 9.76
CA LEU C 479 24.23 -12.96 10.98
C LEU C 479 25.72 -12.98 10.67
N VAL C 480 26.44 -12.02 11.24
CA VAL C 480 27.89 -11.94 11.08
C VAL C 480 28.56 -12.99 11.94
N THR C 481 29.85 -13.23 11.69
CA THR C 481 30.62 -14.23 12.43
C THR C 481 31.58 -13.62 13.45
N ASN C 482 32.31 -12.58 13.08
CA ASN C 482 33.30 -11.95 13.95
C ASN C 482 32.81 -10.57 14.37
N GLY C 483 32.75 -10.34 15.68
CA GLY C 483 32.36 -9.05 16.21
C GLY C 483 30.87 -8.78 16.13
N LYS C 484 30.42 -7.73 16.80
CA LYS C 484 29.03 -7.31 16.75
C LYS C 484 28.86 -5.95 16.08
N HIS C 485 29.55 -4.92 16.59
CA HIS C 485 29.50 -3.59 15.99
C HIS C 485 30.77 -3.22 15.24
N GLY C 486 31.92 -3.69 15.70
CA GLY C 486 33.17 -3.42 15.01
C GLY C 486 33.72 -2.04 15.29
N LYS C 487 34.86 -1.76 14.67
CA LYS C 487 35.54 -0.48 14.82
C LYS C 487 36.45 -0.28 13.63
N LYS C 488 36.88 0.97 13.43
CA LYS C 488 37.70 1.33 12.27
C LYS C 488 39.19 1.10 12.61
N VAL C 489 39.60 -0.16 12.51
CA VAL C 489 40.99 -0.52 12.66
C VAL C 489 41.62 -0.65 11.28
N ASN C 490 42.75 0.04 11.09
CA ASN C 490 43.45 0.14 9.80
C ASN C 490 42.47 0.28 8.64
N ASN C 491 41.50 1.19 8.82
CA ASN C 491 40.48 1.49 7.82
C ASN C 491 39.68 0.25 7.43
N VAL C 492 39.45 -0.65 8.38
CA VAL C 492 38.66 -1.85 8.15
C VAL C 492 37.65 -1.98 9.29
N TRP C 493 36.38 -2.11 8.93
CA TRP C 493 35.31 -2.27 9.90
C TRP C 493 35.01 -3.74 10.14
N ASN C 494 34.24 -4.01 11.20
CA ASN C 494 33.85 -5.35 11.57
C ASN C 494 32.38 -5.38 11.95
N GLY C 495 31.82 -6.59 12.01
CA GLY C 495 30.43 -6.74 12.40
C GLY C 495 29.48 -6.27 11.31
N MET C 496 28.34 -5.72 11.74
CA MET C 496 27.34 -5.23 10.81
C MET C 496 27.87 -4.07 9.99
N ILE C 497 28.65 -3.18 10.61
CA ILE C 497 29.23 -2.05 9.89
C ILE C 497 30.17 -2.56 8.80
N GLY C 498 31.01 -3.54 9.13
CA GLY C 498 31.88 -4.11 8.13
C GLY C 498 31.12 -4.82 7.02
N GLU C 499 30.02 -5.49 7.37
CA GLU C 499 29.19 -6.14 6.37
C GLU C 499 28.59 -5.12 5.41
N VAL C 500 28.13 -3.98 5.94
CA VAL C 500 27.56 -2.94 5.09
C VAL C 500 28.65 -2.30 4.23
N VAL C 501 29.86 -2.14 4.77
CA VAL C 501 30.93 -1.45 4.04
C VAL C 501 31.26 -2.18 2.75
N TYR C 502 31.39 -3.50 2.81
CA TYR C 502 31.75 -4.30 1.64
C TYR C 502 30.56 -4.65 0.77
N GLN C 503 29.46 -3.91 0.87
CA GLN C 503 28.25 -4.12 0.07
C GLN C 503 27.69 -5.53 0.24
N ARG C 504 27.98 -6.16 1.37
CA ARG C 504 27.44 -7.48 1.66
C ARG C 504 26.05 -7.43 2.25
N ALA C 505 25.57 -6.26 2.67
CA ALA C 505 24.23 -6.11 3.21
C ALA C 505 23.79 -4.67 2.96
N VAL C 506 22.91 -4.47 1.98
CA VAL C 506 22.48 -3.12 1.64
C VAL C 506 21.70 -2.49 2.80
N MET C 507 20.80 -3.25 3.40
CA MET C 507 20.01 -2.79 4.53
C MET C 507 20.25 -3.72 5.72
N ALA C 508 20.46 -3.13 6.89
CA ALA C 508 20.77 -3.92 8.08
C ALA C 508 20.36 -3.14 9.32
N VAL C 509 19.63 -3.81 10.22
CA VAL C 509 19.23 -3.24 11.50
C VAL C 509 19.59 -4.23 12.59
N GLY C 510 20.38 -3.79 13.57
CA GLY C 510 20.76 -4.64 14.68
C GLY C 510 20.78 -3.91 16.00
N SER C 511 19.93 -2.90 16.13
CA SER C 511 19.89 -2.03 17.32
C SER C 511 21.26 -1.39 17.57
N LEU C 512 21.95 -1.03 16.49
CA LEU C 512 23.25 -0.39 16.62
C LEU C 512 23.10 1.05 17.10
N THR C 513 24.11 1.52 17.82
CA THR C 513 24.09 2.86 18.38
C THR C 513 24.67 3.86 17.36
N ILE C 514 23.98 4.99 17.20
CA ILE C 514 24.43 6.02 16.28
C ILE C 514 25.71 6.65 16.81
N ASN C 515 26.71 6.75 15.95
CA ASN C 515 28.01 7.30 16.33
C ASN C 515 28.48 8.30 15.29
N GLU C 516 29.42 9.15 15.70
CA GLU C 516 29.96 10.17 14.81
C GLU C 516 30.68 9.56 13.62
N GLU C 517 31.50 8.54 13.86
CA GLU C 517 32.28 7.94 12.77
C GLU C 517 31.42 7.07 11.87
N ARG C 518 30.32 6.51 12.39
CA ARG C 518 29.48 5.63 11.58
C ARG C 518 28.79 6.41 10.46
N SER C 519 28.35 7.64 10.75
CA SER C 519 27.69 8.44 9.72
C SER C 519 28.63 8.82 8.59
N GLU C 520 29.93 8.95 8.89
CA GLU C 520 30.90 9.27 7.84
C GLU C 520 31.02 8.13 6.83
N VAL C 521 31.01 6.89 7.31
CA VAL C 521 31.21 5.74 6.43
C VAL C 521 29.90 5.26 5.82
N VAL C 522 28.87 5.07 6.65
CA VAL C 522 27.58 4.58 6.18
C VAL C 522 26.51 5.59 6.57
N ASP C 523 25.29 5.33 6.08
CA ASP C 523 24.15 6.20 6.36
C ASP C 523 22.99 5.37 6.90
N PHE C 524 22.17 6.00 7.73
CA PHE C 524 21.04 5.33 8.35
C PHE C 524 19.89 6.30 8.47
N SER C 525 18.69 5.75 8.65
CA SER C 525 17.48 6.54 8.75
C SER C 525 17.38 7.16 10.14
N VAL C 526 16.27 7.84 10.41
CA VAL C 526 16.05 8.52 11.69
C VAL C 526 15.93 7.47 12.80
N PRO C 527 16.40 7.75 14.01
CA PRO C 527 16.26 6.79 15.11
C PRO C 527 14.82 6.64 15.53
N PHE C 528 14.50 5.46 16.09
CA PHE C 528 13.17 5.16 16.56
C PHE C 528 13.07 4.95 18.06
N VAL C 529 14.15 4.52 18.71
CA VAL C 529 14.17 4.29 20.15
C VAL C 529 15.29 5.14 20.75
N GLU C 530 14.95 5.93 21.76
CA GLU C 530 15.95 6.74 22.44
C GLU C 530 16.87 5.86 23.27
N THR C 531 18.16 6.19 23.27
CA THR C 531 19.16 5.44 24.02
C THR C 531 20.34 6.37 24.32
N GLY C 532 21.43 5.79 24.78
CA GLY C 532 22.61 6.58 25.09
C GLY C 532 23.52 5.85 26.07
N ILE C 533 24.30 6.63 26.81
CA ILE C 533 25.23 6.11 27.79
C ILE C 533 24.63 6.33 29.18
N SER C 534 24.50 5.25 29.96
CA SER C 534 23.89 5.31 31.27
C SER C 534 24.78 4.58 32.28
N VAL C 535 24.58 4.89 33.55
CA VAL C 535 25.31 4.28 34.64
C VAL C 535 24.31 3.49 35.49
N MET C 536 24.59 2.21 35.66
CA MET C 536 23.73 1.31 36.42
C MET C 536 24.46 0.87 37.69
N VAL C 537 23.81 1.04 38.84
CA VAL C 537 24.39 0.71 40.13
C VAL C 537 23.37 -0.11 40.92
N SER C 538 23.87 -0.83 41.91
CA SER C 538 23.02 -1.64 42.77
C SER C 538 22.25 -0.78 43.77
N LEU C 550 14.54 13.17 64.59
CA LEU C 550 13.14 13.52 64.82
C LEU C 550 12.61 14.40 63.69
N GLU C 551 13.43 15.36 63.26
CA GLU C 551 13.03 16.27 62.18
C GLU C 551 12.72 15.53 60.87
N PRO C 552 13.54 14.60 60.39
CA PRO C 552 13.18 13.88 59.15
C PRO C 552 11.86 13.14 59.24
N PHE C 553 11.50 12.64 60.43
CA PHE C 553 10.25 11.90 60.57
C PHE C 553 9.05 12.83 60.54
N SER C 554 9.01 13.81 61.44
CA SER C 554 7.91 14.75 61.51
C SER C 554 8.42 16.08 62.05
N ALA C 555 7.67 17.13 61.79
CA ALA C 555 8.00 18.50 62.21
C ALA C 555 9.38 18.91 61.69
N SER C 556 9.48 18.98 60.36
CA SER C 556 10.75 19.34 59.73
C SER C 556 11.17 20.75 60.10
N VAL C 557 10.22 21.69 60.14
CA VAL C 557 10.54 23.06 60.53
C VAL C 557 11.02 23.11 61.98
N TRP C 558 10.33 22.40 62.86
CA TRP C 558 10.73 22.25 64.26
C TRP C 558 10.71 23.58 65.00
N VAL C 559 11.66 24.46 64.69
CA VAL C 559 11.79 25.72 65.43
C VAL C 559 10.58 26.61 65.20
N MET C 560 9.96 26.52 64.02
CA MET C 560 8.82 27.39 63.70
C MET C 560 7.68 27.19 64.70
N MET C 561 7.41 25.94 65.08
CA MET C 561 6.41 25.67 66.10
C MET C 561 6.99 25.68 67.52
N PHE C 562 8.30 25.46 67.66
CA PHE C 562 8.92 25.47 68.98
C PHE C 562 8.87 26.88 69.58
N VAL C 563 9.12 27.91 68.77
CA VAL C 563 9.06 29.27 69.29
C VAL C 563 7.64 29.63 69.71
N MET C 564 6.64 29.18 68.94
CA MET C 564 5.25 29.42 69.32
C MET C 564 4.91 28.69 70.61
N LEU C 565 5.38 27.45 70.76
CA LEU C 565 5.16 26.72 72.01
C LEU C 565 5.80 27.45 73.19
N LEU C 566 7.02 27.96 73.00
CA LEU C 566 7.69 28.70 74.06
C LEU C 566 6.91 29.95 74.45
N ILE C 567 6.44 30.72 73.47
CA ILE C 567 5.76 31.96 73.79
C ILE C 567 4.40 31.70 74.44
N VAL C 568 3.67 30.68 73.97
CA VAL C 568 2.39 30.37 74.60
C VAL C 568 2.60 29.83 76.02
N SER C 569 3.66 29.05 76.23
CA SER C 569 3.97 28.59 77.58
C SER C 569 4.31 29.77 78.49
N ALA C 570 5.09 30.72 77.99
CA ALA C 570 5.45 31.89 78.79
C ALA C 570 4.22 32.73 79.14
N ILE C 571 3.33 32.96 78.17
CA ILE C 571 2.15 33.76 78.46
C ILE C 571 1.21 33.01 79.40
N ALA C 572 1.13 31.68 79.28
CA ALA C 572 0.33 30.90 80.21
C ALA C 572 0.89 30.99 81.63
N VAL C 573 2.22 30.92 81.76
CA VAL C 573 2.85 31.06 83.07
C VAL C 573 2.56 32.44 83.66
N PHE C 574 2.66 33.48 82.84
CA PHE C 574 2.38 34.83 83.32
C PHE C 574 0.93 34.97 83.77
N VAL C 575 -0.01 34.41 83.00
CA VAL C 575 -1.41 34.48 83.37
C VAL C 575 -1.67 33.71 84.66
N PHE C 576 -1.07 32.54 84.80
CA PHE C 576 -1.23 31.76 86.03
C PHE C 576 -0.66 32.50 87.23
N GLU C 577 0.48 33.16 87.06
CA GLU C 577 1.05 33.97 88.14
C GLU C 577 0.11 35.12 88.50
N TYR C 578 -0.50 35.74 87.48
CA TYR C 578 -1.48 36.80 87.75
C TYR C 578 -2.67 36.26 88.53
N PHE C 579 -3.10 35.04 88.22
CA PHE C 579 -4.19 34.40 88.96
C PHE C 579 -3.84 34.22 90.43
N PHE C 599 3.27 29.97 91.78
CA PHE C 599 4.67 30.09 91.41
C PHE C 599 4.84 30.02 89.90
N THR C 600 5.68 30.92 89.36
CA THR C 600 5.92 30.93 87.93
C THR C 600 6.62 29.65 87.47
N ILE C 601 7.61 29.19 88.23
CA ILE C 601 8.36 28.00 87.85
C ILE C 601 8.00 26.79 88.71
N GLY C 602 7.61 26.98 89.97
CA GLY C 602 7.29 25.85 90.82
C GLY C 602 5.91 25.27 90.57
N LYS C 603 4.99 26.07 90.08
CA LYS C 603 3.61 25.62 89.84
C LYS C 603 3.23 25.69 88.37
N ALA C 604 3.38 26.84 87.72
CA ALA C 604 2.93 26.98 86.35
C ALA C 604 3.73 26.09 85.40
N ILE C 605 5.07 26.12 85.52
CA ILE C 605 5.91 25.28 84.67
C ILE C 605 5.64 23.80 84.94
N TRP C 606 5.49 23.43 86.22
CA TRP C 606 5.23 22.04 86.57
C TRP C 606 3.92 21.56 85.95
N LEU C 607 2.86 22.38 86.07
CA LEU C 607 1.58 22.00 85.48
C LEU C 607 1.67 21.91 83.96
N LEU C 608 2.33 22.88 83.32
CA LEU C 608 2.41 22.87 81.86
C LEU C 608 3.17 21.65 81.36
N TRP C 609 4.27 21.29 82.03
CA TRP C 609 5.00 20.09 81.62
C TRP C 609 4.23 18.81 81.97
N GLY C 610 3.41 18.85 83.02
CA GLY C 610 2.56 17.71 83.32
C GLY C 610 1.43 17.51 82.33
N LEU C 611 1.01 18.58 81.65
CA LEU C 611 0.01 18.43 80.60
C LEU C 611 0.54 17.65 79.41
N VAL C 612 1.85 17.54 79.27
CA VAL C 612 2.46 16.71 78.23
C VAL C 612 3.16 15.49 78.79
N PHE C 613 3.32 15.40 80.12
CA PHE C 613 3.99 14.26 80.71
C PHE C 613 3.17 12.98 80.53
N ASN C 614 3.85 11.88 80.30
CA ASN C 614 3.23 10.57 80.10
C ASN C 614 2.20 10.61 78.96
N THR C 625 -10.34 24.47 91.46
CA THR C 625 -10.65 25.90 91.45
C THR C 625 -10.90 26.39 90.03
N THR C 626 -11.20 27.69 89.89
CA THR C 626 -11.44 28.26 88.58
C THR C 626 -10.17 28.38 87.76
N SER C 627 -9.00 28.30 88.38
CA SER C 627 -7.73 28.38 87.66
C SER C 627 -7.45 27.14 86.83
N LYS C 628 -8.23 26.08 86.99
CA LYS C 628 -7.98 24.84 86.26
C LYS C 628 -8.52 24.86 84.84
N ILE C 629 -9.28 25.89 84.46
CA ILE C 629 -9.84 25.95 83.11
C ILE C 629 -8.73 26.15 82.08
N MET C 630 -7.82 27.08 82.35
CA MET C 630 -6.70 27.31 81.43
C MET C 630 -5.79 26.09 81.38
N VAL C 631 -5.59 25.42 82.52
CA VAL C 631 -4.81 24.18 82.54
C VAL C 631 -5.48 23.13 81.66
N SER C 632 -6.80 22.99 81.77
CA SER C 632 -7.51 21.99 81.00
C SER C 632 -7.45 22.29 79.50
N VAL C 633 -7.62 23.55 79.11
CA VAL C 633 -7.59 23.87 77.68
C VAL C 633 -6.18 23.71 77.13
N TRP C 634 -5.16 24.04 77.92
CA TRP C 634 -3.78 23.84 77.47
C TRP C 634 -3.47 22.35 77.34
N ALA C 635 -4.02 21.53 78.24
CA ALA C 635 -3.86 20.08 78.12
C ALA C 635 -4.56 19.57 76.88
N PHE C 636 -5.73 20.12 76.55
CA PHE C 636 -6.40 19.76 75.31
C PHE C 636 -5.54 20.11 74.10
N PHE C 637 -4.92 21.29 74.13
CA PHE C 637 -4.01 21.69 73.05
C PHE C 637 -2.84 20.73 72.94
N ALA C 638 -2.29 20.31 74.09
CA ALA C 638 -1.18 19.36 74.07
C ALA C 638 -1.61 18.01 73.49
N VAL C 639 -2.81 17.56 73.83
CA VAL C 639 -3.32 16.31 73.29
C VAL C 639 -3.51 16.42 71.77
N ILE C 640 -4.03 17.56 71.31
CA ILE C 640 -4.18 17.78 69.88
C ILE C 640 -2.82 17.76 69.20
N PHE C 641 -1.82 18.40 69.83
CA PHE C 641 -0.47 18.39 69.27
C PHE C 641 0.11 16.98 69.18
N LEU C 642 -0.10 16.18 70.22
CA LEU C 642 0.38 14.80 70.21
C LEU C 642 -0.29 13.99 69.11
N ALA C 643 -1.61 14.17 68.95
CA ALA C 643 -2.33 13.46 67.90
C ALA C 643 -1.86 13.88 66.52
N SER C 644 -1.61 15.18 66.33
CA SER C 644 -1.09 15.65 65.06
C SER C 644 0.30 15.11 64.78
N TYR C 645 1.14 15.02 65.82
CA TYR C 645 2.47 14.42 65.66
C TYR C 645 2.38 12.96 65.25
N THR C 646 1.48 12.21 65.89
CA THR C 646 1.29 10.81 65.52
C THR C 646 0.78 10.68 64.08
N ALA C 647 -0.15 11.57 63.69
CA ALA C 647 -0.66 11.55 62.32
C ALA C 647 0.44 11.86 61.31
N ASN C 648 1.30 12.82 61.63
CA ASN C 648 2.42 13.14 60.74
C ASN C 648 3.38 11.96 60.63
N LEU C 649 3.65 11.29 61.76
CA LEU C 649 4.50 10.10 61.71
C LEU C 649 3.89 9.02 60.83
N ALA C 650 2.58 8.78 60.98
CA ALA C 650 1.93 7.77 60.17
C ALA C 650 1.96 8.14 58.69
N ALA C 651 1.72 9.41 58.36
CA ALA C 651 1.75 9.85 56.97
C ALA C 651 3.15 9.70 56.39
N PHE C 652 4.18 10.05 57.16
CA PHE C 652 5.55 9.88 56.67
C PHE C 652 5.88 8.41 56.46
N MET C 653 5.45 7.55 57.37
CA MET C 653 5.74 6.12 57.23
C MET C 653 5.03 5.52 56.02
N ILE C 654 3.78 5.92 55.79
CA ILE C 654 3.04 5.40 54.64
C ILE C 654 3.41 6.18 53.38
N ASP C 660 20.36 9.19 42.94
CA ASP C 660 21.22 8.05 43.18
C ASP C 660 22.56 8.51 43.75
N GLN C 661 23.50 7.57 43.88
CA GLN C 661 24.82 7.89 44.43
C GLN C 661 25.59 8.85 43.52
N VAL C 662 25.49 8.66 42.21
CA VAL C 662 26.17 9.56 41.28
C VAL C 662 25.17 10.15 40.30
N THR C 663 25.47 11.35 39.82
CA THR C 663 24.63 12.05 38.85
C THR C 663 25.21 12.00 37.44
N GLY C 664 26.21 11.15 37.21
CA GLY C 664 26.85 11.07 35.90
C GLY C 664 28.36 11.07 36.00
N LEU C 665 29.02 11.68 35.02
CA LEU C 665 30.47 11.79 35.02
C LEU C 665 30.97 13.10 35.60
N SER C 666 30.07 13.96 36.09
CA SER C 666 30.50 15.25 36.64
C SER C 666 31.23 15.08 37.97
N ASP C 667 30.84 14.09 38.77
CA ASP C 667 31.46 13.89 40.07
C ASP C 667 32.92 13.43 39.91
N LYS C 668 33.73 13.75 40.92
CA LYS C 668 35.14 13.41 40.90
C LYS C 668 35.40 11.92 41.07
N LYS C 669 34.39 11.13 41.40
CA LYS C 669 34.60 9.69 41.59
C LYS C 669 35.05 9.03 40.30
N PHE C 670 34.43 9.38 39.17
CA PHE C 670 34.85 8.83 37.89
C PHE C 670 36.20 9.39 37.47
N GLN C 671 36.40 10.70 37.64
CA GLN C 671 37.66 11.32 37.26
C GLN C 671 38.81 10.83 38.13
N ARG C 672 38.57 10.68 39.43
CA ARG C 672 39.61 10.29 40.39
C ARG C 672 39.12 9.08 41.16
N PRO C 673 39.16 7.89 40.56
CA PRO C 673 38.73 6.69 41.29
C PRO C 673 39.64 6.30 42.44
N HIS C 674 40.86 6.81 42.49
CA HIS C 674 41.82 6.44 43.52
C HIS C 674 41.65 7.24 44.81
N ASP C 675 40.70 8.17 44.86
CA ASP C 675 40.49 8.95 46.08
C ASP C 675 39.90 8.10 47.21
N TYR C 676 39.38 6.92 46.91
CA TYR C 676 38.81 6.03 47.90
C TYR C 676 39.63 4.75 47.97
N SER C 677 39.62 4.12 49.15
CA SER C 677 40.35 2.86 49.32
C SER C 677 39.87 1.76 48.38
N PRO C 678 38.58 1.51 48.21
CA PRO C 678 38.16 0.53 47.19
C PRO C 678 38.20 1.15 45.81
N PRO C 679 38.90 0.53 44.87
CA PRO C 679 38.96 1.09 43.51
C PRO C 679 37.58 1.10 42.86
N PHE C 680 37.32 2.15 42.08
CA PHE C 680 36.04 2.29 41.40
C PHE C 680 36.14 1.64 40.01
N ARG C 681 36.15 0.31 40.03
CA ARG C 681 36.26 -0.48 38.81
C ARG C 681 34.98 -0.35 38.00
N PHE C 682 35.03 0.42 36.91
CA PHE C 682 33.84 0.64 36.10
C PHE C 682 33.61 -0.52 35.12
N GLY C 683 34.53 -0.71 34.19
CA GLY C 683 34.39 -1.76 33.20
C GLY C 683 33.46 -1.37 32.07
N THR C 684 33.82 -1.76 30.85
CA THR C 684 33.01 -1.43 29.68
C THR C 684 33.11 -2.57 28.67
N VAL C 685 32.11 -2.65 27.80
CA VAL C 685 32.08 -3.64 26.74
C VAL C 685 32.95 -3.15 25.58
N PRO C 686 33.95 -3.91 25.17
CA PRO C 686 34.81 -3.47 24.06
C PRO C 686 34.07 -3.56 22.73
N ASN C 687 34.71 -3.00 21.70
CA ASN C 687 34.16 -2.99 20.33
C ASN C 687 32.76 -2.39 20.32
N GLY C 688 32.57 -1.29 21.04
CA GLY C 688 31.24 -0.74 21.23
C GLY C 688 31.25 0.78 21.20
N SER C 689 30.03 1.32 21.07
CA SER C 689 29.86 2.76 21.07
C SER C 689 30.28 3.38 22.40
N THR C 690 30.02 2.68 23.51
CA THR C 690 30.40 3.19 24.82
C THR C 690 31.92 3.32 24.94
N GLU C 691 32.67 2.30 24.52
CA GLU C 691 34.12 2.40 24.61
C GLU C 691 34.68 3.40 23.61
N ARG C 692 34.05 3.53 22.42
CA ARG C 692 34.45 4.58 21.50
C ARG C 692 34.25 5.96 22.13
N ASN C 693 33.12 6.16 22.81
CA ASN C 693 32.84 7.45 23.44
C ASN C 693 33.83 7.74 24.56
N ILE C 694 34.13 6.75 25.40
CA ILE C 694 35.07 6.99 26.49
C ILE C 694 36.48 7.21 25.94
N ARG C 695 36.81 6.59 24.80
CA ARG C 695 38.08 6.90 24.15
C ARG C 695 38.11 8.35 23.67
N ASN C 696 37.01 8.81 23.08
CA ASN C 696 36.99 10.16 22.52
C ASN C 696 36.93 11.25 23.59
N ASN C 697 36.48 10.91 24.80
CA ASN C 697 36.29 11.92 25.85
C ASN C 697 37.49 12.02 26.79
N TYR C 698 37.85 10.92 27.46
CA TYR C 698 38.91 10.94 28.47
C TYR C 698 39.86 9.79 28.21
N PRO C 699 41.14 10.07 27.92
CA PRO C 699 42.10 8.98 27.70
C PRO C 699 42.46 8.23 28.98
N TYR C 700 42.73 8.97 30.06
CA TYR C 700 43.10 8.34 31.32
C TYR C 700 41.96 7.51 31.89
N MET C 701 40.73 8.02 31.80
CA MET C 701 39.58 7.25 32.26
C MET C 701 39.40 5.99 31.40
N HIS C 702 39.64 6.10 30.10
CA HIS C 702 39.56 4.93 29.23
C HIS C 702 40.61 3.89 29.62
N GLN C 703 41.83 4.33 29.92
CA GLN C 703 42.86 3.40 30.37
C GLN C 703 42.47 2.72 31.68
N TYR C 704 41.94 3.51 32.62
CA TYR C 704 41.53 2.94 33.90
C TYR C 704 40.41 1.91 33.72
N MET C 705 39.46 2.21 32.83
CA MET C 705 38.38 1.25 32.58
C MET C 705 38.87 0.00 31.87
N THR C 706 39.85 0.16 30.96
CA THR C 706 40.44 -1.02 30.32
C THR C 706 41.28 -1.84 31.29
N LYS C 707 41.76 -1.23 32.38
CA LYS C 707 42.42 -2.01 33.42
C LYS C 707 41.50 -3.04 34.04
N PHE C 708 40.19 -2.84 33.94
CA PHE C 708 39.19 -3.78 34.44
C PHE C 708 38.17 -4.08 33.35
N ASN C 709 38.63 -4.22 32.12
CA ASN C 709 37.75 -4.44 30.97
C ASN C 709 37.32 -5.91 30.92
N GLN C 710 36.04 -6.14 30.65
CA GLN C 710 35.48 -7.48 30.49
C GLN C 710 34.54 -7.50 29.31
N LYS C 711 34.03 -8.70 28.98
CA LYS C 711 33.11 -8.85 27.87
C LYS C 711 31.82 -8.07 28.12
N GLY C 712 31.29 -8.14 29.33
CA GLY C 712 30.11 -7.37 29.68
C GLY C 712 28.80 -8.14 29.59
N VAL C 713 27.72 -7.41 29.29
CA VAL C 713 26.33 -7.88 29.31
C VAL C 713 26.13 -8.96 30.38
N GLU C 714 26.44 -10.23 30.04
CA GLU C 714 26.30 -11.29 31.03
C GLU C 714 27.38 -11.18 32.11
N ASP C 715 28.62 -10.88 31.71
CA ASP C 715 29.68 -10.68 32.69
C ASP C 715 29.40 -9.47 33.56
N ALA C 716 28.89 -8.38 32.96
CA ALA C 716 28.53 -7.21 33.75
C ALA C 716 27.41 -7.55 34.74
N LEU C 717 26.41 -8.30 34.29
CA LEU C 717 25.30 -8.67 35.17
C LEU C 717 25.78 -9.52 36.34
N VAL C 718 26.62 -10.53 36.07
CA VAL C 718 27.08 -11.39 37.14
C VAL C 718 28.02 -10.63 38.08
N SER C 719 28.83 -9.72 37.55
CA SER C 719 29.69 -8.91 38.41
C SER C 719 28.88 -8.00 39.32
N LEU C 720 27.82 -7.38 38.78
CA LEU C 720 26.95 -6.55 39.61
C LEU C 720 26.23 -7.37 40.66
N LYS C 721 25.75 -8.56 40.30
CA LYS C 721 25.08 -9.42 41.27
C LYS C 721 26.03 -9.87 42.37
N THR C 722 27.26 -10.23 42.02
CA THR C 722 28.25 -10.68 42.99
C THR C 722 29.05 -9.54 43.60
N GLY C 723 28.83 -8.31 43.16
CA GLY C 723 29.55 -7.18 43.72
C GLY C 723 30.96 -7.00 43.23
N LYS C 724 31.33 -7.66 42.12
CA LYS C 724 32.67 -7.49 41.58
C LYS C 724 32.93 -6.06 41.14
N LEU C 725 31.93 -5.43 40.49
CA LEU C 725 32.04 -4.06 40.03
C LEU C 725 30.94 -3.22 40.68
N ASP C 726 31.33 -2.05 41.17
CA ASP C 726 30.35 -1.15 41.79
C ASP C 726 29.30 -0.69 40.78
N ALA C 727 29.74 -0.34 39.58
CA ALA C 727 28.83 0.12 38.53
C ALA C 727 29.43 -0.24 37.17
N PHE C 728 28.57 -0.28 36.16
CA PHE C 728 28.97 -0.65 34.82
C PHE C 728 28.46 0.38 33.82
N ILE C 729 29.19 0.55 32.73
CA ILE C 729 28.87 1.53 31.69
C ILE C 729 28.55 0.76 30.42
N TYR C 730 27.35 0.99 29.88
CA TYR C 730 26.91 0.32 28.66
C TYR C 730 25.76 1.13 28.07
N ASP C 731 25.09 0.57 27.06
CA ASP C 731 24.00 1.26 26.40
C ASP C 731 22.85 1.49 27.36
N ALA C 732 22.21 2.67 27.24
CA ALA C 732 21.14 3.03 28.16
C ALA C 732 19.94 2.09 28.03
N ALA C 733 19.58 1.74 26.81
CA ALA C 733 18.41 0.88 26.60
C ALA C 733 18.64 -0.50 27.21
N VAL C 734 19.83 -1.07 27.03
CA VAL C 734 20.12 -2.39 27.59
C VAL C 734 20.09 -2.35 29.11
N LEU C 735 20.66 -1.30 29.71
CA LEU C 735 20.63 -1.17 31.16
C LEU C 735 19.20 -1.02 31.67
N ASN C 736 18.38 -0.24 30.96
CA ASN C 736 16.98 -0.09 31.36
C ASN C 736 16.23 -1.42 31.28
N TYR C 737 16.49 -2.19 30.21
CA TYR C 737 15.86 -3.50 30.09
C TYR C 737 16.29 -4.43 31.22
N LYS C 738 17.58 -4.44 31.55
CA LYS C 738 18.06 -5.28 32.63
C LYS C 738 17.46 -4.86 33.97
N ALA C 739 17.35 -3.56 34.20
CA ALA C 739 16.72 -3.08 35.43
C ALA C 739 15.25 -3.49 35.49
N GLY C 740 14.55 -3.39 34.36
CA GLY C 740 13.16 -3.82 34.32
C GLY C 740 12.98 -5.30 34.58
N ARG C 741 13.92 -6.12 34.09
CA ARG C 741 13.89 -7.56 34.30
C ARG C 741 14.98 -8.03 35.26
N ASP C 742 15.23 -7.23 36.30
CA ASP C 742 16.24 -7.57 37.30
C ASP C 742 15.64 -8.44 38.40
N GLU C 743 16.45 -9.36 38.91
CA GLU C 743 16.04 -10.23 40.00
C GLU C 743 15.94 -9.43 41.29
N GLY C 744 14.72 -9.13 41.72
CA GLY C 744 14.50 -8.33 42.90
C GLY C 744 14.58 -6.83 42.69
N CYS C 745 14.80 -6.37 41.45
CA CYS C 745 14.86 -4.95 41.11
C CYS C 745 15.93 -4.22 41.93
N LYS C 746 17.03 -4.90 42.24
CA LYS C 746 18.12 -4.28 42.97
C LYS C 746 19.06 -3.48 42.07
N LEU C 747 18.98 -3.67 40.76
CA LEU C 747 19.81 -2.95 39.81
C LEU C 747 18.93 -1.96 39.05
N VAL C 748 19.39 -0.70 38.98
CA VAL C 748 18.63 0.35 38.31
C VAL C 748 19.62 1.44 37.90
N THR C 749 19.27 2.17 36.85
CA THR C 749 20.11 3.27 36.38
C THR C 749 20.03 4.45 37.35
N ILE C 750 20.75 5.52 37.02
CA ILE C 750 20.80 6.71 37.88
C ILE C 750 19.66 7.61 37.45
N GLY C 751 18.47 7.35 38.01
CA GLY C 751 17.32 8.19 37.72
C GLY C 751 17.00 8.24 36.25
N SER C 752 16.79 9.45 35.74
CA SER C 752 16.56 9.68 34.32
C SER C 752 17.10 11.05 33.95
N GLY C 753 17.45 11.20 32.69
CA GLY C 753 17.98 12.45 32.19
C GLY C 753 19.46 12.67 32.41
N TYR C 754 20.16 11.71 33.03
CA TYR C 754 21.59 11.80 33.27
C TYR C 754 22.40 11.07 32.21
N ILE C 755 21.88 10.99 30.98
CA ILE C 755 22.59 10.32 29.90
C ILE C 755 23.76 11.18 29.45
N PHE C 756 24.96 10.60 29.44
CA PHE C 756 26.14 11.34 29.04
C PHE C 756 26.08 11.75 27.57
N ALA C 757 25.60 10.87 26.71
CA ALA C 757 25.49 11.17 25.28
C ALA C 757 24.26 10.44 24.75
N THR C 758 23.15 11.17 24.65
CA THR C 758 21.90 10.58 24.21
C THR C 758 21.90 10.45 22.68
N THR C 759 21.66 9.23 22.20
CA THR C 759 21.61 8.94 20.78
C THR C 759 20.41 8.04 20.52
N GLY C 760 20.34 7.50 19.30
CA GLY C 760 19.27 6.58 18.95
C GLY C 760 19.78 5.27 18.40
N TYR C 761 18.90 4.50 17.75
CA TYR C 761 19.29 3.24 17.15
C TYR C 761 19.27 3.29 15.63
N GLY C 762 18.12 3.62 15.04
CA GLY C 762 18.03 3.72 13.59
C GLY C 762 18.19 2.40 12.88
N ILE C 763 18.22 2.43 11.56
CA ILE C 763 18.43 1.24 10.74
C ILE C 763 19.48 1.58 9.68
N ALA C 764 20.58 0.83 9.67
CA ALA C 764 21.68 1.12 8.77
C ALA C 764 21.34 0.71 7.35
N LEU C 765 21.64 1.58 6.39
CA LEU C 765 21.44 1.32 4.98
C LEU C 765 22.74 1.55 4.22
N GLN C 766 22.78 1.04 2.99
CA GLN C 766 23.93 1.22 2.13
C GLN C 766 23.98 2.65 1.60
N LYS C 767 25.20 3.14 1.35
CA LYS C 767 25.36 4.47 0.80
C LYS C 767 24.76 4.56 -0.60
N GLY C 768 23.93 5.56 -0.81
CA GLY C 768 23.27 5.73 -2.10
C GLY C 768 22.11 4.80 -2.35
N SER C 769 21.69 4.03 -1.35
CA SER C 769 20.58 3.11 -1.53
C SER C 769 19.27 3.89 -1.65
N PRO C 770 18.46 3.64 -2.68
CA PRO C 770 17.19 4.36 -2.86
C PRO C 770 16.06 3.84 -1.97
N TRP C 771 16.34 3.74 -0.67
CA TRP C 771 15.35 3.27 0.29
C TRP C 771 15.23 4.16 1.53
N LYS C 772 16.06 5.21 1.64
CA LYS C 772 16.05 6.05 2.83
C LYS C 772 14.70 6.71 3.02
N ARG C 773 14.14 7.27 1.93
CA ARG C 773 12.87 7.98 2.04
C ARG C 773 11.75 7.05 2.48
N GLN C 774 11.62 5.90 1.82
CA GLN C 774 10.58 4.95 2.18
C GLN C 774 10.75 4.46 3.61
N ILE C 775 11.99 4.16 4.01
CA ILE C 775 12.23 3.65 5.36
C ILE C 775 11.85 4.69 6.40
N ASP C 776 12.27 5.94 6.21
CA ASP C 776 11.97 6.96 7.22
C ASP C 776 10.47 7.25 7.26
N LEU C 777 9.81 7.31 6.10
CA LEU C 777 8.38 7.56 6.08
C LEU C 777 7.62 6.44 6.78
N ALA C 778 7.99 5.18 6.50
CA ALA C 778 7.31 4.06 7.15
C ALA C 778 7.56 4.06 8.65
N LEU C 779 8.79 4.35 9.08
CA LEU C 779 9.10 4.38 10.51
C LEU C 779 8.32 5.49 11.22
N LEU C 780 8.25 6.67 10.60
CA LEU C 780 7.48 7.76 11.20
C LEU C 780 6.01 7.43 11.25
N GLN C 781 5.47 6.79 10.22
CA GLN C 781 4.08 6.36 10.25
C GLN C 781 3.85 5.37 11.38
N PHE C 782 4.77 4.42 11.56
CA PHE C 782 4.63 3.44 12.63
C PHE C 782 4.66 4.10 14.01
N VAL C 783 5.59 5.03 14.22
CA VAL C 783 5.67 5.69 15.53
C VAL C 783 4.53 6.68 15.74
N GLY C 784 3.88 7.14 14.67
CA GLY C 784 2.75 8.02 14.81
C GLY C 784 1.43 7.29 14.94
N ASP C 785 1.41 6.02 14.57
CA ASP C 785 0.22 5.18 14.69
C ASP C 785 0.16 4.42 16.01
N GLY C 786 1.13 4.64 16.90
CA GLY C 786 1.17 3.93 18.16
C GLY C 786 1.82 2.57 18.11
N GLU C 787 2.35 2.16 16.95
CA GLU C 787 3.00 0.86 16.85
C GLU C 787 4.26 0.81 17.72
N MET C 788 5.03 1.90 17.74
CA MET C 788 6.24 1.93 18.55
C MET C 788 5.91 1.80 20.04
N GLU C 789 4.89 2.52 20.50
CA GLU C 789 4.49 2.42 21.89
C GLU C 789 3.96 1.02 22.21
N GLU C 790 3.19 0.44 21.28
CA GLU C 790 2.68 -0.91 21.50
C GLU C 790 3.81 -1.92 21.57
N LEU C 791 4.82 -1.79 20.68
CA LEU C 791 5.96 -2.69 20.71
C LEU C 791 6.76 -2.52 22.00
N GLU C 792 6.94 -1.28 22.45
CA GLU C 792 7.68 -1.06 23.70
C GLU C 792 6.94 -1.66 24.90
N THR C 793 5.61 -1.49 24.93
CA THR C 793 4.83 -2.05 26.02
C THR C 793 4.72 -3.57 25.87
N LEU C 794 4.51 -4.23 27.01
CA LEU C 794 4.38 -5.69 27.08
C LEU C 794 5.61 -6.41 26.56
N TRP C 795 6.77 -5.76 26.59
CA TRP C 795 8.01 -6.37 26.13
C TRP C 795 9.12 -6.31 27.16
N LEU C 796 9.18 -5.23 27.95
CA LEU C 796 10.21 -5.09 28.97
C LEU C 796 9.62 -4.61 30.29
N ASP C 813 13.87 3.31 64.45
CA ASP C 813 14.18 4.17 63.30
C ASP C 813 15.39 5.06 63.59
N ILE C 814 15.89 5.72 62.55
CA ILE C 814 17.06 6.59 62.71
C ILE C 814 16.73 7.80 63.57
N ASP C 815 15.50 8.32 63.48
CA ASP C 815 15.13 9.51 64.23
C ASP C 815 15.17 9.26 65.74
N ASN C 816 15.02 8.01 66.17
CA ASN C 816 15.09 7.70 67.59
C ASN C 816 16.46 8.01 68.17
N MET C 817 17.52 7.72 67.41
CA MET C 817 18.86 8.04 67.88
C MET C 817 19.04 9.54 68.06
N ALA C 818 18.57 10.33 67.10
CA ALA C 818 18.66 11.78 67.21
C ALA C 818 17.86 12.28 68.41
N GLY C 819 16.66 11.73 68.61
CA GLY C 819 15.85 12.14 69.75
C GLY C 819 16.49 11.83 71.08
N VAL C 820 17.04 10.62 71.22
CA VAL C 820 17.66 10.25 72.49
C VAL C 820 18.93 11.05 72.72
N PHE C 821 19.70 11.33 71.67
CA PHE C 821 20.87 12.19 71.82
C PHE C 821 20.48 13.58 72.26
N TYR C 822 19.42 14.13 71.65
CA TYR C 822 18.96 15.47 72.04
C TYR C 822 18.49 15.49 73.49
N MET C 823 17.74 14.47 73.91
CA MET C 823 17.24 14.45 75.29
C MET C 823 18.38 14.28 76.28
N LEU C 824 19.38 13.46 75.94
CA LEU C 824 20.54 13.31 76.83
C LEU C 824 21.32 14.62 76.94
N ALA C 825 21.51 15.31 75.81
CA ALA C 825 22.20 16.60 75.86
C ALA C 825 21.42 17.62 76.69
N ALA C 826 20.10 17.65 76.51
CA ALA C 826 19.28 18.58 77.29
C ALA C 826 19.35 18.25 78.79
N ALA C 827 19.29 16.96 79.13
CA ALA C 827 19.38 16.57 80.53
C ALA C 827 20.73 16.95 81.13
N MET C 828 21.81 16.71 80.39
CA MET C 828 23.14 17.08 80.89
C MET C 828 23.26 18.59 81.07
N ALA C 829 22.75 19.36 80.11
CA ALA C 829 22.81 20.82 80.23
C ALA C 829 22.00 21.30 81.43
N LEU C 830 20.80 20.75 81.63
CA LEU C 830 19.99 21.13 82.78
C LEU C 830 20.67 20.76 84.09
N SER C 831 21.28 19.57 84.16
CA SER C 831 21.98 19.17 85.36
C SER C 831 23.15 20.11 85.65
N LEU C 832 23.91 20.48 84.62
CA LEU C 832 25.02 21.40 84.82
C LEU C 832 24.53 22.77 85.29
N ILE C 833 23.44 23.26 84.70
CA ILE C 833 22.90 24.55 85.10
C ILE C 833 22.43 24.52 86.55
N THR C 834 21.74 23.44 86.94
CA THR C 834 21.27 23.33 88.32
C THR C 834 22.44 23.21 89.30
N PHE C 835 23.49 22.48 88.92
CA PHE C 835 24.67 22.38 89.77
C PHE C 835 25.36 23.72 89.94
N ILE C 836 25.46 24.50 88.85
CA ILE C 836 26.04 25.83 88.95
C ILE C 836 25.19 26.74 89.83
N TRP C 837 23.88 26.70 89.65
CA TRP C 837 22.97 27.51 90.46
C TRP C 837 22.56 26.76 91.73
N LYS D 25 -2.05 -0.30 -58.25
CA LYS D 25 -0.75 0.35 -58.41
C LYS D 25 -0.87 1.68 -59.15
N ILE D 26 -1.90 2.45 -58.80
CA ILE D 26 -2.14 3.75 -59.43
C ILE D 26 -1.99 4.82 -58.34
N VAL D 27 -1.12 4.54 -57.37
CA VAL D 27 -0.92 5.45 -56.25
C VAL D 27 -0.43 6.81 -56.76
N ASN D 28 -0.95 7.87 -56.15
CA ASN D 28 -0.54 9.23 -56.46
C ASN D 28 -0.11 9.93 -55.18
N ILE D 29 0.84 10.86 -55.32
CA ILE D 29 1.36 11.63 -54.19
C ILE D 29 1.12 13.10 -54.50
N GLY D 30 0.28 13.75 -53.69
CA GLY D 30 -0.01 15.16 -53.88
C GLY D 30 1.08 16.06 -53.34
N ALA D 31 1.29 16.03 -52.02
CA ALA D 31 2.33 16.78 -51.33
C ALA D 31 2.16 18.29 -51.45
N VAL D 32 2.76 19.03 -50.53
CA VAL D 32 2.77 20.49 -50.56
C VAL D 32 4.21 20.95 -50.42
N LEU D 33 4.72 21.63 -51.45
CA LEU D 33 6.10 22.11 -51.46
C LEU D 33 6.10 23.61 -51.72
N SER D 34 6.93 24.33 -50.95
CA SER D 34 7.09 25.76 -51.15
C SER D 34 7.80 26.04 -52.47
N THR D 35 7.53 27.22 -53.03
CA THR D 35 8.14 27.68 -54.28
C THR D 35 7.89 26.69 -55.42
N ARG D 36 8.75 26.72 -56.44
CA ARG D 36 8.65 25.82 -57.58
C ARG D 36 9.88 24.96 -57.78
N LYS D 37 11.07 25.46 -57.42
CA LYS D 37 12.28 24.63 -57.52
C LYS D 37 12.18 23.43 -56.59
N HIS D 38 11.62 23.62 -55.39
CA HIS D 38 11.40 22.50 -54.50
C HIS D 38 10.42 21.49 -55.10
N GLU D 39 9.40 21.99 -55.80
CA GLU D 39 8.46 21.10 -56.48
C GLU D 39 9.16 20.28 -57.55
N GLN D 40 10.00 20.93 -58.36
CA GLN D 40 10.73 20.21 -59.40
C GLN D 40 11.68 19.18 -58.80
N MET D 41 12.36 19.54 -57.72
CA MET D 41 13.26 18.60 -57.06
C MET D 41 12.50 17.42 -56.47
N PHE D 42 11.32 17.68 -55.91
CA PHE D 42 10.47 16.60 -55.40
C PHE D 42 10.03 15.67 -56.52
N ARG D 43 9.67 16.23 -57.68
CA ARG D 43 9.30 15.41 -58.82
C ARG D 43 10.47 14.55 -59.29
N GLU D 44 11.67 15.15 -59.34
CA GLU D 44 12.85 14.39 -59.74
C GLU D 44 13.15 13.27 -58.74
N ALA D 45 13.01 13.55 -57.45
CA ALA D 45 13.24 12.52 -56.44
C ALA D 45 12.21 11.40 -56.54
N VAL D 46 10.96 11.76 -56.83
CA VAL D 46 9.92 10.75 -57.02
C VAL D 46 10.24 9.86 -58.22
N ASN D 47 10.67 10.47 -59.33
CA ASN D 47 11.05 9.69 -60.50
C ASN D 47 12.24 8.78 -60.19
N GLN D 48 13.23 9.29 -59.47
CA GLN D 48 14.39 8.48 -59.11
C GLN D 48 13.99 7.30 -58.23
N ALA D 49 13.13 7.54 -57.25
CA ALA D 49 12.65 6.46 -56.39
C ALA D 49 11.84 5.44 -57.18
N ASN D 50 11.06 5.90 -58.18
CA ASN D 50 10.36 4.98 -59.05
C ASN D 50 11.35 4.11 -59.84
N LYS D 51 12.44 4.72 -60.30
CA LYS D 51 13.45 4.00 -61.07
C LYS D 51 14.56 3.42 -60.21
N ARG D 52 14.28 3.13 -58.93
CA ARG D 52 15.26 2.51 -58.06
C ARG D 52 14.55 1.68 -57.01
N HIS D 53 15.32 0.80 -56.35
CA HIS D 53 14.82 -0.09 -55.30
C HIS D 53 13.71 -0.95 -55.90
N GLY D 54 12.62 -1.20 -55.17
CA GLY D 54 11.51 -1.97 -55.70
C GLY D 54 10.82 -1.27 -56.85
N SER D 55 10.95 -1.82 -58.06
CA SER D 55 10.37 -1.23 -59.25
C SER D 55 9.37 -2.21 -59.86
N TRP D 56 8.17 -1.72 -60.14
CA TRP D 56 7.11 -2.49 -60.77
C TRP D 56 6.75 -1.84 -62.10
N LYS D 57 5.69 -2.35 -62.74
CA LYS D 57 5.24 -1.78 -64.00
C LYS D 57 4.83 -0.33 -63.83
N ILE D 58 4.04 -0.04 -62.78
CA ILE D 58 3.64 1.32 -62.44
C ILE D 58 3.75 1.44 -60.92
N GLN D 59 4.77 2.14 -60.45
CA GLN D 59 4.96 2.29 -59.00
C GLN D 59 3.98 3.30 -58.42
N LEU D 60 4.06 4.55 -58.86
CA LEU D 60 3.18 5.59 -58.36
C LEU D 60 3.22 6.77 -59.34
N ASN D 61 2.56 7.85 -58.95
CA ASN D 61 2.42 9.04 -59.78
C ASN D 61 2.92 10.25 -59.02
N ALA D 62 3.40 11.25 -59.77
CA ALA D 62 4.00 12.45 -59.20
C ALA D 62 3.09 13.64 -59.43
N THR D 63 2.70 14.32 -58.35
CA THR D 63 1.92 15.54 -58.42
C THR D 63 2.41 16.49 -57.34
N SER D 64 2.07 17.77 -57.47
CA SER D 64 2.50 18.77 -56.51
C SER D 64 1.57 19.97 -56.58
N VAL D 65 1.62 20.79 -55.54
CA VAL D 65 0.82 22.02 -55.46
C VAL D 65 1.61 23.05 -54.65
N THR D 66 1.51 24.31 -55.05
CA THR D 66 2.24 25.37 -54.39
C THR D 66 1.63 25.67 -53.02
N HIS D 67 2.46 26.25 -52.15
CA HIS D 67 2.04 26.62 -50.79
C HIS D 67 1.72 28.11 -50.79
N LYS D 68 0.52 28.44 -51.28
CA LYS D 68 0.12 29.82 -51.41
C LYS D 68 -0.12 30.45 -50.03
N PRO D 69 0.12 31.77 -49.90
CA PRO D 69 0.04 32.40 -48.58
C PRO D 69 -1.32 32.30 -47.92
N ASN D 70 -2.40 32.37 -48.69
CA ASN D 70 -3.73 32.37 -48.09
C ASN D 70 -4.06 30.99 -47.54
N ALA D 71 -4.40 30.93 -46.25
CA ALA D 71 -4.61 29.64 -45.59
C ALA D 71 -5.87 28.95 -46.12
N ILE D 72 -6.98 29.69 -46.23
CA ILE D 72 -8.23 29.09 -46.67
C ILE D 72 -8.12 28.61 -48.11
N GLN D 73 -7.58 29.47 -48.99
CA GLN D 73 -7.42 29.09 -50.38
C GLN D 73 -6.45 27.92 -50.52
N MET D 74 -5.37 27.93 -49.75
CA MET D 74 -4.41 26.83 -49.77
C MET D 74 -5.09 25.52 -49.36
N ALA D 75 -5.88 25.55 -48.29
CA ALA D 75 -6.54 24.34 -47.82
C ALA D 75 -7.52 23.81 -48.85
N LEU D 76 -8.35 24.69 -49.41
CA LEU D 76 -9.33 24.22 -50.39
C LEU D 76 -8.65 23.69 -51.65
N SER D 77 -7.61 24.39 -52.12
CA SER D 77 -6.90 23.92 -53.30
C SER D 77 -6.22 22.58 -53.06
N VAL D 78 -5.62 22.41 -51.88
CA VAL D 78 -4.97 21.15 -51.55
C VAL D 78 -5.98 20.02 -51.51
N CYS D 79 -7.15 20.25 -50.88
CA CYS D 79 -8.18 19.22 -50.83
C CYS D 79 -8.63 18.85 -52.23
N GLU D 80 -8.90 19.86 -53.07
CA GLU D 80 -9.39 19.60 -54.42
C GLU D 80 -8.36 18.86 -55.26
N ASP D 81 -7.09 19.23 -55.16
CA ASP D 81 -6.05 18.67 -56.02
C ASP D 81 -5.43 17.41 -55.45
N LEU D 82 -5.75 17.02 -54.22
CA LEU D 82 -5.20 15.81 -53.63
C LEU D 82 -6.26 14.73 -53.43
N ILE D 83 -7.39 15.06 -52.82
CA ILE D 83 -8.40 14.04 -52.55
C ILE D 83 -8.95 13.49 -53.87
N SER D 84 -9.23 14.36 -54.83
CA SER D 84 -9.74 13.93 -56.13
C SER D 84 -8.69 13.17 -56.94
N SER D 85 -7.41 13.29 -56.59
CA SER D 85 -6.34 12.62 -57.30
C SER D 85 -5.94 11.29 -56.67
N GLN D 86 -6.67 10.84 -55.64
CA GLN D 86 -6.44 9.55 -55.00
C GLN D 86 -5.01 9.45 -54.43
N VAL D 87 -4.74 10.32 -53.46
CA VAL D 87 -3.42 10.38 -52.83
C VAL D 87 -3.39 9.46 -51.63
N TYR D 88 -2.25 8.83 -51.40
CA TYR D 88 -2.03 8.02 -50.20
C TYR D 88 -1.16 8.72 -49.17
N ALA D 89 -0.25 9.61 -49.61
CA ALA D 89 0.61 10.34 -48.69
C ALA D 89 0.88 11.73 -49.27
N ILE D 90 1.12 12.69 -48.40
CA ILE D 90 1.38 14.07 -48.78
C ILE D 90 2.54 14.59 -47.94
N LEU D 91 3.49 15.26 -48.59
CA LEU D 91 4.63 15.87 -47.94
C LEU D 91 4.41 17.37 -47.87
N VAL D 92 4.45 17.94 -46.67
CA VAL D 92 4.23 19.36 -46.45
C VAL D 92 5.43 19.95 -45.74
N SER D 93 5.93 21.07 -46.25
CA SER D 93 7.08 21.76 -45.68
C SER D 93 6.66 23.13 -45.15
N HIS D 94 7.21 23.49 -44.00
CA HIS D 94 6.88 24.75 -43.35
C HIS D 94 8.06 25.71 -43.43
N PRO D 95 7.97 26.79 -44.21
CA PRO D 95 9.07 27.76 -44.24
C PRO D 95 9.23 28.45 -42.91
N PRO D 96 10.45 28.85 -42.55
CA PRO D 96 10.69 29.45 -41.23
C PRO D 96 10.43 30.96 -41.20
N THR D 97 9.69 31.47 -42.17
CA THR D 97 9.44 32.91 -42.23
C THR D 97 8.68 33.38 -40.99
N PRO D 98 9.21 34.36 -40.24
CA PRO D 98 8.53 34.80 -39.03
C PRO D 98 7.40 35.80 -39.28
N ASN D 99 7.56 36.64 -40.31
CA ASN D 99 6.59 37.71 -40.56
C ASN D 99 5.22 37.14 -40.91
N ASP D 100 5.18 36.13 -41.77
CA ASP D 100 3.95 35.47 -42.16
C ASP D 100 3.91 34.07 -41.57
N HIS D 101 2.69 33.54 -41.43
CA HIS D 101 2.51 32.25 -40.76
C HIS D 101 3.01 31.11 -41.65
N PHE D 102 2.39 30.93 -42.82
CA PHE D 102 2.73 29.83 -43.74
C PHE D 102 2.78 28.48 -43.02
N THR D 103 1.97 28.32 -41.98
CA THR D 103 2.00 27.13 -41.16
C THR D 103 1.31 25.97 -41.87
N PRO D 104 1.74 24.74 -41.59
CA PRO D 104 1.05 23.55 -42.12
C PRO D 104 -0.24 23.20 -41.38
N THR D 105 -0.74 24.09 -40.53
CA THR D 105 -1.98 23.82 -39.81
C THR D 105 -3.18 23.60 -40.72
N PRO D 106 -3.45 24.43 -41.74
CA PRO D 106 -4.64 24.18 -42.57
C PRO D 106 -4.59 22.87 -43.33
N VAL D 107 -3.46 22.55 -43.96
CA VAL D 107 -3.36 21.31 -44.73
C VAL D 107 -3.45 20.10 -43.80
N SER D 108 -2.79 20.18 -42.64
CA SER D 108 -2.86 19.08 -41.68
C SER D 108 -4.28 18.87 -41.18
N TYR D 109 -5.00 19.95 -40.90
CA TYR D 109 -6.39 19.82 -40.45
C TYR D 109 -7.29 19.26 -41.54
N THR D 110 -7.09 19.71 -42.79
CA THR D 110 -7.89 19.18 -43.88
C THR D 110 -7.62 17.69 -44.09
N ALA D 111 -6.35 17.28 -43.99
CA ALA D 111 -6.03 15.87 -44.06
C ALA D 111 -6.53 15.10 -42.84
N GLY D 112 -6.77 15.80 -41.73
CA GLY D 112 -7.28 15.15 -40.54
C GLY D 112 -8.73 14.74 -40.63
N PHE D 113 -9.51 15.36 -41.52
CA PHE D 113 -10.88 14.92 -41.75
C PHE D 113 -10.90 13.50 -42.29
N TYR D 114 -10.01 13.20 -43.23
CA TYR D 114 -9.79 11.83 -43.69
C TYR D 114 -8.66 11.23 -42.86
N ARG D 115 -8.12 10.09 -43.28
CA ARG D 115 -7.01 9.44 -42.60
C ARG D 115 -5.78 9.36 -43.50
N ILE D 116 -5.51 10.44 -44.23
CA ILE D 116 -4.37 10.50 -45.15
C ILE D 116 -3.16 10.96 -44.35
N PRO D 117 -2.10 10.15 -44.26
CA PRO D 117 -0.91 10.58 -43.51
C PRO D 117 -0.19 11.73 -44.22
N VAL D 118 0.45 12.56 -43.39
CA VAL D 118 1.24 13.69 -43.88
C VAL D 118 2.61 13.63 -43.23
N LEU D 119 3.59 14.25 -43.90
CA LEU D 119 4.95 14.32 -43.40
C LEU D 119 5.39 15.77 -43.34
N GLY D 120 5.94 16.18 -42.19
CA GLY D 120 6.43 17.53 -42.03
C GLY D 120 7.92 17.65 -42.24
N LEU D 121 8.33 18.23 -43.36
CA LEU D 121 9.75 18.35 -43.68
C LEU D 121 10.44 19.33 -42.73
N THR D 122 9.86 20.51 -42.54
CA THR D 122 10.46 21.58 -41.73
C THR D 122 9.44 22.12 -40.74
N THR D 123 8.74 21.22 -40.06
CA THR D 123 7.75 21.60 -39.05
C THR D 123 8.42 21.59 -37.69
N ARG D 124 8.73 22.78 -37.18
CA ARG D 124 9.39 22.95 -35.89
C ARG D 124 8.42 23.24 -34.76
N MET D 125 7.12 23.21 -35.02
CA MET D 125 6.12 23.49 -34.00
C MET D 125 5.76 22.21 -33.25
N SER D 126 5.63 22.32 -31.94
CA SER D 126 5.27 21.20 -31.08
C SER D 126 3.76 21.01 -30.95
N ILE D 127 2.97 21.87 -31.58
CA ILE D 127 1.51 21.70 -31.55
C ILE D 127 1.10 20.42 -32.24
N TYR D 128 1.74 20.11 -33.37
CA TYR D 128 1.42 18.91 -34.14
C TYR D 128 1.87 17.63 -33.46
N SER D 129 2.65 17.73 -32.37
CA SER D 129 3.12 16.53 -31.68
C SER D 129 1.96 15.74 -31.10
N ASP D 130 0.99 16.41 -30.50
CA ASP D 130 -0.14 15.73 -29.89
C ASP D 130 -1.02 15.08 -30.95
N LYS D 131 -1.36 13.80 -30.75
CA LYS D 131 -2.16 13.07 -31.72
C LYS D 131 -3.63 13.46 -31.69
N SER D 132 -4.14 13.92 -30.54
CA SER D 132 -5.54 14.33 -30.49
C SER D 132 -5.79 15.56 -31.36
N ILE D 133 -4.87 16.53 -31.33
CA ILE D 133 -5.02 17.73 -32.15
C ILE D 133 -4.82 17.41 -33.62
N HIS D 134 -3.82 16.60 -33.94
CA HIS D 134 -3.53 16.18 -35.31
C HIS D 134 -3.41 14.66 -35.32
N LEU D 135 -4.44 13.98 -35.82
CA LEU D 135 -4.45 12.52 -35.79
C LEU D 135 -3.48 11.94 -36.80
N SER D 136 -3.69 12.24 -38.08
CA SER D 136 -2.87 11.66 -39.15
C SER D 136 -1.74 12.61 -39.55
N PHE D 137 -0.88 12.91 -38.59
CA PHE D 137 0.25 13.81 -38.80
C PHE D 137 1.54 13.10 -38.43
N LEU D 138 2.53 13.21 -39.31
CA LEU D 138 3.87 12.71 -39.06
C LEU D 138 4.88 13.75 -39.54
N ARG D 139 6.13 13.57 -39.13
CA ARG D 139 7.20 14.47 -39.56
C ARG D 139 8.53 13.77 -39.38
N THR D 140 9.56 14.32 -40.06
CA THR D 140 10.90 13.76 -40.03
C THR D 140 11.87 14.59 -39.20
N VAL D 141 11.37 15.52 -38.41
CA VAL D 141 12.23 16.36 -37.57
C VAL D 141 11.55 16.63 -36.23
N PRO D 142 12.20 16.34 -35.11
CA PRO D 142 11.61 16.65 -33.80
C PRO D 142 11.62 18.14 -33.55
N PRO D 143 10.47 18.72 -33.20
CA PRO D 143 10.41 20.18 -33.00
C PRO D 143 11.32 20.66 -31.88
N TYR D 144 11.07 20.19 -30.65
CA TYR D 144 11.95 20.51 -29.54
C TYR D 144 12.13 19.36 -28.54
N SER D 145 11.53 18.19 -28.78
CA SER D 145 11.68 17.08 -27.86
C SER D 145 13.12 16.56 -27.85
N HIS D 146 13.68 16.32 -29.03
CA HIS D 146 15.07 15.90 -29.10
C HIS D 146 16.01 17.04 -28.71
N GLN D 147 15.61 18.29 -28.90
CA GLN D 147 16.39 19.40 -28.39
C GLN D 147 16.50 19.37 -26.88
N SER D 148 15.37 19.12 -26.19
CA SER D 148 15.39 18.99 -24.75
C SER D 148 16.17 17.74 -24.31
N SER D 149 16.08 16.67 -25.09
CA SER D 149 16.87 15.47 -24.79
C SER D 149 18.36 15.75 -24.88
N VAL D 150 18.78 16.49 -25.90
CA VAL D 150 20.18 16.88 -26.03
C VAL D 150 20.58 17.79 -24.87
N TRP D 151 19.71 18.71 -24.48
CA TRP D 151 19.98 19.55 -23.31
C TRP D 151 20.22 18.70 -22.07
N PHE D 152 19.34 17.73 -21.82
CA PHE D 152 19.46 16.89 -20.64
C PHE D 152 20.73 16.05 -20.69
N GLU D 153 21.06 15.47 -21.85
CA GLU D 153 22.26 14.66 -21.96
C GLU D 153 23.52 15.49 -21.76
N MET D 154 23.56 16.70 -22.35
CA MET D 154 24.70 17.58 -22.17
C MET D 154 24.85 18.00 -20.71
N MET D 155 23.73 18.29 -20.05
CA MET D 155 23.78 18.63 -18.63
C MET D 155 24.30 17.46 -17.80
N ARG D 156 23.86 16.25 -18.13
CA ARG D 156 24.32 15.07 -17.38
C ARG D 156 25.81 14.82 -17.59
N VAL D 157 26.29 14.96 -18.82
CA VAL D 157 27.69 14.64 -19.10
C VAL D 157 28.64 15.78 -18.75
N TYR D 158 28.12 17.00 -18.57
CA TYR D 158 28.95 18.15 -18.20
C TYR D 158 28.84 18.49 -16.71
N SER D 159 28.29 17.59 -15.90
CA SER D 159 28.20 17.76 -14.45
C SER D 159 27.44 19.03 -14.07
N TRP D 160 26.16 19.05 -14.44
CA TRP D 160 25.24 20.10 -14.06
C TRP D 160 24.04 19.49 -13.34
N ASN D 161 23.58 20.16 -12.28
CA ASN D 161 22.45 19.66 -11.51
C ASN D 161 21.49 20.78 -11.14
N HIS D 162 21.57 21.92 -11.85
CA HIS D 162 20.68 23.05 -11.61
C HIS D 162 20.14 23.54 -12.93
N ILE D 163 18.83 23.82 -12.97
CA ILE D 163 18.15 24.26 -14.19
C ILE D 163 17.36 25.52 -13.87
N ILE D 164 17.59 26.56 -14.66
CA ILE D 164 16.79 27.79 -14.61
C ILE D 164 16.03 27.84 -15.92
N LEU D 165 14.75 27.48 -15.89
CA LEU D 165 13.96 27.35 -17.10
C LEU D 165 13.24 28.67 -17.40
N LEU D 166 13.35 29.12 -18.65
CA LEU D 166 12.71 30.34 -19.12
C LEU D 166 11.68 30.03 -20.20
N VAL D 167 10.89 28.98 -19.98
CA VAL D 167 9.86 28.59 -20.94
C VAL D 167 8.78 29.66 -21.00
N SER D 168 8.41 30.05 -22.21
CA SER D 168 7.37 31.05 -22.41
C SER D 168 5.99 30.39 -22.34
N ASP D 169 4.95 31.23 -22.24
CA ASP D 169 3.58 30.76 -22.13
C ASP D 169 3.03 30.45 -23.52
N ASP D 170 3.55 29.37 -24.09
CA ASP D 170 3.13 28.88 -25.39
C ASP D 170 3.08 27.37 -25.37
N HIS D 171 2.40 26.79 -26.37
CA HIS D 171 2.21 25.34 -26.39
C HIS D 171 3.53 24.61 -26.54
N GLU D 172 4.40 25.08 -27.45
CA GLU D 172 5.68 24.43 -27.64
C GLU D 172 6.56 24.56 -26.40
N GLY D 173 6.53 25.73 -25.75
CA GLY D 173 7.27 25.89 -24.52
C GLY D 173 6.80 24.97 -23.42
N ARG D 174 5.48 24.84 -23.28
CA ARG D 174 4.93 23.94 -22.26
C ARG D 174 5.29 22.49 -22.57
N ALA D 175 5.24 22.09 -23.85
CA ALA D 175 5.63 20.74 -24.22
C ALA D 175 7.10 20.48 -23.91
N ALA D 176 7.97 21.45 -24.21
CA ALA D 176 9.38 21.31 -23.90
C ALA D 176 9.61 21.22 -22.40
N GLN D 177 8.88 22.03 -21.63
CA GLN D 177 9.00 21.97 -20.17
C GLN D 177 8.56 20.61 -19.64
N LYS D 178 7.46 20.07 -20.16
CA LYS D 178 7.00 18.76 -19.71
C LYS D 178 8.01 17.67 -20.06
N ARG D 179 8.57 17.72 -21.27
CA ARG D 179 9.57 16.74 -21.65
C ARG D 179 10.82 16.84 -20.77
N LEU D 180 11.26 18.07 -20.49
CA LEU D 180 12.42 18.25 -19.63
C LEU D 180 12.16 17.74 -18.22
N GLU D 181 10.97 18.00 -17.68
CA GLU D 181 10.62 17.50 -16.36
C GLU D 181 10.58 15.98 -16.33
N THR D 182 10.01 15.36 -17.36
CA THR D 182 9.98 13.90 -17.42
C THR D 182 11.38 13.31 -17.50
N LEU D 183 12.25 13.94 -18.29
CA LEU D 183 13.64 13.47 -18.37
C LEU D 183 14.36 13.64 -17.04
N LEU D 184 14.11 14.75 -16.34
CA LEU D 184 14.75 14.98 -15.05
C LEU D 184 14.27 13.97 -14.01
N GLU D 185 12.98 13.61 -14.04
CA GLU D 185 12.46 12.66 -13.08
C GLU D 185 13.05 11.26 -13.26
N GLU D 186 13.67 10.97 -14.41
CA GLU D 186 14.31 9.69 -14.61
C GLU D 186 15.47 9.51 -13.63
N ARG D 187 16.25 10.56 -13.41
CA ARG D 187 17.36 10.53 -12.48
C ARG D 187 17.00 11.11 -11.11
N GLU D 188 15.70 11.27 -10.82
CA GLU D 188 15.22 11.81 -9.55
C GLU D 188 15.81 13.20 -9.28
N SER D 189 15.82 14.05 -10.29
CA SER D 189 16.28 15.42 -10.17
C SER D 189 15.14 16.38 -10.53
N LYS D 190 15.12 17.52 -9.86
CA LYS D 190 14.08 18.53 -10.07
C LYS D 190 14.71 19.91 -10.14
N ALA D 191 14.25 20.71 -11.10
CA ALA D 191 14.73 22.08 -11.21
C ALA D 191 14.23 22.92 -10.04
N GLU D 192 15.10 23.78 -9.51
CA GLU D 192 14.73 24.61 -8.37
C GLU D 192 13.73 25.70 -8.74
N LYS D 193 13.59 26.03 -10.02
CA LYS D 193 12.67 27.08 -10.44
C LYS D 193 12.28 26.85 -11.88
N VAL D 194 10.98 26.78 -12.15
CA VAL D 194 10.46 26.57 -13.49
C VAL D 194 9.58 27.76 -13.89
N LEU D 195 9.96 28.96 -13.42
CA LEU D 195 9.15 30.14 -13.65
C LEU D 195 8.98 30.40 -15.15
N GLN D 196 7.79 30.85 -15.52
CA GLN D 196 7.44 31.11 -16.90
C GLN D 196 6.96 32.56 -17.06
N PHE D 197 7.17 33.10 -18.26
CA PHE D 197 6.76 34.46 -18.58
C PHE D 197 5.94 34.45 -19.86
N ASP D 198 4.97 35.36 -19.93
CA ASP D 198 4.13 35.46 -21.11
C ASP D 198 4.94 35.95 -22.31
N PRO D 199 4.63 35.47 -23.51
CA PRO D 199 5.34 35.96 -24.70
C PRO D 199 5.05 37.43 -24.96
N GLY D 200 6.07 38.12 -25.47
CA GLY D 200 5.93 39.53 -25.80
C GLY D 200 6.03 40.48 -24.63
N THR D 201 6.28 39.98 -23.42
CA THR D 201 6.39 40.85 -22.26
C THR D 201 7.71 41.61 -22.30
N LYS D 202 7.66 42.88 -21.89
CA LYS D 202 8.84 43.74 -21.84
C LYS D 202 9.31 44.00 -20.42
N ASN D 203 8.78 43.26 -19.44
CA ASN D 203 9.13 43.49 -18.05
C ASN D 203 9.74 42.24 -17.42
N VAL D 204 10.66 41.59 -18.16
CA VAL D 204 11.31 40.38 -17.65
C VAL D 204 12.40 40.70 -16.63
N THR D 205 12.57 41.96 -16.26
CA THR D 205 13.57 42.32 -15.26
C THR D 205 13.25 41.69 -13.91
N ALA D 206 11.96 41.66 -13.53
CA ALA D 206 11.58 41.01 -12.28
C ALA D 206 11.89 39.51 -12.30
N LEU D 207 11.62 38.86 -13.43
CA LEU D 207 11.94 37.43 -13.56
C LEU D 207 13.44 37.20 -13.47
N LEU D 208 14.23 38.07 -14.11
CA LEU D 208 15.68 37.93 -14.03
C LEU D 208 16.18 38.16 -12.61
N MET D 209 15.58 39.11 -11.89
CA MET D 209 15.96 39.31 -10.49
C MET D 209 15.62 38.10 -9.64
N GLU D 210 14.45 37.49 -9.88
CA GLU D 210 14.09 36.27 -9.17
C GLU D 210 15.08 35.15 -9.48
N ALA D 211 15.49 35.04 -10.75
CA ALA D 211 16.51 34.05 -11.11
C ALA D 211 17.83 34.31 -10.41
N LYS D 212 18.21 35.59 -10.31
CA LYS D 212 19.43 35.95 -9.58
C LYS D 212 19.33 35.52 -8.11
N GLU D 213 18.18 35.78 -7.48
CA GLU D 213 17.97 35.41 -6.09
C GLU D 213 17.64 33.92 -5.96
N LEU D 214 18.58 33.10 -6.43
CA LEU D 214 18.46 31.65 -6.37
C LEU D 214 19.83 31.05 -6.11
N GLU D 215 19.88 29.71 -6.08
CA GLU D 215 21.11 28.97 -5.86
C GLU D 215 21.63 28.31 -7.13
N ALA D 216 21.05 28.63 -8.29
CA ALA D 216 21.40 28.02 -9.55
C ALA D 216 22.15 29.01 -10.45
N ARG D 217 22.88 28.45 -11.40
CA ARG D 217 23.64 29.23 -12.38
C ARG D 217 23.31 28.86 -13.82
N VAL D 218 23.05 27.59 -14.09
CA VAL D 218 22.71 27.17 -15.44
C VAL D 218 21.30 27.61 -15.80
N ILE D 219 21.16 28.29 -16.93
CA ILE D 219 19.90 28.85 -17.37
C ILE D 219 19.49 28.19 -18.68
N ILE D 220 18.25 27.69 -18.75
CA ILE D 220 17.70 27.09 -19.94
C ILE D 220 16.64 28.05 -20.50
N LEU D 221 16.79 28.40 -21.78
CA LEU D 221 15.93 29.40 -22.40
C LEU D 221 15.28 28.81 -23.64
N SER D 222 14.00 29.11 -23.83
CA SER D 222 13.25 28.66 -25.00
C SER D 222 12.10 29.63 -25.23
N ALA D 223 12.23 30.47 -26.26
CA ALA D 223 11.21 31.48 -26.55
C ALA D 223 11.33 31.87 -28.02
N SER D 224 10.47 32.79 -28.44
CA SER D 224 10.48 33.27 -29.81
C SER D 224 11.67 34.21 -30.03
N GLU D 225 11.81 34.70 -31.25
CA GLU D 225 12.95 35.56 -31.59
C GLU D 225 12.89 36.88 -30.84
N ASP D 226 11.73 37.54 -30.85
CA ASP D 226 11.60 38.82 -30.17
C ASP D 226 11.75 38.68 -28.66
N ASP D 227 11.14 37.62 -28.08
CA ASP D 227 11.28 37.39 -26.65
C ASP D 227 12.73 37.09 -26.29
N ALA D 228 13.42 36.31 -27.12
CA ALA D 228 14.83 36.02 -26.87
C ALA D 228 15.66 37.29 -26.93
N ALA D 229 15.40 38.16 -27.91
CA ALA D 229 16.13 39.41 -27.98
C ALA D 229 15.88 40.28 -26.75
N THR D 230 14.61 40.35 -26.31
CA THR D 230 14.27 41.15 -25.15
C THR D 230 14.97 40.63 -23.90
N VAL D 231 14.94 39.31 -23.69
CA VAL D 231 15.58 38.77 -22.49
C VAL D 231 17.09 38.87 -22.58
N TYR D 232 17.66 38.80 -23.78
CA TYR D 232 19.10 39.02 -23.93
C TYR D 232 19.48 40.45 -23.57
N ARG D 233 18.69 41.42 -24.02
CA ARG D 233 18.96 42.81 -23.67
C ARG D 233 18.82 43.03 -22.16
N ALA D 234 17.79 42.42 -21.55
CA ALA D 234 17.61 42.55 -20.11
C ALA D 234 18.78 41.92 -19.35
N ALA D 235 19.26 40.76 -19.81
CA ALA D 235 20.40 40.13 -19.18
C ALA D 235 21.65 40.98 -19.32
N ALA D 236 21.85 41.58 -20.50
CA ALA D 236 23.00 42.45 -20.72
C ALA D 236 22.95 43.66 -19.80
N MET D 237 21.77 44.26 -19.63
CA MET D 237 21.65 45.43 -18.79
C MET D 237 21.59 45.09 -17.30
N LEU D 238 21.41 43.82 -16.95
CA LEU D 238 21.39 43.39 -15.56
C LEU D 238 22.65 42.61 -15.18
N ASN D 239 23.73 42.75 -15.97
CA ASN D 239 25.02 42.12 -15.68
C ASN D 239 24.90 40.61 -15.56
N MET D 240 24.07 40.00 -16.43
CA MET D 240 23.94 38.55 -16.49
C MET D 240 24.85 37.93 -17.54
N THR D 241 25.69 38.71 -18.20
CA THR D 241 26.62 38.22 -19.21
C THR D 241 28.00 37.93 -18.66
N GLY D 242 28.19 38.04 -17.34
CA GLY D 242 29.47 37.83 -16.72
C GLY D 242 29.79 36.37 -16.51
N SER D 243 30.87 36.14 -15.78
CA SER D 243 31.33 34.78 -15.50
C SER D 243 30.36 34.07 -14.56
N GLY D 244 30.34 32.74 -14.65
CA GLY D 244 29.49 31.91 -13.82
C GLY D 244 28.11 31.64 -14.37
N TYR D 245 27.78 32.18 -15.54
CA TYR D 245 26.48 31.98 -16.16
C TYR D 245 26.64 31.21 -17.45
N VAL D 246 25.84 30.15 -17.62
CA VAL D 246 25.88 29.28 -18.80
C VAL D 246 24.51 29.31 -19.46
N TRP D 247 24.49 29.52 -20.76
CA TRP D 247 23.26 29.59 -21.54
C TRP D 247 23.21 28.42 -22.52
N LEU D 248 22.11 27.67 -22.49
CA LEU D 248 21.93 26.53 -23.37
C LEU D 248 20.69 26.72 -24.24
N VAL D 249 20.55 27.91 -24.83
CA VAL D 249 19.36 28.22 -25.61
C VAL D 249 19.30 27.36 -26.86
N GLY D 250 18.09 27.19 -27.38
CA GLY D 250 17.86 26.33 -28.52
C GLY D 250 18.22 27.00 -29.84
N GLU D 251 17.95 26.27 -30.93
CA GLU D 251 18.29 26.75 -32.26
C GLU D 251 17.40 27.92 -32.69
N ARG D 252 16.16 27.97 -32.20
CA ARG D 252 15.22 29.00 -32.64
C ARG D 252 15.67 30.40 -32.26
N GLU D 253 16.55 30.53 -31.26
CA GLU D 253 16.96 31.83 -30.75
C GLU D 253 18.38 32.19 -31.19
N ILE D 254 18.85 31.64 -32.31
CA ILE D 254 20.19 31.96 -32.81
C ILE D 254 20.05 32.64 -34.17
N SER D 255 18.95 33.37 -34.37
CA SER D 255 18.72 34.07 -35.63
C SER D 255 18.02 35.39 -35.36
N GLY D 256 18.18 36.32 -36.29
CA GLY D 256 17.50 37.61 -36.18
C GLY D 256 18.04 38.43 -35.02
N ASN D 257 17.13 39.18 -34.39
CA ASN D 257 17.53 40.03 -33.27
C ASN D 257 18.04 39.20 -32.09
N ALA D 258 17.56 37.96 -31.96
CA ALA D 258 18.08 37.08 -30.92
C ALA D 258 19.57 36.82 -31.11
N LEU D 259 19.98 36.53 -32.34
CA LEU D 259 21.40 36.36 -32.62
C LEU D 259 22.16 37.69 -32.52
N ARG D 260 21.51 38.80 -32.91
CA ARG D 260 22.16 40.11 -32.83
C ARG D 260 22.49 40.47 -31.39
N TYR D 261 21.57 40.22 -30.46
CA TYR D 261 21.74 40.60 -29.07
C TYR D 261 22.18 39.45 -28.18
N ALA D 262 22.49 38.29 -28.76
CA ALA D 262 22.89 37.14 -27.96
C ALA D 262 24.26 37.39 -27.34
N PRO D 263 24.40 37.27 -26.02
CA PRO D 263 25.72 37.43 -25.40
C PRO D 263 26.68 36.33 -25.84
N ASP D 264 27.97 36.68 -25.84
CA ASP D 264 29.00 35.73 -26.25
C ASP D 264 29.08 34.57 -25.27
N GLY D 265 29.26 33.37 -25.80
CA GLY D 265 29.40 32.18 -25.00
C GLY D 265 28.17 31.30 -24.89
N ILE D 266 27.12 31.57 -25.65
CA ILE D 266 25.91 30.77 -25.60
C ILE D 266 26.13 29.46 -26.36
N LEU D 267 25.82 28.34 -25.70
CA LEU D 267 25.93 27.01 -26.32
C LEU D 267 24.57 26.67 -26.91
N GLY D 268 24.42 26.90 -28.21
CA GLY D 268 23.18 26.63 -28.92
C GLY D 268 23.21 25.30 -29.63
N LEU D 269 22.17 25.09 -30.46
CA LEU D 269 22.03 23.88 -31.26
C LEU D 269 21.89 24.27 -32.73
N GLN D 270 22.30 23.36 -33.60
CA GLN D 270 22.29 23.62 -35.04
C GLN D 270 21.42 22.66 -35.85
N LEU D 271 21.08 21.48 -35.33
CA LEU D 271 20.27 20.52 -36.06
C LEU D 271 20.94 20.16 -37.39
N ILE D 272 22.08 19.47 -37.26
CA ILE D 272 22.97 19.12 -38.37
C ILE D 272 22.18 18.63 -39.57
N ASN D 273 22.68 18.94 -40.77
CA ASN D 273 22.04 18.89 -42.08
C ASN D 273 21.13 20.10 -42.27
N GLY D 274 20.92 20.94 -41.25
CA GLY D 274 20.31 22.24 -41.41
C GLY D 274 18.93 22.26 -42.04
N LYS D 275 18.05 21.36 -41.60
CA LYS D 275 16.72 21.16 -42.19
C LYS D 275 16.76 21.29 -43.71
N ASN D 276 17.70 20.57 -44.31
CA ASN D 276 17.91 20.62 -45.75
C ASN D 276 16.68 20.12 -46.48
N GLU D 277 16.09 20.97 -47.32
CA GLU D 277 14.88 20.59 -48.04
C GLU D 277 15.13 19.43 -48.98
N SER D 278 16.26 19.43 -49.69
CA SER D 278 16.55 18.36 -50.64
C SER D 278 16.67 17.01 -49.92
N ALA D 279 17.48 16.95 -48.87
CA ALA D 279 17.65 15.70 -48.12
C ALA D 279 16.34 15.26 -47.48
N HIS D 280 15.60 16.20 -46.89
CA HIS D 280 14.35 15.84 -46.24
C HIS D 280 13.33 15.31 -47.24
N ILE D 281 13.20 15.96 -48.40
CA ILE D 281 12.24 15.49 -49.39
C ILE D 281 12.67 14.16 -49.98
N SER D 282 13.98 13.95 -50.17
CA SER D 282 14.44 12.65 -50.65
C SER D 282 14.11 11.54 -49.66
N ASP D 283 14.37 11.79 -48.38
CA ASP D 283 14.06 10.80 -47.36
C ASP D 283 12.55 10.54 -47.28
N ALA D 284 11.75 11.60 -47.38
CA ALA D 284 10.30 11.45 -47.34
C ALA D 284 9.79 10.64 -48.52
N VAL D 285 10.31 10.92 -49.71
CA VAL D 285 9.90 10.18 -50.90
C VAL D 285 10.29 8.71 -50.77
N GLY D 286 11.50 8.44 -50.28
CA GLY D 286 11.92 7.05 -50.10
C GLY D 286 11.05 6.32 -49.10
N VAL D 287 10.76 6.95 -47.97
CA VAL D 287 9.92 6.32 -46.95
C VAL D 287 8.52 6.08 -47.49
N VAL D 288 7.96 7.06 -48.19
CA VAL D 288 6.61 6.91 -48.74
C VAL D 288 6.57 5.78 -49.76
N ALA D 289 7.57 5.71 -50.64
CA ALA D 289 7.60 4.65 -51.64
C ALA D 289 7.73 3.28 -50.99
N GLN D 290 8.60 3.16 -49.98
CA GLN D 290 8.76 1.89 -49.29
C GLN D 290 7.47 1.48 -48.59
N ALA D 291 6.81 2.42 -47.92
CA ALA D 291 5.56 2.12 -47.23
C ALA D 291 4.47 1.71 -48.21
N VAL D 292 4.38 2.40 -49.36
CA VAL D 292 3.37 2.07 -50.35
C VAL D 292 3.64 0.68 -50.92
N HIS D 293 4.90 0.37 -51.21
CA HIS D 293 5.22 -0.96 -51.72
C HIS D 293 4.88 -2.05 -50.71
N GLU D 294 5.20 -1.82 -49.42
CA GLU D 294 4.88 -2.80 -48.39
C GLU D 294 3.38 -2.97 -48.24
N LEU D 295 2.61 -1.87 -48.30
CA LEU D 295 1.17 -1.96 -48.19
C LEU D 295 0.58 -2.71 -49.38
N LEU D 296 1.08 -2.46 -50.59
CA LEU D 296 0.60 -3.17 -51.76
C LEU D 296 0.92 -4.66 -51.69
N GLU D 297 2.12 -5.00 -51.20
CA GLU D 297 2.50 -6.40 -51.08
C GLU D 297 1.92 -7.09 -49.86
N LYS D 298 1.30 -6.34 -48.94
CA LYS D 298 0.75 -6.94 -47.72
C LYS D 298 -0.72 -7.30 -47.87
N GLU D 299 -1.56 -6.30 -48.16
CA GLU D 299 -3.00 -6.52 -48.26
C GLU D 299 -3.60 -5.41 -49.12
N ASN D 300 -4.92 -5.39 -49.22
CA ASN D 300 -5.61 -4.39 -50.02
C ASN D 300 -5.62 -3.04 -49.30
N ILE D 301 -5.74 -1.98 -50.08
CA ILE D 301 -5.82 -0.61 -49.57
C ILE D 301 -7.10 0.03 -50.10
N THR D 302 -7.87 0.63 -49.19
CA THR D 302 -9.11 1.28 -49.57
C THR D 302 -8.84 2.49 -50.45
N ASP D 303 -9.64 2.65 -51.49
CA ASP D 303 -9.46 3.76 -52.42
C ASP D 303 -9.90 5.07 -51.77
N PRO D 304 -9.13 6.15 -51.94
CA PRO D 304 -9.55 7.43 -51.38
C PRO D 304 -10.79 7.95 -52.09
N PRO D 305 -11.58 8.80 -51.43
CA PRO D 305 -12.78 9.35 -52.07
C PRO D 305 -12.43 10.12 -53.34
N ARG D 306 -13.30 9.99 -54.35
CA ARG D 306 -13.05 10.60 -55.65
C ARG D 306 -13.19 12.12 -55.64
N GLY D 307 -13.75 12.70 -54.58
CA GLY D 307 -13.91 14.14 -54.54
C GLY D 307 -13.80 14.72 -53.14
N CYS D 308 -13.30 15.95 -53.05
CA CYS D 308 -13.18 16.63 -51.77
C CYS D 308 -14.55 16.90 -51.13
N VAL D 309 -15.61 16.99 -51.93
CA VAL D 309 -16.96 17.22 -51.43
C VAL D 309 -17.85 16.07 -51.91
N GLY D 310 -18.76 15.63 -51.05
CA GLY D 310 -19.70 14.60 -51.41
C GLY D 310 -19.84 13.49 -50.40
N ASN D 311 -18.73 13.13 -49.73
CA ASN D 311 -18.74 12.06 -48.75
C ASN D 311 -17.90 12.45 -47.54
N THR D 312 -18.29 11.93 -46.38
CA THR D 312 -17.58 12.16 -45.13
C THR D 312 -17.06 10.86 -44.51
N ASN D 313 -16.89 9.82 -45.32
CA ASN D 313 -16.47 8.53 -44.80
C ASN D 313 -15.03 8.58 -44.29
N ILE D 314 -14.77 7.80 -43.25
CA ILE D 314 -13.44 7.70 -42.65
C ILE D 314 -12.69 6.58 -43.34
N TRP D 315 -11.43 6.86 -43.73
CA TRP D 315 -10.63 5.86 -44.41
C TRP D 315 -10.41 4.65 -43.51
N LYS D 316 -10.65 3.45 -44.06
CA LYS D 316 -10.52 2.22 -43.30
C LYS D 316 -9.10 1.69 -43.24
N THR D 317 -8.20 2.19 -44.11
CA THR D 317 -6.80 1.77 -44.10
C THR D 317 -5.86 2.87 -43.62
N GLY D 318 -6.40 4.01 -43.17
CA GLY D 318 -5.58 5.10 -42.69
C GLY D 318 -4.78 4.77 -41.44
N PRO D 319 -5.44 4.23 -40.41
CA PRO D 319 -4.68 3.78 -39.24
C PRO D 319 -3.66 2.70 -39.56
N LEU D 320 -3.97 1.79 -40.50
CA LEU D 320 -3.00 0.78 -40.89
C LEU D 320 -1.79 1.41 -41.57
N PHE D 321 -2.03 2.39 -42.45
CA PHE D 321 -0.93 3.09 -43.09
C PHE D 321 -0.09 3.85 -42.06
N LYS D 322 -0.76 4.45 -41.07
CA LYS D 322 -0.03 5.15 -40.01
C LYS D 322 0.85 4.18 -39.22
N ARG D 323 0.32 3.00 -38.89
CA ARG D 323 1.12 2.01 -38.18
C ARG D 323 2.30 1.54 -39.02
N VAL D 324 2.07 1.33 -40.32
CA VAL D 324 3.15 0.91 -41.20
C VAL D 324 4.25 1.96 -41.27
N LEU D 325 3.85 3.23 -41.39
CA LEU D 325 4.83 4.32 -41.39
C LEU D 325 5.57 4.40 -40.06
N MET D 326 4.86 4.20 -38.96
CA MET D 326 5.50 4.22 -37.65
C MET D 326 6.54 3.12 -37.52
N SER D 327 6.22 1.93 -38.00
CA SER D 327 7.14 0.79 -37.95
C SER D 327 8.09 0.74 -39.14
N SER D 328 7.96 1.67 -40.09
CA SER D 328 8.82 1.67 -41.26
C SER D 328 10.25 2.03 -40.88
N LYS D 329 11.21 1.39 -41.54
CA LYS D 329 12.62 1.62 -41.32
C LYS D 329 13.28 2.01 -42.65
N TYR D 330 14.18 2.99 -42.58
CA TYR D 330 14.84 3.52 -43.77
C TYR D 330 16.30 3.80 -43.42
N ALA D 331 17.21 2.97 -43.96
CA ALA D 331 18.64 3.10 -43.67
C ALA D 331 19.44 3.65 -44.84
N ASP D 332 18.84 3.80 -46.02
CA ASP D 332 19.54 4.29 -47.19
C ASP D 332 19.46 5.80 -47.34
N GLY D 333 18.89 6.50 -46.36
CA GLY D 333 18.79 7.94 -46.41
C GLY D 333 20.09 8.63 -46.06
N VAL D 334 20.03 9.97 -46.09
CA VAL D 334 21.22 10.77 -45.79
C VAL D 334 21.62 10.60 -44.32
N THR D 335 20.63 10.47 -43.44
CA THR D 335 20.88 10.33 -42.01
C THR D 335 20.98 8.89 -41.56
N GLY D 336 21.29 7.97 -42.48
CA GLY D 336 21.40 6.57 -42.12
C GLY D 336 20.05 6.00 -41.71
N ARG D 337 20.02 5.36 -40.55
CA ARG D 337 18.80 4.76 -40.04
C ARG D 337 17.77 5.84 -39.73
N VAL D 338 16.55 5.63 -40.22
CA VAL D 338 15.43 6.57 -40.00
C VAL D 338 14.28 5.78 -39.39
N GLU D 339 13.85 6.21 -38.21
CA GLU D 339 12.74 5.57 -37.51
C GLU D 339 11.92 6.63 -36.80
N PHE D 340 10.67 6.29 -36.51
CA PHE D 340 9.71 7.20 -35.89
C PHE D 340 9.39 6.72 -34.48
N ASN D 341 9.27 7.68 -33.56
CA ASN D 341 8.92 7.39 -32.18
C ASN D 341 7.41 7.14 -32.07
N GLU D 342 6.90 7.03 -30.84
CA GLU D 342 5.48 6.83 -30.64
C GLU D 342 4.65 8.02 -31.09
N ASP D 343 5.27 9.21 -31.19
CA ASP D 343 4.59 10.41 -31.65
C ASP D 343 4.90 10.74 -33.11
N GLY D 344 5.50 9.81 -33.84
CA GLY D 344 5.86 10.05 -35.22
C GLY D 344 6.93 11.11 -35.41
N ASP D 345 7.99 11.07 -34.60
CA ASP D 345 9.08 12.02 -34.69
C ASP D 345 10.38 11.29 -34.99
N ARG D 346 11.32 12.00 -35.62
CA ARG D 346 12.62 11.42 -35.94
C ARG D 346 13.35 11.05 -34.65
N LYS D 347 14.05 9.92 -34.69
CA LYS D 347 14.79 9.41 -33.56
C LYS D 347 16.29 9.47 -33.86
N PHE D 348 17.08 9.80 -32.83
CA PHE D 348 18.53 9.92 -32.95
C PHE D 348 18.93 10.92 -34.04
N ALA D 349 18.23 12.05 -34.06
CA ALA D 349 18.53 13.10 -35.03
C ALA D 349 19.88 13.74 -34.70
N ASN D 350 20.53 14.26 -35.75
CA ASN D 350 21.85 14.86 -35.61
C ASN D 350 21.72 16.30 -35.14
N TYR D 351 22.44 16.64 -34.08
CA TYR D 351 22.46 18.00 -33.53
C TYR D 351 23.89 18.43 -33.28
N SER D 352 24.16 19.71 -33.46
CA SER D 352 25.49 20.28 -33.25
C SER D 352 25.40 21.31 -32.12
N ILE D 353 26.23 21.14 -31.09
CA ILE D 353 26.30 22.08 -29.99
C ILE D 353 27.11 23.28 -30.47
N MET D 354 26.43 24.35 -30.84
CA MET D 354 27.09 25.53 -31.38
C MET D 354 27.37 26.53 -30.27
N ASN D 355 28.62 26.95 -30.16
CA ASN D 355 29.04 27.91 -29.15
C ASN D 355 29.46 29.21 -29.83
N LEU D 356 28.84 30.32 -29.43
CA LEU D 356 29.20 31.61 -29.98
C LEU D 356 30.61 32.00 -29.54
N GLN D 357 31.43 32.45 -30.50
CA GLN D 357 32.81 32.85 -30.22
C GLN D 357 33.10 34.11 -31.00
N ASN D 358 33.34 35.22 -30.30
CA ASN D 358 33.66 36.51 -30.90
C ASN D 358 32.59 36.91 -31.92
N ARG D 359 31.32 36.80 -31.50
CA ARG D 359 30.18 37.13 -32.35
C ARG D 359 30.13 36.25 -33.60
N LYS D 360 30.71 35.06 -33.53
CA LYS D 360 30.70 34.12 -34.63
C LYS D 360 30.33 32.73 -34.12
N LEU D 361 29.64 31.96 -34.96
CA LEU D 361 29.21 30.62 -34.59
C LEU D 361 30.32 29.63 -34.91
N VAL D 362 30.75 28.89 -33.89
CA VAL D 362 31.83 27.91 -34.01
C VAL D 362 31.32 26.57 -33.53
N GLN D 363 31.54 25.52 -34.32
CA GLN D 363 31.11 24.18 -33.97
C GLN D 363 32.04 23.60 -32.91
N VAL D 364 31.45 23.08 -31.83
CA VAL D 364 32.23 22.49 -30.74
C VAL D 364 31.76 21.06 -30.51
N GLY D 365 30.49 20.89 -30.18
CA GLY D 365 29.93 19.58 -29.86
C GLY D 365 29.06 19.06 -30.99
N ILE D 366 29.05 17.73 -31.14
CA ILE D 366 28.24 17.06 -32.15
C ILE D 366 27.43 15.98 -31.44
N TYR D 367 26.13 15.92 -31.74
CA TYR D 367 25.22 14.94 -31.16
C TYR D 367 24.77 13.98 -32.26
N ASN D 368 25.01 12.68 -32.03
CA ASN D 368 24.62 11.65 -32.99
C ASN D 368 24.65 10.30 -32.28
N GLY D 369 23.58 9.53 -32.43
CA GLY D 369 23.49 8.25 -31.76
C GLY D 369 23.47 8.40 -30.25
N THR D 370 22.64 9.33 -29.77
CA THR D 370 22.53 9.72 -28.35
C THR D 370 23.89 9.73 -27.66
N HIS D 371 24.86 10.35 -28.32
CA HIS D 371 26.22 10.50 -27.81
C HIS D 371 26.65 11.95 -27.93
N VAL D 372 27.52 12.37 -27.02
CA VAL D 372 28.08 13.72 -27.02
C VAL D 372 29.59 13.59 -27.23
N ILE D 373 30.10 14.18 -28.30
CA ILE D 373 31.51 14.10 -28.63
C ILE D 373 32.07 15.50 -28.83
N PRO D 374 32.60 16.14 -27.79
CA PRO D 374 33.22 17.46 -27.97
C PRO D 374 34.45 17.37 -28.85
N ASN D 375 34.69 18.42 -29.62
CA ASN D 375 35.80 18.48 -30.54
C ASN D 375 36.94 19.31 -29.94
N ASP D 376 37.99 19.55 -30.74
CA ASP D 376 39.15 20.30 -30.25
C ASP D 376 38.83 21.76 -29.97
N ARG D 377 37.75 22.30 -30.54
CA ARG D 377 37.38 23.68 -30.30
C ARG D 377 36.99 23.89 -28.85
N LYS D 378 37.48 24.99 -28.26
CA LYS D 378 37.20 25.29 -26.87
C LYS D 378 35.85 25.97 -26.72
N ILE D 379 35.06 25.52 -25.75
CA ILE D 379 33.74 26.09 -25.49
C ILE D 379 33.95 27.25 -24.50
N ILE D 380 34.12 28.45 -25.04
CA ILE D 380 34.30 29.62 -24.19
C ILE D 380 32.97 29.99 -23.54
N TRP D 381 33.01 30.25 -22.25
CA TRP D 381 31.83 30.59 -21.48
C TRP D 381 31.67 32.10 -21.39
N PRO D 382 30.46 32.59 -21.13
CA PRO D 382 30.28 34.03 -20.97
C PRO D 382 31.13 34.58 -19.83
N GLY D 383 31.65 35.79 -20.02
CA GLY D 383 32.58 36.37 -19.09
C GLY D 383 34.02 35.99 -19.31
N GLY D 384 34.35 35.36 -20.43
CA GLY D 384 35.72 34.96 -20.71
C GLY D 384 36.26 33.88 -19.80
N GLU D 385 35.44 32.87 -19.50
CA GLU D 385 35.88 31.78 -18.64
C GLU D 385 36.75 30.80 -19.42
N THR D 386 37.81 30.32 -18.77
CA THR D 386 38.67 29.30 -19.35
C THR D 386 38.40 27.91 -18.80
N GLU D 387 37.94 27.80 -17.56
CA GLU D 387 37.65 26.52 -16.93
C GLU D 387 36.14 26.31 -16.84
N LYS D 388 35.77 25.09 -16.49
CA LYS D 388 34.36 24.73 -16.37
C LYS D 388 33.77 25.32 -15.11
N PRO D 389 32.70 26.12 -15.19
CA PRO D 389 32.09 26.67 -13.97
C PRO D 389 31.30 25.63 -13.20
N ARG D 390 30.62 26.05 -12.14
CA ARG D 390 29.83 25.17 -11.30
C ARG D 390 28.40 25.70 -11.22
N GLY D 391 27.43 24.76 -11.23
CA GLY D 391 26.03 25.13 -11.13
C GLY D 391 25.58 25.51 -9.74
N TYR D 392 26.31 25.08 -8.70
CA TYR D 392 25.96 25.37 -7.32
C TYR D 392 26.73 26.60 -6.85
N GLN D 393 26.01 27.61 -6.38
CA GLN D 393 26.60 28.83 -5.83
C GLN D 393 26.31 28.84 -4.33
N MET D 394 27.36 28.69 -3.52
CA MET D 394 27.20 28.73 -2.08
C MET D 394 27.05 30.17 -1.59
N SER D 395 25.80 30.62 -1.47
CA SER D 395 25.56 32.01 -1.07
C SER D 395 25.97 32.27 0.37
N THR D 396 25.93 31.24 1.22
CA THR D 396 26.22 31.38 2.66
C THR D 396 25.35 32.45 3.30
N ARG D 397 24.10 32.54 2.84
CA ARG D 397 23.13 33.52 3.33
C ARG D 397 21.80 32.83 3.57
N LEU D 398 21.84 31.70 4.27
CA LEU D 398 20.66 30.87 4.49
C LEU D 398 19.72 31.59 5.46
N LYS D 399 18.65 32.16 4.93
CA LYS D 399 17.65 32.80 5.77
C LYS D 399 16.94 31.77 6.63
N ILE D 400 16.62 32.14 7.87
CA ILE D 400 16.08 31.21 8.85
C ILE D 400 14.86 31.84 9.52
N VAL D 401 13.85 31.03 9.77
CA VAL D 401 12.63 31.44 10.44
C VAL D 401 12.49 30.64 11.74
N THR D 402 12.26 31.34 12.85
CA THR D 402 12.20 30.72 14.16
C THR D 402 10.88 31.09 14.84
N ILE D 403 10.26 30.10 15.48
CA ILE D 403 9.03 30.30 16.23
C ILE D 403 9.38 30.66 17.67
N HIS D 404 8.60 31.56 18.26
CA HIS D 404 8.85 32.02 19.61
C HIS D 404 8.42 30.94 20.60
N GLN D 405 9.39 30.29 21.24
CA GLN D 405 9.14 29.32 22.31
C GLN D 405 9.97 29.69 23.52
N GLU D 406 9.32 29.78 24.68
CA GLU D 406 10.00 30.27 25.88
C GLU D 406 11.24 29.46 26.24
N PRO D 407 11.23 28.13 26.26
CA PRO D 407 12.45 27.40 26.65
C PRO D 407 13.65 27.67 25.76
N PHE D 408 13.44 27.95 24.48
CA PHE D 408 14.55 28.09 23.53
C PHE D 408 14.65 29.45 22.89
N VAL D 409 13.56 30.18 22.72
CA VAL D 409 13.55 31.46 22.01
C VAL D 409 12.94 32.49 22.95
N TYR D 410 13.79 33.29 23.60
CA TYR D 410 13.35 34.34 24.51
C TYR D 410 13.18 35.62 23.70
N VAL D 411 12.00 35.80 23.12
CA VAL D 411 11.71 36.96 22.28
C VAL D 411 11.27 38.11 23.16
N LYS D 412 11.94 39.25 23.02
CA LYS D 412 11.57 40.47 23.71
C LYS D 412 12.08 41.65 22.89
N PRO D 413 11.44 42.82 23.02
CA PRO D 413 11.91 43.99 22.25
C PRO D 413 13.33 44.38 22.62
N THR D 414 14.07 44.85 21.61
CA THR D 414 15.45 45.27 21.81
C THR D 414 15.51 46.56 22.61
N LEU D 415 16.72 46.90 23.06
CA LEU D 415 16.95 48.13 23.78
C LEU D 415 16.78 49.33 22.86
N SER D 416 16.49 50.50 23.46
CA SER D 416 16.21 51.71 22.69
C SER D 416 17.41 52.17 21.87
N ASP D 417 18.63 51.72 22.21
CA ASP D 417 19.81 52.13 21.47
C ASP D 417 19.90 51.49 20.08
N GLY D 418 19.04 50.53 19.78
CA GLY D 418 19.07 49.83 18.52
C GLY D 418 19.67 48.44 18.58
N THR D 419 20.40 48.13 19.65
CA THR D 419 20.98 46.81 19.86
C THR D 419 20.31 46.14 21.06
N CYS D 420 20.82 44.96 21.43
CA CYS D 420 20.29 44.21 22.55
C CYS D 420 21.37 44.13 23.64
N LYS D 421 20.99 44.47 24.87
CA LYS D 421 21.93 44.44 25.98
C LYS D 421 22.39 43.02 26.26
N GLU D 422 23.66 42.90 26.65
CA GLU D 422 24.28 41.61 26.91
C GLU D 422 24.43 41.41 28.42
N GLU D 423 23.98 40.26 28.90
CA GLU D 423 24.06 39.89 30.31
C GLU D 423 24.89 38.63 30.46
N PHE D 424 24.94 38.11 31.69
CA PHE D 424 25.71 36.92 32.01
C PHE D 424 24.80 35.91 32.72
N THR D 425 25.13 34.63 32.57
CA THR D 425 24.36 33.55 33.17
C THR D 425 24.74 33.40 34.63
N VAL D 426 24.27 32.32 35.26
CA VAL D 426 24.56 32.08 36.67
C VAL D 426 26.05 31.83 36.88
N ASN D 427 26.69 31.11 35.95
CA ASN D 427 28.09 30.78 36.06
C ASN D 427 29.02 31.83 35.44
N GLY D 428 28.55 33.06 35.30
CA GLY D 428 29.37 34.15 34.82
C GLY D 428 29.86 34.01 33.39
N ASP D 429 28.98 33.63 32.47
CA ASP D 429 29.32 33.52 31.07
C ASP D 429 28.35 34.34 30.24
N PRO D 430 28.83 35.11 29.25
CA PRO D 430 27.91 35.90 28.42
C PRO D 430 27.01 35.02 27.57
N VAL D 431 25.81 35.52 27.32
CA VAL D 431 24.82 34.82 26.51
C VAL D 431 24.64 35.61 25.22
N LYS D 432 24.82 34.94 24.08
CA LYS D 432 24.65 35.59 22.79
C LYS D 432 23.19 35.97 22.58
N LYS D 433 22.96 37.21 22.16
CA LYS D 433 21.61 37.74 21.93
C LYS D 433 21.59 38.40 20.55
N VAL D 434 21.29 37.61 19.53
CA VAL D 434 21.23 38.14 18.17
C VAL D 434 19.94 38.93 17.99
N ILE D 435 19.96 39.89 17.06
CA ILE D 435 18.78 40.67 16.74
C ILE D 435 17.86 39.83 15.85
N CYS D 436 16.61 39.68 16.26
CA CYS D 436 15.63 38.83 15.57
C CYS D 436 14.43 39.70 15.20
N THR D 437 14.41 40.19 13.96
CA THR D 437 13.30 41.02 13.51
C THR D 437 12.05 40.16 13.29
N GLY D 438 10.90 40.73 13.61
CA GLY D 438 9.64 40.04 13.45
C GLY D 438 8.44 40.94 13.68
N PRO D 439 7.24 40.37 13.57
CA PRO D 439 6.03 41.17 13.79
C PRO D 439 5.94 41.67 15.22
N ASN D 440 5.38 42.88 15.38
CA ASN D 440 5.24 43.45 16.70
C ASN D 440 4.10 42.78 17.48
N ASP D 441 2.99 42.50 16.80
CA ASP D 441 1.83 41.88 17.42
C ASP D 441 1.54 40.55 16.74
N THR D 442 1.43 39.49 17.54
CA THR D 442 1.13 38.16 17.01
C THR D 442 -0.36 37.93 16.80
N SER D 443 -1.22 38.80 17.31
CA SER D 443 -2.65 38.62 17.15
C SER D 443 -3.06 38.86 15.70
N PRO D 444 -3.93 38.02 15.14
CA PRO D 444 -4.40 38.25 13.77
C PRO D 444 -5.22 39.53 13.66
N GLY D 445 -5.21 40.13 12.48
CA GLY D 445 -5.92 41.37 12.26
C GLY D 445 -5.36 42.54 13.03
N SER D 446 -4.05 42.68 13.08
CA SER D 446 -3.37 43.74 13.81
C SER D 446 -2.36 44.41 12.89
N PRO D 447 -1.99 45.67 13.18
CA PRO D 447 -1.02 46.36 12.33
C PRO D 447 0.39 45.80 12.49
N ARG D 448 0.67 44.70 11.79
CA ARG D 448 1.97 44.04 11.89
C ARG D 448 3.09 44.98 11.44
N HIS D 449 4.14 45.05 12.26
CA HIS D 449 5.32 45.85 11.95
C HIS D 449 6.57 45.02 12.20
N THR D 450 7.53 45.11 11.28
CA THR D 450 8.75 44.31 11.37
C THR D 450 9.79 45.03 12.24
N VAL D 451 9.38 45.31 13.48
CA VAL D 451 10.27 45.92 14.47
C VAL D 451 11.31 44.89 14.88
N PRO D 452 12.54 45.29 15.21
CA PRO D 452 13.57 44.33 15.61
C PRO D 452 13.39 43.89 17.06
N GLN D 453 13.23 42.59 17.26
CA GLN D 453 13.17 42.00 18.59
C GLN D 453 14.49 41.28 18.90
N CYS D 454 14.69 41.01 20.18
CA CYS D 454 15.88 40.30 20.65
C CYS D 454 15.47 38.92 21.13
N CYS D 455 15.99 37.89 20.48
CA CYS D 455 15.70 36.51 20.83
C CYS D 455 17.00 35.77 21.11
N TYR D 456 16.99 34.94 22.14
CA TYR D 456 18.17 34.16 22.53
C TYR D 456 17.71 32.84 23.13
N GLY D 457 18.67 32.08 23.66
CA GLY D 457 18.36 30.78 24.25
C GLY D 457 19.33 29.69 23.83
N PHE D 458 18.86 28.45 23.83
CA PHE D 458 19.68 27.29 23.48
C PHE D 458 19.71 27.04 21.98
N CYS D 459 18.56 27.17 21.31
CA CYS D 459 18.51 26.92 19.88
C CYS D 459 19.39 27.89 19.10
N ILE D 460 19.39 29.16 19.52
CA ILE D 460 20.25 30.14 18.85
C ILE D 460 21.72 29.84 19.10
N ASP D 461 22.07 29.33 20.28
CA ASP D 461 23.45 28.94 20.54
C ASP D 461 23.86 27.78 19.65
N LEU D 462 22.99 26.79 19.48
CA LEU D 462 23.28 25.68 18.58
C LEU D 462 23.41 26.18 17.15
N LEU D 463 22.55 27.12 16.75
CA LEU D 463 22.63 27.70 15.41
C LEU D 463 23.95 28.44 15.20
N ILE D 464 24.40 29.18 16.21
CA ILE D 464 25.67 29.89 16.11
C ILE D 464 26.83 28.90 16.00
N LYS D 465 26.77 27.81 16.78
CA LYS D 465 27.81 26.78 16.67
C LYS D 465 27.84 26.17 15.28
N LEU D 466 26.66 25.86 14.72
CA LEU D 466 26.61 25.32 13.37
C LEU D 466 27.14 26.31 12.35
N ALA D 467 26.80 27.59 12.50
CA ALA D 467 27.28 28.60 11.57
C ALA D 467 28.80 28.73 11.64
N ARG D 468 29.37 28.70 12.85
CA ARG D 468 30.81 28.79 12.98
C ARG D 468 31.51 27.55 12.44
N THR D 469 30.89 26.37 12.58
CA THR D 469 31.51 25.15 12.06
C THR D 469 31.41 25.06 10.54
N MET D 470 30.33 25.54 9.94
CA MET D 470 30.13 25.45 8.50
C MET D 470 30.18 26.81 7.79
N ASN D 471 30.75 27.82 8.45
CA ASN D 471 30.94 29.15 7.87
C ASN D 471 29.62 29.73 7.35
N PHE D 472 28.56 29.55 8.13
CA PHE D 472 27.24 30.05 7.76
C PHE D 472 27.02 31.44 8.34
N THR D 473 25.85 32.00 8.06
CA THR D 473 25.44 33.30 8.58
C THR D 473 24.02 33.18 9.15
N TYR D 474 23.72 34.05 10.11
CA TYR D 474 22.45 34.03 10.81
C TYR D 474 21.56 35.16 10.32
N GLU D 475 20.31 34.82 9.96
CA GLU D 475 19.30 35.77 9.48
C GLU D 475 17.98 35.50 10.19
N VAL D 476 18.02 35.39 11.51
CA VAL D 476 16.85 35.00 12.29
C VAL D 476 15.72 36.00 12.08
N HIS D 477 14.54 35.48 11.73
CA HIS D 477 13.36 36.31 11.53
C HIS D 477 12.15 35.56 12.07
N LEU D 478 11.31 36.26 12.83
CA LEU D 478 10.14 35.64 13.42
C LEU D 478 9.08 35.36 12.35
N VAL D 479 8.34 34.26 12.55
CA VAL D 479 7.29 33.89 11.61
C VAL D 479 6.10 34.83 11.79
N ALA D 480 5.58 35.34 10.67
CA ALA D 480 4.42 36.23 10.73
C ALA D 480 3.20 35.50 11.26
N ASP D 481 3.00 34.25 10.86
CA ASP D 481 1.84 33.49 11.33
C ASP D 481 1.93 33.19 12.83
N GLY D 482 3.14 33.03 13.35
CA GLY D 482 3.29 32.72 14.76
C GLY D 482 2.94 31.30 15.14
N LYS D 483 2.92 30.39 14.17
CA LYS D 483 2.59 28.99 14.41
C LYS D 483 3.59 28.11 13.69
N PHE D 484 3.55 26.81 14.01
CA PHE D 484 4.38 25.86 13.29
C PHE D 484 4.00 25.78 11.81
N GLY D 485 2.70 25.89 11.53
CA GLY D 485 2.22 25.88 10.17
C GLY D 485 2.29 24.51 9.50
N THR D 486 1.50 23.57 10.00
CA THR D 486 1.46 22.23 9.44
C THR D 486 0.40 22.18 8.33
N GLN D 487 0.10 20.98 7.85
CA GLN D 487 -0.91 20.84 6.80
C GLN D 487 -2.28 21.20 7.33
N GLU D 488 -3.03 21.97 6.55
CA GLU D 488 -4.36 22.42 6.94
C GLU D 488 -5.27 22.46 5.72
N ARG D 489 -6.57 22.48 5.99
CA ARG D 489 -7.57 22.55 4.93
C ARG D 489 -7.87 24.02 4.64
N VAL D 490 -7.53 24.47 3.43
CA VAL D 490 -7.73 25.86 3.04
C VAL D 490 -9.21 26.11 2.79
N ASN D 491 -9.59 27.39 2.71
CA ASN D 491 -10.98 27.74 2.49
C ASN D 491 -11.43 27.38 1.09
N ASN D 492 -12.67 26.88 1.00
CA ASN D 492 -13.34 26.58 -0.27
C ASN D 492 -12.62 25.48 -1.06
N SER D 493 -11.76 24.71 -0.40
CA SER D 493 -11.04 23.60 -1.02
C SER D 493 -10.28 24.06 -2.27
N ASN D 494 -9.42 25.06 -2.08
CA ASN D 494 -8.67 25.61 -3.20
C ASN D 494 -7.54 24.68 -3.62
N LYS D 495 -6.59 24.44 -2.71
CA LYS D 495 -5.44 23.58 -3.00
C LYS D 495 -4.80 23.17 -1.69
N LYS D 496 -3.81 22.28 -1.80
CA LYS D 496 -3.05 21.80 -0.65
C LYS D 496 -1.75 22.58 -0.56
N GLU D 497 -1.53 23.24 0.57
CA GLU D 497 -0.33 24.06 0.77
C GLU D 497 -0.02 24.09 2.26
N TRP D 498 1.09 24.75 2.60
CA TRP D 498 1.58 24.81 3.97
C TRP D 498 1.75 26.27 4.38
N ASN D 499 1.54 26.53 5.67
CA ASN D 499 1.70 27.85 6.26
C ASN D 499 2.82 27.80 7.29
N GLY D 500 2.99 28.90 8.03
CA GLY D 500 3.98 28.95 9.09
C GLY D 500 5.39 28.71 8.59
N MET D 501 6.19 28.08 9.45
CA MET D 501 7.60 27.83 9.12
C MET D 501 7.73 26.86 7.96
N MET D 502 6.89 25.83 7.91
CA MET D 502 6.95 24.87 6.82
C MET D 502 6.64 25.55 5.48
N GLY D 503 5.62 26.41 5.46
CA GLY D 503 5.31 27.14 4.24
C GLY D 503 6.40 28.14 3.87
N GLU D 504 7.03 28.77 4.87
CA GLU D 504 8.15 29.66 4.58
C GLU D 504 9.31 28.89 3.95
N LEU D 505 9.61 27.70 4.48
CA LEU D 505 10.66 26.88 3.89
C LEU D 505 10.31 26.43 2.48
N LEU D 506 9.06 26.05 2.25
CA LEU D 506 8.64 25.59 0.93
C LEU D 506 8.69 26.74 -0.09
N SER D 507 8.30 27.94 0.32
CA SER D 507 8.28 29.09 -0.58
C SER D 507 9.68 29.58 -0.92
N GLY D 508 10.71 29.12 -0.22
CA GLY D 508 12.07 29.54 -0.49
C GLY D 508 12.50 30.81 0.20
N GLN D 509 11.61 31.47 0.96
CA GLN D 509 12.01 32.66 1.70
C GLN D 509 13.07 32.34 2.73
N ALA D 510 12.91 31.22 3.44
CA ALA D 510 13.90 30.75 4.40
C ALA D 510 14.35 29.36 3.98
N ASP D 511 15.66 29.16 3.87
CA ASP D 511 16.23 27.89 3.43
C ASP D 511 16.58 26.96 4.59
N MET D 512 16.36 27.38 5.84
CA MET D 512 16.69 26.57 6.99
C MET D 512 15.75 26.94 8.13
N ILE D 513 15.39 25.94 8.94
CA ILE D 513 14.50 26.13 10.09
C ILE D 513 15.22 25.66 11.33
N VAL D 514 15.45 26.58 12.27
CA VAL D 514 16.07 26.26 13.55
C VAL D 514 15.02 26.57 14.62
N ALA D 515 14.26 25.55 15.00
CA ALA D 515 13.17 25.71 15.95
C ALA D 515 12.91 24.37 16.60
N PRO D 516 12.30 24.36 17.80
CA PRO D 516 11.97 23.08 18.44
C PRO D 516 10.82 22.37 17.75
N LEU D 517 11.05 21.90 16.53
CA LEU D 517 10.05 21.20 15.74
C LEU D 517 10.39 19.72 15.73
N THR D 518 9.44 18.89 16.16
CA THR D 518 9.67 17.45 16.23
C THR D 518 9.54 16.81 14.86
N ILE D 519 10.04 15.58 14.76
CA ILE D 519 10.00 14.83 13.51
C ILE D 519 8.61 14.25 13.32
N ASN D 520 8.01 14.50 12.16
CA ASN D 520 6.68 13.98 11.85
C ASN D 520 6.68 13.39 10.45
N ASN D 521 5.77 12.43 10.23
CA ASN D 521 5.72 11.73 8.95
C ASN D 521 5.38 12.68 7.81
N GLU D 522 4.30 13.45 7.95
CA GLU D 522 3.90 14.35 6.87
C GLU D 522 4.89 15.49 6.70
N ARG D 523 5.53 15.92 7.78
CA ARG D 523 6.59 16.92 7.65
C ARG D 523 7.78 16.38 6.86
N ALA D 524 8.16 15.13 7.12
CA ALA D 524 9.26 14.50 6.39
C ALA D 524 8.88 14.08 4.98
N GLN D 525 7.59 14.03 4.66
CA GLN D 525 7.18 13.72 3.29
C GLN D 525 7.66 14.79 2.32
N TYR D 526 7.62 16.06 2.73
CA TYR D 526 7.99 17.17 1.85
C TYR D 526 9.21 17.95 2.33
N ILE D 527 9.57 17.87 3.61
CA ILE D 527 10.69 18.62 4.16
C ILE D 527 11.68 17.65 4.77
N GLU D 528 12.94 17.74 4.36
CA GLU D 528 13.98 16.88 4.91
C GLU D 528 14.33 17.31 6.33
N PHE D 529 14.57 16.32 7.18
CA PHE D 529 14.92 16.56 8.58
C PHE D 529 16.25 15.87 8.89
N SER D 530 17.09 16.56 9.66
CA SER D 530 18.37 16.01 10.08
C SER D 530 18.21 15.17 11.35
N LYS D 531 19.33 14.71 11.89
CA LYS D 531 19.28 13.90 13.10
C LYS D 531 18.83 14.77 14.28
N PRO D 532 17.96 14.24 15.15
CA PRO D 532 17.50 15.02 16.30
C PRO D 532 18.65 15.38 17.23
N PHE D 533 18.58 16.59 17.78
CA PHE D 533 19.55 17.04 18.78
C PHE D 533 19.08 16.76 20.21
N LYS D 534 17.84 16.31 20.37
CA LYS D 534 17.30 15.92 21.67
C LYS D 534 16.06 15.07 21.45
N TYR D 535 15.85 14.09 22.33
CA TYR D 535 14.74 13.15 22.21
C TYR D 535 13.79 13.34 23.38
N GLN D 536 12.49 13.42 23.08
CA GLN D 536 11.48 13.63 24.10
C GLN D 536 10.13 13.20 23.54
N GLY D 537 9.18 13.05 24.46
CA GLY D 537 7.81 12.71 24.09
C GLY D 537 6.79 13.57 24.81
N LEU D 538 5.82 14.12 24.08
CA LEU D 538 4.90 15.09 24.64
C LEU D 538 4.13 14.51 25.82
N THR D 539 3.88 15.35 26.82
CA THR D 539 3.21 14.92 28.05
C THR D 539 2.01 15.81 28.35
N ILE D 540 1.45 15.66 29.55
CA ILE D 540 0.26 16.40 29.97
C ILE D 540 0.68 17.43 31.01
N LEU D 541 0.16 18.64 30.87
CA LEU D 541 0.42 19.74 31.80
C LEU D 541 -0.86 20.06 32.57
N VAL D 542 -0.74 20.11 33.89
CA VAL D 542 -1.87 20.41 34.77
C VAL D 542 -1.39 21.35 35.86
N LYS D 543 -2.24 22.31 36.23
CA LYS D 543 -1.91 23.24 37.30
C LYS D 543 -1.74 22.49 38.62
N LYS D 544 -0.67 22.81 39.34
CA LYS D 544 -0.38 22.16 40.61
C LYS D 544 -1.27 22.75 41.70
N GLU D 545 -1.86 21.89 42.52
CA GLU D 545 -2.73 22.33 43.61
C GLU D 545 -2.59 21.42 44.82
N SER D 553 -11.56 19.84 56.89
CA SER D 553 -12.34 19.14 57.89
C SER D 553 -11.48 18.78 59.10
N PHE D 554 -11.22 19.78 59.96
CA PHE D 554 -10.41 19.53 61.16
C PHE D 554 -11.10 18.57 62.11
N MET D 555 -12.41 18.73 62.29
CA MET D 555 -13.18 17.87 63.18
C MET D 555 -13.53 16.56 62.47
N GLN D 556 -14.40 15.77 63.07
CA GLN D 556 -14.82 14.51 62.46
C GLN D 556 -15.58 14.79 61.17
N PRO D 557 -15.28 14.08 60.08
CA PRO D 557 -15.97 14.35 58.81
C PRO D 557 -17.47 14.16 58.88
N PHE D 558 -17.95 13.21 59.68
CA PHE D 558 -19.37 12.91 59.77
C PHE D 558 -19.80 12.91 61.23
N GLN D 559 -21.10 13.20 61.44
CA GLN D 559 -21.71 13.20 62.77
C GLN D 559 -20.97 14.17 63.71
N SER D 560 -21.05 15.46 63.36
CA SER D 560 -20.39 16.50 64.14
C SER D 560 -20.99 16.69 65.52
N THR D 561 -21.97 15.89 65.91
CA THR D 561 -22.58 15.95 67.24
C THR D 561 -21.89 15.03 68.24
N LEU D 562 -20.80 14.37 67.83
CA LEU D 562 -20.09 13.48 68.75
C LEU D 562 -19.51 14.26 69.92
N TRP D 563 -19.03 15.48 69.68
CA TRP D 563 -18.51 16.30 70.77
C TRP D 563 -19.61 16.62 71.78
N LEU D 564 -20.80 16.99 71.30
CA LEU D 564 -21.91 17.24 72.20
C LEU D 564 -22.30 15.99 72.96
N LEU D 565 -22.31 14.83 72.28
CA LEU D 565 -22.66 13.58 72.94
C LEU D 565 -21.68 13.23 74.05
N VAL D 566 -20.37 13.35 73.77
CA VAL D 566 -19.39 13.03 74.80
C VAL D 566 -19.43 14.04 75.93
N GLY D 567 -19.70 15.32 75.64
CA GLY D 567 -19.88 16.29 76.70
C GLY D 567 -21.06 15.98 77.59
N LEU D 568 -22.17 15.56 76.99
CA LEU D 568 -23.34 15.17 77.77
C LEU D 568 -23.04 13.93 78.60
N SER D 569 -22.29 12.98 78.05
CA SER D 569 -21.90 11.80 78.82
C SER D 569 -21.04 12.18 80.02
N VAL D 570 -20.08 13.10 79.81
CA VAL D 570 -19.26 13.56 80.91
C VAL D 570 -20.12 14.24 81.97
N HIS D 571 -21.08 15.07 81.54
CA HIS D 571 -21.95 15.76 82.49
C HIS D 571 -22.76 14.76 83.31
N VAL D 572 -23.34 13.76 82.65
CA VAL D 572 -24.21 12.82 83.37
C VAL D 572 -23.38 11.94 84.31
N VAL D 573 -22.19 11.51 83.90
CA VAL D 573 -21.38 10.72 84.81
C VAL D 573 -20.89 11.57 85.98
N ALA D 574 -20.62 12.87 85.74
CA ALA D 574 -20.23 13.74 86.84
C ALA D 574 -21.36 13.93 87.84
N VAL D 575 -22.59 14.15 87.36
CA VAL D 575 -23.69 14.32 88.29
C VAL D 575 -24.01 13.01 89.00
N MET D 576 -23.84 11.87 88.32
CA MET D 576 -24.00 10.58 88.97
C MET D 576 -22.97 10.39 90.09
N LEU D 577 -21.72 10.77 89.84
CA LEU D 577 -20.69 10.70 90.87
C LEU D 577 -21.03 11.61 92.03
N TYR D 578 -21.53 12.81 91.74
CA TYR D 578 -21.92 13.73 92.82
C TYR D 578 -23.05 13.14 93.66
N LEU D 579 -24.05 12.53 93.00
CA LEU D 579 -25.14 11.91 93.74
C LEU D 579 -24.64 10.74 94.59
N LEU D 580 -23.72 9.94 94.05
CA LEU D 580 -23.17 8.83 94.83
C LEU D 580 -22.38 9.34 96.03
N ASP D 581 -21.61 10.42 95.85
CA ASP D 581 -20.86 10.99 96.97
C ASP D 581 -21.80 11.54 98.03
N ARG D 582 -22.89 12.18 97.61
CA ARG D 582 -23.87 12.67 98.57
C ARG D 582 -24.54 11.52 99.31
N PHE D 583 -24.83 10.42 98.62
CA PHE D 583 -25.43 9.23 99.21
C PHE D 583 -24.39 8.18 99.58
N SER D 584 -23.17 8.60 99.89
CA SER D 584 -22.12 7.67 100.25
C SER D 584 -22.20 7.29 101.73
N LEU D 603 -20.22 17.89 93.02
CA LEU D 603 -20.90 18.68 92.00
C LEU D 603 -19.90 19.28 91.02
N SER D 604 -19.50 20.53 91.27
CA SER D 604 -18.55 21.20 90.39
C SER D 604 -17.19 20.51 90.42
N SER D 605 -16.74 20.07 91.59
CA SER D 605 -15.43 19.43 91.69
C SER D 605 -15.36 18.15 90.86
N ALA D 606 -16.45 17.37 90.86
CA ALA D 606 -16.48 16.18 90.02
C ALA D 606 -16.38 16.54 88.54
N MET D 607 -17.06 17.62 88.13
CA MET D 607 -16.99 18.06 86.75
C MET D 607 -15.57 18.47 86.37
N TRP D 608 -14.90 19.22 87.26
CA TRP D 608 -13.52 19.63 86.98
C TRP D 608 -12.59 18.42 86.92
N PHE D 609 -12.78 17.44 87.81
CA PHE D 609 -11.98 16.23 87.76
C PHE D 609 -12.19 15.48 86.46
N SER D 610 -13.44 15.37 86.01
CA SER D 610 -13.73 14.69 84.76
C SER D 610 -13.10 15.41 83.58
N TRP D 611 -13.19 16.75 83.56
CA TRP D 611 -12.55 17.50 82.48
C TRP D 611 -11.03 17.35 82.52
N GLY D 612 -10.45 17.34 83.71
CA GLY D 612 -9.02 17.18 83.82
C GLY D 612 -8.53 15.82 83.36
N VAL D 613 -9.28 14.76 83.68
CA VAL D 613 -8.89 13.45 83.20
C VAL D 613 -9.16 13.30 81.71
N LEU D 614 -10.15 14.04 81.19
CA LEU D 614 -10.38 14.05 79.76
C LEU D 614 -9.24 14.73 79.02
N LEU D 615 -8.72 15.83 79.57
CA LEU D 615 -7.64 16.59 78.96
C LEU D 615 -6.43 16.51 79.89
N ASN D 616 -5.59 15.51 79.65
CA ASN D 616 -4.40 15.29 80.47
C ASN D 616 -3.23 16.11 79.98
N PHE D 627 -18.98 -0.22 93.33
CA PHE D 627 -18.37 0.89 94.06
C PHE D 627 -18.33 2.14 93.20
N SER D 628 -18.33 3.31 93.85
CA SER D 628 -18.23 4.57 93.12
C SER D 628 -16.89 4.66 92.39
N ALA D 629 -15.80 4.26 93.05
CA ALA D 629 -14.50 4.26 92.40
C ALA D 629 -14.45 3.27 91.25
N ARG D 630 -15.10 2.12 91.39
CA ARG D 630 -15.14 1.15 90.30
C ARG D 630 -15.83 1.72 89.08
N ILE D 631 -16.99 2.37 89.28
CA ILE D 631 -17.70 2.98 88.17
C ILE D 631 -16.89 4.12 87.56
N LEU D 632 -16.20 4.89 88.41
CA LEU D 632 -15.35 5.96 87.91
C LEU D 632 -14.24 5.41 87.01
N GLY D 633 -13.60 4.32 87.43
CA GLY D 633 -12.59 3.71 86.60
C GLY D 633 -13.15 3.14 85.31
N MET D 634 -14.34 2.53 85.39
CA MET D 634 -14.99 1.99 84.20
C MET D 634 -15.25 3.09 83.18
N VAL D 635 -15.86 4.19 83.60
CA VAL D 635 -16.18 5.27 82.66
C VAL D 635 -14.91 5.97 82.20
N TRP D 636 -13.89 6.06 83.06
CA TRP D 636 -12.60 6.60 82.65
C TRP D 636 -12.03 5.80 81.48
N ALA D 637 -11.95 4.48 81.65
CA ALA D 637 -11.41 3.63 80.58
C ALA D 637 -12.28 3.71 79.34
N GLY D 638 -13.61 3.71 79.51
CA GLY D 638 -14.49 3.74 78.36
C GLY D 638 -14.34 5.00 77.54
N PHE D 639 -14.33 6.16 78.20
CA PHE D 639 -14.23 7.41 77.46
C PHE D 639 -12.82 7.61 76.91
N ALA D 640 -11.79 7.11 77.59
CA ALA D 640 -10.45 7.17 77.01
C ALA D 640 -10.37 6.34 75.74
N MET D 641 -10.95 5.13 75.76
CA MET D 641 -10.98 4.31 74.55
C MET D 641 -11.78 4.97 73.45
N ILE D 642 -12.91 5.60 73.81
CA ILE D 642 -13.72 6.30 72.81
C ILE D 642 -12.92 7.42 72.17
N ILE D 643 -12.21 8.21 72.97
CA ILE D 643 -11.46 9.34 72.46
C ILE D 643 -10.33 8.86 71.54
N VAL D 644 -9.60 7.84 71.96
CA VAL D 644 -8.48 7.37 71.14
C VAL D 644 -8.99 6.73 69.85
N ALA D 645 -10.12 6.01 69.92
CA ALA D 645 -10.69 5.44 68.71
C ALA D 645 -11.18 6.53 67.76
N SER D 646 -11.80 7.59 68.30
CA SER D 646 -12.27 8.69 67.47
C SER D 646 -11.09 9.39 66.78
N TYR D 647 -9.99 9.59 67.51
CA TYR D 647 -8.85 10.26 66.88
C TYR D 647 -8.14 9.35 65.88
N THR D 648 -8.13 8.04 66.13
CA THR D 648 -7.62 7.11 65.13
C THR D 648 -8.47 7.14 63.86
N ALA D 649 -9.79 7.20 64.03
CA ALA D 649 -10.68 7.33 62.89
C ALA D 649 -10.44 8.65 62.14
N ASN D 650 -10.18 9.72 62.89
CA ASN D 650 -9.84 11.00 62.26
C ASN D 650 -8.56 10.89 61.45
N LEU D 651 -7.55 10.23 62.00
CA LEU D 651 -6.30 10.01 61.26
C LEU D 651 -6.55 9.19 59.99
N ALA D 652 -7.37 8.15 60.09
CA ALA D 652 -7.69 7.34 58.92
C ALA D 652 -8.42 8.17 57.87
N ALA D 653 -9.37 8.99 58.29
CA ALA D 653 -10.13 9.81 57.34
C ALA D 653 -9.26 10.91 56.74
N PHE D 654 -8.22 11.33 57.47
CA PHE D 654 -7.28 12.29 56.92
C PHE D 654 -6.37 11.64 55.88
N LEU D 655 -5.90 10.43 56.15
CA LEU D 655 -5.00 9.76 55.21
C LEU D 655 -5.75 9.30 53.96
N VAL D 656 -7.00 8.86 54.12
CA VAL D 656 -7.84 8.57 52.96
C VAL D 656 -8.51 9.87 52.53
N LEU D 657 -9.18 9.84 51.37
CA LEU D 657 -9.92 10.99 50.85
C LEU D 657 -9.03 12.22 50.74
N ASP D 658 -7.76 12.00 50.42
CA ASP D 658 -6.78 13.10 50.35
C ASP D 658 -6.89 13.81 49.01
N ARG D 659 -5.95 14.70 48.72
CA ARG D 659 -5.98 15.44 47.48
C ARG D 659 -4.86 14.90 46.60
N PRO D 660 -4.98 13.65 46.14
CA PRO D 660 -3.91 13.03 45.37
C PRO D 660 -3.58 13.76 44.08
N GLU D 661 -4.58 14.41 43.49
CA GLU D 661 -4.38 15.12 42.22
C GLU D 661 -3.89 14.14 41.16
N GLU D 662 -4.78 13.30 40.66
CA GLU D 662 -4.49 12.24 39.69
C GLU D 662 -3.44 12.67 38.66
N ARG D 663 -2.43 11.82 38.47
CA ARG D 663 -1.27 12.18 37.65
C ARG D 663 -1.58 12.14 36.16
N ILE D 664 -2.86 11.99 35.81
CA ILE D 664 -3.37 12.02 34.44
C ILE D 664 -2.40 11.36 33.46
N THR D 665 -2.52 10.03 33.32
CA THR D 665 -1.61 9.29 32.46
C THR D 665 -1.69 9.76 31.01
N GLY D 666 -2.83 10.31 30.62
CA GLY D 666 -2.98 10.86 29.29
C GLY D 666 -3.70 9.95 28.33
N ILE D 667 -2.95 9.30 27.44
CA ILE D 667 -3.55 8.41 26.45
C ILE D 667 -4.23 7.22 27.09
N ASN D 668 -3.81 6.83 28.31
CA ASN D 668 -4.36 5.67 28.99
C ASN D 668 -5.27 6.05 30.16
N ASP D 669 -5.56 7.33 30.34
CA ASP D 669 -6.40 7.76 31.45
C ASP D 669 -7.87 7.50 31.11
N PRO D 670 -8.58 6.69 31.91
CA PRO D 670 -10.00 6.45 31.61
C PRO D 670 -10.85 7.71 31.66
N ARG D 671 -10.54 8.66 32.54
CA ARG D 671 -11.35 9.87 32.63
C ARG D 671 -11.19 10.77 31.42
N LEU D 672 -10.06 10.71 30.72
CA LEU D 672 -9.88 11.45 29.49
C LEU D 672 -10.61 10.80 28.31
N ARG D 673 -10.93 9.51 28.42
CA ARG D 673 -11.66 8.84 27.35
C ARG D 673 -13.09 9.36 27.23
N ASN D 674 -13.67 9.81 28.34
CA ASN D 674 -14.99 10.44 28.32
C ASN D 674 -14.80 11.95 28.19
N PRO D 675 -15.21 12.56 27.07
CA PRO D 675 -14.99 14.01 26.89
C PRO D 675 -15.95 14.85 27.71
N SER D 676 -15.76 14.83 29.02
CA SER D 676 -16.60 15.62 29.91
C SER D 676 -16.30 17.11 29.74
N ASP D 677 -17.37 17.91 29.70
CA ASP D 677 -17.22 19.35 29.56
C ASP D 677 -16.67 20.00 30.83
N LYS D 678 -16.83 19.36 31.98
CA LYS D 678 -16.32 19.92 33.23
C LYS D 678 -14.80 19.91 33.29
N PHE D 679 -14.14 19.11 32.45
CA PHE D 679 -12.67 19.03 32.41
C PHE D 679 -12.24 19.34 30.98
N ILE D 680 -11.83 20.58 30.73
CA ILE D 680 -11.47 21.05 29.40
C ILE D 680 -9.96 20.99 29.25
N TYR D 681 -9.50 20.44 28.13
CA TYR D 681 -8.07 20.33 27.84
C TYR D 681 -7.89 20.25 26.34
N ALA D 682 -6.98 21.06 25.79
CA ALA D 682 -6.79 21.14 24.36
C ALA D 682 -5.36 21.56 24.05
N THR D 683 -4.96 21.33 22.81
CA THR D 683 -3.64 21.74 22.34
C THR D 683 -3.69 23.21 21.93
N VAL D 684 -2.62 23.69 21.27
CA VAL D 684 -2.54 25.08 20.85
C VAL D 684 -3.16 25.24 19.47
N LYS D 685 -2.63 24.49 18.49
CA LYS D 685 -2.97 24.70 17.10
C LYS D 685 -2.92 23.40 16.30
N GLN D 686 -2.69 23.51 14.99
CA GLN D 686 -2.60 22.39 14.07
C GLN D 686 -1.24 21.71 14.08
N SER D 687 -0.44 21.94 15.12
CA SER D 687 0.93 21.46 15.18
C SER D 687 0.95 19.96 15.47
N SER D 688 2.13 19.45 15.83
CA SER D 688 2.37 18.00 15.89
C SER D 688 1.38 17.28 16.80
N VAL D 689 0.87 17.96 17.84
CA VAL D 689 -0.16 17.36 18.68
C VAL D 689 -1.42 17.09 17.87
N ASP D 690 -1.85 18.09 17.08
CA ASP D 690 -3.03 17.90 16.24
C ASP D 690 -2.75 16.88 15.15
N ILE D 691 -1.52 16.85 14.62
CA ILE D 691 -1.17 15.86 13.61
C ILE D 691 -1.31 14.46 14.18
N TYR D 692 -0.80 14.24 15.40
CA TYR D 692 -0.91 12.94 16.03
C TYR D 692 -2.37 12.59 16.31
N PHE D 693 -3.16 13.56 16.76
CA PHE D 693 -4.56 13.31 17.03
C PHE D 693 -5.31 12.90 15.77
N ARG D 694 -5.04 13.58 14.65
CA ARG D 694 -5.69 13.22 13.39
C ARG D 694 -5.19 11.88 12.89
N ARG D 695 -3.90 11.58 13.07
CA ARG D 695 -3.35 10.31 12.62
C ARG D 695 -3.96 9.14 13.37
N GLN D 696 -4.14 9.28 14.69
CA GLN D 696 -4.81 8.26 15.48
C GLN D 696 -6.29 8.25 15.10
N VAL D 697 -6.69 7.24 14.33
CA VAL D 697 -8.04 7.20 13.77
C VAL D 697 -9.04 6.49 14.65
N GLU D 698 -8.59 5.83 15.72
CA GLU D 698 -9.50 5.09 16.58
C GLU D 698 -10.45 6.02 17.33
N LEU D 699 -9.96 7.19 17.76
CA LEU D 699 -10.74 8.15 18.51
C LEU D 699 -10.56 9.56 17.94
N SER D 700 -10.70 9.67 16.62
CA SER D 700 -10.59 10.98 15.98
C SER D 700 -11.69 11.92 16.45
N THR D 701 -12.92 11.42 16.57
CA THR D 701 -14.02 12.25 17.06
C THR D 701 -13.78 12.67 18.51
N MET D 702 -13.25 11.75 19.32
CA MET D 702 -12.95 12.10 20.70
C MET D 702 -11.88 13.18 20.78
N TYR D 703 -10.84 13.06 19.96
CA TYR D 703 -9.80 14.09 19.93
C TYR D 703 -10.36 15.43 19.47
N ARG D 704 -11.22 15.41 18.45
CA ARG D 704 -11.83 16.66 17.98
C ARG D 704 -12.68 17.31 19.07
N HIS D 705 -13.45 16.50 19.80
CA HIS D 705 -14.26 17.03 20.89
C HIS D 705 -13.37 17.57 22.00
N MET D 706 -12.25 16.91 22.27
CA MET D 706 -11.34 17.38 23.32
C MET D 706 -10.77 18.75 22.98
N GLU D 707 -10.34 18.96 21.74
CA GLU D 707 -9.77 20.23 21.33
C GLU D 707 -10.80 21.35 21.41
N LYS D 708 -11.84 21.26 20.58
CA LYS D 708 -13.00 22.15 20.57
C LYS D 708 -12.63 23.60 20.28
N HIS D 709 -11.34 23.87 20.09
CA HIS D 709 -10.84 25.21 19.80
C HIS D 709 -9.34 25.10 19.55
N ASN D 710 -8.75 26.19 19.07
CA ASN D 710 -7.31 26.30 18.86
C ASN D 710 -6.82 27.54 19.56
N TYR D 711 -5.84 27.38 20.45
CA TYR D 711 -5.30 28.51 21.20
C TYR D 711 -4.31 29.29 20.35
N GLU D 712 -4.21 30.59 20.63
CA GLU D 712 -3.36 31.46 19.83
C GLU D 712 -1.89 31.08 19.94
N SER D 713 -1.41 30.81 21.15
CA SER D 713 0.00 30.50 21.34
C SER D 713 0.18 29.66 22.60
N ALA D 714 1.34 29.01 22.68
CA ALA D 714 1.66 28.20 23.85
C ALA D 714 1.80 29.05 25.09
N ALA D 715 2.31 30.28 24.95
CA ALA D 715 2.40 31.18 26.08
C ALA D 715 1.01 31.53 26.63
N GLU D 716 0.07 31.83 25.74
CA GLU D 716 -1.29 32.11 26.18
C GLU D 716 -1.94 30.88 26.80
N ALA D 717 -1.67 29.70 26.24
CA ALA D 717 -2.20 28.47 26.83
C ALA D 717 -1.66 28.24 28.24
N ILE D 718 -0.36 28.47 28.43
CA ILE D 718 0.23 28.29 29.75
C ILE D 718 -0.30 29.34 30.72
N GLN D 719 -0.56 30.56 30.24
CA GLN D 719 -1.14 31.58 31.10
C GLN D 719 -2.55 31.20 31.52
N ALA D 720 -3.34 30.65 30.59
CA ALA D 720 -4.69 30.20 30.93
C ALA D 720 -4.65 29.05 31.93
N VAL D 721 -3.71 28.12 31.75
CA VAL D 721 -3.59 27.01 32.68
C VAL D 721 -3.20 27.51 34.07
N ARG D 722 -2.27 28.47 34.12
CA ARG D 722 -1.88 29.05 35.41
C ARG D 722 -3.06 29.77 36.06
N ASP D 723 -3.87 30.47 35.27
CA ASP D 723 -5.07 31.11 35.79
C ASP D 723 -6.21 30.13 36.02
N ASN D 724 -5.96 28.83 35.94
CA ASN D 724 -6.93 27.77 36.17
C ASN D 724 -8.09 27.79 35.17
N LYS D 725 -7.91 28.47 34.03
CA LYS D 725 -8.95 28.47 33.01
C LYS D 725 -9.04 27.12 32.29
N LEU D 726 -7.91 26.46 32.07
CA LEU D 726 -7.86 25.16 31.43
C LEU D 726 -7.46 24.10 32.46
N HIS D 727 -8.25 23.02 32.53
CA HIS D 727 -7.97 21.96 33.49
C HIS D 727 -6.65 21.27 33.19
N ALA D 728 -6.37 21.02 31.91
CA ALA D 728 -5.14 20.35 31.52
C ALA D 728 -4.66 20.89 30.19
N PHE D 729 -3.40 20.64 29.88
CA PHE D 729 -2.78 21.14 28.65
C PHE D 729 -1.81 20.10 28.14
N ILE D 730 -1.72 19.97 26.81
CA ILE D 730 -0.88 18.98 26.16
C ILE D 730 0.12 19.72 25.28
N TRP D 731 1.41 19.41 25.47
CA TRP D 731 2.47 20.00 24.67
C TRP D 731 3.72 19.14 24.86
N ASP D 732 4.83 19.57 24.24
CA ASP D 732 6.08 18.83 24.32
C ASP D 732 6.58 18.78 25.77
N SER D 733 7.16 17.64 26.13
CA SER D 733 7.59 17.43 27.52
C SER D 733 8.67 18.41 27.93
N ALA D 734 9.59 18.73 27.01
CA ALA D 734 10.69 19.63 27.36
C ALA D 734 10.18 21.00 27.78
N VAL D 735 9.22 21.54 27.02
CA VAL D 735 8.67 22.85 27.35
C VAL D 735 7.95 22.80 28.70
N LEU D 736 7.14 21.76 28.91
CA LEU D 736 6.38 21.66 30.16
C LEU D 736 7.31 21.53 31.36
N GLU D 737 8.35 20.70 31.24
CA GLU D 737 9.27 20.52 32.37
C GLU D 737 10.11 21.76 32.61
N PHE D 738 10.47 22.50 31.55
CA PHE D 738 11.18 23.75 31.73
C PHE D 738 10.30 24.78 32.44
N GLU D 739 9.02 24.84 32.07
CA GLU D 739 8.09 25.74 32.76
C GLU D 739 7.93 25.33 34.22
N ALA D 740 7.86 24.02 34.49
CA ALA D 740 7.75 23.55 35.86
C ALA D 740 8.99 23.91 36.67
N SER D 741 10.17 23.77 36.07
CA SER D 741 11.40 24.16 36.75
C SER D 741 11.43 25.65 37.04
N GLN D 742 10.99 26.47 36.08
CA GLN D 742 10.95 27.92 36.28
C GLN D 742 9.99 28.30 37.39
N LYS D 743 8.79 27.71 37.38
CA LYS D 743 7.75 28.01 38.38
C LYS D 743 7.20 26.67 38.88
N CYS D 744 7.38 26.41 40.18
CA CYS D 744 6.92 25.17 40.78
C CYS D 744 5.40 25.13 40.86
N ASP D 745 4.75 26.29 40.68
CA ASP D 745 3.29 26.33 40.71
C ASP D 745 2.67 25.56 39.55
N LEU D 746 3.42 25.29 38.49
CA LEU D 746 2.98 24.42 37.41
C LEU D 746 3.73 23.10 37.49
N VAL D 747 3.00 21.99 37.40
CA VAL D 747 3.57 20.66 37.55
C VAL D 747 3.30 19.87 36.28
N THR D 748 4.20 18.95 35.96
CA THR D 748 4.09 18.07 34.81
C THR D 748 3.69 16.69 35.28
N THR D 749 2.65 16.12 34.66
CA THR D 749 2.10 14.84 35.06
C THR D 749 1.93 13.95 33.85
N GLY D 750 2.03 12.64 34.08
CA GLY D 750 1.91 11.67 33.01
C GLY D 750 3.26 11.13 32.57
N GLU D 751 3.22 9.94 31.96
CA GLU D 751 4.42 9.28 31.48
C GLU D 751 4.80 9.83 30.10
N LEU D 752 5.80 9.23 29.48
CA LEU D 752 6.29 9.66 28.17
C LEU D 752 5.63 8.81 27.09
N PHE D 753 4.92 9.46 26.17
CA PHE D 753 4.32 8.79 25.02
C PHE D 753 4.66 9.58 23.75
N PHE D 754 4.77 8.84 22.65
CA PHE D 754 5.16 9.41 21.36
C PHE D 754 6.51 10.13 21.47
N ARG D 755 7.55 9.36 21.81
CA ARG D 755 8.89 9.90 22.02
C ARG D 755 9.52 10.18 20.66
N SER D 756 9.20 11.34 20.10
CA SER D 756 9.75 11.80 18.84
C SER D 756 10.62 13.02 19.09
N GLY D 757 11.88 12.95 18.66
CA GLY D 757 12.80 14.04 18.89
C GLY D 757 12.58 15.21 17.96
N PHE D 758 13.32 16.29 18.22
CA PHE D 758 13.22 17.50 17.43
C PHE D 758 14.03 17.33 16.13
N GLY D 759 14.21 18.42 15.40
CA GLY D 759 14.97 18.34 14.16
C GLY D 759 15.15 19.72 13.58
N ILE D 760 15.88 19.77 12.47
CA ILE D 760 16.19 21.02 11.77
C ILE D 760 15.58 20.93 10.38
N GLY D 761 14.67 21.85 10.07
CA GLY D 761 14.04 21.87 8.76
C GLY D 761 15.04 22.26 7.69
N MET D 762 15.06 21.50 6.60
CA MET D 762 16.00 21.76 5.51
C MET D 762 15.44 21.19 4.22
N ARG D 763 15.76 21.84 3.11
CA ARG D 763 15.38 21.35 1.80
C ARG D 763 16.12 20.05 1.48
N LYS D 764 15.45 19.19 0.69
CA LYS D 764 16.09 17.95 0.26
C LYS D 764 17.30 18.22 -0.61
N ASP D 765 17.19 19.20 -1.52
CA ASP D 765 18.28 19.52 -2.42
C ASP D 765 19.44 20.23 -1.73
N SER D 766 19.25 20.69 -0.49
CA SER D 766 20.32 21.38 0.22
C SER D 766 21.42 20.38 0.58
N PRO D 767 22.67 20.62 0.20
CA PRO D 767 23.74 19.68 0.50
C PRO D 767 24.30 19.77 1.92
N TRP D 768 23.68 20.56 2.80
CA TRP D 768 24.19 20.74 4.15
C TRP D 768 23.61 19.75 5.15
N LYS D 769 22.77 18.80 4.70
CA LYS D 769 22.17 17.85 5.62
C LYS D 769 23.23 16.98 6.29
N GLN D 770 24.20 16.49 5.52
CA GLN D 770 25.27 15.68 6.09
C GLN D 770 26.11 16.49 7.06
N ASN D 771 26.44 17.74 6.71
CA ASN D 771 27.21 18.59 7.60
C ASN D 771 26.47 18.84 8.91
N VAL D 772 25.17 19.12 8.82
CA VAL D 772 24.38 19.39 10.02
C VAL D 772 24.31 18.13 10.89
N SER D 773 24.06 16.97 10.28
CA SER D 773 23.99 15.74 11.05
C SER D 773 25.31 15.42 11.74
N LEU D 774 26.42 15.56 11.02
CA LEU D 774 27.73 15.28 11.62
C LEU D 774 28.05 16.27 12.72
N SER D 775 27.69 17.55 12.55
CA SER D 775 27.91 18.54 13.59
C SER D 775 27.09 18.24 14.83
N ILE D 776 25.84 17.81 14.65
CA ILE D 776 25.00 17.45 15.78
C ILE D 776 25.58 16.24 16.51
N LEU D 777 26.06 15.25 15.77
CA LEU D 777 26.69 14.09 16.40
C LEU D 777 27.94 14.50 17.16
N LYS D 778 28.76 15.38 16.58
CA LYS D 778 29.95 15.85 17.29
C LYS D 778 29.58 16.58 18.57
N SER D 779 28.55 17.44 18.50
CA SER D 779 28.11 18.17 19.69
C SER D 779 27.64 17.21 20.78
N HIS D 780 26.83 16.21 20.40
CA HIS D 780 26.42 15.20 21.37
C HIS D 780 27.60 14.45 21.94
N GLU D 781 28.66 14.26 21.13
CA GLU D 781 29.84 13.58 21.64
C GLU D 781 30.59 14.43 22.66
N ASN D 782 30.80 15.72 22.37
CA ASN D 782 31.56 16.58 23.26
C ASN D 782 30.69 17.07 24.42
N GLY D 783 31.35 17.66 25.42
CA GLY D 783 30.64 18.18 26.58
C GLY D 783 30.08 19.56 26.37
N PHE D 784 30.36 20.20 25.23
CA PHE D 784 29.83 21.53 24.96
C PHE D 784 28.30 21.50 24.91
N MET D 785 27.75 20.54 24.17
CA MET D 785 26.29 20.39 24.14
C MET D 785 25.73 20.01 25.49
N GLU D 786 26.42 19.13 26.22
CA GLU D 786 25.96 18.73 27.55
C GLU D 786 25.94 19.91 28.50
N ASP D 787 27.01 20.72 28.50
CA ASP D 787 27.05 21.90 29.35
C ASP D 787 25.99 22.92 28.95
N LEU D 788 25.78 23.10 27.64
CA LEU D 788 24.74 24.03 27.19
C LEU D 788 23.37 23.57 27.65
N ASP D 789 23.10 22.27 27.55
CA ASP D 789 21.82 21.73 28.02
C ASP D 789 21.67 21.92 29.52
N LYS D 790 22.74 21.65 30.28
CA LYS D 790 22.68 21.82 31.73
C LYS D 790 22.38 23.28 32.09
N THR D 791 22.99 24.22 31.37
CA THR D 791 22.74 25.62 31.64
C THR D 791 21.31 26.02 31.25
N TRP D 792 20.80 25.45 30.16
CA TRP D 792 19.53 25.91 29.60
C TRP D 792 18.34 25.02 29.93
N VAL D 793 18.52 23.89 30.60
CA VAL D 793 17.39 23.00 30.85
C VAL D 793 17.32 22.61 32.32
N ARG D 794 18.41 22.84 33.06
CA ARG D 794 18.47 22.49 34.48
C ARG D 794 18.41 23.76 35.31
N TYR D 795 17.39 23.85 36.17
CA TYR D 795 17.20 24.99 37.04
C TYR D 795 16.71 24.48 38.40
N GLN D 796 16.25 25.40 39.24
CA GLN D 796 15.74 25.04 40.56
C GLN D 796 14.42 24.29 40.46
N THR D 809 4.67 22.16 57.97
CA THR D 809 5.23 21.64 56.73
C THR D 809 4.19 21.65 55.61
N PHE D 810 3.01 22.19 55.91
CA PHE D 810 1.93 22.25 54.93
C PHE D 810 1.07 23.47 55.25
N GLU D 811 0.30 23.91 54.25
CA GLU D 811 -0.57 25.06 54.43
C GLU D 811 -1.67 24.77 55.43
N ASN D 812 -2.28 23.59 55.35
CA ASN D 812 -3.41 23.26 56.21
C ASN D 812 -2.98 23.17 57.67
N MET D 813 -1.84 22.53 57.94
CA MET D 813 -1.38 22.41 59.33
C MET D 813 -0.99 23.76 59.89
N ALA D 814 -0.35 24.61 59.08
CA ALA D 814 -0.02 25.96 59.54
C ALA D 814 -1.28 26.76 59.85
N GLY D 815 -2.30 26.63 58.98
CA GLY D 815 -3.55 27.34 59.22
C GLY D 815 -4.24 26.88 60.49
N VAL D 816 -4.30 25.56 60.71
CA VAL D 816 -4.95 25.06 61.91
C VAL D 816 -4.15 25.42 63.15
N PHE D 817 -2.82 25.47 63.05
CA PHE D 817 -2.00 25.92 64.16
C PHE D 817 -2.27 27.38 64.50
N MET D 818 -2.38 28.23 63.48
CA MET D 818 -2.72 29.63 63.72
C MET D 818 -4.11 29.75 64.35
N LEU D 819 -5.07 28.96 63.87
CA LEU D 819 -6.42 29.00 64.42
C LEU D 819 -6.44 28.58 65.88
N VAL D 820 -5.73 27.50 66.24
CA VAL D 820 -5.73 27.07 67.63
C VAL D 820 -4.95 28.04 68.50
N ALA D 821 -3.91 28.68 67.96
CA ALA D 821 -3.21 29.72 68.72
C ALA D 821 -4.14 30.90 69.02
N GLY D 822 -4.89 31.35 68.03
CA GLY D 822 -5.87 32.40 68.27
C GLY D 822 -6.92 31.97 69.28
N GLY D 823 -7.39 30.73 69.18
CA GLY D 823 -8.37 30.24 70.13
C GLY D 823 -7.84 30.20 71.55
N ILE D 824 -6.61 29.74 71.73
CA ILE D 824 -6.06 29.62 73.08
C ILE D 824 -5.77 31.01 73.66
N VAL D 825 -5.29 31.95 72.84
CA VAL D 825 -5.03 33.28 73.38
C VAL D 825 -6.34 33.98 73.73
N ALA D 826 -7.39 33.81 72.91
CA ALA D 826 -8.69 34.35 73.26
C ALA D 826 -9.23 33.71 74.54
N GLY D 827 -9.04 32.40 74.68
CA GLY D 827 -9.52 31.71 75.86
C GLY D 827 -8.84 32.18 77.13
N ILE D 828 -7.50 32.35 77.08
CA ILE D 828 -6.81 32.82 78.27
C ILE D 828 -7.17 34.28 78.55
N PHE D 829 -7.36 35.09 77.51
CA PHE D 829 -7.74 36.48 77.72
C PHE D 829 -9.11 36.58 78.40
N LEU D 830 -10.06 35.75 77.99
CA LEU D 830 -11.38 35.79 78.61
C LEU D 830 -11.36 35.17 80.01
N ILE D 831 -10.58 34.10 80.20
CA ILE D 831 -10.55 33.45 81.49
C ILE D 831 -9.85 34.33 82.52
N PHE D 832 -8.97 35.23 82.07
CA PHE D 832 -8.34 36.17 83.01
C PHE D 832 -9.41 37.04 83.70
N ILE D 833 -10.26 37.69 82.90
CA ILE D 833 -11.29 38.53 83.49
C ILE D 833 -12.35 37.68 84.19
N GLU D 834 -12.61 36.48 83.70
CA GLU D 834 -13.57 35.59 84.38
C GLU D 834 -13.09 35.26 85.79
N ILE D 835 -11.82 34.88 85.93
CA ILE D 835 -11.28 34.55 87.24
C ILE D 835 -11.16 35.80 88.10
N ALA D 836 -10.86 36.95 87.51
CA ALA D 836 -10.83 38.20 88.28
C ALA D 836 -12.21 38.49 88.87
N TYR D 837 -13.26 38.33 88.06
CA TYR D 837 -14.62 38.55 88.56
C TYR D 837 -14.99 37.52 89.61
N LYS D 838 -14.59 36.27 89.43
CA LYS D 838 -14.87 35.22 90.41
C LYS D 838 -14.20 35.54 91.75
N ARG D 839 -12.94 35.97 91.70
CA ARG D 839 -12.23 36.34 92.93
C ARG D 839 -12.86 37.55 93.60
N HIS D 840 -13.27 38.54 92.81
CA HIS D 840 -13.94 39.71 93.37
C HIS D 840 -15.26 39.32 94.05
N LYS D 841 -16.02 38.42 93.42
CA LYS D 841 -17.26 37.94 94.02
C LYS D 841 -17.00 37.17 95.32
N ASP D 842 -15.96 36.32 95.32
CA ASP D 842 -15.67 35.52 96.50
C ASP D 842 -15.16 36.39 97.65
N ALA D 843 -14.43 37.45 97.33
CA ALA D 843 -13.80 38.31 98.33
C ALA D 843 -14.45 39.68 98.43
N ARG D 844 -15.78 39.74 98.38
CA ARG D 844 -16.49 41.01 98.53
C ARG D 844 -16.27 41.60 99.93
N GLU E 20 32.22 44.65 -40.22
CA GLU E 20 31.97 45.14 -41.57
C GLU E 20 32.34 44.09 -42.61
N VAL E 21 31.44 43.86 -43.56
CA VAL E 21 31.64 42.89 -44.63
C VAL E 21 31.80 43.65 -45.94
N GLN E 22 32.92 43.43 -46.62
CA GLN E 22 33.21 44.06 -47.89
C GLN E 22 33.64 43.03 -48.91
N LEU E 23 33.13 43.15 -50.14
CA LEU E 23 33.46 42.26 -51.23
C LEU E 23 34.24 43.01 -52.29
N VAL E 24 35.40 42.47 -52.66
CA VAL E 24 36.30 43.10 -53.62
C VAL E 24 36.28 42.30 -54.91
N GLU E 25 36.04 42.98 -56.02
CA GLU E 25 36.02 42.37 -57.35
C GLU E 25 37.24 42.83 -58.13
N SER E 26 37.95 41.88 -58.74
CA SER E 26 39.13 42.18 -59.52
C SER E 26 39.24 41.16 -60.65
N GLY E 27 40.31 41.29 -61.44
CA GLY E 27 40.55 40.40 -62.56
C GLY E 27 39.93 40.85 -63.87
N GLY E 28 39.18 41.95 -63.88
CA GLY E 28 38.58 42.45 -65.10
C GLY E 28 39.55 43.24 -65.94
N GLY E 29 39.05 43.70 -67.09
CA GLY E 29 39.85 44.46 -68.01
C GLY E 29 39.28 44.34 -69.42
N LEU E 30 40.17 44.47 -70.39
CA LEU E 30 39.80 44.40 -71.81
C LEU E 30 40.22 43.04 -72.37
N VAL E 31 39.25 42.32 -72.92
CA VAL E 31 39.48 41.02 -73.55
C VAL E 31 38.77 41.02 -74.90
N LYS E 32 39.48 40.62 -75.94
CA LYS E 32 38.88 40.53 -77.26
C LYS E 32 37.83 39.42 -77.29
N PRO E 33 36.83 39.54 -78.17
CA PRO E 33 35.79 38.50 -78.24
C PRO E 33 36.39 37.13 -78.57
N GLY E 34 35.85 36.11 -77.94
CA GLY E 34 36.36 34.76 -78.08
C GLY E 34 37.50 34.40 -77.16
N GLY E 35 37.98 35.34 -76.34
CA GLY E 35 39.06 35.07 -75.42
C GLY E 35 38.57 34.54 -74.08
N SER E 36 39.53 34.36 -73.18
CA SER E 36 39.26 33.84 -71.85
C SER E 36 39.76 34.84 -70.80
N LEU E 37 38.92 35.07 -69.78
CA LEU E 37 39.25 36.00 -68.71
C LEU E 37 38.86 35.37 -67.38
N ARG E 38 39.60 35.73 -66.34
CA ARG E 38 39.35 35.25 -64.98
C ARG E 38 38.96 36.42 -64.10
N LEU E 39 37.86 36.27 -63.37
CA LEU E 39 37.39 37.27 -62.42
C LEU E 39 37.58 36.75 -61.00
N SER E 40 38.23 37.54 -60.16
CA SER E 40 38.49 37.19 -58.77
C SER E 40 37.58 37.99 -57.86
N CYS E 41 36.82 37.29 -57.02
CA CYS E 41 35.90 37.90 -56.07
C CYS E 41 36.46 37.69 -54.67
N ALA E 42 37.01 38.75 -54.09
CA ALA E 42 37.60 38.68 -52.75
C ALA E 42 36.55 38.96 -51.70
N ALA E 43 36.40 38.04 -50.74
CA ALA E 43 35.44 38.16 -49.67
C ALA E 43 36.16 38.47 -48.36
N SER E 44 35.67 39.48 -47.64
CA SER E 44 36.26 39.90 -46.38
C SER E 44 35.16 40.08 -45.34
N GLY E 45 35.53 39.90 -44.08
CA GLY E 45 34.61 40.06 -42.98
C GLY E 45 33.81 38.82 -42.62
N PHE E 46 33.94 37.74 -43.39
CA PHE E 46 33.20 36.51 -43.11
C PHE E 46 33.93 35.34 -43.76
N THR E 47 33.55 34.14 -43.34
CA THR E 47 34.12 32.92 -43.89
C THR E 47 33.32 32.51 -45.13
N LEU E 48 34.02 32.40 -46.27
CA LEU E 48 33.35 32.12 -47.53
C LEU E 48 32.90 30.67 -47.65
N SER E 49 33.50 29.75 -46.89
CA SER E 49 33.19 28.33 -47.05
C SER E 49 31.77 28.01 -46.64
N ASP E 50 31.21 28.74 -45.68
CA ASP E 50 29.87 28.48 -45.15
C ASP E 50 28.84 29.47 -45.68
N TYR E 51 28.99 29.87 -46.95
CA TYR E 51 28.02 30.77 -47.57
C TYR E 51 27.97 30.47 -49.07
N TYR E 52 26.87 30.89 -49.69
CA TYR E 52 26.66 30.72 -51.12
C TYR E 52 26.96 32.03 -51.84
N MET E 53 27.49 31.91 -53.05
CA MET E 53 27.86 33.06 -53.86
C MET E 53 27.26 32.92 -55.26
N SER E 54 27.02 34.06 -55.89
CA SER E 54 26.43 34.09 -57.23
C SER E 54 27.02 35.25 -58.01
N TRP E 55 26.95 35.14 -59.33
CA TRP E 55 27.37 36.19 -60.24
C TRP E 55 26.17 36.72 -61.00
N ILE E 56 26.07 38.05 -61.10
CA ILE E 56 24.97 38.70 -61.78
C ILE E 56 25.52 39.85 -62.61
N ARG E 57 25.05 39.96 -63.85
CA ARG E 57 25.49 40.99 -64.77
C ARG E 57 24.37 41.98 -65.05
N GLN E 58 24.75 43.21 -65.38
CA GLN E 58 23.80 44.26 -65.70
C GLN E 58 24.35 45.06 -66.88
N ALA E 59 23.73 44.91 -68.05
CA ALA E 59 24.16 45.65 -69.22
C ALA E 59 23.88 47.14 -69.03
N PRO E 60 24.71 48.01 -69.62
CA PRO E 60 24.47 49.46 -69.49
C PRO E 60 23.14 49.84 -70.12
N GLY E 61 22.26 50.41 -69.29
CA GLY E 61 20.93 50.80 -69.73
C GLY E 61 19.92 49.68 -69.78
N LYS E 62 20.29 48.47 -69.37
CA LYS E 62 19.40 47.33 -69.40
C LYS E 62 19.20 46.79 -67.97
N GLY E 63 18.52 45.66 -67.87
CA GLY E 63 18.24 45.05 -66.59
C GLY E 63 19.41 44.21 -66.09
N LEU E 64 19.15 43.50 -64.99
CA LEU E 64 20.14 42.65 -64.35
C LEU E 64 19.84 41.19 -64.67
N GLU E 65 20.88 40.43 -64.98
CA GLU E 65 20.75 39.03 -65.36
C GLU E 65 21.62 38.17 -64.45
N TRP E 66 21.01 37.20 -63.77
CA TRP E 66 21.76 36.27 -62.95
C TRP E 66 22.49 35.25 -63.82
N ILE E 67 23.73 34.92 -63.44
CA ILE E 67 24.56 34.03 -64.25
C ILE E 67 24.52 32.62 -63.69
N SER E 68 25.00 32.44 -62.46
CA SER E 68 25.09 31.12 -61.86
C SER E 68 25.37 31.28 -60.37
N TYR E 69 25.22 30.18 -59.64
CA TYR E 69 25.50 30.13 -58.21
C TYR E 69 26.41 28.96 -57.93
N ILE E 70 27.22 29.08 -56.87
CA ILE E 70 28.15 28.04 -56.46
C ILE E 70 27.71 27.52 -55.10
N SER E 71 27.59 26.20 -54.99
CA SER E 71 27.16 25.57 -53.76
C SER E 71 28.34 25.39 -52.81
N VAL E 72 28.02 25.06 -51.55
CA VAL E 72 29.06 24.80 -50.56
C VAL E 72 29.88 23.58 -50.97
N SER E 73 29.21 22.51 -51.39
CA SER E 73 29.91 21.33 -51.88
C SER E 73 30.57 21.56 -53.23
N GLY E 74 30.05 22.49 -54.03
CA GLY E 74 30.62 22.80 -55.32
C GLY E 74 30.27 21.83 -56.43
N THR E 75 29.29 20.95 -56.21
CA THR E 75 28.90 19.97 -57.21
C THR E 75 27.57 20.30 -57.88
N LYS E 76 27.01 21.48 -57.63
CA LYS E 76 25.73 21.88 -58.20
C LYS E 76 25.79 23.35 -58.56
N ILE E 77 25.94 23.64 -59.85
CA ILE E 77 25.97 25.00 -60.37
C ILE E 77 24.95 25.10 -61.49
N TYR E 78 24.08 26.10 -61.42
CA TYR E 78 23.03 26.33 -62.41
C TYR E 78 23.44 27.51 -63.29
N TYR E 79 24.12 27.21 -64.39
CA TYR E 79 24.49 28.23 -65.36
C TYR E 79 23.25 28.80 -66.03
N ALA E 80 23.27 30.10 -66.31
CA ALA E 80 22.18 30.74 -67.03
C ALA E 80 22.10 30.20 -68.44
N ASP E 81 20.89 30.17 -68.99
CA ASP E 81 20.66 29.62 -70.32
C ASP E 81 21.45 30.39 -71.38
N SER E 82 21.65 31.69 -71.18
CA SER E 82 22.40 32.48 -72.15
C SER E 82 23.90 32.15 -72.11
N VAL E 83 24.41 31.72 -70.96
CA VAL E 83 25.82 31.45 -70.79
C VAL E 83 26.07 30.00 -70.36
N LYS E 84 25.12 29.12 -70.61
CA LYS E 84 25.26 27.72 -70.21
C LYS E 84 26.34 27.03 -71.05
N GLY E 85 27.21 26.30 -70.36
CA GLY E 85 28.26 25.55 -71.03
C GLY E 85 29.45 26.36 -71.50
N ARG E 86 29.53 27.64 -71.14
CA ARG E 86 30.63 28.50 -71.56
C ARG E 86 31.47 29.03 -70.41
N PHE E 87 30.88 29.24 -69.23
CA PHE E 87 31.60 29.80 -68.11
C PHE E 87 31.96 28.72 -67.09
N THR E 88 32.99 29.01 -66.30
CA THR E 88 33.45 28.12 -65.25
C THR E 88 33.57 28.90 -63.95
N ILE E 89 33.11 28.30 -62.85
CA ILE E 89 33.11 28.93 -61.54
C ILE E 89 33.88 28.05 -60.57
N SER E 90 34.79 28.66 -59.80
CA SER E 90 35.57 27.94 -58.82
C SER E 90 35.68 28.79 -57.56
N ARG E 91 35.90 28.12 -56.42
CA ARG E 91 36.01 28.79 -55.14
C ARG E 91 37.20 28.23 -54.37
N ASP E 92 37.76 29.06 -53.49
CA ASP E 92 38.88 28.69 -52.64
C ASP E 92 38.49 28.98 -51.20
N ASN E 93 38.18 27.91 -50.44
CA ASN E 93 37.78 28.08 -49.05
C ASN E 93 38.91 28.64 -48.21
N ALA E 94 40.14 28.15 -48.42
CA ALA E 94 41.28 28.63 -47.65
C ALA E 94 41.56 30.10 -47.93
N LYS E 95 41.51 30.50 -49.20
CA LYS E 95 41.77 31.89 -49.58
C LYS E 95 40.57 32.78 -49.36
N ASN E 96 39.37 32.21 -49.14
CA ASN E 96 38.14 32.99 -48.98
C ASN E 96 37.90 33.90 -50.18
N SER E 97 38.18 33.39 -51.37
CA SER E 97 38.00 34.15 -52.61
C SER E 97 37.27 33.30 -53.63
N LEU E 98 36.54 33.97 -54.52
CA LEU E 98 35.77 33.31 -55.56
C LEU E 98 36.36 33.65 -56.92
N PHE E 99 36.62 32.62 -57.72
CA PHE E 99 37.23 32.78 -59.04
C PHE E 99 36.23 32.37 -60.11
N LEU E 100 35.98 33.27 -61.06
CA LEU E 100 35.06 33.03 -62.16
C LEU E 100 35.85 33.01 -63.47
N GLU E 101 35.67 31.96 -64.25
CA GLU E 101 36.33 31.79 -65.54
C GLU E 101 35.29 31.90 -66.65
N MET E 102 35.54 32.77 -67.62
CA MET E 102 34.65 32.97 -68.74
C MET E 102 35.37 32.66 -70.04
N ASN E 103 34.67 31.99 -70.96
CA ASN E 103 35.21 31.62 -72.26
C ASN E 103 34.22 32.00 -73.35
N SER E 104 34.76 32.25 -74.54
CA SER E 104 33.98 32.63 -75.71
C SER E 104 33.13 33.87 -75.43
N LEU E 105 33.82 34.93 -74.99
CA LEU E 105 33.14 36.19 -74.70
C LEU E 105 32.56 36.80 -75.97
N THR E 106 31.34 37.33 -75.86
CA THR E 106 30.67 37.94 -77.00
C THR E 106 30.18 39.34 -76.65
N ALA E 107 29.40 39.96 -77.54
CA ALA E 107 28.91 41.31 -77.31
C ALA E 107 27.97 41.37 -76.12
N GLU E 108 27.14 40.34 -75.91
CA GLU E 108 26.18 40.34 -74.82
C GLU E 108 26.84 40.23 -73.45
N ASP E 109 28.13 39.91 -73.39
CA ASP E 109 28.86 39.83 -72.13
C ASP E 109 29.39 41.17 -71.66
N THR E 110 29.17 42.25 -72.42
CA THR E 110 29.64 43.58 -72.04
C THR E 110 28.71 44.12 -70.95
N ALA E 111 29.00 43.72 -69.72
CA ALA E 111 28.21 44.14 -68.57
C ALA E 111 29.07 44.07 -67.33
N VAL E 112 28.61 44.75 -66.28
CA VAL E 112 29.30 44.76 -64.99
C VAL E 112 28.84 43.54 -64.20
N TYR E 113 29.80 42.73 -63.76
CA TYR E 113 29.52 41.51 -63.01
C TYR E 113 29.75 41.76 -61.52
N TYR E 114 28.72 41.47 -60.73
CA TYR E 114 28.77 41.64 -59.28
C TYR E 114 28.66 40.29 -58.60
N CYS E 115 29.52 40.05 -57.61
CA CYS E 115 29.42 38.88 -56.75
C CYS E 115 28.91 39.31 -55.39
N ALA E 116 27.87 38.62 -54.91
CA ALA E 116 27.24 38.97 -53.65
C ALA E 116 26.94 37.72 -52.86
N ARG E 117 26.86 37.86 -51.54
CA ARG E 117 26.52 36.75 -50.67
C ARG E 117 25.06 36.36 -50.88
N ASP E 118 24.80 35.08 -51.10
CA ASP E 118 23.46 34.59 -51.37
C ASP E 118 22.72 34.37 -50.05
N SER E 119 21.53 33.77 -50.13
CA SER E 119 20.73 33.46 -48.96
C SER E 119 20.43 31.97 -48.83
N GLY E 120 21.15 31.12 -49.56
CA GLY E 120 20.89 29.70 -49.50
C GLY E 120 21.12 29.11 -48.13
N SER E 121 22.13 29.61 -47.42
CA SER E 121 22.45 29.13 -46.08
C SER E 121 21.87 30.01 -44.98
N THR E 122 21.11 31.04 -45.33
CA THR E 122 20.62 31.99 -44.33
C THR E 122 19.70 31.33 -43.32
N MET E 123 18.49 30.91 -43.74
CA MET E 123 17.62 30.23 -42.80
C MET E 123 17.67 28.71 -42.96
N TYR E 124 17.15 28.20 -44.07
CA TYR E 124 17.30 26.79 -44.39
C TYR E 124 17.89 26.58 -45.78
N ASP E 125 17.23 27.12 -46.80
CA ASP E 125 17.60 26.96 -48.20
C ASP E 125 16.63 27.74 -49.09
N GLY E 126 16.84 27.70 -50.39
CA GLY E 126 15.87 28.28 -51.33
C GLY E 126 15.89 29.79 -51.49
N TYR E 127 15.88 30.51 -50.37
CA TYR E 127 15.95 31.97 -50.42
C TYR E 127 17.23 32.40 -51.13
N ASN E 128 17.12 33.42 -52.00
CA ASN E 128 18.24 33.79 -52.84
C ASN E 128 18.41 35.31 -52.92
N TRP E 129 18.07 36.03 -51.86
CA TRP E 129 18.35 37.46 -51.83
C TRP E 129 19.85 37.69 -51.62
N PHE E 130 20.39 38.67 -52.33
CA PHE E 130 21.83 38.91 -52.37
C PHE E 130 22.16 40.14 -51.53
N ASP E 131 23.02 39.95 -50.52
CA ASP E 131 23.47 41.02 -49.64
C ASP E 131 24.66 40.54 -48.83
N PRO E 132 25.73 41.32 -48.71
CA PRO E 132 25.97 42.64 -49.32
C PRO E 132 26.49 42.55 -50.75
N TRP E 133 26.58 43.67 -51.44
CA TRP E 133 27.07 43.73 -52.82
C TRP E 133 28.37 44.50 -52.86
N GLY E 134 29.36 43.96 -53.58
CA GLY E 134 30.62 44.64 -53.77
C GLY E 134 30.54 45.70 -54.85
N GLN E 135 31.65 46.42 -55.02
CA GLN E 135 31.70 47.49 -56.01
C GLN E 135 31.60 46.94 -57.44
N GLY E 136 32.03 45.70 -57.65
CA GLY E 136 31.92 45.07 -58.95
C GLY E 136 33.04 45.46 -59.90
N THR E 137 33.05 44.79 -61.04
CA THR E 137 34.04 45.03 -62.08
C THR E 137 33.35 45.08 -63.43
N LEU E 138 33.98 45.79 -64.37
CA LEU E 138 33.46 45.97 -65.72
C LEU E 138 34.24 45.13 -66.71
N VAL E 139 33.54 44.34 -67.51
CA VAL E 139 34.14 43.52 -68.55
C VAL E 139 33.60 43.99 -69.89
N THR E 140 34.50 44.39 -70.79
CA THR E 140 34.13 44.90 -72.10
C THR E 140 34.94 44.19 -73.18
N VAL E 141 34.27 43.82 -74.27
CA VAL E 141 34.91 43.17 -75.40
C VAL E 141 35.05 44.18 -76.53
N SER E 142 36.23 44.26 -77.12
CA SER E 142 36.49 45.20 -78.20
C SER E 142 37.58 44.66 -79.12
N PRO E 143 37.27 44.35 -80.38
CA PRO E 143 38.27 43.85 -81.34
C PRO E 143 39.13 44.95 -81.94
N ALA E 144 39.65 45.83 -81.09
CA ALA E 144 40.49 46.94 -81.53
C ALA E 144 41.33 47.41 -80.37
N SER E 145 42.55 47.85 -80.68
CA SER E 145 43.47 48.34 -79.65
C SER E 145 43.24 49.84 -79.43
N THR E 146 44.15 50.48 -78.69
CA THR E 146 44.05 51.90 -78.44
C THR E 146 44.21 52.69 -79.74
N LYS E 147 43.32 53.64 -79.98
CA LYS E 147 43.37 54.46 -81.18
C LYS E 147 42.86 55.85 -80.85
N GLY E 148 43.30 56.82 -81.65
CA GLY E 148 42.91 58.20 -81.46
C GLY E 148 41.46 58.44 -81.80
N PRO E 149 40.80 59.31 -81.03
CA PRO E 149 39.39 59.61 -81.30
C PRO E 149 39.22 60.39 -82.60
N SER E 150 38.06 60.21 -83.21
CA SER E 150 37.68 60.91 -84.44
C SER E 150 36.47 61.78 -84.13
N VAL E 151 36.74 63.02 -83.72
CA VAL E 151 35.66 63.93 -83.33
C VAL E 151 35.04 64.52 -84.60
N PHE E 152 33.73 64.34 -84.73
CA PHE E 152 32.98 64.87 -85.88
C PHE E 152 31.99 65.91 -85.40
N PRO E 153 32.28 67.20 -85.57
CA PRO E 153 31.38 68.24 -85.07
C PRO E 153 30.08 68.27 -85.87
N LEU E 154 29.08 68.91 -85.27
CA LEU E 154 27.76 69.05 -85.90
C LEU E 154 27.47 70.52 -86.17
N ALA E 155 26.25 70.81 -86.62
CA ALA E 155 25.86 72.19 -86.90
C ALA E 155 24.46 72.48 -86.36
N ALA E 166 17.70 76.59 -82.57
CA ALA E 166 18.92 76.03 -83.12
C ALA E 166 20.04 76.05 -82.09
N ALA E 167 20.86 75.00 -82.09
CA ALA E 167 21.98 74.88 -81.17
C ALA E 167 23.15 74.23 -81.90
N LEU E 168 24.24 74.00 -81.17
CA LEU E 168 25.45 73.41 -81.73
C LEU E 168 25.94 72.28 -80.84
N GLY E 169 26.65 71.34 -81.44
CA GLY E 169 27.19 70.21 -80.70
C GLY E 169 28.31 69.53 -81.48
N CYS E 170 29.04 68.68 -80.76
CA CYS E 170 30.13 67.92 -81.34
C CYS E 170 29.93 66.44 -81.04
N LEU E 171 30.17 65.60 -82.03
CA LEU E 171 29.99 64.15 -81.92
C LEU E 171 31.35 63.47 -82.02
N VAL E 172 31.63 62.58 -81.06
CA VAL E 172 32.85 61.78 -81.05
C VAL E 172 32.44 60.35 -81.38
N LYS E 173 32.94 59.84 -82.51
CA LYS E 173 32.54 58.53 -83.00
C LYS E 173 33.78 57.69 -83.28
N ASP E 174 33.66 56.38 -83.07
CA ASP E 174 34.70 55.40 -83.37
C ASP E 174 35.99 55.72 -82.60
N TYR E 175 35.89 55.64 -81.28
CA TYR E 175 37.03 55.86 -80.40
C TYR E 175 37.07 54.80 -79.32
N PHE E 176 38.26 54.54 -78.81
CA PHE E 176 38.53 53.55 -77.77
C PHE E 176 39.96 53.78 -77.28
N PRO E 177 40.27 53.59 -75.98
CA PRO E 177 39.46 53.10 -74.86
C PRO E 177 38.41 54.07 -74.30
N GLU E 178 38.13 53.90 -73.00
CA GLU E 178 37.04 54.48 -72.23
C GLU E 178 36.83 55.96 -72.51
N PRO E 179 35.61 56.48 -72.36
CA PRO E 179 35.31 57.85 -72.77
C PRO E 179 36.12 58.89 -72.01
N VAL E 180 36.28 60.04 -72.66
CA VAL E 180 37.06 61.15 -72.14
C VAL E 180 36.15 62.37 -72.07
N THR E 181 36.24 63.12 -70.96
CA THR E 181 35.42 64.30 -70.78
C THR E 181 35.70 65.33 -71.86
N VAL E 182 34.65 66.02 -72.30
CA VAL E 182 34.73 67.02 -73.37
C VAL E 182 34.31 68.36 -72.80
N SER E 183 35.12 69.39 -73.05
CA SER E 183 34.85 70.74 -72.57
C SER E 183 34.74 71.70 -73.75
N TRP E 184 33.83 72.66 -73.63
CA TRP E 184 33.61 73.66 -74.66
C TRP E 184 34.32 74.96 -74.29
N ASN E 185 35.00 75.55 -75.28
CA ASN E 185 35.78 76.77 -75.10
C ASN E 185 36.83 76.61 -74.00
N SER E 186 37.46 75.43 -73.96
CA SER E 186 38.46 75.10 -72.95
C SER E 186 37.90 75.23 -71.54
N GLY E 187 36.63 74.85 -71.38
CA GLY E 187 35.96 74.91 -70.09
C GLY E 187 35.29 76.23 -69.78
N ALA E 188 35.48 77.26 -70.60
CA ALA E 188 34.83 78.55 -70.36
C ALA E 188 33.32 78.44 -70.51
N LEU E 189 32.85 77.70 -71.52
CA LEU E 189 31.42 77.55 -71.74
C LEU E 189 30.88 76.44 -70.86
N THR E 190 29.87 76.76 -70.04
CA THR E 190 29.25 75.79 -69.16
C THR E 190 27.73 75.76 -69.22
N SER E 191 27.08 76.76 -69.82
CA SER E 191 25.63 76.81 -69.90
C SER E 191 25.14 75.76 -70.89
N GLY E 192 24.54 74.69 -70.38
CA GLY E 192 24.03 73.63 -71.24
C GLY E 192 25.06 72.63 -71.71
N VAL E 193 26.30 72.73 -71.25
CA VAL E 193 27.35 71.81 -71.67
C VAL E 193 27.19 70.51 -70.88
N HIS E 194 26.82 69.44 -71.57
CA HIS E 194 26.64 68.14 -70.95
C HIS E 194 26.95 67.06 -71.96
N THR E 195 27.74 66.08 -71.56
CA THR E 195 28.09 64.96 -72.42
C THR E 195 27.03 63.86 -72.29
N PHE E 196 27.29 62.71 -72.88
CA PHE E 196 26.39 61.57 -72.82
C PHE E 196 27.21 60.30 -72.63
N PRO E 197 26.63 59.25 -72.05
CA PRO E 197 27.37 58.01 -71.85
C PRO E 197 27.83 57.41 -73.16
N ALA E 198 29.02 56.81 -73.14
CA ALA E 198 29.58 56.19 -74.34
C ALA E 198 28.76 54.99 -74.75
N VAL E 199 28.55 54.85 -76.06
CA VAL E 199 27.77 53.75 -76.63
C VAL E 199 28.72 52.85 -77.41
N LEU E 200 28.84 51.60 -76.97
CA LEU E 200 29.72 50.65 -77.64
C LEU E 200 29.12 50.23 -78.97
N GLN E 201 29.96 50.20 -80.01
CA GLN E 201 29.54 49.79 -81.34
C GLN E 201 29.97 48.35 -81.60
N SER E 202 29.57 47.84 -82.77
CA SER E 202 29.91 46.47 -83.14
C SER E 202 31.40 46.30 -83.42
N SER E 203 32.12 47.39 -83.65
CA SER E 203 33.56 47.34 -83.91
C SER E 203 34.40 47.48 -82.65
N GLY E 204 33.77 47.55 -81.49
CA GLY E 204 34.50 47.72 -80.25
C GLY E 204 34.90 49.15 -79.92
N LEU E 205 34.34 50.13 -80.61
CA LEU E 205 34.67 51.53 -80.41
C LEU E 205 33.46 52.27 -79.85
N TYR E 206 33.67 53.07 -78.82
CA TYR E 206 32.59 53.83 -78.21
C TYR E 206 32.20 55.02 -79.09
N SER E 207 31.12 55.68 -78.68
CA SER E 207 30.63 56.85 -79.41
C SER E 207 29.76 57.69 -78.48
N LEU E 208 30.04 58.99 -78.42
CA LEU E 208 29.22 59.92 -77.66
C LEU E 208 29.23 61.27 -78.35
N SER E 209 28.24 62.09 -78.01
CA SER E 209 28.09 63.41 -78.58
C SER E 209 28.09 64.45 -77.47
N SER E 210 28.90 65.50 -77.65
CA SER E 210 28.92 66.62 -76.71
C SER E 210 28.06 67.74 -77.28
N VAL E 211 26.92 67.99 -76.63
CA VAL E 211 25.92 68.93 -77.12
C VAL E 211 25.74 70.02 -76.07
N VAL E 212 25.79 71.28 -76.52
CA VAL E 212 25.58 72.44 -75.66
C VAL E 212 24.36 73.20 -76.16
N THR E 213 23.45 73.52 -75.25
CA THR E 213 22.22 74.23 -75.58
C THR E 213 22.50 75.72 -75.62
N VAL E 214 22.37 76.33 -76.80
CA VAL E 214 22.62 77.75 -76.98
C VAL E 214 21.44 78.37 -77.73
N PRO E 215 21.18 79.66 -77.57
CA PRO E 215 20.09 80.29 -78.33
C PRO E 215 20.37 80.28 -79.82
N SER E 216 19.30 80.29 -80.62
CA SER E 216 19.44 80.26 -82.07
C SER E 216 20.14 81.51 -82.61
N SER E 217 20.15 82.61 -81.85
CA SER E 217 20.83 83.81 -82.28
C SER E 217 22.32 83.80 -81.97
N SER E 218 22.81 82.79 -81.25
CA SER E 218 24.22 82.72 -80.89
C SER E 218 25.09 82.14 -82.00
N LEU E 219 24.49 81.68 -83.10
CA LEU E 219 25.27 81.12 -84.20
C LEU E 219 26.06 82.22 -84.90
N GLY E 220 27.34 81.97 -85.11
CA GLY E 220 28.21 82.93 -85.79
C GLY E 220 28.72 84.08 -84.96
N THR E 221 27.82 84.82 -84.30
CA THR E 221 28.24 85.96 -83.49
C THR E 221 29.12 85.53 -82.32
N GLN E 222 28.76 84.44 -81.65
CA GLN E 222 29.50 83.92 -80.51
C GLN E 222 30.23 82.65 -80.93
N THR E 223 31.54 82.60 -80.66
CA THR E 223 32.34 81.45 -81.05
C THR E 223 32.16 80.30 -80.07
N TYR E 224 32.27 79.08 -80.61
CA TYR E 224 32.14 77.87 -79.80
C TYR E 224 33.10 76.82 -80.33
N ILE E 225 34.05 76.40 -79.49
CA ILE E 225 35.03 75.37 -79.83
C ILE E 225 34.93 74.27 -78.79
N CYS E 226 34.77 73.03 -79.25
CA CYS E 226 34.69 71.87 -78.38
C CYS E 226 36.05 71.20 -78.32
N ASN E 227 36.59 71.06 -77.12
CA ASN E 227 37.93 70.52 -76.90
C ASN E 227 37.84 69.10 -76.38
N VAL E 228 38.52 68.18 -77.08
CA VAL E 228 38.61 66.78 -76.67
C VAL E 228 40.08 66.45 -76.50
N ASN E 229 40.44 65.95 -75.31
CA ASN E 229 41.82 65.57 -74.99
C ASN E 229 41.81 64.16 -74.44
N HIS E 230 41.85 63.17 -75.33
CA HIS E 230 41.81 61.77 -74.94
C HIS E 230 43.08 61.42 -74.18
N LYS E 231 42.95 61.19 -72.87
CA LYS E 231 44.12 60.96 -72.03
C LYS E 231 44.94 59.74 -72.44
N PRO E 232 44.35 58.55 -72.69
CA PRO E 232 45.19 57.41 -73.08
C PRO E 232 45.98 57.63 -74.36
N SER E 233 45.42 58.35 -75.33
CA SER E 233 46.11 58.60 -76.59
C SER E 233 46.83 59.94 -76.64
N ASN E 234 46.54 60.85 -75.70
CA ASN E 234 47.16 62.17 -75.66
C ASN E 234 46.98 62.92 -76.98
N THR E 235 45.78 62.82 -77.55
CA THR E 235 45.46 63.45 -78.82
C THR E 235 44.66 64.72 -78.56
N LYS E 236 45.14 65.84 -79.09
CA LYS E 236 44.49 67.13 -78.91
C LYS E 236 43.58 67.43 -80.11
N VAL E 237 42.45 66.71 -80.14
CA VAL E 237 41.49 66.85 -81.22
C VAL E 237 40.54 68.00 -80.88
N ASP E 238 40.67 69.12 -81.59
CA ASP E 238 39.79 70.26 -81.45
C ASP E 238 39.19 70.59 -82.81
N LYS E 239 37.86 70.53 -82.90
CA LYS E 239 37.14 70.74 -84.14
C LYS E 239 36.25 71.96 -84.01
N ARG E 240 36.40 72.91 -84.94
CA ARG E 240 35.54 74.08 -84.95
C ARG E 240 34.14 73.72 -85.43
N VAL E 241 33.18 74.55 -85.05
CA VAL E 241 31.77 74.36 -85.39
C VAL E 241 31.32 75.52 -86.25
N GLU E 242 30.75 75.21 -87.41
CA GLU E 242 30.25 76.20 -88.34
C GLU E 242 28.86 75.82 -88.81
N PRO E 243 28.02 76.81 -89.17
CA PRO E 243 26.67 76.53 -89.67
C PRO E 243 26.67 75.75 -90.98
N ASP F 23 9.64 30.95 -68.23
CA ASP F 23 10.05 31.34 -66.88
C ASP F 23 9.03 32.29 -66.25
N ILE F 24 9.50 33.10 -65.30
CA ILE F 24 8.67 34.07 -64.61
C ILE F 24 9.12 35.47 -65.01
N GLN F 25 8.18 36.27 -65.51
CA GLN F 25 8.47 37.63 -65.95
C GLN F 25 7.74 38.61 -65.07
N MET F 26 8.47 39.58 -64.52
CA MET F 26 7.91 40.60 -63.65
C MET F 26 7.77 41.91 -64.41
N THR F 27 6.61 42.56 -64.26
CA THR F 27 6.32 43.82 -64.91
C THR F 27 6.06 44.89 -63.85
N GLN F 28 6.77 46.01 -63.95
CA GLN F 28 6.60 47.14 -63.05
C GLN F 28 6.02 48.30 -63.82
N SER F 29 4.90 48.84 -63.34
CA SER F 29 4.21 49.94 -63.99
C SER F 29 3.98 51.06 -62.97
N PRO F 30 4.35 52.31 -63.28
CA PRO F 30 5.01 52.77 -64.51
C PRO F 30 6.50 52.48 -64.50
N SER F 31 7.15 52.45 -65.67
CA SER F 31 8.59 52.22 -65.73
C SER F 31 9.36 53.34 -65.05
N THR F 32 8.95 54.60 -65.26
CA THR F 32 9.58 55.75 -64.63
C THR F 32 8.52 56.55 -63.88
N LEU F 33 8.86 56.99 -62.68
CA LEU F 33 7.95 57.78 -61.86
C LEU F 33 8.75 58.76 -61.02
N SER F 34 8.08 59.81 -60.56
CA SER F 34 8.71 60.84 -59.75
C SER F 34 7.81 61.21 -58.59
N ALA F 35 8.43 61.69 -57.52
CA ALA F 35 7.69 62.14 -56.34
C ALA F 35 8.54 63.15 -55.59
N SER F 36 7.88 63.95 -54.77
CA SER F 36 8.54 64.98 -53.98
C SER F 36 9.00 64.40 -52.63
N VAL F 37 9.89 65.15 -51.98
CA VAL F 37 10.42 64.71 -50.69
C VAL F 37 9.31 64.75 -49.65
N GLY F 38 9.15 63.66 -48.91
CA GLY F 38 8.13 63.53 -47.90
C GLY F 38 6.81 62.97 -48.40
N ASP F 39 6.66 62.76 -49.70
CA ASP F 39 5.44 62.21 -50.24
C ASP F 39 5.49 60.68 -50.26
N ARG F 40 4.32 60.06 -50.12
CA ARG F 40 4.24 58.61 -50.15
C ARG F 40 4.59 58.09 -51.53
N VAL F 41 5.39 57.02 -51.56
CA VAL F 41 5.86 56.42 -52.81
C VAL F 41 5.35 54.98 -52.88
N THR F 42 4.71 54.63 -53.99
CA THR F 42 4.17 53.30 -54.20
C THR F 42 4.79 52.70 -55.46
N ILE F 43 5.29 51.48 -55.34
CA ILE F 43 5.87 50.74 -56.46
C ILE F 43 5.09 49.46 -56.64
N THR F 44 4.63 49.21 -57.87
CA THR F 44 3.83 48.04 -58.19
C THR F 44 4.68 47.03 -58.95
N CYS F 45 4.70 45.80 -58.45
CA CYS F 45 5.42 44.70 -59.08
C CYS F 45 4.44 43.56 -59.33
N ARG F 46 4.28 43.17 -60.58
CA ARG F 46 3.35 42.11 -60.97
C ARG F 46 4.11 40.97 -61.62
N ALA F 47 3.90 39.77 -61.13
CA ALA F 47 4.57 38.58 -61.67
C ALA F 47 3.68 37.89 -62.69
N SER F 48 4.32 37.14 -63.60
CA SER F 48 3.57 36.42 -64.62
C SER F 48 2.69 35.35 -64.01
N GLN F 49 3.21 34.63 -63.00
CA GLN F 49 2.48 33.55 -62.34
C GLN F 49 2.49 33.79 -60.84
N SER F 50 1.70 33.00 -60.13
CA SER F 50 1.63 33.10 -58.67
C SER F 50 2.90 32.53 -58.06
N ILE F 51 3.66 33.37 -57.36
CA ILE F 51 4.93 32.96 -56.76
C ILE F 51 4.89 33.16 -55.26
N SER F 52 3.67 33.16 -54.69
CA SER F 52 3.45 33.29 -53.25
C SER F 52 4.07 34.61 -52.79
N ARG F 53 4.99 34.61 -51.83
CA ARG F 53 5.66 35.82 -51.36
C ARG F 53 7.17 35.74 -51.51
N TRP F 54 7.67 34.87 -52.38
CA TRP F 54 9.10 34.67 -52.56
C TRP F 54 9.63 35.74 -53.51
N LEU F 55 9.79 36.95 -52.97
CA LEU F 55 10.28 38.07 -53.74
C LEU F 55 11.09 38.98 -52.84
N ALA F 56 12.08 39.65 -53.43
CA ALA F 56 12.95 40.56 -52.71
C ALA F 56 13.07 41.87 -53.47
N TRP F 57 13.41 42.93 -52.74
CA TRP F 57 13.53 44.27 -53.30
C TRP F 57 14.97 44.76 -53.17
N TYR F 58 15.39 45.58 -54.14
CA TYR F 58 16.73 46.12 -54.16
C TYR F 58 16.68 47.61 -54.51
N GLN F 59 17.73 48.33 -54.12
CA GLN F 59 17.87 49.74 -54.43
C GLN F 59 19.26 49.97 -55.00
N GLN F 60 19.33 50.39 -56.26
CA GLN F 60 20.59 50.58 -56.97
C GLN F 60 20.83 52.07 -57.18
N LYS F 61 21.83 52.60 -56.51
CA LYS F 61 22.22 53.99 -56.73
C LYS F 61 22.92 54.11 -58.08
N PRO F 62 22.84 55.29 -58.71
CA PRO F 62 23.55 55.50 -59.99
C PRO F 62 25.05 55.34 -59.81
N GLY F 63 25.61 54.35 -60.51
CA GLY F 63 27.03 54.04 -60.37
C GLY F 63 27.39 53.22 -59.16
N LYS F 64 26.42 52.69 -58.43
CA LYS F 64 26.66 51.89 -57.23
C LYS F 64 25.86 50.61 -57.30
N ALA F 65 26.39 49.56 -56.68
CA ALA F 65 25.73 48.27 -56.70
C ALA F 65 24.43 48.31 -55.92
N PRO F 66 23.44 47.51 -56.32
CA PRO F 66 22.17 47.47 -55.59
C PRO F 66 22.34 46.90 -54.19
N LYS F 67 21.46 47.33 -53.29
CA LYS F 67 21.46 46.87 -51.91
C LYS F 67 20.10 46.29 -51.55
N LEU F 68 20.10 45.18 -50.83
CA LEU F 68 18.86 44.54 -50.43
C LEU F 68 18.12 45.38 -49.40
N LEU F 69 16.81 45.53 -49.59
CA LEU F 69 15.97 46.29 -48.67
C LEU F 69 14.93 45.40 -47.99
N ILE F 70 14.12 44.68 -48.75
CA ILE F 70 13.01 43.90 -48.21
C ILE F 70 13.18 42.45 -48.63
N SER F 71 13.08 41.53 -47.68
CA SER F 71 13.16 40.11 -47.92
C SER F 71 11.78 39.49 -47.74
N LEU F 72 11.41 38.59 -48.65
CA LEU F 72 10.12 37.90 -48.66
C LEU F 72 8.95 38.88 -48.78
N ALA F 73 9.22 40.09 -49.26
CA ALA F 73 8.22 41.14 -49.51
C ALA F 73 7.50 41.60 -48.25
N SER F 74 7.89 41.09 -47.08
CA SER F 74 7.24 41.50 -45.84
C SER F 74 8.21 41.69 -44.67
N ASP F 75 9.50 41.44 -44.84
CA ASP F 75 10.47 41.55 -43.77
C ASP F 75 11.42 42.70 -44.04
N LEU F 76 11.70 43.50 -43.01
CA LEU F 76 12.61 44.63 -43.13
C LEU F 76 14.00 44.21 -42.68
N GLN F 77 14.98 44.37 -43.56
CA GLN F 77 16.35 43.99 -43.24
C GLN F 77 16.95 44.98 -42.24
N THR F 78 17.94 44.48 -41.49
CA THR F 78 18.64 45.31 -40.53
C THR F 78 19.44 46.41 -41.23
N GLY F 79 19.55 47.56 -40.57
CA GLY F 79 20.24 48.69 -41.14
C GLY F 79 19.45 49.46 -42.18
N VAL F 80 18.18 49.14 -42.36
CA VAL F 80 17.32 49.80 -43.34
C VAL F 80 16.30 50.63 -42.59
N PRO F 81 16.04 51.87 -42.99
CA PRO F 81 15.07 52.69 -42.28
C PRO F 81 13.66 52.09 -42.34
N SER F 82 12.88 52.37 -41.30
CA SER F 82 11.54 51.81 -41.17
C SER F 82 10.55 52.40 -42.17
N ARG F 83 10.93 53.46 -42.89
CA ARG F 83 10.02 54.06 -43.86
C ARG F 83 9.64 53.09 -44.96
N PHE F 84 10.59 52.25 -45.38
CA PHE F 84 10.31 51.22 -46.37
C PHE F 84 9.40 50.15 -45.79
N SER F 85 8.42 49.71 -46.58
CA SER F 85 7.48 48.69 -46.13
C SER F 85 6.92 47.97 -47.35
N GLY F 86 7.31 46.71 -47.52
CA GLY F 86 6.79 45.92 -48.62
C GLY F 86 5.42 45.33 -48.33
N SER F 87 4.79 44.84 -49.39
CA SER F 87 3.47 44.24 -49.30
C SER F 87 3.23 43.40 -50.55
N GLY F 88 2.06 42.79 -50.60
CA GLY F 88 1.68 41.97 -51.75
C GLY F 88 1.94 40.50 -51.52
N SER F 89 1.19 39.66 -52.24
CA SER F 89 1.33 38.22 -52.14
C SER F 89 0.83 37.59 -53.42
N GLY F 90 1.18 36.32 -53.61
CA GLY F 90 0.77 35.59 -54.79
C GLY F 90 1.51 36.02 -56.04
N THR F 91 0.81 36.69 -56.96
CA THR F 91 1.41 37.16 -58.20
C THR F 91 1.56 38.66 -58.28
N GLU F 92 0.96 39.41 -57.35
CA GLU F 92 1.04 40.87 -57.34
C GLU F 92 1.73 41.32 -56.06
N PHE F 93 2.68 42.23 -56.19
CA PHE F 93 3.44 42.76 -55.07
C PHE F 93 3.45 44.28 -55.12
N THR F 94 3.51 44.90 -53.96
CA THR F 94 3.49 46.36 -53.84
C THR F 94 4.51 46.79 -52.80
N LEU F 95 5.30 47.81 -53.15
CA LEU F 95 6.26 48.41 -52.24
C LEU F 95 5.80 49.81 -51.88
N THR F 96 5.72 50.10 -50.59
CA THR F 96 5.21 51.37 -50.10
C THR F 96 6.27 52.05 -49.22
N ILE F 97 6.47 53.34 -49.43
CA ILE F 97 7.39 54.15 -48.63
C ILE F 97 6.56 55.21 -47.92
N SER F 98 6.66 55.25 -46.59
CA SER F 98 5.85 56.18 -45.81
C SER F 98 6.20 57.63 -46.13
N SER F 99 7.50 57.94 -46.21
CA SER F 99 7.96 59.29 -46.48
C SER F 99 9.20 59.24 -47.37
N LEU F 100 9.12 59.89 -48.53
CA LEU F 100 10.26 59.93 -49.43
C LEU F 100 11.34 60.86 -48.88
N GLN F 101 12.59 60.46 -49.06
CA GLN F 101 13.75 61.21 -48.59
C GLN F 101 14.77 61.32 -49.71
N PRO F 102 15.65 62.33 -49.65
CA PRO F 102 16.62 62.51 -50.74
C PRO F 102 17.53 61.32 -50.97
N ASP F 103 17.90 60.58 -49.92
CA ASP F 103 18.77 59.42 -50.10
C ASP F 103 18.06 58.24 -50.74
N ASP F 104 16.74 58.30 -50.90
CA ASP F 104 15.97 57.21 -51.51
C ASP F 104 15.88 57.33 -53.02
N PHE F 105 16.46 58.37 -53.62
CA PHE F 105 16.39 58.57 -55.07
C PHE F 105 17.35 57.60 -55.75
N ALA F 106 16.80 56.54 -56.30
CA ALA F 106 17.57 55.50 -56.98
C ALA F 106 16.63 54.65 -57.81
N THR F 107 17.13 53.54 -58.35
CA THR F 107 16.35 52.62 -59.16
C THR F 107 16.08 51.36 -58.34
N TYR F 108 14.83 50.91 -58.35
CA TYR F 108 14.39 49.77 -57.55
C TYR F 108 13.99 48.61 -58.44
N TYR F 109 14.22 47.40 -57.94
CA TYR F 109 13.88 46.18 -58.65
C TYR F 109 13.20 45.22 -57.68
N CYS F 110 12.37 44.33 -58.23
CA CYS F 110 11.70 43.29 -57.45
C CYS F 110 12.15 41.93 -57.99
N GLN F 111 13.24 41.42 -57.44
CA GLN F 111 13.76 40.12 -57.85
C GLN F 111 12.97 39.00 -57.16
N GLN F 112 12.71 37.94 -57.91
CA GLN F 112 12.01 36.77 -57.41
C GLN F 112 12.94 35.56 -57.42
N PHE F 113 12.75 34.68 -56.44
CA PHE F 113 13.54 33.46 -56.32
C PHE F 113 12.63 32.23 -56.21
N ASP F 114 11.48 32.27 -56.88
CA ASP F 114 10.55 31.15 -56.83
C ASP F 114 11.16 29.90 -57.45
N SER F 115 11.83 30.04 -58.59
CA SER F 115 12.46 28.91 -59.26
C SER F 115 13.55 29.42 -60.17
N TYR F 116 14.48 28.52 -60.51
CA TYR F 116 15.53 28.86 -61.44
C TYR F 116 14.97 29.02 -62.85
N PRO F 117 15.48 29.96 -63.64
CA PRO F 117 16.55 30.91 -63.34
C PRO F 117 16.08 32.06 -62.45
N LEU F 118 16.99 32.68 -61.70
CA LEU F 118 16.63 33.79 -60.80
C LEU F 118 16.43 35.05 -61.63
N THR F 119 15.22 35.17 -62.18
CA THR F 119 14.88 36.34 -62.98
C THR F 119 14.83 37.59 -62.13
N PHE F 120 15.25 38.70 -62.72
CA PHE F 120 15.29 39.99 -62.03
C PHE F 120 14.26 40.93 -62.62
N GLY F 121 13.61 41.71 -61.77
CA GLY F 121 12.58 42.64 -62.20
C GLY F 121 13.17 43.84 -62.90
N PRO F 122 12.32 44.59 -63.60
CA PRO F 122 12.77 45.79 -64.31
C PRO F 122 13.00 46.94 -63.34
N GLY F 123 13.49 48.06 -63.89
CA GLY F 123 13.80 49.21 -63.09
C GLY F 123 12.57 50.00 -62.67
N THR F 124 12.78 50.90 -61.72
CA THR F 124 11.74 51.78 -61.21
C THR F 124 12.04 53.25 -61.44
N THR F 125 13.30 53.67 -61.28
CA THR F 125 13.75 55.04 -61.55
C THR F 125 12.96 56.05 -60.71
N VAL F 126 13.14 55.95 -59.40
CA VAL F 126 12.54 56.90 -58.47
C VAL F 126 13.38 58.17 -58.47
N ASP F 127 12.74 59.31 -58.69
CA ASP F 127 13.44 60.59 -58.78
C ASP F 127 12.52 61.69 -58.27
N ILE F 128 12.87 62.93 -58.57
CA ILE F 128 12.16 64.10 -58.05
C ILE F 128 11.20 64.62 -59.11
N ARG F 129 10.14 65.27 -58.64
CA ARG F 129 9.17 65.93 -59.51
C ARG F 129 9.30 67.45 -59.31
N ARG F 130 9.63 68.16 -60.39
CA ARG F 130 9.80 69.60 -60.32
C ARG F 130 8.57 70.37 -60.82
N THR F 131 8.17 70.14 -62.06
CA THR F 131 7.05 70.83 -62.70
C THR F 131 6.75 70.09 -64.00
N VAL F 132 5.89 70.69 -64.82
CA VAL F 132 5.63 70.22 -66.18
C VAL F 132 6.23 71.27 -67.12
N ALA F 133 7.38 70.95 -67.70
CA ALA F 133 8.11 71.86 -68.56
C ALA F 133 8.14 71.36 -70.00
N ALA F 134 8.02 72.28 -70.94
CA ALA F 134 8.05 71.92 -72.35
C ALA F 134 9.46 71.52 -72.76
N PRO F 135 9.66 70.35 -73.35
CA PRO F 135 11.01 69.95 -73.75
C PRO F 135 11.54 70.80 -74.90
N SER F 136 12.86 70.91 -74.94
CA SER F 136 13.56 71.63 -76.00
C SER F 136 14.13 70.61 -76.98
N VAL F 137 13.78 70.77 -78.26
CA VAL F 137 14.18 69.83 -79.30
C VAL F 137 15.06 70.57 -80.30
N PHE F 138 16.25 70.04 -80.54
CA PHE F 138 17.18 70.62 -81.50
C PHE F 138 17.78 69.51 -82.35
N ILE F 139 18.07 69.83 -83.61
CA ILE F 139 18.67 68.90 -84.55
C ILE F 139 19.82 69.59 -85.25
N PHE F 140 20.93 68.87 -85.45
CA PHE F 140 22.14 69.44 -86.01
C PHE F 140 22.59 68.63 -87.21
N PRO F 141 22.75 69.24 -88.37
CA PRO F 141 23.23 68.51 -89.55
C PRO F 141 24.72 68.20 -89.43
N PRO F 142 25.20 67.17 -90.12
CA PRO F 142 26.64 66.87 -90.09
C PRO F 142 27.46 68.00 -90.69
N SER F 143 28.66 68.18 -90.14
CA SER F 143 29.57 69.20 -90.63
C SER F 143 30.28 68.74 -91.90
N ASP F 144 30.96 69.68 -92.55
CA ASP F 144 31.66 69.37 -93.80
C ASP F 144 32.78 68.36 -93.56
N GLU F 145 33.53 68.53 -92.47
CA GLU F 145 34.57 67.56 -92.14
C GLU F 145 33.97 66.19 -91.86
N GLN F 146 32.84 66.16 -91.15
CA GLN F 146 32.15 64.89 -90.92
C GLN F 146 31.69 64.25 -92.23
N LEU F 147 31.18 65.07 -93.15
CA LEU F 147 30.73 64.54 -94.44
C LEU F 147 31.90 63.97 -95.23
N LYS F 148 33.04 64.65 -95.24
CA LYS F 148 34.20 64.18 -95.98
C LYS F 148 34.97 63.09 -95.25
N SER F 149 34.65 62.84 -93.98
CA SER F 149 35.33 61.78 -93.23
C SER F 149 34.87 60.39 -93.60
N GLY F 150 33.76 60.26 -94.33
CA GLY F 150 33.25 58.98 -94.75
C GLY F 150 32.06 58.46 -93.95
N THR F 151 31.75 59.08 -92.82
CA THR F 151 30.60 58.71 -92.00
C THR F 151 29.85 59.96 -91.59
N ALA F 152 28.54 59.97 -91.83
CA ALA F 152 27.69 61.10 -91.50
C ALA F 152 26.54 60.63 -90.61
N SER F 153 26.34 61.31 -89.50
CA SER F 153 25.28 60.98 -88.55
C SER F 153 24.53 62.25 -88.15
N VAL F 154 23.24 62.10 -87.88
CA VAL F 154 22.38 63.20 -87.46
C VAL F 154 21.90 62.92 -86.04
N VAL F 155 22.06 63.90 -85.17
CA VAL F 155 21.72 63.77 -83.75
C VAL F 155 20.61 64.75 -83.42
N CYS F 156 19.55 64.25 -82.81
CA CYS F 156 18.43 65.08 -82.35
C CYS F 156 18.51 65.28 -80.85
N LEU F 157 18.47 66.53 -80.42
CA LEU F 157 18.69 66.87 -79.02
C LEU F 157 17.36 66.92 -78.26
N LEU F 158 17.34 66.30 -77.09
CA LEU F 158 16.22 66.38 -76.16
C LEU F 158 16.72 66.94 -74.84
N ASN F 159 16.06 67.97 -74.32
CA ASN F 159 16.49 68.65 -73.12
C ASN F 159 15.28 69.10 -72.31
N ASN F 160 15.50 69.21 -71.00
CA ASN F 160 14.50 69.69 -70.03
C ASN F 160 13.12 69.10 -70.30
N PHE F 161 13.06 67.77 -70.25
CA PHE F 161 11.82 67.02 -70.44
C PHE F 161 11.55 66.19 -69.21
N TYR F 162 10.34 66.29 -68.68
CA TYR F 162 9.90 65.54 -67.51
C TYR F 162 8.70 64.68 -67.86
N PRO F 163 8.72 63.38 -67.59
CA PRO F 163 9.81 62.61 -66.97
C PRO F 163 10.88 62.20 -67.99
N ARG F 164 11.69 61.19 -67.66
CA ARG F 164 12.71 60.73 -68.58
C ARG F 164 12.09 60.16 -69.86
N GLU F 165 10.86 59.67 -69.78
CA GLU F 165 10.19 59.11 -70.95
C GLU F 165 9.89 60.21 -71.96
N ALA F 166 10.28 59.99 -73.22
CA ALA F 166 10.03 60.96 -74.28
C ALA F 166 10.04 60.19 -75.60
N LYS F 167 8.87 60.06 -76.22
CA LYS F 167 8.75 59.32 -77.47
C LYS F 167 9.39 60.14 -78.59
N VAL F 168 10.59 59.74 -78.99
CA VAL F 168 11.34 60.38 -80.07
C VAL F 168 11.64 59.33 -81.13
N GLN F 169 11.33 59.64 -82.38
CA GLN F 169 11.53 58.71 -83.48
C GLN F 169 11.93 59.49 -84.72
N TRP F 170 12.52 58.78 -85.68
CA TRP F 170 13.00 59.37 -86.93
C TRP F 170 12.10 58.95 -88.08
N LYS F 171 11.71 59.95 -88.89
CA LYS F 171 10.94 59.72 -90.11
C LYS F 171 11.77 60.24 -91.27
N VAL F 172 12.64 59.40 -91.80
CA VAL F 172 13.54 59.77 -92.89
C VAL F 172 12.91 59.38 -94.22
N ASP F 173 12.79 60.36 -95.12
CA ASP F 173 12.16 60.16 -96.43
C ASP F 173 10.74 59.62 -96.28
N ASN F 174 10.02 60.12 -95.27
CA ASN F 174 8.64 59.70 -94.98
C ASN F 174 8.56 58.18 -94.80
N ALA F 175 9.57 57.61 -94.14
CA ALA F 175 9.63 56.18 -93.88
C ALA F 175 10.05 55.94 -92.44
N LEU F 176 9.47 54.91 -91.83
CA LEU F 176 9.81 54.57 -90.46
C LEU F 176 11.23 54.04 -90.38
N GLN F 177 11.97 54.51 -89.37
CA GLN F 177 13.36 54.12 -89.16
C GLN F 177 13.46 53.38 -87.83
N SER F 178 14.05 52.19 -87.86
CA SER F 178 14.23 51.37 -86.67
C SER F 178 15.52 50.57 -86.79
N GLY F 179 16.12 50.26 -85.64
CA GLY F 179 17.34 49.48 -85.60
C GLY F 179 18.61 50.26 -85.86
N ASN F 180 18.53 51.57 -86.08
CA ASN F 180 19.71 52.37 -86.33
C ASN F 180 19.77 53.56 -85.38
N SER F 181 18.61 54.08 -85.01
CA SER F 181 18.56 55.21 -84.09
C SER F 181 19.00 54.79 -82.69
N GLN F 182 19.79 55.64 -82.04
CA GLN F 182 20.29 55.39 -80.70
C GLN F 182 19.91 56.56 -79.80
N GLU F 183 19.35 56.26 -78.64
CA GLU F 183 18.95 57.26 -77.66
C GLU F 183 19.69 57.00 -76.35
N SER F 184 20.31 58.04 -75.79
CA SER F 184 21.06 57.93 -74.55
C SER F 184 20.70 59.09 -73.63
N VAL F 185 20.38 58.77 -72.38
CA VAL F 185 20.06 59.77 -71.37
C VAL F 185 21.01 59.57 -70.19
N THR F 186 21.62 60.66 -69.73
CA THR F 186 22.64 60.57 -68.68
C THR F 186 22.01 60.36 -67.31
N GLU F 187 21.31 61.37 -66.81
CA GLU F 187 20.69 61.37 -65.49
C GLU F 187 19.90 62.66 -65.33
N GLN F 188 19.02 62.68 -64.33
CA GLN F 188 18.29 63.88 -64.00
C GLN F 188 19.23 64.93 -63.41
N ASP F 189 19.05 66.18 -63.80
CA ASP F 189 19.88 67.26 -63.29
C ASP F 189 19.68 67.43 -61.79
N SER F 190 20.76 67.73 -61.09
CA SER F 190 20.67 67.90 -59.63
C SER F 190 20.01 69.22 -59.27
N LYS F 191 20.32 70.29 -60.01
CA LYS F 191 19.83 71.61 -59.65
C LYS F 191 18.41 71.83 -60.17
N ASP F 192 18.23 71.81 -61.49
CA ASP F 192 16.95 72.14 -62.11
C ASP F 192 16.06 70.92 -62.34
N SER F 193 16.52 69.72 -61.99
CA SER F 193 15.76 68.48 -62.15
C SER F 193 15.34 68.28 -63.61
N THR F 194 16.23 68.63 -64.54
CA THR F 194 15.98 68.48 -65.96
C THR F 194 16.60 67.18 -66.47
N TYR F 195 16.24 66.83 -67.70
CA TYR F 195 16.74 65.63 -68.34
C TYR F 195 17.33 65.98 -69.70
N SER F 196 18.33 65.21 -70.12
CA SER F 196 18.99 65.41 -71.41
C SER F 196 19.09 64.06 -72.11
N LEU F 197 18.64 64.01 -73.36
CA LEU F 197 18.70 62.80 -74.16
C LEU F 197 19.30 63.11 -75.52
N SER F 198 20.13 62.21 -76.02
CA SER F 198 20.78 62.36 -77.32
C SER F 198 20.21 61.31 -78.26
N SER F 199 19.34 61.74 -79.18
CA SER F 199 18.74 60.85 -80.17
C SER F 199 19.65 60.80 -81.39
N THR F 200 20.69 59.98 -81.28
CA THR F 200 21.67 59.85 -82.35
C THR F 200 21.19 58.83 -83.37
N LEU F 201 21.20 59.22 -84.65
CA LEU F 201 20.82 58.37 -85.75
C LEU F 201 22.06 57.92 -86.50
N THR F 202 22.22 56.60 -86.67
CA THR F 202 23.40 56.03 -87.30
C THR F 202 23.07 55.68 -88.75
N LEU F 203 23.76 56.33 -89.69
CA LEU F 203 23.59 56.07 -91.11
C LEU F 203 24.94 56.17 -91.80
N SER F 204 25.05 55.52 -92.96
CA SER F 204 26.24 55.66 -93.77
C SER F 204 26.24 57.01 -94.47
N LYS F 205 27.42 57.44 -94.91
CA LYS F 205 27.56 58.74 -95.55
C LYS F 205 26.74 58.82 -96.83
N ALA F 206 26.78 57.76 -97.64
CA ALA F 206 26.00 57.74 -98.88
C ALA F 206 24.51 57.79 -98.61
N ASP F 207 24.05 57.00 -97.62
CA ASP F 207 22.64 57.00 -97.24
C ASP F 207 22.25 58.36 -96.69
N TYR F 208 23.14 58.98 -95.91
CA TYR F 208 22.87 60.30 -95.36
C TYR F 208 22.72 61.33 -96.48
N GLU F 209 23.58 61.25 -97.50
CA GLU F 209 23.49 62.19 -98.62
C GLU F 209 22.24 61.94 -99.45
N LYS F 210 21.84 60.67 -99.59
CA LYS F 210 20.64 60.36 -100.36
C LYS F 210 19.37 60.82 -99.67
N HIS F 211 19.45 61.19 -98.39
CA HIS F 211 18.29 61.62 -97.62
C HIS F 211 18.45 63.10 -97.26
N LYS F 212 17.32 63.82 -97.24
CA LYS F 212 17.35 65.24 -96.91
C LYS F 212 16.43 65.55 -95.74
N VAL F 213 15.30 64.84 -95.65
CA VAL F 213 14.32 65.10 -94.60
C VAL F 213 14.59 64.19 -93.40
N TYR F 214 15.44 64.65 -92.49
CA TYR F 214 15.74 63.92 -91.26
C TYR F 214 14.80 64.38 -90.14
N ALA F 215 13.53 63.99 -90.29
CA ALA F 215 12.50 64.41 -89.34
C ALA F 215 12.74 63.79 -87.97
N CYS F 216 12.54 64.60 -86.93
CA CYS F 216 12.66 64.15 -85.54
C CYS F 216 11.42 64.64 -84.79
N GLU F 217 10.40 63.80 -84.75
CA GLU F 217 9.16 64.11 -84.04
C GLU F 217 9.29 63.63 -82.60
N VAL F 218 8.90 64.49 -81.65
CA VAL F 218 9.00 64.21 -80.23
C VAL F 218 7.62 64.31 -79.62
N THR F 219 7.21 63.25 -78.92
CA THR F 219 5.96 63.23 -78.17
C THR F 219 6.30 63.25 -76.69
N HIS F 220 5.76 64.24 -75.98
CA HIS F 220 6.12 64.43 -74.58
C HIS F 220 4.98 65.14 -73.86
N GLN F 221 5.00 65.07 -72.53
CA GLN F 221 3.95 65.70 -71.74
C GLN F 221 3.98 67.22 -71.91
N GLY F 222 5.17 67.81 -71.93
CA GLY F 222 5.27 69.26 -72.08
C GLY F 222 4.79 69.75 -73.43
N LEU F 223 5.18 69.04 -74.50
CA LEU F 223 4.76 69.37 -75.86
C LEU F 223 3.84 68.26 -76.34
N SER F 224 2.53 68.45 -76.13
CA SER F 224 1.56 67.45 -76.56
C SER F 224 1.56 67.31 -78.08
N SER F 225 1.67 68.41 -78.80
CA SER F 225 1.71 68.36 -80.25
C SER F 225 3.02 67.71 -80.71
N PRO F 226 2.97 66.76 -81.65
CA PRO F 226 4.21 66.12 -82.11
C PRO F 226 5.04 67.04 -82.99
N VAL F 227 5.81 67.92 -82.37
CA VAL F 227 6.65 68.86 -83.13
C VAL F 227 7.69 68.07 -83.92
N THR F 228 7.71 68.28 -85.22
CA THR F 228 8.60 67.56 -86.12
C THR F 228 9.70 68.50 -86.60
N LYS F 229 10.95 68.08 -86.46
CA LYS F 229 12.10 68.88 -86.88
C LYS F 229 12.55 68.44 -88.27
N SER F 230 11.75 68.82 -89.26
CA SER F 230 12.07 68.51 -90.65
C SER F 230 13.30 69.29 -91.09
N PHE F 231 14.15 68.63 -91.88
CA PHE F 231 15.38 69.21 -92.36
C PHE F 231 15.44 69.18 -93.88
N ASN F 232 16.34 69.98 -94.44
CA ASN F 232 16.54 70.04 -95.88
C ASN F 232 18.01 70.41 -96.14
N ARG F 233 18.48 70.04 -97.32
CA ARG F 233 19.87 70.31 -97.70
C ARG F 233 20.07 71.79 -98.02
#